data_7K64
#
_entry.id   7K64
#
_cell.length_a   94.010
_cell.length_b   212.010
_cell.length_c   94.460
_cell.angle_alpha   90.000
_cell.angle_beta   118.848
_cell.angle_gamma   90.000
#
_symmetry.space_group_name_H-M   'P 1 21 1'
#
loop_
_entity.id
_entity.type
_entity.pdbx_description
1 polymer 'Alkanesulfonate monooxygenase'
2 non-polymer 'FLAVIN MONONUCLEOTIDE'
3 non-polymer 'SUCCINIC ACID'
4 non-polymer 'PHOSPHATE ION'
5 non-polymer 'SODIUM ION'
6 non-polymer GLYCEROL
7 non-polymer 'CHLORIDE ION'
8 water water
#
_entity_poly.entity_id   1
_entity_poly.type   'polypeptide(L)'
_entity_poly.pdbx_seq_one_letter_code
;MGSSHHHHHHSSGLVPRGSHMASMDVFWFLPTHGDGHYLGTTQGARPVTLNYLKQVAQAADSLGYHGVLIPTGRSCEDSW
VIASALVPLTERLRYLVAIRPGIISPTVSARMAATLDRLSNGRLLINVVTGGDPDENRGDGSFLSHSERYEVTDEFLKIW
RRVLQGEAVDFEGKHLKVQNAKALYPPVQKPYPPLYFGGSSDAAHDLAAEQVDVYLTWGEPPAAVAEKLADVRERAARHG
RKVKFGIRLHVIVRETAEEAWKAADKLIEHISDETIEAAQKSFSRFDSEGQRRMAALHDGRRDNLEIAPNLWAGVGLVRG
GSGTALVGDPQQVAARIKEYADLGIESFIFSGYPHLEEAYRFAELVFPLLPEPYASLAGRGVTNLTGPFGEMIANDVLPA
KANA
;
_entity_poly.pdbx_strand_id   A,B,C,D,E,F,G,H
#
loop_
_chem_comp.id
_chem_comp.type
_chem_comp.name
_chem_comp.formula
CL non-polymer 'CHLORIDE ION' 'Cl -1'
FMN non-polymer 'FLAVIN MONONUCLEOTIDE' 'C17 H21 N4 O9 P'
GOL non-polymer GLYCEROL 'C3 H8 O3'
NA non-polymer 'SODIUM ION' 'Na 1'
PO4 non-polymer 'PHOSPHATE ION' 'O4 P -3'
SIN non-polymer 'SUCCINIC ACID' 'C4 H6 O4'
#
# COMPACT_ATOMS: atom_id res chain seq x y z
N SER A 23 14.30 -1.59 40.52
CA SER A 23 13.32 -0.52 40.69
C SER A 23 13.98 0.77 41.18
N MET A 24 13.56 1.90 40.61
CA MET A 24 14.12 3.19 41.00
C MET A 24 13.16 4.31 40.62
N ASP A 25 12.95 5.24 41.55
CA ASP A 25 12.13 6.42 41.33
C ASP A 25 12.99 7.65 41.51
N VAL A 26 13.09 8.48 40.47
CA VAL A 26 13.91 9.69 40.48
C VAL A 26 12.99 10.89 40.60
N PHE A 27 13.20 11.68 41.65
CA PHE A 27 12.41 12.87 41.93
C PHE A 27 13.21 14.12 41.62
N TRP A 28 12.50 15.22 41.39
CA TRP A 28 13.10 16.55 41.34
C TRP A 28 12.58 17.38 42.52
N PHE A 29 12.83 18.68 42.49
CA PHE A 29 12.58 19.55 43.63
C PHE A 29 11.98 20.87 43.18
N LEU A 30 10.94 21.31 43.89
CA LEU A 30 10.36 22.63 43.66
C LEU A 30 11.00 23.63 44.61
N PRO A 31 11.67 24.66 44.12
CA PRO A 31 12.41 25.59 45.00
C PRO A 31 11.48 26.61 45.66
N THR A 32 10.65 26.17 46.59
CA THR A 32 9.75 27.10 47.26
C THR A 32 10.46 27.99 48.28
N HIS A 33 11.74 27.75 48.55
CA HIS A 33 12.53 28.69 49.34
C HIS A 33 13.04 29.85 48.51
N GLY A 34 13.11 29.69 47.20
CA GLY A 34 13.75 30.66 46.34
C GLY A 34 14.76 29.97 45.45
N ASP A 35 15.12 30.58 44.32
CA ASP A 35 16.05 29.96 43.39
C ASP A 35 17.02 31.01 42.87
N GLY A 36 18.08 30.54 42.22
CA GLY A 36 19.07 31.44 41.66
C GLY A 36 20.25 30.64 41.13
N HIS A 37 21.25 31.41 40.68
CA HIS A 37 22.49 30.82 40.17
C HIS A 37 23.54 30.68 41.25
N TYR A 38 23.43 31.42 42.35
CA TYR A 38 24.43 31.44 43.41
C TYR A 38 23.74 31.31 44.75
N LEU A 39 24.46 30.75 45.72
CA LEU A 39 23.98 30.60 47.07
C LEU A 39 24.44 31.78 47.92
N GLY A 40 23.65 32.09 48.95
CA GLY A 40 24.02 33.17 49.87
C GLY A 40 23.71 34.59 49.43
N THR A 41 24.06 34.95 48.21
CA THR A 41 23.86 36.29 47.71
C THR A 41 22.53 36.41 46.95
N THR A 42 22.10 37.66 46.75
CA THR A 42 20.94 37.96 45.93
C THR A 42 21.32 38.14 44.46
N GLN A 43 22.60 38.03 44.13
CA GLN A 43 23.02 38.16 42.73
C GLN A 43 22.57 36.95 41.93
N GLY A 44 21.94 37.20 40.79
CA GLY A 44 21.46 36.12 39.95
C GLY A 44 20.29 35.35 40.51
N ALA A 45 19.59 35.91 41.49
CA ALA A 45 18.44 35.24 42.08
C ALA A 45 17.27 35.22 41.10
N ARG A 46 16.35 34.29 41.33
CA ARG A 46 15.18 34.12 40.47
C ARG A 46 13.95 34.07 41.36
N PRO A 47 12.99 34.99 41.20
CA PRO A 47 11.84 35.01 42.10
C PRO A 47 10.91 33.83 41.85
N VAL A 48 10.35 33.30 42.92
CA VAL A 48 9.44 32.16 42.83
C VAL A 48 8.04 32.68 42.58
N THR A 49 7.57 32.53 41.35
CA THR A 49 6.24 32.96 40.95
C THR A 49 5.43 31.74 40.52
N LEU A 50 4.13 31.95 40.34
CA LEU A 50 3.28 30.89 39.80
C LEU A 50 3.81 30.42 38.46
N ASN A 51 4.26 31.35 37.62
CA ASN A 51 4.75 30.97 36.29
C ASN A 51 6.03 30.14 36.37
N TYR A 52 6.94 30.50 37.29
CA TYR A 52 8.19 29.76 37.38
C TYR A 52 7.99 28.38 37.99
N LEU A 53 7.08 28.29 38.97
CA LEU A 53 6.74 26.98 39.52
C LEU A 53 6.09 26.09 38.46
N LYS A 54 5.25 26.69 37.61
CA LYS A 54 4.72 25.95 36.46
C LYS A 54 5.85 25.47 35.57
N GLN A 55 6.88 26.31 35.36
CA GLN A 55 7.99 25.95 34.49
C GLN A 55 8.70 24.70 35.00
N VAL A 56 9.00 24.66 36.30
CA VAL A 56 9.74 23.54 36.86
C VAL A 56 8.88 22.28 36.90
N ALA A 57 7.62 22.41 37.33
CA ALA A 57 6.74 21.26 37.44
C ALA A 57 6.45 20.65 36.07
N GLN A 58 6.11 21.48 35.09
CA GLN A 58 5.85 20.97 33.75
C GLN A 58 7.12 20.43 33.10
N ALA A 59 8.29 20.92 33.51
CA ALA A 59 9.54 20.35 33.02
C ALA A 59 9.73 18.93 33.54
N ALA A 60 9.63 18.74 34.86
CA ALA A 60 9.74 17.41 35.44
C ALA A 60 8.65 16.48 34.92
N ASP A 61 7.46 17.04 34.63
CA ASP A 61 6.37 16.22 34.10
C ASP A 61 6.72 15.68 32.71
N SER A 62 7.20 16.56 31.82
CA SER A 62 7.50 16.14 30.45
C SER A 62 8.83 15.40 30.35
N LEU A 63 9.79 15.71 31.21
CA LEU A 63 11.07 15.01 31.18
C LEU A 63 10.97 13.58 31.67
N GLY A 64 9.94 13.25 32.44
CA GLY A 64 9.72 11.90 32.89
C GLY A 64 10.10 11.61 34.32
N TYR A 65 10.34 12.63 35.14
CA TYR A 65 10.62 12.40 36.55
C TYR A 65 9.41 11.75 37.22
N HIS A 66 9.69 10.93 38.24
CA HIS A 66 8.60 10.26 38.96
C HIS A 66 7.75 11.27 39.72
N GLY A 67 8.39 12.24 40.35
CA GLY A 67 7.65 13.26 41.07
C GLY A 67 8.56 14.40 41.48
N VAL A 68 8.01 15.31 42.26
CA VAL A 68 8.76 16.42 42.83
C VAL A 68 8.49 16.51 44.32
N LEU A 69 9.53 16.78 45.10
CA LEU A 69 9.39 17.05 46.52
C LEU A 69 9.13 18.53 46.73
N ILE A 70 8.16 18.84 47.59
CA ILE A 70 7.83 20.23 47.91
C ILE A 70 8.12 20.45 49.39
N PRO A 71 9.10 21.30 49.73
CA PRO A 71 9.45 21.50 51.14
C PRO A 71 8.38 22.31 51.86
N THR A 72 8.47 22.27 53.19
CA THR A 72 7.56 23.00 54.05
C THR A 72 8.37 23.75 55.10
N GLY A 73 7.73 24.73 55.73
CA GLY A 73 8.40 25.50 56.77
C GLY A 73 8.19 27.00 56.68
N ARG A 74 8.79 27.74 57.61
CA ARG A 74 8.64 29.18 57.65
C ARG A 74 9.34 29.85 56.48
N SER A 75 10.38 29.22 55.94
CA SER A 75 11.15 29.76 54.82
C SER A 75 10.56 29.40 53.46
N CYS A 76 9.39 28.77 53.43
CA CYS A 76 8.78 28.32 52.18
C CYS A 76 7.40 28.95 52.02
N GLU A 77 6.95 28.99 50.76
CA GLU A 77 5.53 29.13 50.51
C GLU A 77 4.84 27.84 50.94
N ASP A 78 3.53 27.93 51.20
CA ASP A 78 2.81 26.77 51.70
C ASP A 78 2.82 25.65 50.68
N SER A 79 3.17 24.44 51.14
CA SER A 79 3.34 23.32 50.21
C SER A 79 2.01 22.86 49.63
N TRP A 80 0.93 22.92 50.42
CA TRP A 80 -0.35 22.43 49.94
C TRP A 80 -0.95 23.36 48.90
N VAL A 81 -0.76 24.67 49.06
CA VAL A 81 -1.23 25.61 48.05
C VAL A 81 -0.47 25.42 46.75
N ILE A 82 0.85 25.22 46.83
CA ILE A 82 1.67 25.07 45.63
C ILE A 82 1.31 23.79 44.90
N ALA A 83 1.24 22.67 45.63
CA ALA A 83 0.94 21.39 45.01
C ALA A 83 -0.45 21.37 44.38
N SER A 84 -1.43 21.92 45.09
CA SER A 84 -2.80 21.94 44.57
C SER A 84 -2.89 22.77 43.29
N ALA A 85 -2.14 23.87 43.21
CA ALA A 85 -2.19 24.72 42.04
C ALA A 85 -1.54 24.08 40.81
N LEU A 86 -0.52 23.25 41.03
CA LEU A 86 0.21 22.63 39.93
C LEU A 86 -0.36 21.30 39.48
N VAL A 87 -1.24 20.68 40.27
CA VAL A 87 -1.82 19.39 39.88
C VAL A 87 -2.58 19.45 38.56
N PRO A 88 -3.53 20.38 38.36
CA PRO A 88 -4.24 20.42 37.07
C PRO A 88 -3.35 20.80 35.89
N LEU A 89 -2.12 21.24 36.13
CA LEU A 89 -1.22 21.64 35.06
C LEU A 89 -0.22 20.55 34.68
N THR A 90 -0.37 19.35 35.24
CA THR A 90 0.52 18.23 34.94
C THR A 90 -0.30 16.96 34.81
N GLU A 91 0.27 15.99 34.08
CA GLU A 91 -0.43 14.75 33.77
C GLU A 91 0.06 13.56 34.57
N ARG A 92 1.37 13.31 34.60
CA ARG A 92 1.92 12.13 35.27
C ARG A 92 2.71 12.46 36.53
N LEU A 93 3.20 13.68 36.67
CA LEU A 93 4.08 14.02 37.77
C LEU A 93 3.36 13.83 39.11
N ARG A 94 4.07 13.25 40.07
CA ARG A 94 3.57 13.07 41.42
C ARG A 94 4.13 14.17 42.32
N TYR A 95 3.43 14.42 43.42
CA TYR A 95 3.79 15.51 44.33
C TYR A 95 3.97 14.97 45.74
N LEU A 96 5.19 15.08 46.25
CA LEU A 96 5.53 14.67 47.61
C LEU A 96 5.35 15.89 48.51
N VAL A 97 4.15 16.02 49.07
CA VAL A 97 3.78 17.17 49.88
C VAL A 97 4.00 16.82 51.34
N ALA A 98 4.47 17.79 52.12
CA ALA A 98 4.79 17.57 53.52
C ALA A 98 3.62 17.96 54.42
N ILE A 99 3.32 17.11 55.38
CA ILE A 99 2.39 17.43 56.46
C ILE A 99 3.18 17.57 57.76
N ARG A 100 2.78 18.55 58.56
CA ARG A 100 3.46 18.84 59.83
CA ARG A 100 3.46 18.84 59.83
C ARG A 100 2.48 18.61 60.99
N PRO A 101 2.56 17.46 61.66
CA PRO A 101 1.69 17.24 62.82
C PRO A 101 2.01 18.22 63.94
N GLY A 102 0.99 18.56 64.71
CA GLY A 102 1.12 19.49 65.82
C GLY A 102 0.61 20.89 65.53
N ILE A 103 0.47 21.25 64.26
CA ILE A 103 -0.03 22.57 63.88
C ILE A 103 -1.37 22.50 63.14
N ILE A 104 -1.89 21.30 62.89
CA ILE A 104 -3.16 21.15 62.20
C ILE A 104 -3.85 19.89 62.72
N SER A 105 -5.17 19.91 62.70
CA SER A 105 -5.94 18.76 63.13
C SER A 105 -5.63 17.57 62.22
N PRO A 106 -5.52 16.36 62.78
CA PRO A 106 -5.28 15.19 61.91
C PRO A 106 -6.43 14.90 60.98
N THR A 107 -7.68 15.11 61.44
CA THR A 107 -8.83 14.89 60.57
C THR A 107 -8.82 15.83 59.38
N VAL A 108 -8.53 17.12 59.62
CA VAL A 108 -8.49 18.10 58.54
C VAL A 108 -7.37 17.78 57.57
N SER A 109 -6.20 17.40 58.08
CA SER A 109 -5.08 17.04 57.21
C SER A 109 -5.44 15.86 56.32
N ALA A 110 -6.19 14.90 56.85
CA ALA A 110 -6.59 13.74 56.05
C ALA A 110 -7.56 14.15 54.95
N ARG A 111 -8.51 15.04 55.26
CA ARG A 111 -9.42 15.52 54.23
C ARG A 111 -8.69 16.26 53.12
N MET A 112 -7.66 17.05 53.49
CA MET A 112 -6.84 17.70 52.48
C MET A 112 -6.12 16.66 51.62
N ALA A 113 -5.52 15.65 52.27
CA ALA A 113 -4.86 14.60 51.52
C ALA A 113 -5.83 13.87 50.61
N ALA A 114 -7.02 13.55 51.10
CA ALA A 114 -8.01 12.88 50.27
C ALA A 114 -8.41 13.75 49.09
N THR A 115 -8.67 15.04 49.34
CA THR A 115 -9.10 15.94 48.28
C THR A 115 -8.01 16.10 47.22
N LEU A 116 -6.77 16.32 47.66
CA LEU A 116 -5.69 16.51 46.70
C LEU A 116 -5.37 15.21 45.96
N ASP A 117 -5.46 14.07 46.66
CA ASP A 117 -5.23 12.78 46.00
C ASP A 117 -6.33 12.48 44.99
N ARG A 118 -7.57 12.88 45.27
CA ARG A 118 -8.66 12.65 44.32
C ARG A 118 -8.53 13.55 43.11
N LEU A 119 -8.25 14.84 43.32
CA LEU A 119 -8.11 15.76 42.19
C LEU A 119 -6.96 15.38 41.27
N SER A 120 -5.87 14.86 41.84
CA SER A 120 -4.71 14.44 41.05
C SER A 120 -4.85 13.03 40.51
N ASN A 121 -5.90 12.30 40.91
CA ASN A 121 -6.10 10.91 40.50
C ASN A 121 -4.92 10.03 40.91
N GLY A 122 -4.58 10.08 42.20
CA GLY A 122 -3.58 9.19 42.76
C GLY A 122 -2.14 9.62 42.59
N ARG A 123 -1.88 10.92 42.50
CA ARG A 123 -0.52 11.43 42.31
C ARG A 123 0.03 12.11 43.55
N LEU A 124 -0.58 11.90 44.72
CA LEU A 124 -0.19 12.56 45.95
C LEU A 124 0.71 11.65 46.78
N LEU A 125 1.83 12.21 47.25
CA LEU A 125 2.72 11.53 48.18
C LEU A 125 2.91 12.42 49.41
N ILE A 126 2.95 11.80 50.58
CA ILE A 126 2.95 12.52 51.85
C ILE A 126 4.31 12.40 52.51
N ASN A 127 4.90 13.54 52.88
CA ASN A 127 6.16 13.60 53.61
C ASN A 127 5.86 14.03 55.04
N VAL A 128 6.10 13.13 56.00
CA VAL A 128 5.84 13.42 57.41
C VAL A 128 7.01 14.22 57.97
N VAL A 129 6.71 15.41 58.47
CA VAL A 129 7.72 16.34 58.98
C VAL A 129 7.40 16.69 60.42
N THR A 130 8.38 16.50 61.30
CA THR A 130 8.19 16.79 62.73
C THR A 130 8.65 18.19 63.12
N GLY A 131 9.58 18.78 62.38
CA GLY A 131 10.01 20.14 62.65
C GLY A 131 11.12 20.22 63.69
N GLY A 132 12.33 20.53 63.26
CA GLY A 132 13.48 20.55 64.14
C GLY A 132 13.92 21.91 64.65
N ASP A 133 13.23 22.99 64.30
CA ASP A 133 13.61 24.31 64.78
C ASP A 133 12.65 24.74 65.87
N PRO A 134 13.09 24.83 67.13
CA PRO A 134 12.18 25.24 68.21
C PRO A 134 11.66 26.67 68.04
N ASP A 135 12.47 27.56 67.45
CA ASP A 135 11.99 28.93 67.22
C ASP A 135 10.85 28.96 66.23
N GLU A 136 10.96 28.19 65.14
CA GLU A 136 9.85 28.13 64.18
C GLU A 136 8.64 27.44 64.80
N ASN A 137 8.87 26.41 65.61
CA ASN A 137 7.76 25.70 66.25
C ASN A 137 7.04 26.60 67.25
N ARG A 138 7.78 27.39 68.02
CA ARG A 138 7.14 28.35 68.92
C ARG A 138 6.41 29.43 68.14
N GLY A 139 6.91 29.79 66.95
CA GLY A 139 6.20 30.73 66.11
C GLY A 139 4.89 30.17 65.59
N ASP A 140 4.81 28.85 65.45
CA ASP A 140 3.58 28.19 65.03
C ASP A 140 2.70 27.79 66.21
N GLY A 141 3.16 28.02 67.44
CA GLY A 141 2.37 27.71 68.61
C GLY A 141 2.69 26.40 69.29
N SER A 142 3.76 25.71 68.91
CA SER A 142 4.11 24.41 69.46
C SER A 142 5.29 24.58 70.42
N PHE A 143 5.06 24.26 71.69
CA PHE A 143 6.08 24.34 72.73
C PHE A 143 6.31 22.94 73.28
N LEU A 144 6.96 22.10 72.47
CA LEU A 144 7.14 20.69 72.79
C LEU A 144 8.61 20.32 72.67
N SER A 145 9.04 19.39 73.51
CA SER A 145 10.40 18.87 73.41
C SER A 145 10.50 17.92 72.22
N HIS A 146 11.73 17.47 71.95
CA HIS A 146 11.96 16.58 70.82
C HIS A 146 11.18 15.28 70.98
N SER A 147 11.22 14.68 72.17
CA SER A 147 10.47 13.45 72.42
C SER A 147 8.97 13.70 72.31
N GLU A 148 8.50 14.87 72.75
CA GLU A 148 7.07 15.16 72.70
C GLU A 148 6.59 15.35 71.27
N ARG A 149 7.41 15.94 70.40
CA ARG A 149 7.00 16.16 69.02
C ARG A 149 6.73 14.83 68.32
N TYR A 150 7.57 13.82 68.56
CA TYR A 150 7.35 12.51 67.96
C TYR A 150 6.19 11.77 68.60
N GLU A 151 5.82 12.12 69.83
CA GLU A 151 4.62 11.55 70.43
C GLU A 151 3.37 12.08 69.75
N VAL A 152 3.34 13.38 69.45
CA VAL A 152 2.23 13.95 68.69
C VAL A 152 2.18 13.35 67.29
N THR A 153 3.33 13.22 66.64
CA THR A 153 3.37 12.64 65.30
C THR A 153 2.91 11.18 65.32
N ASP A 154 3.27 10.43 66.36
CA ASP A 154 2.83 9.04 66.47
C ASP A 154 1.31 8.97 66.57
N GLU A 155 0.72 9.76 67.46
CA GLU A 155 -0.75 9.78 67.57
C GLU A 155 -1.39 10.40 66.33
N PHE A 156 -0.72 11.37 65.71
CA PHE A 156 -1.23 11.98 64.49
C PHE A 156 -1.40 10.96 63.38
N LEU A 157 -0.33 10.20 63.09
CA LEU A 157 -0.37 9.26 61.97
C LEU A 157 -1.39 8.15 62.19
N LYS A 158 -1.57 7.70 63.44
CA LYS A 158 -2.55 6.67 63.71
C LYS A 158 -3.96 7.13 63.36
N ILE A 159 -4.30 8.38 63.73
CA ILE A 159 -5.61 8.92 63.36
C ILE A 159 -5.68 9.15 61.86
N TRP A 160 -4.63 9.74 61.29
CA TRP A 160 -4.61 10.10 59.88
C TRP A 160 -4.79 8.87 58.98
N ARG A 161 -4.05 7.80 59.28
CA ARG A 161 -4.12 6.61 58.44
C ARG A 161 -5.48 5.93 58.55
N ARG A 162 -6.07 5.94 59.75
CA ARG A 162 -7.31 5.21 59.97
C ARG A 162 -8.53 5.95 59.43
N VAL A 163 -8.55 7.28 59.56
CA VAL A 163 -9.69 8.04 59.03
C VAL A 163 -9.74 7.94 57.51
N LEU A 164 -8.58 7.88 56.85
CA LEU A 164 -8.53 7.79 55.39
C LEU A 164 -8.99 6.44 54.87
N GLN A 165 -9.12 5.42 55.72
CA GLN A 165 -9.63 4.14 55.29
C GLN A 165 -11.12 3.99 55.54
N GLY A 166 -11.82 5.10 55.80
CA GLY A 166 -13.26 5.07 55.98
C GLY A 166 -13.73 4.78 57.38
N GLU A 167 -12.82 4.78 58.36
CA GLU A 167 -13.15 4.41 59.73
CA GLU A 167 -13.15 4.41 59.73
C GLU A 167 -13.48 5.67 60.53
N ALA A 168 -14.63 5.66 61.20
CA ALA A 168 -14.99 6.71 62.13
C ALA A 168 -14.16 6.49 63.39
N VAL A 169 -13.14 7.31 63.58
CA VAL A 169 -12.10 7.03 64.56
C VAL A 169 -12.43 7.67 65.90
N ASP A 170 -12.37 6.88 66.96
CA ASP A 170 -12.34 7.37 68.32
C ASP A 170 -10.94 7.15 68.84
N PHE A 171 -10.28 8.23 69.26
CA PHE A 171 -8.89 8.16 69.69
C PHE A 171 -8.73 9.20 70.78
N GLU A 172 -8.14 8.80 71.90
CA GLU A 172 -7.87 9.71 73.01
C GLU A 172 -6.50 9.36 73.55
N GLY A 173 -5.48 10.11 73.10
CA GLY A 173 -4.12 9.91 73.54
C GLY A 173 -3.63 11.02 74.46
N LYS A 174 -2.32 11.01 74.69
CA LYS A 174 -1.71 12.02 75.56
C LYS A 174 -1.73 13.40 74.92
N HIS A 175 -1.74 13.48 73.59
CA HIS A 175 -1.67 14.75 72.88
C HIS A 175 -2.91 15.03 72.06
N LEU A 176 -3.38 14.08 71.27
CA LEU A 176 -4.51 14.28 70.38
C LEU A 176 -5.71 13.49 70.87
N LYS A 177 -6.89 14.01 70.58
CA LYS A 177 -8.14 13.39 71.00
C LYS A 177 -9.21 13.74 69.98
N VAL A 178 -9.78 12.71 69.34
CA VAL A 178 -10.85 12.89 68.38
C VAL A 178 -11.99 11.93 68.72
N GLN A 179 -13.19 12.31 68.35
CA GLN A 179 -14.39 11.52 68.62
C GLN A 179 -15.25 11.55 67.37
N ASN A 180 -15.44 10.38 66.74
CA ASN A 180 -16.19 10.25 65.49
C ASN A 180 -15.52 11.03 64.36
N ALA A 181 -14.21 10.84 64.24
CA ALA A 181 -13.43 11.50 63.19
C ALA A 181 -13.64 10.76 61.88
N LYS A 182 -14.20 11.43 60.88
CA LYS A 182 -14.50 10.82 59.60
C LYS A 182 -14.03 11.70 58.45
N ALA A 183 -13.47 11.06 57.42
CA ALA A 183 -13.17 11.69 56.14
C ALA A 183 -14.13 11.09 55.13
N LEU A 184 -15.15 11.86 54.76
CA LEU A 184 -16.24 11.32 53.95
C LEU A 184 -15.85 11.06 52.50
N TYR A 185 -14.74 11.63 52.02
CA TYR A 185 -14.32 11.40 50.65
C TYR A 185 -13.11 10.49 50.62
N PRO A 186 -13.22 9.25 50.14
CA PRO A 186 -12.10 8.32 50.23
C PRO A 186 -11.01 8.66 49.22
N PRO A 187 -9.76 8.38 49.54
CA PRO A 187 -8.67 8.69 48.61
C PRO A 187 -8.65 7.71 47.46
N VAL A 188 -7.82 8.04 46.46
CA VAL A 188 -7.67 7.17 45.30
C VAL A 188 -6.69 6.04 45.58
N GLN A 189 -5.55 6.37 46.19
CA GLN A 189 -4.56 5.37 46.54
C GLN A 189 -4.96 4.67 47.83
N LYS A 190 -4.86 3.34 47.84
CA LYS A 190 -5.26 2.55 48.99
C LYS A 190 -4.04 1.96 49.68
N PRO A 191 -4.02 1.91 51.03
CA PRO A 191 -5.09 2.36 51.93
C PRO A 191 -5.09 3.87 52.12
N TYR A 192 -3.96 4.50 51.80
CA TYR A 192 -3.80 5.95 51.93
C TYR A 192 -2.61 6.36 51.08
N PRO A 193 -2.48 7.64 50.75
CA PRO A 193 -1.31 8.11 50.01
C PRO A 193 -0.04 7.71 50.72
N PRO A 194 0.96 7.21 49.97
CA PRO A 194 2.17 6.68 50.62
C PRO A 194 2.83 7.69 51.55
N LEU A 195 3.34 7.17 52.67
CA LEU A 195 3.93 7.99 53.73
C LEU A 195 5.45 7.95 53.59
N TYR A 196 6.05 9.09 53.26
CA TYR A 196 7.49 9.27 53.27
C TYR A 196 7.87 10.01 54.56
N PHE A 197 9.05 9.68 55.08
CA PHE A 197 9.47 10.22 56.36
C PHE A 197 10.99 10.28 56.44
N GLY A 198 11.49 11.36 57.03
CA GLY A 198 12.91 11.51 57.25
C GLY A 198 13.22 11.86 58.70
N GLY A 199 14.31 11.30 59.19
CA GLY A 199 14.71 11.52 60.57
C GLY A 199 15.87 10.63 60.98
N SER A 200 16.70 11.11 61.91
CA SER A 200 17.89 10.37 62.32
C SER A 200 17.91 9.98 63.80
N SER A 201 17.04 10.57 64.62
CA SER A 201 17.01 10.26 66.04
C SER A 201 16.39 8.88 66.27
N ASP A 202 16.50 8.40 67.51
CA ASP A 202 15.90 7.12 67.87
C ASP A 202 14.38 7.19 67.79
N ALA A 203 13.79 8.33 68.18
CA ALA A 203 12.35 8.50 68.05
C ALA A 203 11.92 8.48 66.59
N ALA A 204 12.75 9.02 65.69
CA ALA A 204 12.43 9.02 64.27
C ALA A 204 12.51 7.61 63.69
N HIS A 205 13.56 6.85 64.03
CA HIS A 205 13.69 5.50 63.50
C HIS A 205 12.60 4.57 64.00
N ASP A 206 12.13 4.78 65.24
CA ASP A 206 11.01 3.98 65.74
C ASP A 206 9.72 4.33 64.99
N LEU A 207 9.45 5.62 64.83
CA LEU A 207 8.24 6.03 64.11
C LEU A 207 8.26 5.54 62.67
N ALA A 208 9.41 5.65 62.00
CA ALA A 208 9.52 5.20 60.61
C ALA A 208 9.27 3.71 60.50
N ALA A 209 9.87 2.93 61.39
CA ALA A 209 9.74 1.48 61.34
C ALA A 209 8.33 0.98 61.62
N GLU A 210 7.52 1.77 62.34
CA GLU A 210 6.20 1.30 62.75
C GLU A 210 5.09 1.73 61.80
N GLN A 211 5.17 2.91 61.21
CA GLN A 211 4.02 3.47 60.51
C GLN A 211 4.29 3.86 59.06
N VAL A 212 5.47 4.37 58.74
CA VAL A 212 5.70 4.96 57.43
C VAL A 212 5.97 3.88 56.39
N ASP A 213 5.94 4.25 55.11
CA ASP A 213 6.19 3.33 54.01
C ASP A 213 7.58 3.48 53.41
N VAL A 214 8.12 4.69 53.39
CA VAL A 214 9.45 4.96 52.85
C VAL A 214 10.20 5.82 53.86
N TYR A 215 11.43 5.41 54.17
CA TYR A 215 12.31 6.16 55.04
C TYR A 215 13.31 6.95 54.19
N LEU A 216 13.41 8.25 54.45
CA LEU A 216 14.27 9.14 53.69
C LEU A 216 15.42 9.63 54.55
N THR A 217 16.58 9.77 53.93
CA THR A 217 17.77 10.31 54.59
C THR A 217 18.44 11.32 53.66
N TRP A 218 19.18 12.25 54.26
CA TRP A 218 19.94 13.20 53.46
C TRP A 218 21.24 12.56 52.97
N GLY A 219 21.96 13.31 52.12
CA GLY A 219 23.10 12.78 51.43
C GLY A 219 24.38 12.65 52.25
N GLU A 220 24.37 11.72 53.20
CA GLU A 220 25.56 11.40 53.96
C GLU A 220 26.42 10.42 53.17
N PRO A 221 27.68 10.22 53.54
CA PRO A 221 28.50 9.24 52.85
C PRO A 221 27.89 7.86 52.94
N PRO A 222 28.19 6.98 51.98
CA PRO A 222 27.50 5.68 51.93
C PRO A 222 27.62 4.85 53.20
N ALA A 223 28.73 4.97 53.93
CA ALA A 223 28.89 4.20 55.16
C ALA A 223 27.90 4.65 56.22
N ALA A 224 27.66 5.96 56.32
CA ALA A 224 26.73 6.45 57.34
C ALA A 224 25.28 6.12 56.99
N VAL A 225 24.93 6.18 55.70
CA VAL A 225 23.56 5.83 55.30
C VAL A 225 23.31 4.33 55.49
N ALA A 226 24.32 3.49 55.21
CA ALA A 226 24.14 2.05 55.33
C ALA A 226 23.82 1.63 56.75
N GLU A 227 24.43 2.30 57.73
CA GLU A 227 24.14 1.98 59.13
C GLU A 227 22.76 2.48 59.53
N LYS A 228 22.37 3.66 59.01
CA LYS A 228 21.04 4.17 59.28
C LYS A 228 19.97 3.28 58.66
N LEU A 229 20.23 2.80 57.44
CA LEU A 229 19.30 1.87 56.80
C LEU A 229 19.21 0.56 57.57
N ALA A 230 20.37 0.06 58.06
CA ALA A 230 20.37 -1.18 58.83
C ALA A 230 19.61 -1.02 60.14
N ASP A 231 19.69 0.16 60.75
CA ASP A 231 18.96 0.41 61.99
C ASP A 231 17.46 0.40 61.74
N VAL A 232 17.02 1.12 60.70
CA VAL A 232 15.59 1.17 60.39
C VAL A 232 15.09 -0.19 59.94
N ARG A 233 15.89 -0.92 59.16
CA ARG A 233 15.49 -2.24 58.70
C ARG A 233 15.34 -3.21 59.85
N GLU A 234 16.18 -3.07 60.89
CA GLU A 234 16.09 -3.94 62.05
C GLU A 234 14.82 -3.65 62.86
N ARG A 235 14.55 -2.38 63.13
CA ARG A 235 13.36 -2.03 63.90
C ARG A 235 12.09 -2.37 63.12
N ALA A 236 12.11 -2.19 61.79
CA ALA A 236 10.94 -2.52 60.99
C ALA A 236 10.68 -4.02 60.97
N ALA A 237 11.76 -4.82 60.98
CA ALA A 237 11.58 -6.27 61.01
C ALA A 237 10.98 -6.72 62.34
N ARG A 238 11.37 -6.08 63.44
CA ARG A 238 10.82 -6.42 64.75
C ARG A 238 9.32 -6.11 64.83
N HIS A 239 8.82 -5.22 63.98
CA HIS A 239 7.39 -4.96 63.90
C HIS A 239 6.72 -5.71 62.76
N GLY A 240 7.42 -6.65 62.14
CA GLY A 240 6.85 -7.41 61.05
C GLY A 240 6.54 -6.60 59.81
N ARG A 241 7.30 -5.55 59.56
CA ARG A 241 7.08 -4.67 58.42
C ARG A 241 8.38 -4.55 57.64
N LYS A 242 8.26 -4.05 56.41
CA LYS A 242 9.40 -3.76 55.57
C LYS A 242 9.23 -2.36 55.01
N VAL A 243 10.25 -1.53 55.17
CA VAL A 243 10.21 -0.15 54.71
C VAL A 243 11.14 -0.01 53.52
N LYS A 244 10.72 0.79 52.54
CA LYS A 244 11.59 1.14 51.42
C LYS A 244 12.38 2.40 51.79
N PHE A 245 13.45 2.64 51.04
CA PHE A 245 14.38 3.69 51.40
C PHE A 245 14.61 4.65 50.24
N GLY A 246 14.86 5.90 50.59
CA GLY A 246 15.15 6.93 49.60
C GLY A 246 16.15 7.91 50.16
N ILE A 247 16.86 8.58 49.26
CA ILE A 247 17.91 9.52 49.63
C ILE A 247 17.65 10.86 48.95
N ARG A 248 17.99 11.94 49.64
CA ARG A 248 17.81 13.31 49.16
C ARG A 248 19.18 13.93 48.95
N LEU A 249 19.41 14.44 47.74
CA LEU A 249 20.72 14.95 47.36
C LEU A 249 20.56 16.14 46.43
N HIS A 250 21.58 16.99 46.43
CA HIS A 250 21.79 17.94 45.34
C HIS A 250 22.66 17.29 44.27
N VAL A 251 22.73 17.93 43.11
CA VAL A 251 23.50 17.37 42.00
C VAL A 251 23.98 18.51 41.10
N ILE A 252 25.29 18.52 40.83
CA ILE A 252 25.90 19.44 39.88
C ILE A 252 26.67 18.56 38.90
N VAL A 253 26.00 18.13 37.84
CA VAL A 253 26.57 17.22 36.85
C VAL A 253 26.83 18.00 35.57
N ARG A 254 28.03 17.87 35.02
CA ARG A 254 28.40 18.44 33.74
C ARG A 254 28.99 17.34 32.87
N GLU A 255 29.34 17.69 31.63
CA GLU A 255 29.86 16.69 30.71
C GLU A 255 31.25 16.20 31.11
N THR A 256 32.06 17.07 31.72
CA THR A 256 33.39 16.69 32.19
C THR A 256 33.51 16.97 33.68
N ALA A 257 34.42 16.24 34.33
CA ALA A 257 34.62 16.42 35.77
C ALA A 257 35.20 17.79 36.09
N GLU A 258 35.98 18.36 35.18
CA GLU A 258 36.58 19.66 35.45
C GLU A 258 35.52 20.77 35.45
N GLU A 259 34.56 20.71 34.52
CA GLU A 259 33.49 21.69 34.49
C GLU A 259 32.59 21.58 35.70
N ALA A 260 32.35 20.35 36.18
CA ALA A 260 31.47 20.14 37.32
C ALA A 260 32.03 20.79 38.58
N TRP A 261 33.30 20.52 38.89
CA TRP A 261 33.90 21.12 40.07
C TRP A 261 34.09 22.63 39.90
N LYS A 262 34.24 23.09 38.65
CA LYS A 262 34.29 24.53 38.39
C LYS A 262 32.94 25.18 38.71
N ALA A 263 31.85 24.48 38.39
CA ALA A 263 30.52 25.00 38.71
C ALA A 263 30.25 24.95 40.21
N ALA A 264 30.78 23.95 40.91
CA ALA A 264 30.60 23.88 42.36
C ALA A 264 31.29 25.04 43.06
N ASP A 265 32.51 25.38 42.63
CA ASP A 265 33.20 26.54 43.19
C ASP A 265 32.45 27.83 42.84
N LYS A 266 31.88 27.89 41.64
CA LYS A 266 31.17 29.09 41.21
C LYS A 266 29.85 29.27 41.97
N LEU A 267 29.27 28.17 42.46
CA LEU A 267 27.99 28.26 43.15
C LEU A 267 28.10 29.00 44.48
N ILE A 268 29.28 28.98 45.10
CA ILE A 268 29.48 29.54 46.43
C ILE A 268 30.50 30.66 46.44
N GLU A 269 30.78 31.28 45.29
CA GLU A 269 31.80 32.32 45.24
C GLU A 269 31.39 33.60 45.95
N HIS A 270 30.09 33.86 46.11
CA HIS A 270 29.60 35.06 46.76
C HIS A 270 29.11 34.80 48.19
N ILE A 271 29.64 33.79 48.86
CA ILE A 271 29.24 33.46 50.22
C ILE A 271 30.33 33.96 51.15
N SER A 272 30.07 35.09 51.81
CA SER A 272 31.03 35.69 52.71
C SER A 272 31.16 34.85 53.99
N ASP A 273 32.22 35.12 54.75
CA ASP A 273 32.46 34.37 55.98
C ASP A 273 31.44 34.72 57.06
N GLU A 274 30.93 35.95 57.07
CA GLU A 274 29.94 36.34 58.07
C GLU A 274 28.55 35.77 57.77
N THR A 275 28.28 35.40 56.52
CA THR A 275 27.02 34.74 56.20
C THR A 275 27.07 33.26 56.60
N ILE A 276 28.23 32.63 56.46
CA ILE A 276 28.41 31.26 56.94
C ILE A 276 28.26 31.20 58.45
N GLU A 277 28.78 32.23 59.14
CA GLU A 277 28.64 32.28 60.59
C GLU A 277 27.21 32.60 61.01
N ALA A 278 26.46 33.33 60.18
CA ALA A 278 25.07 33.64 60.51
C ALA A 278 24.19 32.41 60.42
N ALA A 279 24.43 31.55 59.43
CA ALA A 279 23.62 30.36 59.27
C ALA A 279 24.00 29.28 60.27
N GLN A 280 25.29 29.08 60.51
CA GLN A 280 25.73 28.08 61.48
C GLN A 280 25.26 28.43 62.88
N LYS A 281 25.17 29.72 63.21
CA LYS A 281 24.64 30.13 64.50
C LYS A 281 23.16 29.77 64.62
N SER A 282 22.45 29.72 63.50
CA SER A 282 21.04 29.33 63.49
C SER A 282 20.85 27.82 63.40
N PHE A 283 21.81 27.10 62.81
CA PHE A 283 21.71 25.64 62.77
C PHE A 283 21.97 25.03 64.14
N SER A 284 22.84 25.66 64.95
CA SER A 284 23.09 25.15 66.29
C SER A 284 21.89 25.31 67.20
N ARG A 285 20.95 26.20 66.86
CA ARG A 285 19.71 26.34 67.61
C ARG A 285 18.75 25.19 67.34
N PHE A 286 18.95 24.44 66.25
CA PHE A 286 18.02 23.40 65.85
C PHE A 286 18.06 22.22 66.81
N ASP A 287 16.88 21.72 67.18
CA ASP A 287 16.73 20.51 67.98
C ASP A 287 16.59 19.27 67.12
N SER A 288 17.37 19.18 66.04
CA SER A 288 17.23 18.13 65.05
C SER A 288 18.51 17.31 64.99
N GLU A 289 18.35 15.98 65.08
CA GLU A 289 19.50 15.09 64.99
C GLU A 289 19.93 14.86 63.55
N GLY A 290 18.99 14.90 62.61
CA GLY A 290 19.35 14.79 61.20
C GLY A 290 20.07 16.02 60.69
N GLN A 291 19.63 17.20 61.14
CA GLN A 291 20.33 18.43 60.77
C GLN A 291 21.71 18.50 61.40
N ARG A 292 21.88 17.93 62.60
CA ARG A 292 23.18 17.96 63.27
C ARG A 292 24.21 17.14 62.49
N ARG A 293 23.80 16.00 61.94
CA ARG A 293 24.73 15.17 61.19
C ARG A 293 25.10 15.81 59.86
N MET A 294 24.18 16.60 59.28
CA MET A 294 24.49 17.29 58.03
C MET A 294 25.50 18.41 58.26
N ALA A 295 25.33 19.17 59.35
CA ALA A 295 26.27 20.25 59.65
C ALA A 295 27.60 19.73 60.19
N ALA A 296 27.64 18.48 60.65
CA ALA A 296 28.88 17.87 61.13
C ALA A 296 29.79 17.41 60.00
N LEU A 297 29.49 17.78 58.76
CA LEU A 297 30.31 17.44 57.61
C LEU A 297 31.07 18.62 57.04
N HIS A 298 30.55 19.84 57.18
CA HIS A 298 31.23 21.05 56.71
C HIS A 298 31.70 21.92 57.86
N ASP A 299 30.79 22.41 58.69
CA ASP A 299 31.13 23.22 59.87
C ASP A 299 31.89 24.48 59.50
N GLY A 300 31.52 25.09 58.37
CA GLY A 300 32.09 26.37 57.96
C GLY A 300 33.35 26.30 57.14
N ARG A 301 33.96 25.12 57.01
CA ARG A 301 35.19 25.01 56.26
C ARG A 301 34.95 25.27 54.77
N ARG A 302 36.00 25.71 54.09
CA ARG A 302 35.96 25.89 52.64
C ARG A 302 37.03 25.11 51.90
N ASP A 303 38.16 24.81 52.55
CA ASP A 303 39.16 23.94 51.97
C ASP A 303 38.84 22.50 52.31
N ASN A 304 38.98 21.62 51.31
CA ASN A 304 38.67 20.19 51.44
C ASN A 304 37.18 19.99 51.75
N LEU A 305 36.35 20.37 50.77
CA LEU A 305 34.91 20.19 50.84
C LEU A 305 34.44 18.85 50.29
N GLU A 306 35.29 18.15 49.55
CA GLU A 306 34.93 16.84 49.00
C GLU A 306 35.06 15.82 50.12
N ILE A 307 33.95 15.60 50.83
CA ILE A 307 33.96 14.69 51.97
C ILE A 307 33.93 13.23 51.57
N ALA A 308 33.79 12.94 50.29
CA ALA A 308 33.72 11.58 49.77
C ALA A 308 33.86 11.64 48.26
N PRO A 309 34.25 10.54 47.60
CA PRO A 309 34.37 10.54 46.14
C PRO A 309 33.12 11.05 45.44
N ASN A 310 33.24 12.22 44.82
CA ASN A 310 32.16 12.90 44.11
C ASN A 310 31.03 13.36 45.02
N LEU A 311 31.29 13.50 46.32
CA LEU A 311 30.32 14.02 47.27
C LEU A 311 30.84 15.33 47.83
N TRP A 312 30.20 16.44 47.45
CA TRP A 312 30.67 17.78 47.79
C TRP A 312 29.68 18.40 48.77
N ALA A 313 30.20 18.85 49.92
CA ALA A 313 29.36 19.37 51.00
C ALA A 313 29.33 20.90 51.03
N GLY A 314 29.51 21.55 49.87
CA GLY A 314 29.50 22.99 49.83
C GLY A 314 28.13 23.62 49.92
N VAL A 315 27.08 22.89 49.54
CA VAL A 315 25.73 23.46 49.58
C VAL A 315 25.26 23.67 51.02
N GLY A 316 25.75 22.86 51.95
CA GLY A 316 25.36 22.98 53.34
C GLY A 316 25.93 24.16 54.08
N LEU A 317 26.78 24.96 53.42
CA LEU A 317 27.37 26.12 54.08
C LEU A 317 26.34 27.18 54.41
N VAL A 318 25.29 27.30 53.60
CA VAL A 318 24.29 28.34 53.81
C VAL A 318 22.89 27.73 53.90
N ARG A 319 22.62 26.73 53.08
CA ARG A 319 21.28 26.19 52.96
C ARG A 319 21.01 25.16 54.05
N GLY A 320 19.79 25.19 54.60
CA GLY A 320 19.38 24.21 55.56
C GLY A 320 18.88 22.94 54.91
N GLY A 321 18.72 21.90 55.73
CA GLY A 321 18.29 20.61 55.24
C GLY A 321 19.36 19.89 54.45
N SER A 322 19.09 19.61 53.17
CA SER A 322 20.08 19.00 52.30
C SER A 322 21.30 19.90 52.22
N GLY A 323 22.48 19.28 52.17
CA GLY A 323 23.71 20.04 52.25
C GLY A 323 24.86 19.51 51.41
N THR A 324 24.67 18.36 50.78
CA THR A 324 25.70 17.74 49.96
C THR A 324 25.18 17.54 48.54
N ALA A 325 26.13 17.39 47.62
CA ALA A 325 25.81 17.29 46.19
C ALA A 325 26.78 16.32 45.53
N LEU A 326 26.26 15.61 44.53
CA LEU A 326 27.09 14.75 43.69
C LEU A 326 27.65 15.59 42.55
N VAL A 327 28.98 15.71 42.50
CA VAL A 327 29.66 16.55 41.52
C VAL A 327 30.57 15.67 40.68
N GLY A 328 30.39 15.73 39.37
CA GLY A 328 31.21 14.96 38.46
C GLY A 328 30.54 14.84 37.10
N ASP A 329 31.16 14.02 36.25
CA ASP A 329 30.63 13.74 34.92
C ASP A 329 29.47 12.75 35.04
N PRO A 330 28.73 12.52 33.94
CA PRO A 330 27.58 11.60 34.05
C PRO A 330 27.94 10.21 34.51
N GLN A 331 29.12 9.69 34.14
CA GLN A 331 29.51 8.35 34.58
C GLN A 331 29.85 8.34 36.06
N GLN A 332 30.50 9.39 36.57
CA GLN A 332 30.84 9.46 37.98
C GLN A 332 29.58 9.59 38.83
N VAL A 333 28.62 10.41 38.40
CA VAL A 333 27.39 10.59 39.16
C VAL A 333 26.56 9.32 39.17
N ALA A 334 26.43 8.66 38.01
CA ALA A 334 25.65 7.42 37.93
C ALA A 334 26.27 6.32 38.77
N ALA A 335 27.60 6.34 38.95
CA ALA A 335 28.25 5.34 39.79
C ALA A 335 27.90 5.53 41.25
N ARG A 336 27.88 6.78 41.72
CA ARG A 336 27.49 7.05 43.10
C ARG A 336 26.04 6.65 43.36
N ILE A 337 25.18 6.76 42.34
CA ILE A 337 23.80 6.32 42.49
C ILE A 337 23.73 4.82 42.69
N LYS A 338 24.55 4.07 41.94
CA LYS A 338 24.58 2.62 42.11
C LYS A 338 25.07 2.22 43.50
N GLU A 339 25.99 3.00 44.07
CA GLU A 339 26.43 2.74 45.44
C GLU A 339 25.26 2.83 46.42
N TYR A 340 24.46 3.89 46.31
CA TYR A 340 23.32 4.03 47.20
C TYR A 340 22.24 3.02 46.88
N ALA A 341 22.03 2.71 45.60
CA ALA A 341 21.02 1.74 45.22
C ALA A 341 21.38 0.33 45.69
N ASP A 342 22.68 -0.01 45.71
CA ASP A 342 23.10 -1.31 46.19
C ASP A 342 22.85 -1.49 47.68
N LEU A 343 22.72 -0.40 48.43
CA LEU A 343 22.39 -0.47 49.85
C LEU A 343 20.91 -0.68 50.10
N GLY A 344 20.08 -0.58 49.08
CA GLY A 344 18.64 -0.72 49.21
C GLY A 344 17.86 0.55 48.96
N ILE A 345 18.50 1.64 48.57
CA ILE A 345 17.82 2.90 48.32
C ILE A 345 17.19 2.83 46.94
N GLU A 346 15.87 3.05 46.88
CA GLU A 346 15.13 2.98 45.63
C GLU A 346 14.60 4.32 45.15
N SER A 347 14.49 5.31 46.03
CA SER A 347 14.03 6.65 45.67
C SER A 347 15.19 7.62 45.75
N PHE A 348 15.29 8.50 44.76
CA PHE A 348 16.34 9.51 44.70
C PHE A 348 15.69 10.86 44.42
N ILE A 349 15.87 11.81 45.34
CA ILE A 349 15.28 13.14 45.22
C ILE A 349 16.41 14.13 44.98
N PHE A 350 16.51 14.61 43.75
CA PHE A 350 17.60 15.50 43.34
C PHE A 350 17.13 16.95 43.22
N SER A 351 18.11 17.85 43.19
CA SER A 351 17.87 19.27 43.00
C SER A 351 19.14 19.91 42.45
N GLY A 352 18.98 21.09 41.86
CA GLY A 352 20.11 21.80 41.28
C GLY A 352 19.85 23.29 41.20
N TYR A 353 20.91 24.03 40.90
CA TYR A 353 20.82 25.48 40.81
C TYR A 353 21.24 25.95 39.43
N PRO A 354 20.37 26.63 38.68
CA PRO A 354 18.96 26.83 39.04
C PRO A 354 18.13 25.59 38.74
N HIS A 355 16.92 25.50 39.33
CA HIS A 355 16.18 24.25 39.31
C HIS A 355 15.64 23.90 37.93
N LEU A 356 15.29 24.89 37.13
CA LEU A 356 14.76 24.60 35.80
C LEU A 356 15.85 24.06 34.87
N GLU A 357 16.95 24.80 34.73
CA GLU A 357 18.01 24.39 33.83
C GLU A 357 18.61 23.05 34.22
N GLU A 358 18.84 22.84 35.52
CA GLU A 358 19.49 21.60 35.96
C GLU A 358 18.56 20.40 35.89
N ALA A 359 17.23 20.61 35.90
CA ALA A 359 16.31 19.50 35.69
C ALA A 359 16.49 18.89 34.30
N TYR A 360 16.72 19.74 33.30
CA TYR A 360 17.02 19.23 31.96
C TYR A 360 18.41 18.61 31.91
N ARG A 361 19.38 19.22 32.58
CA ARG A 361 20.76 18.74 32.50
C ARG A 361 20.90 17.34 33.10
N PHE A 362 20.27 17.11 34.25
CA PHE A 362 20.34 15.78 34.85
C PHE A 362 19.61 14.75 34.00
N ALA A 363 18.44 15.12 33.46
CA ALA A 363 17.64 14.19 32.68
C ALA A 363 18.28 13.85 31.34
N GLU A 364 19.16 14.71 30.82
CA GLU A 364 19.80 14.46 29.55
C GLU A 364 21.19 13.84 29.69
N LEU A 365 21.83 13.99 30.84
CA LEU A 365 23.15 13.42 31.07
C LEU A 365 23.14 12.15 31.89
N VAL A 366 22.19 11.99 32.82
CA VAL A 366 22.20 10.89 33.77
C VAL A 366 21.11 9.87 33.49
N PHE A 367 19.93 10.31 33.04
CA PHE A 367 18.83 9.38 32.76
C PHE A 367 19.20 8.21 31.86
N PRO A 368 19.91 8.39 30.75
CA PRO A 368 20.29 7.21 29.93
C PRO A 368 21.20 6.24 30.67
N LEU A 369 21.86 6.67 31.74
CA LEU A 369 22.73 5.81 32.52
C LEU A 369 22.02 5.13 33.68
N LEU A 370 20.74 5.44 33.89
CA LEU A 370 19.97 4.86 34.98
C LEU A 370 19.14 3.70 34.46
N PRO A 371 18.62 2.85 35.35
CA PRO A 371 17.75 1.75 34.92
C PRO A 371 16.47 2.27 34.28
N GLU A 372 15.70 1.33 33.74
CA GLU A 372 14.42 1.66 33.13
C GLU A 372 13.45 2.16 34.21
N PRO A 373 12.49 3.01 33.85
CA PRO A 373 12.22 3.51 32.49
C PRO A 373 13.06 4.76 32.14
N TYR A 374 13.96 5.15 33.03
CA TYR A 374 14.71 6.39 32.80
C TYR A 374 15.72 6.26 31.68
N ALA A 375 16.19 5.04 31.40
CA ALA A 375 17.13 4.85 30.30
C ALA A 375 16.45 5.07 28.94
N SER A 376 15.17 4.74 28.83
CA SER A 376 14.43 4.85 27.59
C SER A 376 13.66 6.17 27.47
N LEU A 377 13.68 7.02 28.50
CA LEU A 377 12.99 8.29 28.41
C LEU A 377 13.72 9.30 27.53
N ALA A 378 15.04 9.19 27.44
CA ALA A 378 15.83 10.09 26.61
C ALA A 378 15.54 9.85 25.13
N GLY A 379 14.60 10.61 24.58
CA GLY A 379 14.23 10.47 23.19
C GLY A 379 13.51 9.17 22.88
N SER B 23 -21.80 50.79 44.54
CA SER B 23 -20.90 49.65 44.56
C SER B 23 -21.65 48.35 44.89
N MET B 24 -21.30 47.27 44.19
CA MET B 24 -21.94 45.98 44.41
C MET B 24 -21.02 44.87 43.93
N ASP B 25 -20.89 43.82 44.74
CA ASP B 25 -20.11 42.65 44.39
C ASP B 25 -21.05 41.46 44.35
N VAL B 26 -21.14 40.82 43.18
CA VAL B 26 -22.01 39.67 42.97
C VAL B 26 -21.15 38.42 42.92
N PHE B 27 -21.40 37.50 43.85
CA PHE B 27 -20.66 36.24 43.93
C PHE B 27 -21.52 35.08 43.43
N TRP B 28 -20.84 34.02 43.04
CA TRP B 28 -21.48 32.73 42.79
C TRP B 28 -20.98 31.73 43.84
N PHE B 29 -21.26 30.45 43.62
CA PHE B 29 -21.05 29.43 44.64
C PHE B 29 -20.46 28.19 43.98
N LEU B 30 -19.42 27.63 44.60
CA LEU B 30 -18.87 26.36 44.14
C LEU B 30 -19.50 25.23 44.94
N PRO B 31 -20.24 24.31 44.31
CA PRO B 31 -20.92 23.25 45.07
C PRO B 31 -19.95 22.11 45.41
N THR B 32 -19.03 22.40 46.34
CA THR B 32 -18.05 21.41 46.74
C THR B 32 -18.62 20.34 47.66
N HIS B 33 -19.84 20.51 48.16
CA HIS B 33 -20.53 19.42 48.83
C HIS B 33 -21.24 18.48 47.87
N GLY B 34 -21.46 18.92 46.62
CA GLY B 34 -22.24 18.19 45.65
C GLY B 34 -23.27 19.05 44.96
N ASP B 35 -23.68 18.64 43.75
CA ASP B 35 -24.61 19.41 42.93
C ASP B 35 -25.60 18.46 42.28
N GLY B 36 -26.63 19.05 41.69
CA GLY B 36 -27.65 18.26 41.01
C GLY B 36 -28.80 19.14 40.57
N HIS B 37 -29.82 18.49 40.01
CA HIS B 37 -31.00 19.18 39.54
C HIS B 37 -32.12 19.26 40.57
N TYR B 38 -32.12 18.37 41.55
CA TYR B 38 -33.20 18.30 42.53
C TYR B 38 -32.62 18.16 43.93
N LEU B 39 -33.38 18.63 44.92
CA LEU B 39 -32.98 18.52 46.31
C LEU B 39 -33.57 17.25 46.93
N GLY B 40 -32.88 16.73 47.92
CA GLY B 40 -33.33 15.52 48.62
C GLY B 40 -33.02 14.21 47.96
N THR B 41 -33.31 14.07 46.66
CA THR B 41 -33.07 12.83 45.95
C THR B 41 -31.72 12.85 45.26
N THR B 42 -31.22 11.67 44.92
CA THR B 42 -30.02 11.52 44.12
C THR B 42 -30.30 11.50 42.62
N GLN B 43 -31.57 11.62 42.22
CA GLN B 43 -31.91 11.65 40.80
C GLN B 43 -31.39 12.93 40.17
N GLY B 44 -30.69 12.80 39.05
CA GLY B 44 -30.13 13.96 38.40
C GLY B 44 -28.98 14.59 39.16
N ALA B 45 -28.38 13.87 40.09
CA ALA B 45 -27.27 14.41 40.84
C ALA B 45 -26.03 14.53 39.95
N ARG B 46 -25.11 15.40 40.35
CA ARG B 46 -23.90 15.65 39.58
C ARG B 46 -22.73 15.56 40.53
N PRO B 47 -21.80 14.63 40.33
CA PRO B 47 -20.69 14.46 41.27
C PRO B 47 -19.69 15.60 41.16
N VAL B 48 -19.10 15.94 42.31
CA VAL B 48 -18.12 17.03 42.37
C VAL B 48 -16.77 16.47 41.96
N THR B 49 -16.34 16.81 40.75
CA THR B 49 -15.05 16.40 40.21
C THR B 49 -14.22 17.64 39.91
N LEU B 50 -12.93 17.42 39.64
CA LEU B 50 -12.08 18.51 39.20
C LEU B 50 -12.62 19.14 37.92
N ASN B 51 -13.12 18.31 37.00
CA ASN B 51 -13.59 18.83 35.72
C ASN B 51 -14.84 19.69 35.91
N TYR B 52 -15.77 19.27 36.77
CA TYR B 52 -16.98 20.06 36.96
C TYR B 52 -16.70 21.33 37.74
N LEU B 53 -15.79 21.27 38.71
CA LEU B 53 -15.41 22.48 39.44
C LEU B 53 -14.73 23.48 38.51
N LYS B 54 -13.91 23.00 37.57
CA LYS B 54 -13.38 23.87 36.54
C LYS B 54 -14.49 24.53 35.75
N GLN B 55 -15.54 23.77 35.43
CA GLN B 55 -16.65 24.32 34.65
C GLN B 55 -17.33 25.48 35.39
N VAL B 56 -17.61 25.31 36.68
CA VAL B 56 -18.33 26.34 37.42
C VAL B 56 -17.45 27.56 37.64
N ALA B 57 -16.19 27.35 38.02
CA ALA B 57 -15.30 28.48 38.29
C ALA B 57 -15.01 29.26 37.02
N GLN B 58 -14.65 28.57 35.94
CA GLN B 58 -14.38 29.26 34.68
C GLN B 58 -15.63 29.91 34.10
N ALA B 59 -16.81 29.40 34.43
CA ALA B 59 -18.05 30.05 34.02
C ALA B 59 -18.20 31.39 34.75
N ALA B 60 -18.10 31.37 36.08
CA ALA B 60 -18.20 32.60 36.86
C ALA B 60 -17.10 33.59 36.49
N ASP B 61 -15.92 33.07 36.14
CA ASP B 61 -14.81 33.94 35.75
C ASP B 61 -15.12 34.69 34.46
N SER B 62 -15.57 33.96 33.42
CA SER B 62 -15.79 34.59 32.13
C SER B 62 -17.10 35.38 32.07
N LEU B 63 -18.10 34.98 32.85
CA LEU B 63 -19.36 35.72 32.87
C LEU B 63 -19.23 37.07 33.58
N GLY B 64 -18.20 37.23 34.40
CA GLY B 64 -17.95 38.50 35.07
C GLY B 64 -18.32 38.57 36.53
N TYR B 65 -18.60 37.44 37.17
CA TYR B 65 -18.88 37.46 38.60
C TYR B 65 -17.65 37.96 39.36
N HIS B 66 -17.90 38.63 40.49
CA HIS B 66 -16.81 39.15 41.30
C HIS B 66 -15.98 38.02 41.89
N GLY B 67 -16.64 36.97 42.37
CA GLY B 67 -15.93 35.84 42.92
C GLY B 67 -16.87 34.69 43.17
N VAL B 68 -16.34 33.65 43.82
CA VAL B 68 -17.13 32.50 44.24
C VAL B 68 -16.86 32.22 45.71
N LEU B 69 -17.92 31.88 46.44
CA LEU B 69 -17.80 31.38 47.80
C LEU B 69 -17.58 29.89 47.77
N ILE B 70 -16.63 29.41 48.58
CA ILE B 70 -16.32 28.00 48.66
C ILE B 70 -16.70 27.53 50.07
N PRO B 71 -17.70 26.66 50.20
CA PRO B 71 -18.12 26.22 51.55
C PRO B 71 -17.10 25.29 52.17
N THR B 72 -17.24 25.11 53.48
CA THR B 72 -16.36 24.25 54.25
C THR B 72 -17.19 23.35 55.15
N GLY B 73 -16.54 22.29 55.63
CA GLY B 73 -17.21 21.34 56.52
C GLY B 73 -16.89 19.90 56.20
N ARG B 74 -17.45 18.98 56.99
CA ARG B 74 -17.19 17.57 56.80
C ARG B 74 -17.81 17.03 55.52
N SER B 75 -18.88 17.66 55.05
CA SER B 75 -19.57 17.26 53.83
C SER B 75 -18.97 17.85 52.56
N CYS B 76 -17.84 18.55 52.66
CA CYS B 76 -17.22 19.19 51.52
C CYS B 76 -15.80 18.67 51.33
N GLU B 77 -15.32 18.78 50.08
CA GLU B 77 -13.90 18.70 49.82
C GLU B 77 -13.18 19.90 50.41
N ASP B 78 -11.87 19.77 50.62
CA ASP B 78 -11.11 20.82 51.27
C ASP B 78 -11.13 22.09 50.42
N SER B 79 -11.42 23.23 51.07
CA SER B 79 -11.58 24.48 50.35
C SER B 79 -10.24 25.00 49.81
N TRP B 80 -9.15 24.79 50.56
CA TRP B 80 -7.87 25.33 50.15
C TRP B 80 -7.27 24.58 48.97
N VAL B 81 -7.48 23.27 48.91
CA VAL B 81 -7.00 22.49 47.76
C VAL B 81 -7.75 22.87 46.50
N ILE B 82 -9.08 23.03 46.59
CA ILE B 82 -9.87 23.36 45.41
C ILE B 82 -9.55 24.75 44.92
N ALA B 83 -9.52 25.74 45.82
CA ALA B 83 -9.25 27.12 45.42
C ALA B 83 -7.87 27.23 44.79
N SER B 84 -6.87 26.59 45.39
CA SER B 84 -5.51 26.66 44.84
C SER B 84 -5.45 26.02 43.45
N ALA B 85 -6.22 24.95 43.24
CA ALA B 85 -6.22 24.28 41.94
C ALA B 85 -6.91 25.12 40.87
N LEU B 86 -7.90 25.94 41.26
CA LEU B 86 -8.64 26.74 40.31
C LEU B 86 -8.04 28.11 40.07
N VAL B 87 -7.11 28.55 40.92
CA VAL B 87 -6.49 29.87 40.73
C VAL B 87 -5.75 29.99 39.41
N PRO B 88 -4.83 29.08 39.04
CA PRO B 88 -4.16 29.23 37.74
C PRO B 88 -5.06 29.00 36.54
N LEU B 89 -6.30 28.53 36.74
CA LEU B 89 -7.24 28.26 35.66
C LEU B 89 -8.23 29.38 35.47
N THR B 90 -8.07 30.50 36.17
CA THR B 90 -8.97 31.64 36.07
C THR B 90 -8.16 32.93 36.06
N GLU B 91 -8.76 33.99 35.53
CA GLU B 91 -8.06 35.25 35.32
C GLU B 91 -8.45 36.32 36.35
N ARG B 92 -9.75 36.61 36.47
CA ARG B 92 -10.22 37.68 37.34
C ARG B 92 -11.01 37.19 38.55
N LEU B 93 -11.56 35.99 38.50
CA LEU B 93 -12.44 35.52 39.55
C LEU B 93 -11.72 35.45 40.89
N ARG B 94 -12.40 35.91 41.93
CA ARG B 94 -11.89 35.85 43.29
C ARG B 94 -12.46 34.63 44.01
N TYR B 95 -11.77 34.19 45.05
CA TYR B 95 -12.13 32.98 45.77
C TYR B 95 -12.27 33.31 47.25
N LEU B 96 -13.49 33.13 47.77
CA LEU B 96 -13.78 33.37 49.18
C LEU B 96 -13.56 32.05 49.91
N VAL B 97 -12.34 31.85 50.41
CA VAL B 97 -11.93 30.61 51.04
C VAL B 97 -12.09 30.77 52.55
N ALA B 98 -12.53 29.69 53.20
CA ALA B 98 -12.82 29.70 54.63
C ALA B 98 -11.62 29.21 55.43
N ILE B 99 -11.32 29.92 56.52
CA ILE B 99 -10.37 29.47 57.53
C ILE B 99 -11.16 29.14 58.79
N ARG B 100 -10.66 28.16 59.55
CA ARG B 100 -11.35 27.69 60.75
C ARG B 100 -10.41 27.71 61.93
N PRO B 101 -10.50 28.72 62.80
CA PRO B 101 -9.66 28.73 64.01
C PRO B 101 -9.99 27.56 64.91
N GLY B 102 -8.97 27.07 65.61
CA GLY B 102 -9.11 25.95 66.50
C GLY B 102 -8.63 24.63 65.95
N ILE B 103 -8.50 24.50 64.63
CA ILE B 103 -8.03 23.28 64.00
C ILE B 103 -6.72 23.45 63.25
N ILE B 104 -6.17 24.67 63.20
CA ILE B 104 -4.90 24.90 62.52
C ILE B 104 -4.17 26.05 63.21
N SER B 105 -2.85 26.02 63.14
CA SER B 105 -2.04 27.09 63.71
C SER B 105 -2.36 28.40 63.02
N PRO B 106 -2.46 29.51 63.77
CA PRO B 106 -2.73 30.80 63.11
C PRO B 106 -1.60 31.26 62.20
N THR B 107 -0.34 31.01 62.60
CA THR B 107 0.79 31.39 61.75
C THR B 107 0.76 30.62 60.44
N VAL B 108 0.51 29.30 60.52
CA VAL B 108 0.48 28.47 59.32
C VAL B 108 -0.68 28.87 58.42
N SER B 109 -1.86 29.13 59.01
CA SER B 109 -3.00 29.58 58.22
C SER B 109 -2.69 30.87 57.48
N ALA B 110 -1.94 31.77 58.13
CA ALA B 110 -1.55 33.02 57.47
C ALA B 110 -0.60 32.77 56.31
N ARG B 111 0.35 31.85 56.48
CA ARG B 111 1.25 31.51 55.39
C ARG B 111 0.49 30.90 54.23
N MET B 112 -0.52 30.07 54.52
CA MET B 112 -1.37 29.53 53.47
C MET B 112 -2.10 30.63 52.73
N ALA B 113 -2.66 31.59 53.48
CA ALA B 113 -3.33 32.73 52.86
C ALA B 113 -2.36 33.53 52.01
N ALA B 114 -1.15 33.76 52.51
CA ALA B 114 -0.16 34.54 51.76
C ALA B 114 0.19 33.88 50.43
N THR B 115 0.45 32.57 50.45
CA THR B 115 0.84 31.87 49.22
C THR B 115 -0.28 31.90 48.19
N LEU B 116 -1.51 31.63 48.61
CA LEU B 116 -2.63 31.63 47.67
C LEU B 116 -2.92 33.04 47.16
N ASP B 117 -2.76 34.04 48.01
CA ASP B 117 -2.94 35.43 47.57
C ASP B 117 -1.84 35.84 46.60
N ARG B 118 -0.62 35.35 46.79
CA ARG B 118 0.48 35.68 45.90
C ARG B 118 0.29 35.02 44.53
N LEU B 119 -0.06 33.74 44.52
CA LEU B 119 -0.27 33.03 43.26
C LEU B 119 -1.45 33.60 42.48
N SER B 120 -2.49 34.06 43.17
CA SER B 120 -3.67 34.60 42.51
C SER B 120 -3.55 36.07 42.16
N ASN B 121 -2.49 36.75 42.60
CA ASN B 121 -2.33 38.18 42.37
C ASN B 121 -3.49 38.98 42.96
N GLY B 122 -3.78 38.72 44.23
CA GLY B 122 -4.75 39.52 44.96
C GLY B 122 -6.20 39.12 44.76
N ARG B 123 -6.47 37.85 44.45
CA ARG B 123 -7.83 37.39 44.21
C ARG B 123 -8.36 36.52 45.35
N LEU B 124 -7.71 36.56 46.50
CA LEU B 124 -8.10 35.73 47.64
C LEU B 124 -8.96 36.54 48.61
N LEU B 125 -10.07 35.95 49.04
CA LEU B 125 -10.90 36.52 50.08
C LEU B 125 -11.08 35.47 51.18
N ILE B 126 -11.06 35.92 52.44
CA ILE B 126 -11.04 35.01 53.59
C ILE B 126 -12.39 35.09 54.28
N ASN B 127 -13.00 33.93 54.48
CA ASN B 127 -14.26 33.79 55.21
C ASN B 127 -13.95 33.12 56.55
N VAL B 128 -14.14 33.86 57.64
CA VAL B 128 -13.86 33.33 58.97
C VAL B 128 -15.05 32.49 59.43
N VAL B 129 -14.80 31.21 59.72
CA VAL B 129 -15.83 30.26 60.09
C VAL B 129 -15.45 29.66 61.44
N THR B 130 -16.37 29.72 62.39
CA THR B 130 -16.10 29.19 63.73
C THR B 130 -16.55 27.75 63.89
N GLY B 131 -17.56 27.31 63.13
CA GLY B 131 -18.02 25.93 63.20
C GLY B 131 -19.07 25.72 64.27
N GLY B 132 -20.32 25.53 63.85
CA GLY B 132 -21.44 25.39 64.76
C GLY B 132 -21.91 23.98 65.05
N ASP B 133 -21.23 22.97 64.51
CA ASP B 133 -21.65 21.59 64.72
C ASP B 133 -20.75 20.96 65.77
N PRO B 134 -21.23 20.68 66.98
CA PRO B 134 -20.35 20.08 68.00
C PRO B 134 -19.87 18.69 67.64
N ASP B 135 -20.67 17.90 66.93
CA ASP B 135 -20.22 16.57 66.51
C ASP B 135 -19.04 16.67 65.54
N GLU B 136 -19.14 17.58 64.57
CA GLU B 136 -18.04 17.77 63.62
C GLU B 136 -16.80 18.34 64.31
N ASN B 137 -16.99 19.24 65.28
CA ASN B 137 -15.86 19.81 66.00
C ASN B 137 -15.12 18.76 66.80
N ARG B 138 -15.86 17.85 67.46
CA ARG B 138 -15.22 16.77 68.19
C ARG B 138 -14.48 15.81 67.26
N GLY B 139 -15.00 15.63 66.04
CA GLY B 139 -14.30 14.81 65.07
C GLY B 139 -12.97 15.41 64.63
N ASP B 140 -12.86 16.73 64.67
CA ASP B 140 -11.61 17.41 64.34
C ASP B 140 -10.70 17.62 65.54
N GLY B 141 -11.14 17.26 66.74
CA GLY B 141 -10.32 17.36 67.92
C GLY B 141 -10.53 18.60 68.78
N SER B 142 -11.54 19.40 68.50
CA SER B 142 -11.80 20.64 69.22
C SER B 142 -12.99 20.43 70.15
N PHE B 143 -12.75 20.58 71.45
CA PHE B 143 -13.78 20.40 72.47
C PHE B 143 -13.99 21.73 73.20
N LEU B 144 -14.63 22.68 72.52
CA LEU B 144 -14.78 24.02 73.04
C LEU B 144 -16.26 24.42 73.04
N SER B 145 -16.65 25.21 74.04
CA SER B 145 -18.00 25.73 74.15
C SER B 145 -18.21 26.87 73.15
N HIS B 146 -19.45 27.34 73.09
CA HIS B 146 -19.78 28.43 72.17
C HIS B 146 -19.00 29.70 72.51
N SER B 147 -18.96 30.06 73.80
CA SER B 147 -18.19 31.23 74.21
C SER B 147 -16.71 31.02 73.94
N GLU B 148 -16.21 29.80 74.16
CA GLU B 148 -14.79 29.54 73.95
C GLU B 148 -14.43 29.58 72.47
N ARG B 149 -15.31 29.10 71.59
CA ARG B 149 -15.02 29.08 70.17
C ARG B 149 -14.77 30.49 69.63
N TYR B 150 -15.55 31.47 70.07
CA TYR B 150 -15.31 32.84 69.63
C TYR B 150 -14.09 33.46 70.31
N GLU B 151 -13.67 32.92 71.46
CA GLU B 151 -12.45 33.42 72.08
C GLU B 151 -11.20 33.02 71.29
N VAL B 152 -11.13 31.77 70.82
CA VAL B 152 -10.02 31.37 69.96
C VAL B 152 -10.03 32.16 68.66
N THR B 153 -11.21 32.34 68.07
CA THR B 153 -11.30 33.11 66.82
C THR B 153 -10.81 34.53 67.02
N ASP B 154 -11.13 35.13 68.18
CA ASP B 154 -10.64 36.48 68.46
C ASP B 154 -9.13 36.50 68.55
N GLU B 155 -8.53 35.58 69.32
CA GLU B 155 -7.08 35.50 69.41
C GLU B 155 -6.45 35.05 68.10
N PHE B 156 -7.14 34.19 67.35
CA PHE B 156 -6.63 33.73 66.06
C PHE B 156 -6.44 34.90 65.11
N LEU B 157 -7.48 35.73 64.95
CA LEU B 157 -7.42 36.83 63.99
C LEU B 157 -6.38 37.87 64.39
N LYS B 158 -6.17 38.10 65.68
CA LYS B 158 -5.15 39.04 66.11
C LYS B 158 -3.76 38.60 65.67
N ILE B 159 -3.47 37.30 65.85
CA ILE B 159 -2.19 36.77 65.39
C ILE B 159 -2.14 36.74 63.87
N TRP B 160 -3.24 36.27 63.25
CA TRP B 160 -3.28 36.12 61.79
C TRP B 160 -3.07 37.46 61.09
N ARG B 161 -3.77 38.50 61.54
CA ARG B 161 -3.67 39.80 60.88
C ARG B 161 -2.30 40.43 61.08
N ARG B 162 -1.69 40.25 62.25
CA ARG B 162 -0.44 40.94 62.53
C ARG B 162 0.75 40.29 61.83
N VAL B 163 0.79 38.96 61.76
CA VAL B 163 1.90 38.29 61.08
C VAL B 163 1.93 38.64 59.60
N LEU B 164 0.75 38.78 58.98
CA LEU B 164 0.66 39.12 57.57
C LEU B 164 1.06 40.56 57.28
N GLN B 165 1.17 41.41 58.30
CA GLN B 165 1.64 42.78 58.14
C GLN B 165 3.14 42.91 58.39
N GLY B 166 3.87 41.80 58.41
CA GLY B 166 5.32 41.82 58.55
C GLY B 166 5.84 41.80 59.97
N GLU B 167 4.97 41.84 60.97
CA GLU B 167 5.42 41.87 62.36
C GLU B 167 5.89 40.49 62.80
N ALA B 168 6.89 40.48 63.69
CA ALA B 168 7.27 39.28 64.42
C ALA B 168 6.45 39.27 65.70
N VAL B 169 5.45 38.38 65.76
CA VAL B 169 4.41 38.47 66.78
C VAL B 169 4.76 37.58 67.96
N ASP B 170 4.71 38.16 69.16
CA ASP B 170 4.71 37.42 70.42
C ASP B 170 3.32 37.59 71.03
N PHE B 171 2.65 36.48 71.30
CA PHE B 171 1.26 36.51 71.76
C PHE B 171 1.04 35.35 72.72
N GLU B 172 0.43 35.64 73.86
CA GLU B 172 0.07 34.62 74.84
C GLU B 172 -1.33 34.94 75.38
N GLY B 173 -2.34 34.25 74.85
CA GLY B 173 -3.70 34.42 75.29
C GLY B 173 -4.20 33.23 76.09
N LYS B 174 -5.52 33.21 76.30
CA LYS B 174 -6.13 32.13 77.05
C LYS B 174 -6.05 30.80 76.32
N HIS B 175 -6.03 30.83 74.98
CA HIS B 175 -6.07 29.61 74.18
C HIS B 175 -4.83 29.45 73.31
N LEU B 176 -4.41 30.49 72.61
CA LEU B 176 -3.31 30.42 71.67
C LEU B 176 -2.10 31.16 72.21
N LYS B 177 -0.91 30.69 71.82
CA LYS B 177 0.33 31.30 72.26
C LYS B 177 1.38 31.06 71.18
N VAL B 178 1.94 32.15 70.66
CA VAL B 178 3.00 32.07 69.67
C VAL B 178 4.15 32.97 70.11
N GLN B 179 5.35 32.62 69.70
CA GLN B 179 6.56 33.36 70.05
C GLN B 179 7.43 33.46 68.82
N ASN B 180 7.67 34.68 68.35
CA ASN B 180 8.42 34.94 67.12
C ASN B 180 7.70 34.37 65.90
N ALA B 181 6.40 34.63 65.81
CA ALA B 181 5.59 34.19 64.69
C ALA B 181 5.79 35.16 63.53
N LYS B 182 6.30 34.65 62.41
CA LYS B 182 6.59 35.48 61.24
C LYS B 182 6.05 34.83 59.99
N ALA B 183 5.50 35.65 59.10
CA ALA B 183 5.10 35.24 57.75
C ALA B 183 6.07 35.94 56.79
N LEU B 184 7.05 35.19 56.28
CA LEU B 184 8.14 35.80 55.53
C LEU B 184 7.73 36.25 54.13
N TYR B 185 6.61 35.75 53.60
CA TYR B 185 6.19 36.14 52.26
C TYR B 185 4.97 37.04 52.34
N PRO B 186 5.09 38.32 51.99
CA PRO B 186 3.98 39.25 52.19
C PRO B 186 2.89 39.02 51.17
N PRO B 187 1.63 39.28 51.54
CA PRO B 187 0.52 39.09 50.61
C PRO B 187 0.47 40.20 49.58
N VAL B 188 -0.39 40.00 48.57
CA VAL B 188 -0.57 41.00 47.53
C VAL B 188 -1.54 42.09 47.98
N GLN B 189 -2.66 41.69 48.58
CA GLN B 189 -3.63 42.64 49.08
C GLN B 189 -3.17 43.15 50.45
N LYS B 190 -3.24 44.47 50.65
CA LYS B 190 -2.78 45.07 51.88
C LYS B 190 -3.96 45.56 52.70
N PRO B 191 -3.93 45.43 54.04
CA PRO B 191 -2.83 44.84 54.84
C PRO B 191 -2.86 43.32 54.82
N TYR B 192 -4.01 42.75 54.47
CA TYR B 192 -4.20 41.32 54.41
C TYR B 192 -5.43 41.04 53.56
N PRO B 193 -5.61 39.82 53.07
CA PRO B 193 -6.82 39.48 52.33
C PRO B 193 -8.06 39.82 53.12
N PRO B 194 -9.06 40.46 52.50
CA PRO B 194 -10.23 40.92 53.24
C PRO B 194 -10.91 39.79 54.00
N LEU B 195 -11.38 40.12 55.21
CA LEU B 195 -11.97 39.15 56.12
C LEU B 195 -13.49 39.24 56.02
N TYR B 196 -14.11 38.17 55.52
CA TYR B 196 -15.56 38.02 55.53
C TYR B 196 -15.94 37.12 56.70
N PHE B 197 -17.09 37.42 57.31
CA PHE B 197 -17.50 36.69 58.50
C PHE B 197 -19.01 36.74 58.63
N GLY B 198 -19.59 35.62 59.07
CA GLY B 198 -21.02 35.54 59.31
C GLY B 198 -21.31 35.00 60.69
N GLY B 199 -22.37 35.52 61.30
CA GLY B 199 -22.75 35.11 62.64
C GLY B 199 -23.88 35.95 63.18
N SER B 200 -24.70 35.38 64.08
CA SER B 200 -25.87 36.06 64.59
C SER B 200 -25.86 36.29 66.10
N SER B 201 -24.96 35.64 66.85
CA SER B 201 -24.92 35.85 68.29
C SER B 201 -24.32 37.21 68.60
N ASP B 202 -24.43 37.62 69.87
CA ASP B 202 -23.83 38.88 70.30
C ASP B 202 -22.32 38.82 70.22
N ALA B 203 -21.72 37.66 70.53
CA ALA B 203 -20.28 37.51 70.39
C ALA B 203 -19.84 37.64 68.95
N ALA B 204 -20.65 37.17 68.00
CA ALA B 204 -20.31 37.30 66.59
C ALA B 204 -20.39 38.76 66.14
N HIS B 205 -21.45 39.47 66.55
CA HIS B 205 -21.57 40.87 66.18
C HIS B 205 -20.46 41.72 66.79
N ASP B 206 -20.02 41.38 68.00
CA ASP B 206 -18.87 42.06 68.59
C ASP B 206 -17.60 41.75 67.82
N LEU B 207 -17.37 40.48 67.51
CA LEU B 207 -16.18 40.09 66.75
C LEU B 207 -16.19 40.74 65.37
N ALA B 208 -17.34 40.75 64.71
CA ALA B 208 -17.44 41.35 63.38
C ALA B 208 -17.13 42.84 63.44
N ALA B 209 -17.70 43.54 64.42
CA ALA B 209 -17.48 44.99 64.52
C ALA B 209 -16.04 45.35 64.84
N GLU B 210 -15.28 44.43 65.43
CA GLU B 210 -13.93 44.75 65.86
C GLU B 210 -12.85 44.37 64.84
N GLN B 211 -13.03 43.27 64.10
CA GLN B 211 -11.92 42.77 63.32
C GLN B 211 -12.21 42.58 61.84
N VAL B 212 -13.43 42.17 61.48
CA VAL B 212 -13.70 41.74 60.11
C VAL B 212 -13.92 42.94 59.20
N ASP B 213 -13.90 42.71 57.89
CA ASP B 213 -14.14 43.74 56.89
C ASP B 213 -15.53 43.68 56.28
N VAL B 214 -16.10 42.48 56.14
CA VAL B 214 -17.44 42.30 55.59
C VAL B 214 -18.21 41.37 56.50
N TYR B 215 -19.41 41.80 56.89
CA TYR B 215 -20.31 40.98 57.71
C TYR B 215 -21.35 40.35 56.81
N LEU B 216 -21.53 39.03 56.94
CA LEU B 216 -22.43 38.27 56.09
C LEU B 216 -23.65 37.84 56.87
N THR B 217 -24.81 37.86 56.22
CA THR B 217 -26.07 37.44 56.80
C THR B 217 -26.81 36.55 55.82
N TRP B 218 -27.70 35.72 56.37
CA TRP B 218 -28.51 34.85 55.54
C TRP B 218 -29.67 35.64 54.92
N GLY B 219 -30.38 35.00 54.00
CA GLY B 219 -31.43 35.68 53.26
C GLY B 219 -32.72 35.82 54.03
N GLU B 220 -32.72 36.65 55.07
CA GLU B 220 -33.92 36.94 55.83
C GLU B 220 -34.74 38.02 55.13
N PRO B 221 -36.00 38.19 55.53
CA PRO B 221 -36.80 39.27 54.96
C PRO B 221 -36.16 40.61 55.25
N PRO B 222 -36.39 41.62 54.41
CA PRO B 222 -35.62 42.88 54.52
C PRO B 222 -35.71 43.54 55.89
N ALA B 223 -36.83 43.42 56.60
CA ALA B 223 -36.94 44.05 57.91
C ALA B 223 -35.98 43.40 58.91
N ALA B 224 -35.84 42.08 58.85
CA ALA B 224 -34.97 41.38 59.78
C ALA B 224 -33.50 41.66 59.48
N VAL B 225 -33.13 41.79 58.21
CA VAL B 225 -31.75 42.10 57.87
C VAL B 225 -31.38 43.50 58.32
N ALA B 226 -32.32 44.45 58.20
CA ALA B 226 -32.03 45.83 58.58
C ALA B 226 -31.70 45.95 60.07
N GLU B 227 -32.37 45.17 60.91
CA GLU B 227 -32.10 45.25 62.35
C GLU B 227 -30.75 44.61 62.69
N LYS B 228 -30.40 43.52 62.02
CA LYS B 228 -29.09 42.90 62.25
C LYS B 228 -27.97 43.82 61.76
N LEU B 229 -28.17 44.46 60.62
CA LEU B 229 -27.17 45.40 60.11
C LEU B 229 -27.03 46.60 61.04
N ALA B 230 -28.14 47.10 61.57
CA ALA B 230 -28.09 48.24 62.47
C ALA B 230 -27.33 47.90 63.75
N ASP B 231 -27.44 46.66 64.23
CA ASP B 231 -26.71 46.26 65.43
C ASP B 231 -25.20 46.24 65.18
N VAL B 232 -24.78 45.63 64.06
CA VAL B 232 -23.36 45.57 63.75
C VAL B 232 -22.82 46.96 63.44
N ARG B 233 -23.59 47.76 62.71
CA ARG B 233 -23.16 49.12 62.38
C ARG B 233 -23.03 50.00 63.62
N GLU B 234 -23.88 49.77 64.63
CA GLU B 234 -23.77 50.52 65.88
C GLU B 234 -22.49 50.15 66.64
N ARG B 235 -22.22 48.86 66.78
CA ARG B 235 -21.03 48.40 67.49
C ARG B 235 -19.74 48.80 66.77
N ALA B 236 -19.75 48.82 65.43
CA ALA B 236 -18.56 49.20 64.69
C ALA B 236 -18.19 50.67 64.92
N ALA B 237 -19.18 51.53 65.12
CA ALA B 237 -18.89 52.94 65.37
C ALA B 237 -18.16 53.13 66.69
N ARG B 238 -18.50 52.35 67.72
CA ARG B 238 -17.81 52.43 68.99
C ARG B 238 -16.36 52.03 68.91
N HIS B 239 -15.98 51.24 67.90
CA HIS B 239 -14.59 50.87 67.68
C HIS B 239 -13.93 51.72 66.60
N GLY B 240 -14.56 52.79 66.16
CA GLY B 240 -13.99 53.64 65.14
C GLY B 240 -13.83 52.97 63.80
N ARG B 241 -14.70 52.02 63.48
CA ARG B 241 -14.62 51.28 62.22
C ARG B 241 -15.98 51.29 61.54
N LYS B 242 -15.96 50.93 60.26
CA LYS B 242 -17.16 50.74 59.46
C LYS B 242 -17.02 49.41 58.74
N VAL B 243 -18.05 48.58 58.81
CA VAL B 243 -18.04 47.26 58.20
C VAL B 243 -18.97 47.27 56.99
N LYS B 244 -18.57 46.58 55.94
CA LYS B 244 -19.44 46.38 54.79
C LYS B 244 -20.28 45.12 55.03
N PHE B 245 -21.35 44.99 54.25
CA PHE B 245 -22.33 43.94 54.50
C PHE B 245 -22.57 43.14 53.23
N GLY B 246 -22.87 41.86 53.43
CA GLY B 246 -23.19 40.98 52.33
C GLY B 246 -24.25 39.98 52.75
N ILE B 247 -24.98 39.48 51.75
CA ILE B 247 -26.08 38.55 51.98
C ILE B 247 -25.90 37.33 51.09
N ARG B 248 -26.32 36.18 51.61
CA ARG B 248 -26.23 34.90 50.90
C ARG B 248 -27.65 34.45 50.55
N LEU B 249 -27.89 34.20 49.27
CA LEU B 249 -29.23 33.90 48.81
C LEU B 249 -29.19 32.94 47.62
N HIS B 250 -30.03 31.91 47.66
CA HIS B 250 -30.29 31.13 46.48
CA HIS B 250 -30.29 31.13 46.48
C HIS B 250 -31.16 31.94 45.52
N VAL B 251 -31.12 31.57 44.23
CA VAL B 251 -31.87 32.30 43.22
C VAL B 251 -32.45 31.35 42.19
N ILE B 252 -33.75 31.47 41.94
CA ILE B 252 -34.44 30.73 40.88
C ILE B 252 -35.13 31.78 40.01
N VAL B 253 -34.41 32.31 39.03
CA VAL B 253 -34.93 33.36 38.15
C VAL B 253 -35.17 32.77 36.77
N ARG B 254 -36.36 33.01 36.22
CA ARG B 254 -36.70 32.63 34.86
C ARG B 254 -37.22 33.87 34.14
N GLU B 255 -37.56 33.71 32.86
CA GLU B 255 -38.01 34.85 32.06
C GLU B 255 -39.37 35.35 32.53
N THR B 256 -40.23 34.45 33.01
CA THR B 256 -41.53 34.82 33.55
C THR B 256 -41.66 34.28 34.97
N ALA B 257 -42.53 34.93 35.74
CA ALA B 257 -42.74 34.52 37.13
C ALA B 257 -43.36 33.13 37.22
N GLU B 258 -44.15 32.72 36.21
CA GLU B 258 -44.78 31.41 36.25
C GLU B 258 -43.76 30.29 36.11
N GLU B 259 -42.78 30.46 35.22
CA GLU B 259 -41.75 29.45 35.05
C GLU B 259 -40.86 29.34 36.29
N ALA B 260 -40.60 30.48 36.95
CA ALA B 260 -39.76 30.46 38.14
C ALA B 260 -40.39 29.66 39.26
N TRP B 261 -41.67 29.92 39.56
CA TRP B 261 -42.34 29.16 40.61
C TRP B 261 -42.58 27.72 40.21
N LYS B 262 -42.71 27.45 38.90
CA LYS B 262 -42.80 26.06 38.45
C LYS B 262 -41.48 25.33 38.66
N ALA B 263 -40.35 26.02 38.46
CA ALA B 263 -39.05 25.40 38.71
C ALA B 263 -38.79 25.23 40.20
N ALA B 264 -39.28 26.15 41.03
CA ALA B 264 -39.12 26.01 42.47
C ALA B 264 -39.90 24.82 43.00
N ASP B 265 -41.13 24.64 42.53
CA ASP B 265 -41.90 23.45 42.90
C ASP B 265 -41.23 22.18 42.41
N LYS B 266 -40.63 22.24 41.23
CA LYS B 266 -39.96 21.06 40.68
C LYS B 266 -38.70 20.72 41.47
N LEU B 267 -38.09 21.72 42.11
CA LEU B 267 -36.86 21.48 42.86
C LEU B 267 -37.10 20.63 44.10
N ILE B 268 -38.30 20.71 44.68
CA ILE B 268 -38.60 20.03 45.93
C ILE B 268 -39.73 19.01 45.78
N GLU B 269 -39.98 18.55 44.56
CA GLU B 269 -41.08 17.62 44.33
C GLU B 269 -40.82 16.24 44.95
N HIS B 270 -39.56 15.93 45.24
CA HIS B 270 -39.22 14.64 45.82
C HIS B 270 -39.01 14.78 47.32
N ASN B 304 -47.29 26.42 52.81
CA ASN B 304 -46.80 27.79 52.69
C ASN B 304 -45.28 27.83 52.83
N LEU B 305 -44.61 28.42 51.84
CA LEU B 305 -43.16 28.56 51.86
C LEU B 305 -42.65 29.94 51.46
N GLU B 306 -43.48 30.77 50.82
CA GLU B 306 -43.08 32.12 50.43
C GLU B 306 -43.19 33.01 51.67
N ILE B 307 -42.07 33.13 52.40
CA ILE B 307 -42.06 33.88 53.66
C ILE B 307 -42.04 35.40 53.46
N ALA B 308 -41.91 35.87 52.23
CA ALA B 308 -41.84 37.29 51.93
C ALA B 308 -42.02 37.46 50.43
N PRO B 309 -42.40 38.67 49.97
CA PRO B 309 -42.55 38.90 48.52
C PRO B 309 -41.35 38.44 47.71
N ASN B 310 -41.52 37.37 46.95
CA ASN B 310 -40.49 36.77 46.12
C ASN B 310 -39.34 36.16 46.92
N LEU B 311 -39.58 35.88 48.20
CA LEU B 311 -38.58 35.23 49.06
C LEU B 311 -39.15 33.87 49.47
N TRP B 312 -38.56 32.80 48.93
CA TRP B 312 -39.06 31.45 49.06
C TRP B 312 -38.11 30.64 49.94
N ALA B 313 -38.66 30.01 50.98
CA ALA B 313 -37.87 29.27 51.95
C ALA B 313 -37.87 27.77 51.69
N GLY B 314 -38.04 27.36 50.44
CA GLY B 314 -38.06 25.94 50.13
C GLY B 314 -36.70 25.29 50.12
N VAL B 315 -35.64 26.07 49.87
CA VAL B 315 -34.30 25.49 49.86
C VAL B 315 -33.88 25.09 51.27
N GLY B 316 -34.43 25.75 52.29
CA GLY B 316 -34.13 25.44 53.68
C GLY B 316 -34.74 24.16 54.19
N LEU B 317 -35.50 23.44 53.36
CA LEU B 317 -36.11 22.19 53.80
C LEU B 317 -35.05 21.13 54.07
N VAL B 318 -33.93 21.18 53.35
CA VAL B 318 -32.82 20.26 53.51
C VAL B 318 -31.56 21.07 53.75
N ARG B 319 -30.49 20.38 54.16
CA ARG B 319 -29.26 21.03 54.56
C ARG B 319 -28.43 21.33 53.31
N GLY B 320 -28.73 22.48 52.70
CA GLY B 320 -28.03 22.89 51.49
C GLY B 320 -27.13 24.09 51.69
N GLY B 321 -27.02 24.94 50.67
CA GLY B 321 -26.17 26.11 50.79
C GLY B 321 -26.76 27.17 51.70
N SER B 322 -28.04 27.49 51.51
CA SER B 322 -28.73 28.46 52.34
C SER B 322 -30.10 27.95 52.75
N GLY B 323 -31.06 28.85 52.93
CA GLY B 323 -32.38 28.43 53.38
C GLY B 323 -33.50 29.23 52.78
N THR B 324 -33.16 30.32 52.10
CA THR B 324 -34.14 31.16 51.41
C THR B 324 -33.67 31.38 49.97
N ALA B 325 -34.62 31.73 49.11
CA ALA B 325 -34.31 31.92 47.70
C ALA B 325 -35.18 33.03 47.14
N LEU B 326 -34.61 33.81 46.22
CA LEU B 326 -35.35 34.80 45.45
C LEU B 326 -35.90 34.13 44.20
N VAL B 327 -37.23 34.07 44.09
CA VAL B 327 -37.90 33.38 42.99
C VAL B 327 -38.78 34.40 42.26
N GLY B 328 -38.58 34.52 40.96
CA GLY B 328 -39.39 35.42 40.16
C GLY B 328 -38.71 35.73 38.83
N ASP B 329 -39.32 36.65 38.11
CA ASP B 329 -38.80 37.12 36.83
C ASP B 329 -37.63 38.07 37.06
N PRO B 330 -36.90 38.45 35.99
CA PRO B 330 -35.74 39.33 36.19
C PRO B 330 -36.06 40.64 36.86
N GLN B 331 -37.24 41.22 36.61
CA GLN B 331 -37.59 42.49 37.24
C GLN B 331 -37.87 42.31 38.72
N GLN B 332 -38.53 41.20 39.09
CA GLN B 332 -38.82 40.93 40.49
C GLN B 332 -37.55 40.65 41.29
N VAL B 333 -36.62 39.90 40.70
CA VAL B 333 -35.37 39.58 41.40
C VAL B 333 -34.53 40.83 41.60
N ALA B 334 -34.41 41.66 40.56
CA ALA B 334 -33.65 42.90 40.69
C ALA B 334 -34.29 43.85 41.69
N ALA B 335 -35.60 43.78 41.86
CA ALA B 335 -36.27 44.64 42.84
C ALA B 335 -35.91 44.24 44.26
N ARG B 336 -35.92 42.94 44.56
CA ARG B 336 -35.50 42.48 45.88
C ARG B 336 -34.03 42.77 46.14
N ILE B 337 -33.19 42.70 45.11
CA ILE B 337 -31.77 43.03 45.28
C ILE B 337 -31.60 44.51 45.59
N LYS B 338 -32.34 45.38 44.90
CA LYS B 338 -32.26 46.80 45.19
C LYS B 338 -32.77 47.12 46.60
N GLU B 339 -33.73 46.33 47.10
CA GLU B 339 -34.19 46.51 48.48
C GLU B 339 -33.06 46.23 49.46
N TYR B 340 -32.41 45.07 49.33
CA TYR B 340 -31.30 44.73 50.21
C TYR B 340 -30.15 45.72 50.06
N ALA B 341 -29.92 46.21 48.84
CA ALA B 341 -28.84 47.16 48.62
C ALA B 341 -29.10 48.49 49.31
N ASP B 342 -30.37 48.91 49.42
CA ASP B 342 -30.69 50.14 50.11
C ASP B 342 -30.42 50.08 51.61
N LEU B 343 -30.38 48.87 52.18
CA LEU B 343 -30.08 48.72 53.60
C LEU B 343 -28.59 48.77 53.91
N GLY B 344 -27.73 48.79 52.90
CA GLY B 344 -26.30 48.80 53.09
C GLY B 344 -25.58 47.53 52.65
N ILE B 345 -26.29 46.58 52.05
CA ILE B 345 -25.67 45.35 51.59
C ILE B 345 -24.98 45.61 50.26
N GLU B 346 -23.69 45.34 50.20
CA GLU B 346 -22.91 45.55 48.98
C GLU B 346 -22.45 44.26 48.32
N SER B 347 -22.38 43.17 49.06
CA SER B 347 -21.98 41.87 48.50
C SER B 347 -23.20 40.96 48.44
N PHE B 348 -23.33 40.25 47.32
CA PHE B 348 -24.43 39.32 47.11
C PHE B 348 -23.85 37.99 46.66
N ILE B 349 -24.08 36.95 47.45
CA ILE B 349 -23.54 35.61 47.18
C ILE B 349 -24.72 34.74 46.77
N PHE B 350 -24.83 34.46 45.47
CA PHE B 350 -25.93 33.71 44.92
C PHE B 350 -25.53 32.28 44.59
N SER B 351 -26.55 31.43 44.39
CA SER B 351 -26.35 30.06 43.98
C SER B 351 -27.63 29.56 43.34
N GLY B 352 -27.50 28.48 42.56
CA GLY B 352 -28.64 27.88 41.88
C GLY B 352 -28.34 26.42 41.58
N TYR B 353 -29.39 25.70 41.20
CA TYR B 353 -29.28 24.28 40.89
C TYR B 353 -29.70 24.01 39.46
N PRO B 354 -28.81 23.44 38.62
CA PRO B 354 -27.42 23.20 38.99
C PRO B 354 -26.59 24.48 38.87
N HIS B 355 -25.41 24.50 39.51
CA HIS B 355 -24.69 25.76 39.66
C HIS B 355 -24.10 26.26 38.34
N LEU B 356 -23.73 25.35 37.43
CA LEU B 356 -23.19 25.77 36.15
C LEU B 356 -24.25 26.45 35.30
N GLU B 357 -25.36 25.76 35.06
CA GLU B 357 -26.43 26.32 34.24
C GLU B 357 -27.00 27.59 34.85
N GLU B 358 -27.19 27.60 36.17
CA GLU B 358 -27.80 28.76 36.82
C GLU B 358 -26.85 29.95 36.91
N ALA B 359 -25.54 29.71 36.85
CA ALA B 359 -24.59 30.83 36.78
C ALA B 359 -24.78 31.61 35.48
N TYR B 360 -25.03 30.91 34.38
CA TYR B 360 -25.33 31.58 33.12
C TYR B 360 -26.70 32.24 33.15
N ARG B 361 -27.69 31.59 33.76
CA ARG B 361 -29.05 32.10 33.74
C ARG B 361 -29.16 33.42 34.49
N PHE B 362 -28.53 33.50 35.67
CA PHE B 362 -28.56 34.75 36.45
C PHE B 362 -27.78 35.84 35.74
N ALA B 363 -26.62 35.50 35.18
CA ALA B 363 -25.77 36.50 34.55
C ALA B 363 -26.35 37.05 33.26
N GLU B 364 -27.24 36.32 32.60
CA GLU B 364 -27.83 36.78 31.35
C GLU B 364 -29.19 37.45 31.53
N LEU B 365 -29.90 37.15 32.62
CA LEU B 365 -31.22 37.73 32.86
C LEU B 365 -31.20 38.89 33.85
N VAL B 366 -30.27 38.89 34.81
CA VAL B 366 -30.28 39.84 35.91
C VAL B 366 -29.18 40.88 35.78
N PHE B 367 -28.00 40.48 35.27
CA PHE B 367 -26.89 41.41 35.14
C PHE B 367 -27.23 42.72 34.43
N PRO B 368 -27.96 42.73 33.30
CA PRO B 368 -28.30 44.02 32.68
C PRO B 368 -29.18 44.91 33.54
N LEU B 369 -29.86 44.35 34.55
CA LEU B 369 -30.69 45.13 35.45
C LEU B 369 -29.95 45.59 36.70
N LEU B 370 -28.69 45.20 36.86
CA LEU B 370 -27.89 45.55 38.02
C LEU B 370 -27.01 46.76 37.72
N PRO B 371 -26.47 47.41 38.75
CA PRO B 371 -25.53 48.52 38.52
C PRO B 371 -24.27 48.05 37.81
N GLU B 372 -23.45 49.03 37.44
CA GLU B 372 -22.19 48.74 36.80
C GLU B 372 -21.25 48.04 37.79
N PRO B 373 -20.32 47.21 37.30
CA PRO B 373 -20.03 46.91 35.89
C PRO B 373 -20.90 45.80 35.31
N TYR B 374 -21.87 45.32 36.10
CA TYR B 374 -22.68 44.20 35.66
C TYR B 374 -23.64 44.60 34.54
N ALA B 375 -24.01 45.88 34.46
CA ALA B 375 -24.88 46.33 33.39
C ALA B 375 -24.17 46.30 32.04
N SER B 376 -22.86 46.52 32.01
CA SER B 376 -22.09 46.55 30.79
C SER B 376 -21.45 45.22 30.45
N LEU B 377 -21.57 44.20 31.31
CA LEU B 377 -20.97 42.90 31.02
C LEU B 377 -21.79 42.12 30.00
N ALA B 378 -23.10 42.37 29.92
CA ALA B 378 -23.96 41.66 28.98
C ALA B 378 -23.61 42.08 27.55
N GLY B 379 -22.93 41.20 26.82
CA GLY B 379 -22.53 41.49 25.46
C GLY B 379 -21.10 41.95 25.32
N LEU B 385 -14.83 42.12 21.33
CA LEU B 385 -15.18 41.37 20.12
C LEU B 385 -16.51 41.87 19.54
N THR B 386 -16.54 42.03 18.22
CA THR B 386 -17.75 42.45 17.54
C THR B 386 -18.12 41.46 16.45
N GLY B 387 -18.75 41.95 15.38
CA GLY B 387 -19.14 41.10 14.28
C GLY B 387 -20.52 40.50 14.48
N PRO B 388 -20.69 39.25 14.02
CA PRO B 388 -22.00 38.61 14.16
C PRO B 388 -22.35 38.33 15.62
N PHE B 389 -23.65 38.27 15.89
CA PHE B 389 -24.17 37.99 17.22
C PHE B 389 -25.25 36.91 17.07
N GLY B 390 -24.95 35.72 17.54
CA GLY B 390 -25.84 34.60 17.33
C GLY B 390 -25.46 33.79 16.10
N GLU B 391 -26.31 32.81 15.79
CA GLU B 391 -26.04 31.92 14.67
C GLU B 391 -26.35 32.62 13.36
N MET B 392 -25.37 32.62 12.45
CA MET B 392 -25.52 33.26 11.14
C MET B 392 -26.62 32.59 10.32
N ASN B 395 -25.33 31.72 5.65
CA ASN B 395 -23.92 31.99 5.88
C ASN B 395 -23.52 33.35 5.30
N ASP B 396 -24.51 34.21 5.07
CA ASP B 396 -24.24 35.51 4.46
C ASP B 396 -24.99 36.64 5.17
N VAL B 397 -26.21 36.38 5.61
CA VAL B 397 -27.04 37.37 6.29
C VAL B 397 -26.78 37.29 7.79
N LEU B 398 -26.40 38.42 8.39
CA LEU B 398 -26.09 38.49 9.81
C LEU B 398 -27.37 38.61 10.63
N PRO B 399 -27.37 38.07 11.85
CA PRO B 399 -28.56 38.19 12.71
C PRO B 399 -28.75 39.62 13.18
N ALA B 400 -29.96 40.13 13.03
CA ALA B 400 -30.28 41.50 13.43
C ALA B 400 -31.64 41.56 14.13
N SER C 23 -21.02 -0.76 17.86
CA SER C 23 -20.16 0.40 17.96
C SER C 23 -20.93 1.69 17.70
N MET C 24 -20.64 2.74 18.48
CA MET C 24 -21.31 4.02 18.32
C MET C 24 -20.42 5.12 18.87
N ASP C 25 -20.27 6.18 18.11
CA ASP C 25 -19.53 7.37 18.51
C ASP C 25 -20.49 8.55 18.49
N VAL C 26 -20.66 9.19 19.65
CA VAL C 26 -21.57 10.31 19.80
C VAL C 26 -20.73 11.59 19.88
N PHE C 27 -20.97 12.50 18.93
CA PHE C 27 -20.27 13.77 18.87
C PHE C 27 -21.18 14.89 19.37
N TRP C 28 -20.55 15.98 19.79
CA TRP C 28 -21.24 17.23 20.03
C TRP C 28 -20.78 18.25 18.98
N PHE C 29 -21.12 19.52 19.20
CA PHE C 29 -20.93 20.53 18.17
C PHE C 29 -20.41 21.80 18.82
N LEU C 30 -19.39 22.40 18.22
CA LEU C 30 -18.87 23.69 18.67
C LEU C 30 -19.55 24.79 17.86
N PRO C 31 -20.31 25.68 18.48
CA PRO C 31 -21.07 26.68 17.73
C PRO C 31 -20.22 27.86 17.28
N THR C 32 -19.34 27.62 16.30
CA THR C 32 -18.48 28.70 15.82
C THR C 32 -19.22 29.71 14.96
N HIS C 33 -20.49 29.44 14.62
CA HIS C 33 -21.32 30.48 13.98
C HIS C 33 -21.89 31.45 15.00
N GLY C 34 -21.96 31.05 16.27
CA GLY C 34 -22.66 31.83 17.27
C GLY C 34 -23.64 30.95 18.01
N ASP C 35 -24.04 31.34 19.22
CA ASP C 35 -24.94 30.52 20.03
C ASP C 35 -25.97 31.42 20.69
N GLY C 36 -27.01 30.79 21.23
CA GLY C 36 -28.06 31.53 21.90
C GLY C 36 -29.20 30.61 22.27
N HIS C 37 -30.25 31.22 22.81
CA HIS C 37 -31.46 30.50 23.20
C HIS C 37 -32.52 30.47 22.12
N TYR C 38 -32.47 31.41 21.17
CA TYR C 38 -33.49 31.53 20.14
C TYR C 38 -32.82 31.71 18.78
N LEU C 39 -33.53 31.26 17.74
CA LEU C 39 -33.05 31.37 16.37
C LEU C 39 -33.60 32.62 15.69
N GLY C 40 -32.84 33.11 14.71
CA GLY C 40 -33.25 34.28 13.93
C GLY C 40 -32.98 35.62 14.55
N THR C 41 -33.37 35.80 15.81
CA THR C 41 -33.20 37.06 16.52
C THR C 41 -31.90 37.08 17.32
N THR C 42 -31.48 38.27 17.70
CA THR C 42 -30.35 38.45 18.60
C THR C 42 -30.75 38.39 20.07
N GLN C 43 -32.04 38.20 20.34
CA GLN C 43 -32.53 38.10 21.72
C GLN C 43 -32.02 36.82 22.36
N GLY C 44 -31.44 36.95 23.55
CA GLY C 44 -30.90 35.79 24.23
C GLY C 44 -29.67 35.19 23.58
N ALA C 45 -29.01 35.94 22.71
CA ALA C 45 -27.81 35.45 22.04
C ALA C 45 -26.63 35.37 23.02
N ARG C 46 -25.65 34.55 22.65
CA ARG C 46 -24.46 34.34 23.47
C ARG C 46 -23.26 34.50 22.55
N PRO C 47 -22.36 35.46 22.81
CA PRO C 47 -21.23 35.66 21.90
C PRO C 47 -20.23 34.52 22.05
N VAL C 48 -19.66 34.11 20.92
CA VAL C 48 -18.69 33.02 20.89
C VAL C 48 -17.30 33.57 21.16
N THR C 49 -16.79 33.32 22.35
CA THR C 49 -15.47 33.76 22.77
C THR C 49 -14.60 32.55 23.04
N LEU C 50 -13.30 32.79 23.21
CA LEU C 50 -12.38 31.72 23.58
C LEU C 50 -12.83 31.06 24.88
N ASN C 51 -13.30 31.86 25.84
CA ASN C 51 -13.73 31.31 27.12
C ASN C 51 -14.95 30.41 26.97
N TYR C 52 -15.90 30.82 26.12
CA TYR C 52 -17.11 30.01 25.94
C TYR C 52 -16.81 28.75 25.14
N LEU C 53 -15.94 28.84 24.14
CA LEU C 53 -15.54 27.64 23.40
C LEU C 53 -14.79 26.67 24.31
N LYS C 54 -13.95 27.18 25.21
CA LYS C 54 -13.34 26.34 26.23
C LYS C 54 -14.41 25.65 27.08
N GLN C 55 -15.47 26.38 27.42
CA GLN C 55 -16.53 25.81 28.25
C GLN C 55 -17.20 24.64 27.56
N VAL C 56 -17.56 24.80 26.28
CA VAL C 56 -18.27 23.73 25.57
C VAL C 56 -17.34 22.56 25.29
N ALA C 57 -16.10 22.84 24.86
CA ALA C 57 -15.18 21.77 24.54
C ALA C 57 -14.81 20.96 25.79
N GLN C 58 -14.49 21.65 26.88
CA GLN C 58 -14.17 20.95 28.13
C GLN C 58 -15.38 20.23 28.70
N ALA C 59 -16.58 20.70 28.39
CA ALA C 59 -17.79 19.98 28.82
C ALA C 59 -17.91 18.64 28.09
N ALA C 60 -17.83 18.67 26.75
CA ALA C 60 -17.91 17.44 25.98
C ALA C 60 -16.76 16.50 26.31
N ASP C 61 -15.59 17.04 26.65
CA ASP C 61 -14.45 16.21 27.01
C ASP C 61 -14.73 15.42 28.29
N SER C 62 -15.19 16.11 29.33
CA SER C 62 -15.41 15.47 30.62
C SER C 62 -16.71 14.66 30.66
N LEU C 63 -17.72 15.06 29.89
CA LEU C 63 -18.97 14.31 29.86
C LEU C 63 -18.84 12.97 29.15
N GLY C 64 -17.82 12.81 28.32
CA GLY C 64 -17.56 11.54 27.67
C GLY C 64 -17.95 11.45 26.21
N TYR C 65 -18.23 12.58 25.56
CA TYR C 65 -18.50 12.57 24.13
C TYR C 65 -17.26 12.10 23.37
N HIS C 66 -17.52 11.43 22.23
CA HIS C 66 -16.41 10.96 21.41
C HIS C 66 -15.62 12.11 20.81
N GLY C 67 -16.31 13.15 20.35
CA GLY C 67 -15.64 14.30 19.79
C GLY C 67 -16.61 15.44 19.58
N VAL C 68 -16.11 16.48 18.92
CA VAL C 68 -16.93 17.62 18.53
C VAL C 68 -16.68 17.92 17.05
N LEU C 69 -17.76 18.25 16.34
CA LEU C 69 -17.65 18.73 14.97
C LEU C 69 -17.45 20.24 14.99
N ILE C 70 -16.50 20.72 14.19
CA ILE C 70 -16.24 22.14 14.08
C ILE C 70 -16.56 22.59 12.65
N PRO C 71 -17.58 23.41 12.45
CA PRO C 71 -17.94 23.81 11.09
C PRO C 71 -16.92 24.78 10.52
N THR C 72 -16.97 24.94 9.20
CA THR C 72 -16.09 25.85 8.49
C THR C 72 -16.92 26.68 7.51
N GLY C 73 -16.33 27.79 7.05
CA GLY C 73 -17.02 28.64 6.11
C GLY C 73 -16.89 30.12 6.42
N ARG C 74 -17.53 30.95 5.59
CA ARG C 74 -17.44 32.39 5.77
C ARG C 74 -18.17 32.84 7.04
N SER C 75 -19.17 32.08 7.47
CA SER C 75 -19.96 32.41 8.65
C SER C 75 -19.35 31.89 9.94
N CYS C 76 -18.14 31.32 9.89
CA CYS C 76 -17.50 30.74 11.06
C CYS C 76 -16.17 31.41 11.33
N GLU C 77 -15.73 31.32 12.58
CA GLU C 77 -14.32 31.50 12.87
C GLU C 77 -13.55 30.32 12.28
N ASP C 78 -12.25 30.53 12.07
CA ASP C 78 -11.45 29.50 11.42
C ASP C 78 -11.42 28.22 12.25
N SER C 79 -11.66 27.08 11.60
CA SER C 79 -11.76 25.82 12.31
C SER C 79 -10.40 25.36 12.84
N TRP C 80 -9.32 25.64 12.10
CA TRP C 80 -8.00 25.16 12.51
C TRP C 80 -7.47 25.93 13.71
N VAL C 81 -7.74 27.24 13.77
CA VAL C 81 -7.29 28.03 14.92
C VAL C 81 -8.01 27.60 16.19
N ILE C 82 -9.33 27.38 16.10
CA ILE C 82 -10.11 27.01 17.27
C ILE C 82 -9.73 25.61 17.77
N ALA C 83 -9.67 24.65 16.85
CA ALA C 83 -9.36 23.28 17.25
C ALA C 83 -7.97 23.18 17.89
N SER C 84 -6.99 23.86 17.30
CA SER C 84 -5.64 23.82 17.85
C SER C 84 -5.59 24.47 19.23
N ALA C 85 -6.38 25.52 19.45
CA ALA C 85 -6.37 26.21 20.73
C ALA C 85 -7.00 25.38 21.83
N LEU C 86 -8.00 24.56 21.50
CA LEU C 86 -8.70 23.77 22.50
C LEU C 86 -8.05 22.41 22.75
N VAL C 87 -7.15 21.97 21.88
CA VAL C 87 -6.50 20.67 22.07
C VAL C 87 -5.72 20.58 23.37
N PRO C 88 -4.83 21.52 23.72
CA PRO C 88 -4.10 21.39 24.99
C PRO C 88 -4.97 21.55 26.22
N LEU C 89 -6.22 21.97 26.08
CA LEU C 89 -7.13 22.17 27.19
C LEU C 89 -8.08 21.00 27.39
N THR C 90 -7.87 19.90 26.66
CA THR C 90 -8.70 18.71 26.77
C THR C 90 -7.80 17.49 26.71
N GLU C 91 -8.30 16.38 27.26
CA GLU C 91 -7.53 15.15 27.38
C GLU C 91 -7.95 14.07 26.40
N ARG C 92 -9.24 13.76 26.34
CA ARG C 92 -9.76 12.64 25.56
C ARG C 92 -10.56 13.06 24.34
N LEU C 93 -11.13 14.26 24.34
CA LEU C 93 -12.05 14.68 23.28
C LEU C 93 -11.33 14.75 21.93
N ARG C 94 -12.00 14.27 20.91
CA ARG C 94 -11.50 14.35 19.54
C ARG C 94 -12.13 15.54 18.81
N TYR C 95 -11.46 15.99 17.76
CA TYR C 95 -11.87 17.19 17.04
C TYR C 95 -12.05 16.87 15.57
N LEU C 96 -13.27 17.03 15.08
CA LEU C 96 -13.58 16.82 13.66
C LEU C 96 -13.42 18.16 12.96
N VAL C 97 -12.22 18.41 12.44
CA VAL C 97 -11.88 19.67 11.81
C VAL C 97 -12.10 19.56 10.31
N ALA C 98 -12.58 20.64 9.70
CA ALA C 98 -12.92 20.65 8.28
C ALA C 98 -11.77 21.19 7.46
N ILE C 99 -11.45 20.51 6.36
CA ILE C 99 -10.54 21.02 5.35
C ILE C 99 -11.35 21.31 4.10
N ARG C 100 -10.88 22.27 3.31
CA ARG C 100 -11.57 22.67 2.08
C ARG C 100 -10.59 22.63 0.92
N PRO C 101 -10.62 21.58 0.10
CA PRO C 101 -9.77 21.56 -1.09
C PRO C 101 -10.14 22.69 -2.03
N GLY C 102 -9.12 23.20 -2.74
CA GLY C 102 -9.29 24.28 -3.67
C GLY C 102 -8.89 25.65 -3.13
N ILE C 103 -8.83 25.82 -1.82
CA ILE C 103 -8.45 27.08 -1.21
C ILE C 103 -7.15 27.00 -0.41
N ILE C 104 -6.54 25.82 -0.33
CA ILE C 104 -5.27 25.66 0.36
C ILE C 104 -4.49 24.54 -0.33
N SER C 105 -3.17 24.65 -0.29
CA SER C 105 -2.33 23.64 -0.91
C SER C 105 -2.54 22.29 -0.23
N PRO C 106 -2.58 21.19 -0.99
CA PRO C 106 -2.73 19.88 -0.35
C PRO C 106 -1.54 19.51 0.52
N THR C 107 -0.33 19.88 0.11
CA THR C 107 0.85 19.60 0.92
C THR C 107 0.79 20.35 2.24
N VAL C 108 0.42 21.64 2.19
CA VAL C 108 0.32 22.44 3.40
C VAL C 108 -0.79 21.93 4.30
N SER C 109 -1.94 21.57 3.71
CA SER C 109 -3.05 21.04 4.50
C SER C 109 -2.64 19.76 5.24
N ALA C 110 -1.82 18.93 4.59
CA ALA C 110 -1.36 17.70 5.23
C ALA C 110 -0.44 18.00 6.41
N ARG C 111 0.46 18.97 6.25
CA ARG C 111 1.35 19.32 7.35
C ARG C 111 0.58 19.87 8.54
N MET C 112 -0.47 20.66 8.28
CA MET C 112 -1.31 21.15 9.36
C MET C 112 -1.99 20.00 10.09
N ALA C 113 -2.54 19.04 9.35
CA ALA C 113 -3.19 17.90 9.96
C ALA C 113 -2.20 17.09 10.79
N ALA C 114 -0.99 16.89 10.27
CA ALA C 114 0.02 16.13 11.02
C ALA C 114 0.36 16.82 12.33
N THR C 115 0.58 18.13 12.29
CA THR C 115 0.96 18.86 13.50
C THR C 115 -0.14 18.77 14.56
N LEU C 116 -1.39 19.01 14.16
CA LEU C 116 -2.49 18.95 15.13
C LEU C 116 -2.73 17.52 15.61
N ASP C 117 -2.56 16.54 14.72
CA ASP C 117 -2.69 15.15 15.15
C ASP C 117 -1.56 14.76 16.10
N ARG C 118 -0.37 15.29 15.89
CA ARG C 118 0.75 15.00 16.79
C ARG C 118 0.59 15.69 18.13
N LEU C 119 0.22 16.98 18.11
CA LEU C 119 0.05 17.71 19.37
C LEU C 119 -1.07 17.12 20.21
N SER C 120 -2.13 16.62 19.57
CA SER C 120 -3.26 16.04 20.26
C SER C 120 -3.06 14.56 20.58
N ASN C 121 -1.98 13.95 20.11
CA ASN C 121 -1.72 12.52 20.29
C ASN C 121 -2.84 11.67 19.68
N GLY C 122 -3.15 11.94 18.42
CA GLY C 122 -4.07 11.10 17.68
C GLY C 122 -5.55 11.40 17.88
N ARG C 123 -5.91 12.64 18.20
CA ARG C 123 -7.29 13.01 18.43
C ARG C 123 -7.88 13.85 17.30
N LEU C 124 -7.27 13.86 16.13
CA LEU C 124 -7.71 14.68 15.01
C LEU C 124 -8.56 13.86 14.04
N LEU C 125 -9.70 14.42 13.66
CA LEU C 125 -10.56 13.85 12.63
C LEU C 125 -10.80 14.90 11.56
N ILE C 126 -10.80 14.49 10.30
CA ILE C 126 -10.85 15.39 9.15
C ILE C 126 -12.22 15.29 8.49
N ASN C 127 -12.87 16.43 8.31
CA ASN C 127 -14.14 16.54 7.59
C ASN C 127 -13.85 17.22 6.26
N VAL C 128 -14.03 16.49 5.16
CA VAL C 128 -13.75 17.03 3.84
C VAL C 128 -14.95 17.87 3.41
N VAL C 129 -14.70 19.15 3.11
CA VAL C 129 -15.75 20.09 2.76
C VAL C 129 -15.43 20.66 1.38
N THR C 130 -16.38 20.55 0.46
CA THR C 130 -16.21 21.05 -0.89
C THR C 130 -16.73 22.46 -1.08
N GLY C 131 -17.71 22.88 -0.28
CA GLY C 131 -18.23 24.23 -0.36
C GLY C 131 -19.35 24.36 -1.38
N GLY C 132 -20.58 24.50 -0.90
CA GLY C 132 -21.74 24.55 -1.75
C GLY C 132 -22.30 25.93 -2.06
N ASP C 133 -21.66 27.00 -1.59
CA ASP C 133 -22.14 28.34 -1.84
C ASP C 133 -21.27 28.99 -2.91
N PRO C 134 -21.81 29.21 -4.12
CA PRO C 134 -20.97 29.84 -5.17
C PRO C 134 -20.51 31.24 -4.83
N ASP C 135 -21.31 32.01 -4.10
CA ASP C 135 -20.87 33.35 -3.71
C ASP C 135 -19.70 33.27 -2.74
N GLU C 136 -19.76 32.36 -1.77
CA GLU C 136 -18.65 32.19 -0.84
C GLU C 136 -17.41 31.66 -1.53
N ASN C 137 -17.57 30.74 -2.49
CA ASN C 137 -16.43 30.19 -3.20
C ASN C 137 -15.74 31.25 -4.05
N ARG C 138 -16.51 32.10 -4.73
CA ARG C 138 -15.89 33.19 -5.48
C ARG C 138 -15.20 34.19 -4.56
N GLY C 139 -15.73 34.38 -3.35
CA GLY C 139 -15.05 35.23 -2.38
C GLY C 139 -13.72 34.68 -1.93
N ASP C 140 -13.57 33.35 -1.96
CA ASP C 140 -12.32 32.70 -1.60
C ASP C 140 -11.38 32.53 -2.80
N GLY C 141 -11.82 32.92 -3.99
CA GLY C 141 -10.99 32.84 -5.17
C GLY C 141 -11.22 31.63 -6.05
N SER C 142 -12.25 30.83 -5.78
CA SER C 142 -12.53 29.62 -6.54
C SER C 142 -13.72 29.87 -7.44
N PHE C 143 -13.50 29.78 -8.75
CA PHE C 143 -14.53 29.95 -9.77
C PHE C 143 -14.67 28.63 -10.52
N LEU C 144 -15.23 27.64 -9.85
CA LEU C 144 -15.31 26.29 -10.40
C LEU C 144 -16.76 25.81 -10.36
N SER C 145 -17.12 24.99 -11.35
CA SER C 145 -18.44 24.39 -11.36
C SER C 145 -18.50 23.27 -10.32
N HIS C 146 -19.71 22.73 -10.16
CA HIS C 146 -19.90 21.66 -9.17
C HIS C 146 -19.07 20.43 -9.53
N SER C 147 -19.08 20.05 -10.81
CA SER C 147 -18.27 18.90 -11.24
C SER C 147 -16.79 19.18 -11.08
N GLU C 148 -16.36 20.42 -11.34
CA GLU C 148 -14.95 20.75 -11.21
C GLU C 148 -14.51 20.74 -9.76
N ARG C 149 -15.37 21.21 -8.85
CA ARG C 149 -15.00 21.26 -7.44
C ARG C 149 -14.68 19.86 -6.90
N TYR C 150 -15.44 18.86 -7.31
CA TYR C 150 -15.15 17.50 -6.89
C TYR C 150 -13.92 16.93 -7.58
N GLU C 151 -13.52 17.49 -8.72
CA GLU C 151 -12.28 17.07 -9.34
C GLU C 151 -11.06 17.56 -8.55
N VAL C 152 -11.09 18.81 -8.09
CA VAL C 152 -10.01 19.30 -7.22
C VAL C 152 -9.97 18.50 -5.92
N THR C 153 -11.14 18.25 -5.33
CA THR C 153 -11.19 17.46 -4.11
C THR C 153 -10.63 16.07 -4.35
N ASP C 154 -10.90 15.49 -5.52
CA ASP C 154 -10.36 14.18 -5.86
C ASP C 154 -8.84 14.21 -5.92
N GLU C 155 -8.28 15.16 -6.67
CA GLU C 155 -6.82 15.28 -6.75
C GLU C 155 -6.22 15.73 -5.41
N PHE C 156 -6.96 16.56 -4.67
CA PHE C 156 -6.49 17.01 -3.35
C PHE C 156 -6.30 15.83 -2.41
N LEU C 157 -7.33 14.99 -2.28
CA LEU C 157 -7.27 13.88 -1.34
C LEU C 157 -6.22 12.85 -1.73
N LYS C 158 -6.00 12.64 -3.03
CA LYS C 158 -4.97 11.69 -3.46
C LYS C 158 -3.58 12.15 -3.01
N ILE C 159 -3.28 13.43 -3.16
CA ILE C 159 -2.01 13.96 -2.69
C ILE C 159 -1.98 13.99 -1.16
N TRP C 160 -3.07 14.44 -0.54
CA TRP C 160 -3.12 14.59 0.92
C TRP C 160 -2.89 13.25 1.61
N ARG C 161 -3.55 12.20 1.14
CA ARG C 161 -3.42 10.89 1.77
C ARG C 161 -2.02 10.30 1.57
N ARG C 162 -1.43 10.54 0.39
CA ARG C 162 -0.15 9.90 0.07
C ARG C 162 1.03 10.59 0.75
N VAL C 163 1.00 11.93 0.87
CA VAL C 163 2.10 12.62 1.53
C VAL C 163 2.16 12.25 3.01
N LEU C 164 0.99 12.05 3.63
CA LEU C 164 0.95 11.72 5.05
C LEU C 164 1.44 10.30 5.34
N GLN C 165 1.58 9.46 4.31
CA GLN C 165 2.11 8.12 4.45
C GLN C 165 3.61 8.05 4.18
N GLY C 166 4.29 9.20 4.17
CA GLY C 166 5.73 9.25 4.01
C GLY C 166 6.24 9.30 2.59
N GLU C 167 5.37 9.44 1.60
CA GLU C 167 5.77 9.41 0.21
C GLU C 167 6.05 10.82 -0.32
N ALA C 168 7.19 10.99 -0.98
CA ALA C 168 7.45 12.19 -1.76
C ALA C 168 6.64 12.10 -3.03
N VAL C 169 5.57 12.89 -3.12
CA VAL C 169 4.54 12.69 -4.14
C VAL C 169 4.82 13.58 -5.34
N ASP C 170 4.79 12.96 -6.53
CA ASP C 170 4.72 13.67 -7.80
C ASP C 170 3.34 13.44 -8.37
N PHE C 171 2.63 14.53 -8.66
CA PHE C 171 1.25 14.46 -9.13
C PHE C 171 1.02 15.61 -10.09
N GLU C 172 0.43 15.32 -11.24
CA GLU C 172 0.07 16.34 -12.22
C GLU C 172 -1.32 15.99 -12.76
N GLY C 173 -2.35 16.63 -12.22
CA GLY C 173 -3.71 16.42 -12.63
C GLY C 173 -4.28 17.59 -13.42
N LYS C 174 -5.60 17.53 -13.61
CA LYS C 174 -6.29 18.60 -14.33
C LYS C 174 -6.30 19.90 -13.55
N HIS C 175 -6.24 19.83 -12.22
CA HIS C 175 -6.33 21.02 -11.38
C HIS C 175 -5.08 21.24 -10.53
N LEU C 176 -4.57 20.20 -9.89
CA LEU C 176 -3.44 20.31 -8.97
C LEU C 176 -2.21 19.65 -9.56
N LYS C 177 -1.05 20.18 -9.17
CA LYS C 177 0.23 19.67 -9.65
C LYS C 177 1.27 19.92 -8.57
N VAL C 178 1.90 18.84 -8.08
CA VAL C 178 2.95 18.94 -7.08
C VAL C 178 4.14 18.11 -7.52
N GLN C 179 5.32 18.52 -7.07
CA GLN C 179 6.57 17.82 -7.39
C GLN C 179 7.42 17.78 -6.14
N ASN C 180 7.70 16.57 -5.66
CA ASN C 180 8.46 16.36 -4.43
C ASN C 180 7.73 16.92 -3.20
N ALA C 181 6.43 16.60 -3.10
CA ALA C 181 5.63 17.01 -1.96
C ALA C 181 5.92 16.07 -0.80
N LYS C 182 6.44 16.60 0.30
CA LYS C 182 6.81 15.79 1.44
C LYS C 182 6.28 16.39 2.73
N ALA C 183 5.80 15.53 3.61
CA ALA C 183 5.42 15.89 4.97
C ALA C 183 6.43 15.21 5.89
N LEU C 184 7.39 16.00 6.39
CA LEU C 184 8.50 15.43 7.13
C LEU C 184 8.10 14.93 8.52
N TYR C 185 6.96 15.36 9.04
CA TYR C 185 6.52 14.93 10.36
C TYR C 185 5.36 13.97 10.23
N PRO C 186 5.53 12.68 10.53
CA PRO C 186 4.44 11.72 10.27
C PRO C 186 3.34 11.86 11.30
N PRO C 187 2.09 11.58 10.91
CA PRO C 187 0.98 11.71 11.86
C PRO C 187 0.98 10.55 12.85
N VAL C 188 0.14 10.69 13.87
CA VAL C 188 0.04 9.67 14.91
C VAL C 188 -0.87 8.54 14.47
N GLN C 189 -2.03 8.88 13.93
CA GLN C 189 -2.97 7.89 13.45
C GLN C 189 -2.56 7.38 12.07
N LYS C 190 -2.61 6.07 11.89
CA LYS C 190 -2.18 5.50 10.62
C LYS C 190 -3.37 4.99 9.83
N PRO C 191 -3.38 5.18 8.50
CA PRO C 191 -2.33 5.85 7.73
C PRO C 191 -2.40 7.38 7.82
N TYR C 192 -3.57 7.89 8.20
CA TYR C 192 -3.81 9.32 8.33
C TYR C 192 -5.05 9.52 9.18
N PRO C 193 -5.28 10.72 9.72
CA PRO C 193 -6.51 10.98 10.47
C PRO C 193 -7.72 10.60 9.64
N PRO C 194 -8.69 9.91 10.24
CA PRO C 194 -9.84 9.41 9.48
C PRO C 194 -10.56 10.52 8.71
N LEU C 195 -11.00 10.19 7.51
CA LEU C 195 -11.63 11.15 6.61
C LEU C 195 -13.15 11.02 6.72
N TYR C 196 -13.78 12.05 7.24
CA TYR C 196 -15.23 12.17 7.26
C TYR C 196 -15.66 13.08 6.11
N PHE C 197 -16.82 12.80 5.54
CA PHE C 197 -17.26 13.55 4.37
C PHE C 197 -18.78 13.55 4.30
N GLY C 198 -19.33 14.69 3.90
CA GLY C 198 -20.76 14.81 3.71
C GLY C 198 -21.08 15.37 2.34
N GLY C 199 -22.15 14.85 1.75
CA GLY C 199 -22.56 15.27 0.43
C GLY C 199 -23.67 14.40 -0.11
N SER C 200 -24.52 14.96 -0.95
CA SER C 200 -25.68 14.26 -1.48
C SER C 200 -25.68 14.12 -3.00
N SER C 201 -24.83 14.85 -3.71
CA SER C 201 -24.79 14.76 -5.16
C SER C 201 -24.17 13.45 -5.61
N ASP C 202 -24.31 13.17 -6.91
CA ASP C 202 -23.70 11.96 -7.48
C ASP C 202 -22.18 12.02 -7.43
N ALA C 203 -21.61 13.20 -7.66
CA ALA C 203 -20.16 13.36 -7.54
C ALA C 203 -19.69 13.15 -6.11
N ALA C 204 -20.51 13.53 -5.13
CA ALA C 204 -20.13 13.34 -3.73
C ALA C 204 -20.14 11.86 -3.36
N HIS C 205 -21.15 11.11 -3.82
CA HIS C 205 -21.21 9.70 -3.51
C HIS C 205 -20.06 8.92 -4.13
N ASP C 206 -19.59 9.34 -5.30
CA ASP C 206 -18.41 8.71 -5.89
C ASP C 206 -17.16 9.02 -5.08
N LEU C 207 -16.96 10.29 -4.71
CA LEU C 207 -15.79 10.65 -3.91
C LEU C 207 -15.81 9.95 -2.56
N ALA C 208 -16.98 9.89 -1.91
CA ALA C 208 -17.07 9.20 -0.62
C ALA C 208 -16.74 7.72 -0.77
N ALA C 209 -17.29 7.08 -1.80
CA ALA C 209 -17.06 5.66 -2.00
C ALA C 209 -15.61 5.33 -2.33
N GLU C 210 -14.86 6.29 -2.86
CA GLU C 210 -13.49 6.02 -3.30
C GLU C 210 -12.44 6.34 -2.24
N GLN C 211 -12.64 7.40 -1.47
CA GLN C 211 -11.51 7.88 -0.68
C GLN C 211 -11.78 8.00 0.82
N VAL C 212 -12.99 8.40 1.21
CA VAL C 212 -13.25 8.75 2.61
C VAL C 212 -13.47 7.50 3.46
N ASP C 213 -13.43 7.67 4.78
CA ASP C 213 -13.63 6.59 5.72
C ASP C 213 -15.03 6.57 6.34
N VAL C 214 -15.63 7.73 6.55
CA VAL C 214 -16.97 7.84 7.11
C VAL C 214 -17.78 8.78 6.23
N TYR C 215 -18.97 8.34 5.84
CA TYR C 215 -19.90 9.15 5.06
C TYR C 215 -20.94 9.75 6.00
N LEU C 216 -21.13 11.06 5.93
CA LEU C 216 -22.02 11.78 6.80
C LEU C 216 -23.23 12.28 6.02
N THR C 217 -24.39 12.24 6.67
CA THR C 217 -25.62 12.76 6.10
C THR C 217 -26.35 13.57 7.15
N TRP C 218 -27.17 14.51 6.69
CA TRP C 218 -27.98 15.29 7.62
C TRP C 218 -29.20 14.48 8.06
N GLY C 219 -29.93 15.04 9.02
CA GLY C 219 -31.00 14.29 9.66
C GLY C 219 -32.27 14.15 8.85
N GLU C 220 -32.21 13.39 7.76
CA GLU C 220 -33.41 13.07 7.00
C GLU C 220 -34.15 11.90 7.64
N PRO C 221 -35.40 11.67 7.27
CA PRO C 221 -36.15 10.53 7.80
C PRO C 221 -35.47 9.21 7.46
N PRO C 222 -35.68 8.17 8.27
CA PRO C 222 -34.93 6.92 8.08
C PRO C 222 -35.07 6.30 6.70
N ALA C 223 -36.24 6.45 6.05
CA ALA C 223 -36.42 5.86 4.74
C ALA C 223 -35.53 6.52 3.70
N ALA C 224 -35.40 7.85 3.76
CA ALA C 224 -34.56 8.56 2.80
C ALA C 224 -33.08 8.31 3.08
N VAL C 225 -32.72 8.22 4.37
CA VAL C 225 -31.34 7.95 4.74
C VAL C 225 -30.93 6.55 4.30
N ALA C 226 -31.84 5.58 4.42
CA ALA C 226 -31.51 4.21 4.05
C ALA C 226 -31.16 4.11 2.57
N GLU C 227 -31.81 4.90 1.72
CA GLU C 227 -31.49 4.88 0.30
C GLU C 227 -30.15 5.54 0.03
N LYS C 228 -29.83 6.61 0.76
CA LYS C 228 -28.53 7.24 0.60
C LYS C 228 -27.41 6.30 1.06
N LEU C 229 -27.62 5.59 2.17
CA LEU C 229 -26.62 4.64 2.65
C LEU C 229 -26.46 3.48 1.67
N ALA C 230 -27.56 2.98 1.11
CA ALA C 230 -27.48 1.86 0.17
C ALA C 230 -26.73 2.25 -1.10
N ASP C 231 -26.86 3.50 -1.54
CA ASP C 231 -26.14 3.96 -2.72
C ASP C 231 -24.64 4.01 -2.47
N VAL C 232 -24.23 4.59 -1.33
CA VAL C 232 -22.81 4.72 -1.04
C VAL C 232 -22.17 3.36 -0.83
N ARG C 233 -22.84 2.45 -0.13
CA ARG C 233 -22.29 1.11 0.04
C ARG C 233 -22.23 0.35 -1.29
N GLU C 234 -23.18 0.62 -2.20
CA GLU C 234 -23.13 -0.02 -3.51
C GLU C 234 -21.94 0.50 -4.33
N ARG C 235 -21.76 1.82 -4.38
CA ARG C 235 -20.61 2.37 -5.09
C ARG C 235 -19.29 1.98 -4.44
N ALA C 236 -19.26 1.89 -3.11
CA ALA C 236 -18.03 1.50 -2.44
C ALA C 236 -17.63 0.06 -2.76
N ALA C 237 -18.61 -0.82 -2.97
CA ALA C 237 -18.29 -2.20 -3.32
C ALA C 237 -17.62 -2.28 -4.69
N ARG C 238 -18.07 -1.47 -5.64
CA ARG C 238 -17.42 -1.44 -6.96
C ARG C 238 -15.99 -0.93 -6.91
N HIS C 239 -15.63 -0.19 -5.87
CA HIS C 239 -14.26 0.23 -5.65
C HIS C 239 -13.53 -0.67 -4.65
N GLY C 240 -14.14 -1.79 -4.28
CA GLY C 240 -13.49 -2.72 -3.35
C GLY C 240 -13.27 -2.17 -1.96
N ARG C 241 -14.14 -1.26 -1.51
CA ARG C 241 -14.00 -0.63 -0.21
C ARG C 241 -15.30 -0.76 0.57
N LYS C 242 -15.20 -0.51 1.87
CA LYS C 242 -16.36 -0.44 2.75
C LYS C 242 -16.22 0.82 3.60
N VAL C 243 -17.26 1.65 3.60
CA VAL C 243 -17.26 2.90 4.34
C VAL C 243 -18.25 2.81 5.49
N LYS C 244 -17.91 3.45 6.59
CA LYS C 244 -18.82 3.60 7.72
C LYS C 244 -19.65 4.86 7.55
N PHE C 245 -20.74 4.96 8.31
CA PHE C 245 -21.74 5.99 8.12
C PHE C 245 -22.02 6.75 9.41
N GLY C 246 -22.37 8.03 9.25
CA GLY C 246 -22.74 8.86 10.38
C GLY C 246 -23.83 9.84 9.98
N ILE C 247 -24.55 10.32 11.00
CA ILE C 247 -25.67 11.21 10.78
C ILE C 247 -25.52 12.46 11.65
N ARG C 248 -25.95 13.60 11.12
CA ARG C 248 -25.87 14.88 11.80
C ARG C 248 -27.28 15.35 12.14
N LEU C 249 -27.50 15.67 13.42
CA LEU C 249 -28.83 16.00 13.89
C LEU C 249 -28.73 17.06 14.98
N HIS C 250 -29.79 17.85 15.12
CA HIS C 250 -30.02 18.60 16.35
C HIS C 250 -30.85 17.72 17.30
N VAL C 251 -30.95 18.16 18.55
CA VAL C 251 -31.67 17.38 19.54
C VAL C 251 -32.27 18.31 20.59
N ILE C 252 -33.57 18.15 20.83
CA ILE C 252 -34.28 18.85 21.90
C ILE C 252 -34.93 17.78 22.75
N VAL C 253 -34.19 17.30 23.75
CA VAL C 253 -34.63 16.22 24.62
C VAL C 253 -34.93 16.81 26.00
N ARG C 254 -36.10 16.50 26.54
CA ARG C 254 -36.49 16.88 27.89
C ARG C 254 -36.96 15.63 28.63
N GLU C 255 -37.32 15.79 29.90
CA GLU C 255 -37.75 14.64 30.69
C GLU C 255 -39.08 14.08 30.20
N THR C 256 -39.96 14.93 29.70
CA THR C 256 -41.25 14.52 29.16
C THR C 256 -41.38 14.99 27.72
N ALA C 257 -42.24 14.29 26.96
CA ALA C 257 -42.45 14.66 25.56
C ALA C 257 -43.10 16.04 25.43
N GLU C 258 -43.92 16.42 26.41
CA GLU C 258 -44.59 17.71 26.33
C GLU C 258 -43.61 18.86 26.50
N GLU C 259 -42.65 18.72 27.43
CA GLU C 259 -41.64 19.76 27.60
C GLU C 259 -40.74 19.87 26.38
N ALA C 260 -40.44 18.75 25.73
CA ALA C 260 -39.59 18.77 24.55
C ALA C 260 -40.24 19.54 23.41
N TRP C 261 -41.51 19.22 23.12
CA TRP C 261 -42.21 19.94 22.06
C TRP C 261 -42.50 21.38 22.46
N LYS C 262 -42.64 21.66 23.75
CA LYS C 262 -42.79 23.04 24.19
C LYS C 262 -41.53 23.85 23.96
N ALA C 263 -40.36 23.24 24.17
CA ALA C 263 -39.10 23.93 23.92
C ALA C 263 -38.84 24.11 22.42
N ALA C 264 -39.25 23.13 21.59
CA ALA C 264 -39.06 23.25 20.16
C ALA C 264 -39.88 24.40 19.58
N ASP C 265 -41.14 24.52 20.01
CA ASP C 265 -41.95 25.66 19.58
C ASP C 265 -41.36 26.98 20.08
N LYS C 266 -40.81 26.97 21.29
CA LYS C 266 -40.24 28.17 21.88
C LYS C 266 -38.96 28.61 21.20
N LEU C 267 -38.24 27.69 20.55
CA LEU C 267 -36.98 28.03 19.92
C LEU C 267 -37.15 28.95 18.72
N ILE C 268 -38.31 28.91 18.06
CA ILE C 268 -38.52 29.63 16.82
C ILE C 268 -39.62 30.67 16.92
N GLU C 269 -39.96 31.12 18.14
CA GLU C 269 -41.05 32.07 18.30
C GLU C 269 -40.72 33.46 17.76
N HIS C 270 -39.42 33.82 17.68
CA HIS C 270 -39.01 35.14 17.23
C HIS C 270 -38.48 35.16 15.81
N ILE C 271 -38.89 34.21 14.97
CA ILE C 271 -38.38 34.13 13.60
C ILE C 271 -39.29 34.92 12.67
N SER C 272 -38.74 35.92 12.00
CA SER C 272 -39.53 36.77 11.12
C SER C 272 -39.88 36.04 9.83
N ASP C 273 -41.03 36.40 9.26
CA ASP C 273 -41.41 35.86 7.96
C ASP C 273 -40.52 36.41 6.85
N GLU C 274 -40.05 37.65 7.00
CA GLU C 274 -39.09 38.20 6.04
C GLU C 274 -37.74 37.48 6.13
N THR C 275 -37.35 37.06 7.34
CA THR C 275 -36.09 36.33 7.50
C THR C 275 -36.20 34.92 6.92
N ILE C 276 -37.39 34.32 6.97
CA ILE C 276 -37.57 32.99 6.39
C ILE C 276 -37.33 33.02 4.89
N GLU C 277 -37.93 33.99 4.19
CA GLU C 277 -37.73 34.09 2.75
C GLU C 277 -36.32 34.52 2.41
N ALA C 278 -35.72 35.40 3.22
CA ALA C 278 -34.36 35.84 2.97
C ALA C 278 -33.35 34.71 3.16
N ALA C 279 -33.62 33.79 4.08
CA ALA C 279 -32.72 32.65 4.27
C ALA C 279 -32.89 31.63 3.16
N GLN C 280 -34.12 31.26 2.85
CA GLN C 280 -34.38 30.30 1.78
C GLN C 280 -34.00 30.86 0.41
N LYS C 281 -33.99 32.18 0.25
CA LYS C 281 -33.53 32.75 -1.02
C LYS C 281 -32.05 32.52 -1.22
N SER C 282 -31.26 32.58 -0.15
CA SER C 282 -29.84 32.30 -0.27
C SER C 282 -29.59 30.81 -0.47
N PHE C 283 -30.53 29.97 -0.02
CA PHE C 283 -30.40 28.53 -0.23
C PHE C 283 -30.77 28.11 -1.64
N SER C 284 -31.71 28.82 -2.27
CA SER C 284 -32.04 28.54 -3.66
C SER C 284 -30.88 28.90 -4.59
N ARG C 285 -29.94 29.73 -4.14
CA ARG C 285 -28.72 30.01 -4.87
C ARG C 285 -27.58 29.07 -4.50
N PHE C 286 -27.79 28.18 -3.53
CA PHE C 286 -26.77 27.23 -3.14
C PHE C 286 -26.63 26.15 -4.21
N ASP C 287 -25.39 25.86 -4.60
CA ASP C 287 -25.09 24.82 -5.57
C ASP C 287 -24.84 23.47 -4.90
N SER C 288 -25.59 23.15 -3.86
CA SER C 288 -25.39 21.95 -3.06
C SER C 288 -26.67 21.12 -3.07
N GLU C 289 -26.52 19.82 -3.32
CA GLU C 289 -27.67 18.92 -3.26
C GLU C 289 -28.07 18.60 -1.82
N GLY C 290 -27.09 18.45 -0.92
CA GLY C 290 -27.41 18.24 0.47
C GLY C 290 -28.16 19.41 1.07
N GLN C 291 -27.80 20.63 0.68
CA GLN C 291 -28.52 21.81 1.15
C GLN C 291 -29.91 21.90 0.51
N ARG C 292 -30.05 21.42 -0.73
CA ARG C 292 -31.35 21.47 -1.39
C ARG C 292 -32.29 20.39 -0.84
N ARG C 293 -31.76 19.20 -0.56
CA ARG C 293 -32.58 18.16 0.04
C ARG C 293 -32.97 18.49 1.47
N MET C 294 -32.22 19.37 2.14
CA MET C 294 -32.54 19.77 3.50
C MET C 294 -33.51 20.94 3.56
N ALA C 295 -33.47 21.83 2.57
CA ALA C 295 -34.41 22.94 2.52
C ALA C 295 -35.74 22.57 1.89
N ALA C 296 -35.79 21.50 1.11
CA ALA C 296 -37.03 21.05 0.48
C ALA C 296 -37.92 20.28 1.43
N LEU C 297 -37.47 20.03 2.66
CA LEU C 297 -38.29 19.35 3.66
C LEU C 297 -39.26 20.27 4.38
N HIS C 298 -39.23 21.57 4.07
CA HIS C 298 -40.10 22.53 4.75
C HIS C 298 -40.64 23.58 3.79
N ASP C 299 -39.80 24.03 2.84
CA ASP C 299 -40.16 25.04 1.86
C ASP C 299 -40.59 26.36 2.50
N GLY C 300 -40.19 26.61 3.74
CA GLY C 300 -40.63 27.78 4.46
C GLY C 300 -41.98 27.66 5.13
N ARG C 301 -42.72 26.58 4.87
CA ARG C 301 -44.02 26.39 5.50
C ARG C 301 -43.83 26.13 6.99
N ARG C 302 -44.59 26.84 7.82
CA ARG C 302 -44.43 26.78 9.27
C ARG C 302 -45.37 25.81 9.96
N ASP C 303 -46.51 25.49 9.35
CA ASP C 303 -47.43 24.52 9.94
C ASP C 303 -47.01 23.10 9.58
N ASN C 304 -47.18 22.19 10.55
CA ASN C 304 -46.83 20.78 10.38
C ASN C 304 -45.34 20.63 10.06
N LEU C 305 -44.53 20.85 11.09
CA LEU C 305 -43.09 20.77 10.97
C LEU C 305 -42.54 19.40 11.36
N GLU C 306 -43.32 18.58 12.04
CA GLU C 306 -42.89 17.23 12.44
C GLU C 306 -43.01 16.32 11.22
N ILE C 307 -41.90 16.20 10.48
CA ILE C 307 -41.90 15.43 9.24
C ILE C 307 -41.84 13.92 9.48
N ALA C 308 -41.69 13.50 10.73
CA ALA C 308 -41.58 12.09 11.08
C ALA C 308 -41.74 11.98 12.59
N PRO C 309 -42.09 10.78 13.11
CA PRO C 309 -42.22 10.62 14.56
C PRO C 309 -41.00 11.12 15.32
N ASN C 310 -41.16 12.22 16.06
CA ASN C 310 -40.12 12.85 16.86
C ASN C 310 -38.99 13.44 16.02
N LEU C 311 -39.22 13.69 14.74
CA LEU C 311 -38.24 14.34 13.87
C LEU C 311 -38.82 15.67 13.41
N TRP C 312 -38.28 16.76 13.95
CA TRP C 312 -38.82 18.10 13.76
C TRP C 312 -37.86 18.92 12.89
N ALA C 313 -38.40 19.50 11.82
CA ALA C 313 -37.60 20.23 10.83
C ALA C 313 -37.64 21.74 11.04
N GLY C 314 -37.82 22.19 12.29
CA GLY C 314 -37.90 23.62 12.56
C GLY C 314 -36.56 24.34 12.51
N VAL C 315 -35.46 23.63 12.73
CA VAL C 315 -34.15 24.29 12.71
C VAL C 315 -33.80 24.76 11.31
N GLY C 316 -34.30 24.08 10.27
CA GLY C 316 -34.02 24.45 8.90
C GLY C 316 -34.70 25.70 8.40
N LEU C 317 -35.53 26.35 9.22
CA LEU C 317 -36.21 27.55 8.77
C LEU C 317 -35.24 28.71 8.55
N VAL C 318 -34.16 28.77 9.31
CA VAL C 318 -33.19 29.85 9.18
C VAL C 318 -31.78 29.29 8.99
N ARG C 319 -31.48 28.19 9.66
CA ARG C 319 -30.12 27.67 9.69
C ARG C 319 -29.85 26.79 8.47
N GLY C 320 -28.65 26.95 7.91
CA GLY C 320 -28.19 26.05 6.87
C GLY C 320 -27.40 24.89 7.43
N GLY C 321 -27.27 23.85 6.61
CA GLY C 321 -26.63 22.62 7.06
C GLY C 321 -27.66 21.67 7.67
N SER C 322 -27.45 21.30 8.93
CA SER C 322 -28.46 20.53 9.65
C SER C 322 -29.73 21.36 9.76
N GLY C 323 -30.87 20.68 9.70
CA GLY C 323 -32.15 21.37 9.65
C GLY C 323 -33.25 20.66 10.40
N THR C 324 -32.95 19.46 10.90
CA THR C 324 -33.91 18.66 11.63
C THR C 324 -33.36 18.32 13.01
N ALA C 325 -34.27 17.96 13.91
CA ALA C 325 -33.92 17.69 15.30
C ALA C 325 -34.80 16.57 15.82
N LEU C 326 -34.22 15.76 16.72
CA LEU C 326 -34.97 14.74 17.42
C LEU C 326 -35.58 15.38 18.67
N VAL C 327 -36.92 15.42 18.72
CA VAL C 327 -37.64 16.09 19.79
C VAL C 327 -38.52 15.05 20.49
N GLY C 328 -38.35 14.93 21.81
CA GLY C 328 -39.15 14.01 22.58
C GLY C 328 -38.50 13.72 23.92
N ASP C 329 -39.09 12.77 24.63
CA ASP C 329 -38.59 12.34 25.93
C ASP C 329 -37.38 11.43 25.71
N PRO C 330 -36.65 11.08 26.78
CA PRO C 330 -35.43 10.26 26.58
C PRO C 330 -35.67 8.95 25.85
N GLN C 331 -36.82 8.30 26.06
CA GLN C 331 -37.08 7.04 25.37
C GLN C 331 -37.38 7.28 23.89
N GLN C 332 -38.11 8.35 23.57
CA GLN C 332 -38.41 8.65 22.17
C GLN C 332 -37.15 9.03 21.40
N VAL C 333 -36.28 9.82 22.02
CA VAL C 333 -35.04 10.22 21.34
C VAL C 333 -34.11 9.01 21.16
N ALA C 334 -33.97 8.20 22.21
CA ALA C 334 -33.13 7.01 22.11
C ALA C 334 -33.70 6.01 21.12
N ALA C 335 -35.02 5.99 20.94
CA ALA C 335 -35.63 5.08 19.97
C ALA C 335 -35.28 5.49 18.55
N ARG C 336 -35.36 6.79 18.25
CA ARG C 336 -34.98 7.26 16.92
C ARG C 336 -33.50 7.02 16.64
N ILE C 337 -32.65 7.11 17.66
CA ILE C 337 -31.23 6.85 17.47
C ILE C 337 -31.00 5.39 17.13
N LYS C 338 -31.68 4.47 17.81
CA LYS C 338 -31.54 3.06 17.48
C LYS C 338 -32.07 2.76 16.09
N GLU C 339 -33.08 3.51 15.64
CA GLU C 339 -33.60 3.31 14.29
C GLU C 339 -32.56 3.66 13.24
N TYR C 340 -31.80 4.74 13.46
CA TYR C 340 -30.74 5.09 12.52
C TYR C 340 -29.58 4.12 12.61
N ALA C 341 -29.29 3.62 13.82
CA ALA C 341 -28.18 2.68 13.98
C ALA C 341 -28.46 1.34 13.29
N ASP C 342 -29.73 0.93 13.23
CA ASP C 342 -30.08 -0.31 12.56
C ASP C 342 -29.85 -0.23 11.05
N LEU C 343 -29.82 0.97 10.48
CA LEU C 343 -29.54 1.13 9.06
C LEU C 343 -28.04 1.09 8.75
N GLY C 344 -27.18 1.08 9.78
CA GLY C 344 -25.75 1.09 9.60
C GLY C 344 -25.05 2.36 10.04
N ILE C 345 -25.77 3.31 10.63
CA ILE C 345 -25.17 4.56 11.10
C ILE C 345 -24.48 4.31 12.43
N GLU C 346 -23.19 4.63 12.52
CA GLU C 346 -22.42 4.44 13.73
C GLU C 346 -22.00 5.73 14.41
N SER C 347 -21.94 6.84 13.68
CA SER C 347 -21.58 8.14 14.23
C SER C 347 -22.80 9.03 14.32
N PHE C 348 -22.93 9.74 15.43
CA PHE C 348 -24.05 10.65 15.66
C PHE C 348 -23.47 11.98 16.15
N ILE C 349 -23.72 13.05 15.39
CA ILE C 349 -23.22 14.37 15.71
C ILE C 349 -24.42 15.21 16.12
N PHE C 350 -24.58 15.46 17.41
CA PHE C 350 -25.73 16.17 17.93
C PHE C 350 -25.38 17.61 18.30
N SER C 351 -26.42 18.42 18.45
CA SER C 351 -26.27 19.80 18.88
C SER C 351 -27.59 20.28 19.47
N GLY C 352 -27.51 21.35 20.25
CA GLY C 352 -28.68 21.94 20.88
C GLY C 352 -28.41 23.40 21.18
N TYR C 353 -29.48 24.10 21.55
CA TYR C 353 -29.39 25.53 21.84
C TYR C 353 -29.85 25.79 23.27
N PRO C 354 -29.01 26.37 24.14
CA PRO C 354 -27.60 26.67 23.85
C PRO C 354 -26.71 25.44 23.97
N HIS C 355 -25.51 25.49 23.37
CA HIS C 355 -24.72 24.27 23.22
C HIS C 355 -24.12 23.78 24.52
N LEU C 356 -23.79 24.68 25.45
CA LEU C 356 -23.19 24.26 26.71
C LEU C 356 -24.20 23.51 27.56
N GLU C 357 -25.34 24.14 27.84
CA GLU C 357 -26.35 23.52 28.70
C GLU C 357 -26.89 22.23 28.08
N GLU C 358 -27.14 22.24 26.78
CA GLU C 358 -27.75 21.08 26.13
C GLU C 358 -26.77 19.92 25.97
N ALA C 359 -25.46 20.19 25.97
CA ALA C 359 -24.50 19.10 25.99
C ALA C 359 -24.62 18.29 27.26
N TYR C 360 -24.87 18.96 28.39
CA TYR C 360 -25.12 18.26 29.64
C TYR C 360 -26.45 17.52 29.62
N ARG C 361 -27.49 18.14 29.03
CA ARG C 361 -28.82 17.56 29.06
C ARG C 361 -28.88 16.26 28.27
N PHE C 362 -28.24 16.22 27.09
CA PHE C 362 -28.21 15.00 26.30
C PHE C 362 -27.41 13.92 27.00
N ALA C 363 -26.27 14.30 27.58
CA ALA C 363 -25.41 13.33 28.24
C ALA C 363 -26.01 12.78 29.51
N GLU C 364 -26.94 13.49 30.14
CA GLU C 364 -27.56 13.03 31.37
C GLU C 364 -28.90 12.36 31.16
N LEU C 365 -29.59 12.64 30.05
CA LEU C 365 -30.88 12.04 29.77
C LEU C 365 -30.82 10.88 28.78
N VAL C 366 -29.87 10.90 27.84
CA VAL C 366 -29.83 9.94 26.75
C VAL C 366 -28.69 8.94 26.89
N PHE C 367 -27.54 9.38 27.40
CA PHE C 367 -26.39 8.49 27.55
C PHE C 367 -26.68 7.18 28.28
N PRO C 368 -27.40 7.16 29.41
CA PRO C 368 -27.69 5.87 30.06
C PRO C 368 -28.57 4.95 29.23
N LEU C 369 -29.29 5.47 28.23
CA LEU C 369 -30.15 4.66 27.38
C LEU C 369 -29.44 4.18 26.12
N LEU C 370 -28.21 4.59 25.90
CA LEU C 370 -27.43 4.25 24.73
C LEU C 370 -26.50 3.09 25.05
N PRO C 371 -25.93 2.44 24.03
CA PRO C 371 -24.96 1.37 24.27
C PRO C 371 -23.72 1.88 24.99
N GLU C 372 -22.87 0.95 25.37
CA GLU C 372 -21.61 1.28 26.02
C GLU C 372 -20.69 1.98 25.02
N PRO C 373 -19.77 2.83 25.50
CA PRO C 373 -19.49 3.14 26.91
C PRO C 373 -20.37 4.25 27.49
N TYR C 374 -21.34 4.74 26.72
CA TYR C 374 -22.14 5.86 27.17
C TYR C 374 -23.11 5.47 28.29
N ALA C 375 -23.49 4.21 28.37
CA ALA C 375 -24.40 3.77 29.43
C ALA C 375 -23.74 3.82 30.80
N SER C 376 -22.44 3.55 30.88
CA SER C 376 -21.70 3.52 32.14
C SER C 376 -20.98 4.83 32.46
N LEU C 377 -21.05 5.82 31.57
CA LEU C 377 -20.35 7.08 31.82
C LEU C 377 -21.06 7.94 32.87
N ALA C 378 -22.37 7.77 33.02
CA ALA C 378 -23.13 8.56 33.99
C ALA C 378 -22.79 8.22 35.45
N SER D 23 11.20 53.47 21.91
CA SER D 23 10.45 52.24 21.71
C SER D 23 11.39 51.09 21.29
N MET D 24 11.16 49.91 21.85
CA MET D 24 11.97 48.74 21.54
C MET D 24 11.17 47.49 21.87
N ASP D 25 11.16 46.54 20.94
CA ASP D 25 10.48 45.26 21.13
C ASP D 25 11.51 44.14 21.01
N VAL D 26 11.64 43.33 22.07
CA VAL D 26 12.57 42.21 22.11
C VAL D 26 11.77 40.92 21.97
N PHE D 27 12.08 40.16 20.93
CA PHE D 27 11.43 38.88 20.65
C PHE D 27 12.36 37.72 20.99
N TRP D 28 11.76 36.57 21.23
CA TRP D 28 12.47 35.30 21.27
C TRP D 28 12.04 34.43 20.09
N PHE D 29 12.42 33.15 20.12
CA PHE D 29 12.25 32.28 18.97
C PHE D 29 11.75 30.92 19.45
N LEU D 30 10.74 30.40 18.76
CA LEU D 30 10.24 29.06 19.03
C LEU D 30 10.91 28.11 18.05
N PRO D 31 11.71 27.15 18.51
CA PRO D 31 12.44 26.26 17.57
C PRO D 31 11.57 25.14 17.03
N THR D 32 10.63 25.52 16.15
CA THR D 32 9.73 24.51 15.58
C THR D 32 10.39 23.64 14.53
N HIS D 33 11.61 23.98 14.09
CA HIS D 33 12.38 23.07 13.25
C HIS D 33 13.15 22.04 14.08
N GLY D 34 13.32 22.28 15.37
CA GLY D 34 14.15 21.44 16.21
C GLY D 34 15.11 22.23 17.07
N ASP D 35 15.53 21.65 18.20
CA ASP D 35 16.40 22.33 19.14
C ASP D 35 17.44 21.34 19.66
N GLY D 36 18.45 21.90 20.33
CA GLY D 36 19.52 21.09 20.90
C GLY D 36 20.61 21.95 21.45
N HIS D 37 21.67 21.29 21.92
CA HIS D 37 22.83 21.99 22.45
C HIS D 37 23.91 22.24 21.40
N TYR D 38 23.92 21.48 20.31
CA TYR D 38 24.96 21.59 19.29
C TYR D 38 24.33 21.62 17.91
N LEU D 39 25.04 22.25 16.97
CA LEU D 39 24.60 22.32 15.60
C LEU D 39 25.23 21.20 14.78
N GLY D 40 24.53 20.77 13.75
CA GLY D 40 25.03 19.72 12.86
C GLY D 40 24.85 18.29 13.34
N THR D 41 25.21 18.00 14.58
CA THR D 41 25.13 16.66 15.14
C THR D 41 23.81 16.45 15.88
N THR D 42 23.49 15.18 16.12
CA THR D 42 22.34 14.80 16.94
C THR D 42 22.69 14.71 18.41
N GLN D 43 23.94 14.96 18.79
CA GLN D 43 24.32 14.93 20.19
C GLN D 43 23.67 16.08 20.93
N GLY D 44 23.04 15.78 22.05
CA GLY D 44 22.36 16.83 22.81
C GLY D 44 21.12 17.38 22.15
N ALA D 45 20.54 16.66 21.19
CA ALA D 45 19.35 17.14 20.52
C ALA D 45 18.15 17.09 21.45
N ARG D 46 17.14 17.91 21.14
CA ARG D 46 15.94 18.02 21.95
C ARG D 46 14.74 17.96 21.02
N PRO D 47 13.85 16.97 21.16
CA PRO D 47 12.72 16.83 20.24
C PRO D 47 11.67 17.91 20.46
N VAL D 48 11.03 18.31 19.37
CA VAL D 48 9.99 19.34 19.41
C VAL D 48 8.67 18.67 19.76
N THR D 49 8.22 18.86 21.00
CA THR D 49 6.96 18.35 21.47
C THR D 49 6.06 19.50 21.89
N LEU D 50 4.78 19.20 22.10
CA LEU D 50 3.87 20.21 22.65
C LEU D 50 4.36 20.71 24.00
N ASN D 51 4.87 19.82 24.84
CA ASN D 51 5.31 20.21 26.17
C ASN D 51 6.51 21.14 26.10
N TYR D 52 7.47 20.86 25.21
CA TYR D 52 8.66 21.70 25.12
C TYR D 52 8.35 23.05 24.49
N LEU D 53 7.45 23.07 23.50
CA LEU D 53 7.04 24.35 22.91
C LEU D 53 6.32 25.21 23.94
N LYS D 54 5.48 24.58 24.77
CA LYS D 54 4.89 25.29 25.90
C LYS D 54 5.98 25.85 26.82
N GLN D 55 7.03 25.06 27.06
CA GLN D 55 8.10 25.49 27.96
C GLN D 55 8.76 26.76 27.46
N VAL D 56 9.10 26.81 26.17
CA VAL D 56 9.77 27.98 25.62
C VAL D 56 8.82 29.17 25.56
N ALA D 57 7.58 28.93 25.11
CA ALA D 57 6.61 30.02 25.00
C ALA D 57 6.24 30.58 26.35
N GLN D 58 5.93 29.71 27.32
CA GLN D 58 5.61 30.20 28.67
C GLN D 58 6.81 30.84 29.34
N ALA D 59 8.03 30.46 28.95
CA ALA D 59 9.22 31.13 29.47
C ALA D 59 9.27 32.57 28.97
N ALA D 60 9.17 32.75 27.65
CA ALA D 60 9.17 34.10 27.09
C ALA D 60 8.00 34.93 27.60
N ASP D 61 6.86 34.29 27.89
CA ASP D 61 5.70 35.02 28.38
C ASP D 61 5.97 35.64 29.74
N SER D 62 6.50 34.85 30.68
CA SER D 62 6.71 35.34 32.04
C SER D 62 7.95 36.21 32.15
N LEU D 63 8.96 35.98 31.31
CA LEU D 63 10.17 36.80 31.37
C LEU D 63 9.94 38.22 30.86
N GLY D 64 8.88 38.44 30.07
CA GLY D 64 8.55 39.76 29.60
C GLY D 64 8.90 40.08 28.16
N TYR D 65 9.24 39.07 27.37
CA TYR D 65 9.49 39.31 25.95
C TYR D 65 8.24 39.84 25.26
N HIS D 66 8.45 40.67 24.25
CA HIS D 66 7.32 41.21 23.49
C HIS D 66 6.60 40.11 22.74
N GLY D 67 7.34 39.18 22.16
CA GLY D 67 6.72 38.07 21.46
C GLY D 67 7.74 37.01 21.10
N VAL D 68 7.28 36.04 20.32
CA VAL D 68 8.15 34.99 19.79
C VAL D 68 7.92 34.89 18.29
N LEU D 69 9.00 34.72 17.54
CA LEU D 69 8.92 34.45 16.12
C LEU D 69 8.78 32.95 15.92
N ILE D 70 7.86 32.56 15.04
CA ILE D 70 7.62 31.16 14.72
C ILE D 70 8.00 30.94 13.26
N PRO D 71 9.04 30.17 12.98
CA PRO D 71 9.45 29.97 11.59
C PRO D 71 8.44 29.10 10.85
N THR D 72 8.55 29.13 9.53
CA THR D 72 7.67 28.34 8.67
C THR D 72 8.50 27.63 7.62
N GLY D 73 7.91 26.60 7.02
CA GLY D 73 8.59 25.84 5.99
C GLY D 73 8.39 24.34 6.11
N ARG D 74 9.02 23.60 5.20
CA ARG D 74 8.87 22.14 5.20
C ARG D 74 9.58 21.50 6.38
N SER D 75 10.60 22.15 6.93
CA SER D 75 11.36 21.62 8.05
C SER D 75 10.73 21.95 9.41
N CYS D 76 9.55 22.55 9.42
CA CYS D 76 8.90 22.95 10.66
C CYS D 76 7.54 22.28 10.78
N GLU D 77 7.06 22.15 12.01
CA GLU D 77 5.63 21.95 12.23
C GLU D 77 4.89 23.23 11.84
N ASP D 78 3.59 23.08 11.57
CA ASP D 78 2.82 24.21 11.09
C ASP D 78 2.77 25.32 12.13
N SER D 79 3.04 26.56 11.68
CA SER D 79 3.13 27.70 12.58
C SER D 79 1.77 28.07 13.16
N TRP D 80 0.69 27.92 12.38
CA TRP D 80 -0.62 28.35 12.84
C TRP D 80 -1.18 27.39 13.89
N VAL D 81 -0.92 26.09 13.74
CA VAL D 81 -1.39 25.13 14.74
C VAL D 81 -0.66 25.37 16.07
N ILE D 82 0.65 25.61 16.02
CA ILE D 82 1.42 25.80 17.23
C ILE D 82 1.04 27.09 17.93
N ALA D 83 0.97 28.20 17.18
CA ALA D 83 0.65 29.49 17.77
C ALA D 83 -0.74 29.48 18.40
N SER D 84 -1.72 28.90 17.69
CA SER D 84 -3.08 28.83 18.22
C SER D 84 -3.12 27.98 19.49
N ALA D 85 -2.31 26.92 19.53
CA ALA D 85 -2.30 26.05 20.71
C ALA D 85 -1.67 26.75 21.92
N LEU D 86 -0.73 27.66 21.68
CA LEU D 86 -0.02 28.35 22.74
C LEU D 86 -0.72 29.62 23.20
N VAL D 87 -1.69 30.13 22.43
CA VAL D 87 -2.39 31.35 22.82
C VAL D 87 -3.12 31.21 24.14
N PRO D 88 -3.96 30.19 24.37
CA PRO D 88 -4.66 30.09 25.67
C PRO D 88 -3.73 29.78 26.84
N LEU D 89 -2.47 29.42 26.60
CA LEU D 89 -1.53 29.09 27.65
C LEU D 89 -0.61 30.24 28.00
N THR D 90 -0.85 31.43 27.43
CA THR D 90 -0.03 32.61 27.69
C THR D 90 -0.95 33.81 27.81
N GLU D 91 -0.46 34.84 28.51
CA GLU D 91 -1.26 36.02 28.82
C GLU D 91 -0.89 37.24 27.98
N ARG D 92 0.39 37.62 27.95
CA ARG D 92 0.81 38.81 27.24
C ARG D 92 1.66 38.53 26.01
N LEU D 93 2.30 37.36 25.93
CA LEU D 93 3.23 37.11 24.84
C LEU D 93 2.52 37.17 23.49
N ARG D 94 3.16 37.81 22.53
CA ARG D 94 2.65 37.95 21.18
C ARG D 94 3.31 36.90 20.28
N TYR D 95 2.64 36.59 19.16
CA TYR D 95 3.09 35.54 18.27
C TYR D 95 3.25 36.08 16.87
N LEU D 96 4.49 36.07 16.37
CA LEU D 96 4.80 36.50 15.00
C LEU D 96 4.70 35.28 14.12
N VAL D 97 3.51 35.04 13.59
CA VAL D 97 3.21 33.86 12.78
C VAL D 97 3.39 34.21 11.32
N ALA D 98 3.89 33.26 10.54
CA ALA D 98 4.20 33.50 9.14
C ALA D 98 3.04 33.07 8.25
N ILE D 99 2.68 33.93 7.30
CA ILE D 99 1.77 33.57 6.23
C ILE D 99 2.56 33.52 4.93
N ARG D 100 2.17 32.61 4.06
CA ARG D 100 2.87 32.39 2.79
CA ARG D 100 2.87 32.38 2.79
C ARG D 100 1.89 32.53 1.64
N PRO D 101 1.94 33.64 0.89
CA PRO D 101 1.06 33.77 -0.27
C PRO D 101 1.44 32.76 -1.34
N GLY D 102 0.42 32.33 -2.10
CA GLY D 102 0.62 31.37 -3.16
C GLY D 102 0.21 29.95 -2.81
N ILE D 103 0.10 29.62 -1.52
CA ILE D 103 -0.31 28.29 -1.10
C ILE D 103 -1.63 28.29 -0.36
N ILE D 104 -2.23 29.46 -0.14
CA ILE D 104 -3.52 29.55 0.54
C ILE D 104 -4.28 30.75 0.00
N SER D 105 -5.60 30.64 0.00
CA SER D 105 -6.44 31.73 -0.46
C SER D 105 -6.25 32.95 0.44
N PRO D 106 -6.22 34.16 -0.13
CA PRO D 106 -6.08 35.36 0.72
C PRO D 106 -7.25 35.58 1.66
N THR D 107 -8.47 35.26 1.23
CA THR D 107 -9.63 35.40 2.10
C THR D 107 -9.53 34.48 3.30
N VAL D 108 -9.13 33.22 3.07
CA VAL D 108 -9.02 32.26 4.16
C VAL D 108 -7.92 32.67 5.13
N SER D 109 -6.79 33.13 4.61
CA SER D 109 -5.69 33.57 5.46
C SER D 109 -6.13 34.72 6.37
N ALA D 110 -6.95 35.64 5.86
CA ALA D 110 -7.43 36.74 6.68
C ALA D 110 -8.34 36.26 7.79
N ARG D 111 -9.23 35.31 7.50
CA ARG D 111 -10.10 34.76 8.55
C ARG D 111 -9.29 34.06 9.63
N MET D 112 -8.23 33.35 9.22
CA MET D 112 -7.34 32.72 10.19
C MET D 112 -6.68 33.78 11.06
N ALA D 113 -6.17 34.84 10.44
CA ALA D 113 -5.56 35.93 11.21
C ALA D 113 -6.57 36.57 12.15
N ALA D 114 -7.79 36.81 11.66
CA ALA D 114 -8.81 37.42 12.50
C ALA D 114 -9.15 36.53 13.69
N THR D 115 -9.35 35.24 13.43
CA THR D 115 -9.74 34.32 14.51
C THR D 115 -8.66 34.24 15.59
N LEU D 116 -7.40 34.09 15.17
CA LEU D 116 -6.32 34.00 16.14
C LEU D 116 -6.10 35.33 16.86
N ASP D 117 -6.27 36.44 16.15
CA ASP D 117 -6.14 37.75 16.79
C ASP D 117 -7.25 37.98 17.79
N ARG D 118 -8.46 37.48 17.49
CA ARG D 118 -9.57 37.64 18.43
C ARG D 118 -9.41 36.75 19.64
N LEU D 119 -9.03 35.49 19.44
CA LEU D 119 -8.85 34.57 20.56
C LEU D 119 -7.71 35.02 21.47
N SER D 120 -6.66 35.61 20.90
CA SER D 120 -5.53 36.10 21.68
C SER D 120 -5.74 37.50 22.22
N ASN D 121 -6.82 38.18 21.83
CA ASN D 121 -7.08 39.57 22.22
C ASN D 121 -5.96 40.51 21.75
N GLY D 122 -5.67 40.45 20.45
CA GLY D 122 -4.75 41.40 19.85
C GLY D 122 -3.27 41.09 19.99
N ARG D 123 -2.91 39.82 20.12
CA ARG D 123 -1.51 39.42 20.30
C ARG D 123 -0.91 38.77 19.07
N LEU D 124 -1.55 38.91 17.91
CA LEU D 124 -1.09 38.25 16.69
C LEU D 124 -0.28 39.22 15.84
N LEU D 125 0.87 38.75 15.37
CA LEU D 125 1.72 39.48 14.44
C LEU D 125 1.95 38.62 13.21
N ILE D 126 1.95 39.24 12.03
CA ILE D 126 1.99 38.52 10.77
C ILE D 126 3.36 38.72 10.13
N ASN D 127 4.00 37.61 9.76
CA ASN D 127 5.27 37.62 9.06
C ASN D 127 5.01 37.17 7.63
N VAL D 128 5.19 38.09 6.68
CA VAL D 128 4.94 37.77 5.28
C VAL D 128 6.16 37.07 4.71
N VAL D 129 5.97 35.84 4.23
CA VAL D 129 7.06 35.00 3.73
C VAL D 129 6.72 34.62 2.30
N THR D 130 7.65 34.91 1.38
CA THR D 130 7.45 34.59 -0.02
C THR D 130 8.03 33.24 -0.42
N GLY D 131 9.05 32.77 0.30
CA GLY D 131 9.61 31.47 0.02
C GLY D 131 10.68 31.48 -1.04
N GLY D 132 11.94 31.31 -0.63
CA GLY D 132 13.06 31.38 -1.53
C GLY D 132 13.60 30.04 -2.00
N ASP D 133 12.97 28.93 -1.61
CA ASP D 133 13.43 27.61 -2.00
C ASP D 133 12.52 27.09 -3.10
N PRO D 134 12.98 27.02 -4.36
CA PRO D 134 12.11 26.53 -5.43
C PRO D 134 11.70 25.07 -5.28
N ASP D 135 12.57 24.22 -4.72
CA ASP D 135 12.19 22.83 -4.51
C ASP D 135 11.04 22.72 -3.52
N GLU D 136 11.11 23.47 -2.43
CA GLU D 136 10.02 23.47 -1.46
C GLU D 136 8.75 24.08 -2.04
N ASN D 137 8.90 25.12 -2.85
CA ASN D 137 7.72 25.75 -3.46
C ASN D 137 7.04 24.82 -4.45
N ARG D 138 7.82 24.08 -5.23
CA ARG D 138 7.23 23.09 -6.14
C ARG D 138 6.56 21.96 -5.37
N GLY D 139 7.09 21.61 -4.19
CA GLY D 139 6.44 20.60 -3.37
C GLY D 139 5.09 21.06 -2.83
N ASP D 140 4.90 22.36 -2.67
CA ASP D 140 3.63 22.91 -2.23
C ASP D 140 2.68 23.22 -3.37
N GLY D 141 3.10 23.03 -4.61
CA GLY D 141 2.26 23.27 -5.76
C GLY D 141 2.48 24.59 -6.46
N SER D 142 3.52 25.32 -6.11
CA SER D 142 3.80 26.64 -6.69
C SER D 142 4.98 26.53 -7.65
N PHE D 143 4.73 26.85 -8.92
CA PHE D 143 5.77 26.85 -9.96
C PHE D 143 5.91 28.27 -10.47
N LEU D 144 6.51 29.15 -9.65
CA LEU D 144 6.60 30.56 -9.95
C LEU D 144 8.06 31.02 -9.86
N SER D 145 8.42 31.97 -10.71
CA SER D 145 9.73 32.59 -10.68
C SER D 145 9.83 33.57 -9.50
N HIS D 146 11.05 34.10 -9.31
CA HIS D 146 11.27 35.05 -8.22
C HIS D 146 10.42 36.30 -8.40
N SER D 147 10.39 36.85 -9.61
CA SER D 147 9.56 38.03 -9.86
C SER D 147 8.08 37.71 -9.69
N GLU D 148 7.68 36.51 -10.12
CA GLU D 148 6.26 36.13 -10.02
C GLU D 148 5.85 35.94 -8.57
N ARG D 149 6.73 35.37 -7.74
CA ARG D 149 6.39 35.11 -6.34
C ARG D 149 6.06 36.41 -5.61
N TYR D 150 6.81 37.48 -5.86
CA TYR D 150 6.52 38.76 -5.24
C TYR D 150 5.29 39.43 -5.85
N GLU D 151 4.89 39.03 -7.05
CA GLU D 151 3.66 39.54 -7.63
C GLU D 151 2.44 38.98 -6.91
N VAL D 152 2.44 37.68 -6.60
CA VAL D 152 1.34 37.11 -5.81
C VAL D 152 1.30 37.75 -4.43
N THR D 153 2.47 37.91 -3.80
CA THR D 153 2.52 38.53 -2.48
C THR D 153 1.94 39.95 -2.51
N ASP D 154 2.22 40.69 -3.58
CA ASP D 154 1.65 42.03 -3.73
C ASP D 154 0.13 41.98 -3.81
N GLU D 155 -0.41 41.12 -4.67
CA GLU D 155 -1.85 40.97 -4.77
C GLU D 155 -2.44 40.34 -3.52
N PHE D 156 -1.71 39.41 -2.90
CA PHE D 156 -2.20 38.77 -1.69
C PHE D 156 -2.41 39.79 -0.58
N LEU D 157 -1.38 40.62 -0.31
CA LEU D 157 -1.47 41.57 0.78
C LEU D 157 -2.55 42.62 0.51
N LYS D 158 -2.75 43.00 -0.74
CA LYS D 158 -3.79 43.97 -1.08
C LYS D 158 -5.17 43.42 -0.74
N ILE D 159 -5.44 42.17 -1.08
CA ILE D 159 -6.71 41.55 -0.71
C ILE D 159 -6.76 41.31 0.80
N TRP D 160 -5.67 40.81 1.38
CA TRP D 160 -5.63 40.48 2.80
C TRP D 160 -5.91 41.70 3.65
N ARG D 161 -5.26 42.83 3.34
CA ARG D 161 -5.44 44.04 4.14
C ARG D 161 -6.85 44.60 4.00
N ARG D 162 -7.44 44.51 2.81
CA ARG D 162 -8.73 45.15 2.59
C ARG D 162 -9.89 44.37 3.19
N VAL D 163 -9.84 43.03 3.14
CA VAL D 163 -10.91 42.23 3.72
C VAL D 163 -10.97 42.40 5.23
N LEU D 164 -9.80 42.55 5.87
CA LEU D 164 -9.76 42.70 7.32
C LEU D 164 -10.29 44.05 7.79
N GLN D 165 -10.45 45.01 6.88
CA GLN D 165 -11.03 46.31 7.22
C GLN D 165 -12.53 46.35 6.93
N GLY D 166 -13.17 45.20 6.73
CA GLY D 166 -14.60 45.14 6.52
C GLY D 166 -15.06 45.30 5.09
N GLU D 167 -14.13 45.46 4.15
CA GLU D 167 -14.49 45.68 2.75
C GLU D 167 -14.95 44.39 2.09
N ALA D 168 -15.97 44.49 1.25
CA ALA D 168 -16.30 43.43 0.31
C ALA D 168 -15.41 43.64 -0.92
N VAL D 169 -14.39 42.81 -1.06
CA VAL D 169 -13.31 43.07 -2.01
C VAL D 169 -13.59 42.36 -3.33
N ASP D 170 -13.53 43.12 -4.42
CA ASP D 170 -13.45 42.58 -5.76
C ASP D 170 -12.06 42.89 -6.30
N PHE D 171 -11.34 41.85 -6.71
CA PHE D 171 -9.95 41.99 -7.12
C PHE D 171 -9.71 40.99 -8.24
N GLU D 172 -9.13 41.47 -9.35
CA GLU D 172 -8.77 40.60 -10.46
C GLU D 172 -7.41 41.04 -10.97
N GLY D 173 -6.35 40.35 -10.52
CA GLY D 173 -5.01 40.64 -10.93
C GLY D 173 -4.46 39.57 -11.87
N LYS D 174 -3.14 39.66 -12.10
CA LYS D 174 -2.49 38.71 -12.98
C LYS D 174 -2.43 37.30 -12.37
N HIS D 175 -2.45 37.21 -11.04
CA HIS D 175 -2.32 35.92 -10.36
C HIS D 175 -3.55 35.56 -9.54
N LEU D 176 -4.08 36.49 -8.75
CA LEU D 176 -5.19 36.21 -7.85
C LEU D 176 -6.46 36.90 -8.34
N LYS D 177 -7.60 36.28 -8.02
CA LYS D 177 -8.89 36.82 -8.41
C LYS D 177 -9.93 36.41 -7.38
N VAL D 178 -10.56 37.39 -6.74
CA VAL D 178 -11.63 37.15 -5.77
C VAL D 178 -12.80 38.06 -6.12
N GLN D 179 -14.00 37.61 -5.77
CA GLN D 179 -15.22 38.35 -6.06
C GLN D 179 -16.13 38.27 -4.84
N ASN D 180 -16.42 39.44 -4.24
CA ASN D 180 -17.22 39.52 -3.02
C ASN D 180 -16.53 38.84 -1.84
N ALA D 181 -15.24 39.14 -1.69
CA ALA D 181 -14.44 38.60 -0.59
C ALA D 181 -14.73 39.40 0.68
N LYS D 182 -15.25 38.72 1.69
CA LYS D 182 -15.62 39.36 2.96
C LYS D 182 -15.08 38.54 4.12
N ALA D 183 -14.58 39.23 5.14
CA ALA D 183 -14.21 38.63 6.42
C ALA D 183 -15.20 39.13 7.46
N LEU D 184 -16.16 38.27 7.84
CA LEU D 184 -17.27 38.71 8.66
C LEU D 184 -16.89 38.96 10.11
N TYR D 185 -15.76 38.44 10.57
CA TYR D 185 -15.34 38.66 11.95
C TYR D 185 -14.15 39.59 11.97
N PRO D 186 -14.30 40.84 12.42
CA PRO D 186 -13.21 41.81 12.36
C PRO D 186 -12.15 41.51 13.40
N PRO D 187 -10.90 41.86 13.11
CA PRO D 187 -9.82 41.60 14.07
C PRO D 187 -9.86 42.60 15.22
N VAL D 188 -9.02 42.31 16.23
CA VAL D 188 -8.95 43.18 17.40
C VAL D 188 -8.03 44.37 17.11
N GLN D 189 -6.88 44.13 16.51
CA GLN D 189 -5.96 45.21 16.15
C GLN D 189 -6.42 45.87 14.86
N LYS D 190 -6.39 47.20 14.85
CA LYS D 190 -6.85 47.95 13.68
C LYS D 190 -5.66 48.60 12.98
N PRO D 191 -5.66 48.64 11.63
CA PRO D 191 -6.69 48.10 10.75
C PRO D 191 -6.59 46.58 10.58
N TYR D 192 -5.41 46.04 10.89
CA TYR D 192 -5.14 44.61 10.78
C TYR D 192 -3.89 44.31 11.58
N PRO D 193 -3.65 43.04 11.92
CA PRO D 193 -2.42 42.67 12.63
C PRO D 193 -1.19 43.17 11.89
N PRO D 194 -0.22 43.74 12.61
CA PRO D 194 0.94 44.36 11.95
C PRO D 194 1.66 43.38 11.03
N LEU D 195 2.14 43.92 9.91
CA LEU D 195 2.79 43.13 8.86
C LEU D 195 4.30 43.27 9.00
N TYR D 196 4.97 42.17 9.32
CA TYR D 196 6.42 42.08 9.30
C TYR D 196 6.85 41.38 8.03
N PHE D 197 7.99 41.80 7.47
CA PHE D 197 8.42 41.29 6.18
C PHE D 197 9.93 41.33 6.08
N GLY D 198 10.49 40.30 5.45
CA GLY D 198 11.93 40.23 5.22
C GLY D 198 12.23 39.95 3.77
N GLY D 199 13.30 40.55 3.28
CA GLY D 199 13.70 40.39 1.90
C GLY D 199 14.84 41.32 1.51
N SER D 200 15.66 40.89 0.54
CA SER D 200 16.82 41.67 0.13
C SER D 200 16.80 42.12 -1.32
N SER D 201 15.94 41.55 -2.16
CA SER D 201 15.89 41.94 -3.55
C SER D 201 15.19 43.30 -3.69
N ASP D 202 15.31 43.87 -4.89
CA ASP D 202 14.62 45.14 -5.17
C ASP D 202 13.11 44.96 -5.16
N ALA D 203 12.63 43.81 -5.64
CA ALA D 203 11.20 43.54 -5.58
C ALA D 203 10.71 43.45 -4.14
N ALA D 204 11.54 42.94 -3.24
CA ALA D 204 11.16 42.88 -1.83
C ALA D 204 11.13 44.27 -1.20
N HIS D 205 12.13 45.10 -1.48
CA HIS D 205 12.17 46.44 -0.90
C HIS D 205 11.02 47.32 -1.39
N ASP D 206 10.59 47.13 -2.64
CA ASP D 206 9.42 47.88 -3.13
C ASP D 206 8.16 47.43 -2.41
N LEU D 207 7.97 46.11 -2.28
CA LEU D 207 6.79 45.60 -1.59
C LEU D 207 6.76 46.05 -0.13
N ALA D 208 7.92 46.00 0.54
CA ALA D 208 7.98 46.42 1.94
C ALA D 208 7.60 47.88 2.10
N ALA D 209 8.16 48.75 1.24
CA ALA D 209 7.91 50.17 1.35
C ALA D 209 6.46 50.54 1.07
N GLU D 210 5.73 49.70 0.33
CA GLU D 210 4.37 50.04 -0.09
C GLU D 210 3.29 49.48 0.83
N GLN D 211 3.49 48.30 1.40
CA GLN D 211 2.40 47.61 2.09
C GLN D 211 2.70 47.24 3.54
N VAL D 212 3.93 46.83 3.85
CA VAL D 212 4.20 46.24 5.16
C VAL D 212 4.36 47.33 6.22
N ASP D 213 4.34 46.92 7.49
CA ASP D 213 4.50 47.84 8.61
C ASP D 213 5.90 47.81 9.22
N VAL D 214 6.55 46.64 9.22
CA VAL D 214 7.90 46.49 9.76
C VAL D 214 8.71 45.70 8.74
N TYR D 215 9.89 46.21 8.40
CA TYR D 215 10.81 45.53 7.51
C TYR D 215 11.89 44.83 8.34
N LEU D 216 12.10 43.55 8.07
CA LEU D 216 13.04 42.72 8.82
C LEU D 216 14.24 42.37 7.95
N THR D 217 15.41 42.38 8.57
CA THR D 217 16.65 41.98 7.90
C THR D 217 17.46 41.10 8.83
N TRP D 218 18.32 40.26 8.26
CA TRP D 218 19.18 39.42 9.07
C TRP D 218 20.36 40.21 9.62
N GLY D 219 21.12 39.56 10.49
CA GLY D 219 22.18 40.21 11.24
C GLY D 219 23.46 40.47 10.48
N GLU D 220 23.40 41.42 9.55
CA GLU D 220 24.58 41.87 8.83
C GLU D 220 25.35 42.88 9.68
N PRO D 221 26.60 43.17 9.34
CA PRO D 221 27.34 44.19 10.06
C PRO D 221 26.63 45.52 10.00
N PRO D 222 26.83 46.39 11.00
CA PRO D 222 26.01 47.61 11.10
C PRO D 222 26.03 48.50 9.86
N ALA D 223 27.15 48.53 9.12
CA ALA D 223 27.20 49.35 7.93
C ALA D 223 26.27 48.84 6.85
N ALA D 224 26.16 47.52 6.70
CA ALA D 224 25.30 46.95 5.67
C ALA D 224 23.82 47.12 6.01
N VAL D 225 23.47 47.03 7.30
CA VAL D 225 22.08 47.22 7.69
C VAL D 225 21.64 48.66 7.46
N ALA D 226 22.53 49.63 7.75
CA ALA D 226 22.18 51.03 7.57
C ALA D 226 21.89 51.34 6.11
N GLU D 227 22.61 50.71 5.18
CA GLU D 227 22.37 50.96 3.77
C GLU D 227 21.07 50.32 3.30
N LYS D 228 20.74 49.12 3.79
CA LYS D 228 19.49 48.49 3.42
C LYS D 228 18.28 49.24 3.98
N LEU D 229 18.38 49.71 5.23
CA LEU D 229 17.28 50.46 5.83
C LEU D 229 17.03 51.77 5.10
N ALA D 230 18.11 52.47 4.70
CA ALA D 230 17.95 53.72 3.98
C ALA D 230 17.27 53.52 2.63
N ASP D 231 17.51 52.38 1.99
CA ASP D 231 16.88 52.10 0.70
C ASP D 231 15.36 51.96 0.86
N VAL D 232 14.93 51.22 1.89
CA VAL D 232 13.50 51.04 2.11
C VAL D 232 12.85 52.34 2.53
N ARG D 233 13.53 53.14 3.35
CA ARG D 233 12.97 54.42 3.79
C ARG D 233 12.77 55.38 2.64
N GLU D 234 13.67 55.35 1.64
CA GLU D 234 13.49 56.21 0.48
C GLU D 234 12.30 55.79 -0.36
N ARG D 235 12.17 54.48 -0.63
CA ARG D 235 11.04 53.99 -1.41
C ARG D 235 9.73 54.24 -0.67
N ALA D 236 9.73 54.10 0.65
CA ALA D 236 8.53 54.35 1.44
C ALA D 236 8.15 55.82 1.45
N ALA D 237 9.15 56.71 1.44
CA ALA D 237 8.87 58.14 1.43
C ALA D 237 8.20 58.56 0.12
N ARG D 238 8.62 57.98 -1.00
CA ARG D 238 8.00 58.30 -2.28
C ARG D 238 6.54 57.88 -2.34
N HIS D 239 6.13 56.93 -1.50
CA HIS D 239 4.73 56.55 -1.39
C HIS D 239 4.03 57.20 -0.19
N GLY D 240 4.67 58.18 0.44
CA GLY D 240 4.07 58.87 1.56
C GLY D 240 3.87 58.02 2.80
N ARG D 241 4.76 57.05 3.04
CA ARG D 241 4.64 56.15 4.18
C ARG D 241 5.95 56.15 4.97
N LYS D 242 5.86 55.64 6.19
CA LYS D 242 7.02 55.43 7.04
C LYS D 242 6.94 54.02 7.62
N VAL D 243 8.01 53.25 7.48
CA VAL D 243 8.06 51.88 7.96
C VAL D 243 9.02 51.79 9.14
N LYS D 244 8.67 50.96 10.11
CA LYS D 244 9.59 50.62 11.20
C LYS D 244 10.43 49.42 10.79
N PHE D 245 11.53 49.22 11.52
CA PHE D 245 12.54 48.23 11.13
C PHE D 245 12.86 47.30 12.29
N GLY D 246 13.22 46.07 11.93
CA GLY D 246 13.62 45.08 12.91
C GLY D 246 14.74 44.21 12.35
N ILE D 247 15.51 43.63 13.27
CA ILE D 247 16.66 42.82 12.90
C ILE D 247 16.58 41.47 13.60
N ARG D 248 17.07 40.44 12.92
CA ARG D 248 17.04 39.06 13.41
C ARG D 248 18.47 38.62 13.67
N LEU D 249 18.72 38.15 14.89
CA LEU D 249 20.08 37.80 15.32
C LEU D 249 20.01 36.63 16.29
N HIS D 250 20.99 35.74 16.20
CA HIS D 250 21.27 34.85 17.31
C HIS D 250 22.05 35.62 18.38
N VAL D 251 22.14 35.02 19.57
CA VAL D 251 22.85 35.67 20.67
C VAL D 251 23.43 34.60 21.59
N ILE D 252 24.71 34.73 21.90
CA ILE D 252 25.39 33.87 22.86
C ILE D 252 26.03 34.80 23.89
N VAL D 253 25.25 35.15 24.91
CA VAL D 253 25.69 36.07 25.95
C VAL D 253 25.93 35.30 27.24
N ARG D 254 27.10 35.51 27.84
CA ARG D 254 27.46 34.95 29.13
C ARG D 254 27.92 36.09 30.03
N GLU D 255 28.23 35.76 31.29
CA GLU D 255 28.65 36.79 32.23
C GLU D 255 30.03 37.35 31.87
N THR D 256 30.90 36.53 31.31
CA THR D 256 32.23 36.97 30.89
C THR D 256 32.41 36.68 29.40
N ALA D 257 33.29 37.48 28.77
CA ALA D 257 33.55 37.30 27.34
C ALA D 257 34.27 35.98 27.06
N GLU D 258 35.07 35.50 28.00
CA GLU D 258 35.82 34.27 27.77
C GLU D 258 34.91 33.05 27.72
N GLU D 259 33.92 32.98 28.61
CA GLU D 259 32.98 31.87 28.58
C GLU D 259 32.11 31.91 27.33
N ALA D 260 31.74 33.11 26.87
CA ALA D 260 30.88 33.23 25.70
C ALA D 260 31.56 32.66 24.47
N TRP D 261 32.82 33.05 24.23
CA TRP D 261 33.54 32.50 23.09
C TRP D 261 33.84 31.03 23.27
N LYS D 262 33.97 30.57 24.53
CA LYS D 262 34.13 29.15 24.78
C LYS D 262 32.88 28.37 24.42
N ALA D 263 31.70 28.94 24.69
CA ALA D 263 30.46 28.29 24.31
C ALA D 263 30.23 28.34 22.80
N ALA D 264 30.66 29.42 22.15
CA ALA D 264 30.53 29.53 20.71
C ALA D 264 31.39 28.49 19.99
N ASP D 265 32.63 28.30 20.46
CA ASP D 265 33.49 27.27 19.88
C ASP D 265 32.91 25.87 20.12
N LYS D 266 32.31 25.66 21.30
CA LYS D 266 31.74 24.35 21.63
C LYS D 266 30.48 24.06 20.83
N LEU D 267 29.77 25.10 20.37
CA LEU D 267 28.52 24.90 19.66
C LEU D 267 28.72 24.24 18.31
N ILE D 268 29.88 24.41 17.68
CA ILE D 268 30.12 23.93 16.33
C ILE D 268 31.28 22.93 16.29
N GLU D 269 31.60 22.29 17.42
CA GLU D 269 32.72 21.37 17.45
C GLU D 269 32.47 20.10 16.65
N HIS D 270 31.22 19.75 16.41
CA HIS D 270 30.90 18.54 15.64
C HIS D 270 30.52 18.89 14.21
N ASN D 304 38.94 32.23 10.20
CA ASN D 304 38.29 33.15 11.13
C ASN D 304 36.79 33.20 10.87
N LEU D 305 36.03 33.53 11.91
CA LEU D 305 34.57 33.63 11.82
C LEU D 305 33.98 34.93 12.35
N GLU D 306 34.72 35.72 13.12
CA GLU D 306 34.22 36.98 13.66
C GLU D 306 34.27 38.03 12.55
N ILE D 307 33.17 38.16 11.82
CA ILE D 307 33.11 39.08 10.68
C ILE D 307 32.92 40.54 11.07
N ALA D 308 32.70 40.83 12.35
CA ALA D 308 32.46 42.18 12.81
C ALA D 308 32.56 42.20 14.34
N PRO D 309 32.78 43.38 14.95
CA PRO D 309 32.85 43.45 16.42
C PRO D 309 31.68 42.78 17.11
N ASN D 310 31.94 41.65 17.77
CA ASN D 310 30.94 40.88 18.49
C ASN D 310 29.87 40.27 17.58
N LEU D 311 30.17 40.14 16.28
CA LEU D 311 29.26 39.51 15.33
C LEU D 311 29.94 38.25 14.80
N TRP D 312 29.44 37.09 15.20
CA TRP D 312 30.07 35.81 14.90
C TRP D 312 29.20 35.05 13.90
N ALA D 313 29.81 34.60 12.82
CA ALA D 313 29.10 33.98 11.71
C ALA D 313 29.13 32.45 11.75
N GLY D 314 29.21 31.87 12.95
CA GLY D 314 29.25 30.43 13.07
C GLY D 314 27.91 29.75 12.84
N VAL D 315 26.81 30.46 13.07
CA VAL D 315 25.48 29.88 12.87
C VAL D 315 25.20 29.63 11.40
N GLY D 316 25.80 30.41 10.50
CA GLY D 316 25.57 30.24 9.09
C GLY D 316 26.20 29.01 8.47
N LEU D 317 26.94 28.22 9.26
CA LEU D 317 27.55 27.02 8.70
C LEU D 317 26.51 25.97 8.35
N VAL D 318 25.41 25.92 9.10
CA VAL D 318 24.31 24.99 8.87
C VAL D 318 23.01 25.78 8.82
N ARG D 319 21.91 25.08 8.53
CA ARG D 319 20.62 25.73 8.32
C ARG D 319 19.94 25.92 9.68
N GLY D 320 20.36 26.96 10.39
CA GLY D 320 19.78 27.33 11.66
C GLY D 320 18.67 28.34 11.51
N GLY D 321 18.49 29.16 12.55
CA GLY D 321 17.49 30.22 12.48
C GLY D 321 17.93 31.35 11.56
N SER D 322 19.15 31.84 11.75
CA SER D 322 19.73 32.85 10.88
C SER D 322 21.15 32.44 10.50
N GLY D 323 22.09 33.38 10.53
CA GLY D 323 23.45 33.07 10.13
C GLY D 323 24.52 33.79 10.92
N THR D 324 24.14 34.78 11.73
CA THR D 324 25.08 35.54 12.55
C THR D 324 24.58 35.55 13.99
N ALA D 325 25.52 35.82 14.91
CA ALA D 325 25.21 35.80 16.33
C ALA D 325 26.02 36.87 17.04
N LEU D 326 25.41 37.48 18.06
CA LEU D 326 26.11 38.40 18.94
C LEU D 326 26.69 37.61 20.10
N VAL D 327 28.03 37.61 20.21
CA VAL D 327 28.75 36.83 21.22
C VAL D 327 29.57 37.80 22.06
N GLY D 328 29.39 37.74 23.37
CA GLY D 328 30.15 38.58 24.26
C GLY D 328 29.51 38.68 25.63
N ASP D 329 30.08 39.56 26.45
CA ASP D 329 29.59 39.83 27.79
C ASP D 329 28.34 40.70 27.73
N PRO D 330 27.62 40.86 28.84
CA PRO D 330 26.39 41.68 28.79
C PRO D 330 26.63 43.10 28.32
N GLN D 331 27.79 43.66 28.64
CA GLN D 331 28.09 45.04 28.23
C GLN D 331 28.32 45.12 26.72
N GLN D 332 29.01 44.12 26.16
CA GLN D 332 29.25 44.11 24.72
C GLN D 332 27.98 43.91 23.92
N VAL D 333 27.10 43.02 24.38
CA VAL D 333 25.86 42.75 23.64
C VAL D 333 24.93 43.96 23.66
N ALA D 334 24.77 44.60 24.82
CA ALA D 334 23.94 45.78 24.90
C ALA D 334 24.50 46.92 24.06
N ALA D 335 25.82 46.97 23.89
CA ALA D 335 26.42 47.99 23.06
C ALA D 335 26.10 47.77 21.59
N ARG D 336 26.20 46.52 21.13
CA ARG D 336 25.83 46.22 19.74
C ARG D 336 24.36 46.47 19.48
N ILE D 337 23.50 46.22 20.46
CA ILE D 337 22.08 46.52 20.32
C ILE D 337 21.86 48.02 20.20
N LYS D 338 22.57 48.80 21.02
CA LYS D 338 22.47 50.26 20.94
C LYS D 338 22.96 50.77 19.60
N GLU D 339 23.90 50.06 18.96
CA GLU D 339 24.37 50.47 17.65
C GLU D 339 23.31 50.24 16.59
N TYR D 340 22.59 49.12 16.66
CA TYR D 340 21.53 48.85 15.70
C TYR D 340 20.30 49.72 15.97
N ALA D 341 20.01 49.98 17.26
CA ALA D 341 18.85 50.79 17.60
C ALA D 341 18.99 52.23 17.13
N ASP D 342 20.22 52.76 17.11
CA ASP D 342 20.44 54.12 16.63
C ASP D 342 20.14 54.27 15.14
N LEU D 343 20.16 53.18 14.39
CA LEU D 343 19.85 53.22 12.97
C LEU D 343 18.36 53.27 12.67
N GLY D 344 17.52 53.10 13.68
CA GLY D 344 16.07 53.07 13.49
C GLY D 344 15.43 51.73 13.73
N ILE D 345 16.20 50.73 14.16
CA ILE D 345 15.65 49.39 14.41
C ILE D 345 14.97 49.40 15.78
N GLU D 346 13.69 49.02 15.80
CA GLU D 346 12.93 48.98 17.04
C GLU D 346 12.58 47.57 17.49
N SER D 347 12.58 46.59 16.59
CA SER D 347 12.29 45.21 16.92
C SER D 347 13.56 44.38 16.84
N PHE D 348 13.75 43.52 17.83
CA PHE D 348 14.92 42.64 17.90
C PHE D 348 14.44 41.23 18.18
N ILE D 349 14.73 40.32 17.26
CA ILE D 349 14.28 38.93 17.36
C ILE D 349 15.52 38.08 17.63
N PHE D 350 15.67 37.64 18.87
CA PHE D 350 16.84 36.88 19.31
C PHE D 350 16.53 35.40 19.45
N SER D 351 17.59 34.60 19.52
CA SER D 351 17.48 33.17 19.75
C SER D 351 18.81 32.66 20.29
N GLY D 352 18.76 31.48 20.92
CA GLY D 352 19.94 30.85 21.46
C GLY D 352 19.75 29.36 21.55
N TYR D 353 20.85 28.67 21.81
CA TYR D 353 20.85 27.20 21.88
C TYR D 353 21.34 26.75 23.25
N PRO D 354 20.52 26.01 24.02
CA PRO D 354 19.14 25.69 23.64
C PRO D 354 18.19 26.86 23.94
N HIS D 355 17.00 26.83 23.32
CA HIS D 355 16.15 28.02 23.32
C HIS D 355 15.52 28.27 24.69
N LEU D 356 15.23 27.22 25.47
CA LEU D 356 14.63 27.41 26.78
C LEU D 356 15.64 28.04 27.75
N GLU D 357 16.80 27.41 27.92
CA GLU D 357 17.80 27.92 28.86
C GLU D 357 18.28 29.31 28.46
N GLU D 358 18.52 29.54 27.17
CA GLU D 358 19.07 30.81 26.73
C GLU D 358 18.04 31.93 26.75
N ALA D 359 16.73 31.60 26.71
CA ALA D 359 15.72 32.63 26.88
C ALA D 359 15.81 33.25 28.27
N TYR D 360 16.09 32.44 29.28
CA TYR D 360 16.33 32.97 30.61
C TYR D 360 17.66 33.71 30.68
N ARG D 361 18.69 33.18 30.02
CA ARG D 361 20.02 33.77 30.13
C ARG D 361 20.08 35.18 29.51
N PHE D 362 19.46 35.37 28.35
CA PHE D 362 19.44 36.70 27.74
C PHE D 362 18.59 37.66 28.56
N ALA D 363 17.44 37.19 29.04
CA ALA D 363 16.52 38.05 29.79
C ALA D 363 17.07 38.44 31.16
N GLU D 364 17.99 37.67 31.72
CA GLU D 364 18.53 37.97 33.03
C GLU D 364 19.83 38.75 32.98
N LEU D 365 20.55 38.69 31.86
CA LEU D 365 21.82 39.41 31.71
C LEU D 365 21.69 40.70 30.92
N VAL D 366 20.76 40.78 29.98
CA VAL D 366 20.69 41.87 29.02
C VAL D 366 19.52 42.81 29.30
N PHE D 367 18.37 42.27 29.73
CA PHE D 367 17.19 43.10 29.99
C PHE D 367 17.45 44.31 30.88
N PRO D 368 18.15 44.19 32.02
CA PRO D 368 18.42 45.41 32.81
C PRO D 368 19.27 46.44 32.11
N LEU D 369 19.99 46.05 31.06
CA LEU D 369 20.81 46.98 30.29
C LEU D 369 20.09 47.57 29.10
N LEU D 370 18.85 47.17 28.85
CA LEU D 370 18.07 47.64 27.73
C LEU D 370 17.12 48.75 28.17
N PRO D 371 16.56 49.52 27.24
CA PRO D 371 15.58 50.55 27.61
C PRO D 371 14.34 49.94 28.23
N GLU D 372 13.47 50.82 28.72
CA GLU D 372 12.21 50.38 29.30
C GLU D 372 11.32 49.79 28.21
N PRO D 373 10.42 48.86 28.57
CA PRO D 373 10.15 48.35 29.92
C PRO D 373 11.08 47.21 30.34
N TYR D 374 12.06 46.87 29.50
CA TYR D 374 12.91 45.71 29.77
C TYR D 374 13.86 45.92 30.94
N ALA D 375 14.19 47.17 31.27
CA ALA D 375 15.09 47.39 32.41
C ALA D 375 14.43 47.04 33.74
N SER D 376 13.11 47.24 33.85
CA SER D 376 12.38 46.95 35.08
C SER D 376 11.73 45.57 35.08
N LEU D 377 11.82 44.83 33.97
CA LEU D 377 11.22 43.50 33.89
C LEU D 377 12.02 42.44 34.64
N ALA D 378 13.33 42.65 34.83
CA ALA D 378 14.13 41.64 35.52
C ALA D 378 13.74 41.51 36.98
N GLY D 379 13.24 42.57 37.60
CA GLY D 379 12.82 42.52 38.99
C GLY D 379 11.38 42.09 39.17
N THR D 383 7.00 40.82 37.97
CA THR D 383 5.92 40.44 38.87
C THR D 383 5.73 41.50 39.97
N ASN D 384 4.62 41.41 40.69
CA ASN D 384 4.33 42.33 41.78
C ASN D 384 4.76 41.78 43.13
N LEU D 385 5.28 40.56 43.18
CA LEU D 385 5.62 39.92 44.43
C LEU D 385 6.91 40.49 45.01
N THR D 386 6.97 40.54 46.34
CA THR D 386 8.15 40.96 47.08
C THR D 386 8.44 39.95 48.18
N GLY D 387 9.57 40.13 48.85
CA GLY D 387 9.98 39.25 49.92
C GLY D 387 11.33 38.63 49.67
N PRO D 388 11.47 37.34 50.04
CA PRO D 388 12.75 36.64 49.83
C PRO D 388 13.13 36.51 48.36
N PHE D 389 14.13 37.28 47.94
CA PHE D 389 14.62 37.24 46.57
C PHE D 389 15.85 36.34 46.56
N GLY D 390 15.64 35.06 46.29
CA GLY D 390 16.66 34.05 46.37
C GLY D 390 16.32 32.98 47.39
N GLU D 391 17.20 32.00 47.50
CA GLU D 391 16.97 30.90 48.43
C GLU D 391 17.21 31.36 49.86
N MET D 392 16.32 30.93 50.76
CA MET D 392 16.38 31.38 52.15
C MET D 392 17.59 30.79 52.86
N ILE D 393 18.32 31.64 53.57
CA ILE D 393 19.45 31.20 54.38
C ILE D 393 18.89 30.64 55.69
N ALA D 394 19.14 29.36 55.94
CA ALA D 394 18.57 28.63 57.09
C ALA D 394 17.05 28.70 56.97
N ASN D 395 16.33 29.16 57.99
CA ASN D 395 14.87 29.30 57.89
C ASN D 395 14.38 30.66 58.37
N ASP D 396 15.29 31.62 58.57
CA ASP D 396 14.87 32.95 59.01
C ASP D 396 15.79 34.08 58.55
N VAL D 397 16.86 33.78 57.81
CA VAL D 397 17.81 34.79 57.35
C VAL D 397 17.53 35.07 55.88
N LEU D 398 17.13 36.32 55.59
CA LEU D 398 16.89 36.71 54.21
C LEU D 398 18.21 36.71 53.44
N PRO D 399 18.16 36.39 52.15
CA PRO D 399 19.41 36.32 51.37
C PRO D 399 20.10 37.67 51.28
N ALA D 400 21.41 37.66 51.46
CA ALA D 400 22.22 38.88 51.44
C ALA D 400 22.47 39.37 50.02
N SER E 23 -1.61 3.54 -19.30
CA SER E 23 -0.80 2.43 -19.81
C SER E 23 -0.62 1.35 -18.74
N MET E 24 -0.73 0.08 -19.15
CA MET E 24 -0.57 -1.02 -18.21
C MET E 24 -0.22 -2.29 -18.98
N ASP E 25 0.76 -3.03 -18.47
CA ASP E 25 1.16 -4.31 -19.04
C ASP E 25 0.94 -5.38 -17.97
N VAL E 26 0.11 -6.37 -18.27
CA VAL E 26 -0.22 -7.44 -17.35
C VAL E 26 0.52 -8.71 -17.79
N PHE E 27 1.36 -9.24 -16.92
CA PHE E 27 2.14 -10.44 -17.18
C PHE E 27 1.56 -11.62 -16.40
N TRP E 28 1.87 -12.82 -16.88
CA TRP E 28 1.64 -14.04 -16.12
C TRP E 28 3.00 -14.64 -15.76
N PHE E 29 2.98 -15.87 -15.26
CA PHE E 29 4.17 -16.48 -14.70
C PHE E 29 4.26 -17.93 -15.14
N LEU E 30 5.45 -18.36 -15.57
CA LEU E 30 5.68 -19.74 -15.93
C LEU E 30 6.24 -20.48 -14.71
N PRO E 31 5.55 -21.50 -14.20
CA PRO E 31 5.97 -22.13 -12.93
C PRO E 31 7.12 -23.12 -13.09
N THR E 32 8.31 -22.61 -13.38
CA THR E 32 9.47 -23.47 -13.50
C THR E 32 10.00 -23.95 -12.15
N HIS E 33 9.46 -23.43 -11.04
CA HIS E 33 9.78 -23.99 -9.72
C HIS E 33 8.96 -25.25 -9.45
N GLY E 34 7.86 -25.44 -10.16
CA GLY E 34 6.93 -26.50 -9.86
C GLY E 34 5.53 -25.93 -9.73
N ASP E 35 4.50 -26.76 -9.92
CA ASP E 35 3.13 -26.28 -9.86
C ASP E 35 2.27 -27.29 -9.11
N GLY E 36 1.07 -26.86 -8.74
CA GLY E 36 0.16 -27.73 -8.04
C GLY E 36 -1.04 -26.95 -7.54
N HIS E 37 -1.88 -27.64 -6.78
CA HIS E 37 -3.04 -27.02 -6.16
C HIS E 37 -2.74 -26.51 -4.76
N TYR E 38 -1.69 -27.02 -4.13
CA TYR E 38 -1.36 -26.69 -2.75
C TYR E 38 0.13 -26.35 -2.65
N LEU E 39 0.46 -25.52 -1.67
CA LEU E 39 1.83 -25.15 -1.40
C LEU E 39 2.42 -26.06 -0.34
N GLY E 40 3.74 -26.23 -0.39
CA GLY E 40 4.43 -27.05 0.60
C GLY E 40 4.39 -28.55 0.40
N THR E 41 3.21 -29.11 0.15
CA THR E 41 3.04 -30.54 -0.01
C THR E 41 3.10 -30.94 -1.48
N THR E 42 3.31 -32.23 -1.71
CA THR E 42 3.23 -32.80 -3.06
C THR E 42 1.81 -33.23 -3.42
N GLN E 43 0.86 -33.07 -2.50
CA GLN E 43 -0.52 -33.42 -2.79
C GLN E 43 -1.10 -32.43 -3.80
N GLY E 44 -1.72 -32.97 -4.85
CA GLY E 44 -2.27 -32.13 -5.90
C GLY E 44 -1.22 -31.44 -6.74
N ALA E 45 0.01 -31.93 -6.70
CA ALA E 45 1.08 -31.34 -7.49
C ALA E 45 0.92 -31.69 -8.96
N ARG E 46 1.56 -30.88 -9.80
CA ARG E 46 1.49 -31.04 -11.25
C ARG E 46 2.92 -30.99 -11.77
N PRO E 47 3.40 -32.03 -12.45
CA PRO E 47 4.79 -32.03 -12.89
C PRO E 47 4.97 -31.03 -14.02
N VAL E 48 6.10 -30.32 -13.98
CA VAL E 48 6.42 -29.31 -14.99
C VAL E 48 7.12 -30.01 -16.15
N THR E 49 6.39 -30.19 -17.24
CA THR E 49 6.90 -30.82 -18.45
C THR E 49 6.87 -29.82 -19.59
N LEU E 50 7.53 -30.21 -20.70
CA LEU E 50 7.45 -29.39 -21.90
C LEU E 50 6.01 -29.19 -22.34
N ASN E 51 5.18 -30.24 -22.22
CA ASN E 51 3.78 -30.13 -22.63
C ASN E 51 3.03 -29.15 -21.76
N TYR E 52 3.27 -29.17 -20.44
CA TYR E 52 2.54 -28.28 -19.55
C TYR E 52 3.02 -26.84 -19.68
N LEU E 53 4.32 -26.64 -19.91
CA LEU E 53 4.83 -25.29 -20.16
C LEU E 53 4.23 -24.72 -21.44
N LYS E 54 4.08 -25.55 -22.47
CA LYS E 54 3.33 -25.13 -23.65
C LYS E 54 1.90 -24.73 -23.28
N GLN E 55 1.27 -25.49 -22.38
CA GLN E 55 -0.10 -25.21 -21.99
C GLN E 55 -0.23 -23.84 -21.36
N VAL E 56 0.67 -23.51 -20.42
CA VAL E 56 0.58 -22.23 -19.72
C VAL E 56 0.97 -21.08 -20.63
N ALA E 57 2.04 -21.24 -21.40
CA ALA E 57 2.51 -20.17 -22.27
C ALA E 57 1.50 -19.87 -23.37
N GLN E 58 0.99 -20.91 -24.04
CA GLN E 58 0.01 -20.70 -25.09
C GLN E 58 -1.30 -20.16 -24.54
N ALA E 59 -1.59 -20.43 -23.26
CA ALA E 59 -2.75 -19.83 -22.62
C ALA E 59 -2.57 -18.33 -22.47
N ALA E 60 -1.44 -17.91 -21.88
CA ALA E 60 -1.16 -16.49 -21.72
C ALA E 60 -1.06 -15.78 -23.06
N ASP E 61 -0.55 -16.45 -24.09
CA ASP E 61 -0.45 -15.84 -25.42
C ASP E 61 -1.83 -15.58 -26.00
N SER E 62 -2.71 -16.57 -25.97
CA SER E 62 -4.03 -16.43 -26.59
C SER E 62 -4.99 -15.62 -25.72
N LEU E 63 -4.84 -15.65 -24.40
CA LEU E 63 -5.70 -14.85 -23.54
C LEU E 63 -5.39 -13.36 -23.63
N GLY E 64 -4.21 -13.00 -24.11
CA GLY E 64 -3.86 -11.61 -24.32
C GLY E 64 -2.92 -11.00 -23.30
N TYR E 65 -2.27 -11.81 -22.47
CA TYR E 65 -1.29 -11.27 -21.54
C TYR E 65 -0.14 -10.65 -22.31
N HIS E 66 0.46 -9.61 -21.73
CA HIS E 66 1.59 -8.95 -22.38
C HIS E 66 2.79 -9.87 -22.46
N GLY E 67 3.06 -10.62 -21.40
CA GLY E 67 4.17 -11.56 -21.41
C GLY E 67 4.11 -12.46 -20.20
N VAL E 68 5.16 -13.27 -20.04
CA VAL E 68 5.32 -14.11 -18.87
C VAL E 68 6.73 -13.91 -18.31
N LEU E 69 6.83 -13.88 -16.99
CA LEU E 69 8.12 -13.86 -16.32
C LEU E 69 8.61 -15.29 -16.14
N ILE E 70 9.88 -15.52 -16.46
CA ILE E 70 10.49 -16.83 -16.30
C ILE E 70 11.59 -16.72 -15.25
N PRO E 71 11.43 -17.35 -14.08
CA PRO E 71 12.44 -17.21 -13.03
C PRO E 71 13.71 -17.96 -13.34
N THR E 72 14.75 -17.64 -12.58
CA THR E 72 16.05 -18.29 -12.67
C THR E 72 16.50 -18.68 -11.27
N GLY E 73 17.45 -19.60 -11.20
CA GLY E 73 17.96 -20.03 -9.91
C GLY E 73 18.12 -21.53 -9.75
N ARG E 74 18.57 -21.95 -8.58
CA ARG E 74 18.79 -23.38 -8.33
C ARG E 74 17.48 -24.14 -8.24
N SER E 75 16.39 -23.47 -7.84
CA SER E 75 15.09 -24.10 -7.71
C SER E 75 14.29 -24.09 -9.00
N CYS E 76 14.87 -23.65 -10.10
CA CYS E 76 14.17 -23.52 -11.38
C CYS E 76 14.87 -24.34 -12.46
N GLU E 77 14.10 -24.67 -13.49
CA GLU E 77 14.70 -25.04 -14.76
C GLU E 77 15.33 -23.78 -15.38
N ASP E 78 16.28 -23.99 -16.28
CA ASP E 78 17.00 -22.84 -16.83
C ASP E 78 16.04 -21.96 -17.64
N SER E 79 16.12 -20.65 -17.39
CA SER E 79 15.18 -19.73 -18.02
C SER E 79 15.43 -19.58 -19.51
N TRP E 80 16.69 -19.63 -19.95
CA TRP E 80 16.97 -19.42 -21.36
C TRP E 80 16.55 -20.60 -22.21
N VAL E 81 16.70 -21.82 -21.68
CA VAL E 81 16.23 -23.00 -22.41
C VAL E 81 14.72 -23.00 -22.52
N ILE E 82 14.02 -22.65 -21.45
CA ILE E 82 12.56 -22.66 -21.46
C ILE E 82 12.03 -21.61 -22.41
N ALA E 83 12.55 -20.38 -22.30
CA ALA E 83 12.06 -19.28 -23.14
C ALA E 83 12.32 -19.56 -24.61
N SER E 84 13.51 -20.05 -24.94
CA SER E 84 13.84 -20.35 -26.34
C SER E 84 12.95 -21.46 -26.87
N ALA E 85 12.61 -22.45 -26.04
CA ALA E 85 11.77 -23.55 -26.49
C ALA E 85 10.34 -23.10 -26.74
N LEU E 86 9.85 -22.13 -25.97
CA LEU E 86 8.47 -21.68 -26.10
C LEU E 86 8.28 -20.53 -27.08
N VAL E 87 9.37 -19.86 -27.49
CA VAL E 87 9.23 -18.73 -28.42
C VAL E 87 8.61 -19.13 -29.75
N PRO E 88 9.07 -20.17 -30.46
CA PRO E 88 8.44 -20.51 -31.74
C PRO E 88 7.01 -21.01 -31.62
N LEU E 89 6.52 -21.29 -30.41
CA LEU E 89 5.17 -21.79 -30.21
C LEU E 89 4.19 -20.70 -29.81
N THR E 90 4.61 -19.44 -29.87
CA THR E 90 3.75 -18.32 -29.53
C THR E 90 3.97 -17.19 -30.53
N GLU E 91 2.96 -16.33 -30.67
CA GLU E 91 2.96 -15.28 -31.67
C GLU E 91 3.20 -13.89 -31.10
N ARG E 92 2.47 -13.48 -30.07
CA ARG E 92 2.60 -12.15 -29.51
C ARG E 92 3.20 -12.11 -28.12
N LEU E 93 3.15 -13.22 -27.38
CA LEU E 93 3.59 -13.21 -25.99
C LEU E 93 5.07 -12.87 -25.89
N ARG E 94 5.40 -12.02 -24.92
CA ARG E 94 6.78 -11.65 -24.64
C ARG E 94 7.32 -12.47 -23.48
N TYR E 95 8.64 -12.56 -23.40
CA TYR E 95 9.31 -13.39 -22.41
C TYR E 95 10.29 -12.56 -21.60
N LEU E 96 10.04 -12.45 -20.30
CA LEU E 96 10.91 -11.74 -19.36
C LEU E 96 11.89 -12.76 -18.80
N VAL E 97 13.03 -12.90 -19.45
CA VAL E 97 14.01 -13.91 -19.08
C VAL E 97 15.04 -13.27 -18.16
N ALA E 98 15.49 -14.02 -17.16
CA ALA E 98 16.41 -13.53 -16.15
C ALA E 98 17.83 -13.88 -16.53
N ILE E 99 18.73 -12.90 -16.40
CA ILE E 99 20.16 -13.12 -16.50
C ILE E 99 20.76 -12.95 -15.10
N ARG E 100 21.96 -13.49 -14.94
CA ARG E 100 22.69 -13.40 -13.66
CA ARG E 100 22.69 -13.39 -13.66
C ARG E 100 24.14 -13.00 -13.94
N PRO E 101 24.51 -11.76 -13.70
CA PRO E 101 25.91 -11.36 -13.84
C PRO E 101 26.78 -12.04 -12.79
N GLY E 102 28.02 -12.29 -13.17
CA GLY E 102 28.99 -12.91 -12.29
C GLY E 102 29.21 -14.39 -12.54
N ILE E 103 28.27 -15.06 -13.20
CA ILE E 103 28.39 -16.48 -13.51
C ILE E 103 28.45 -16.76 -15.01
N ILE E 104 28.36 -15.72 -15.84
CA ILE E 104 28.43 -15.89 -17.29
C ILE E 104 29.09 -14.66 -17.87
N SER E 105 29.79 -14.86 -18.99
CA SER E 105 30.45 -13.74 -19.66
C SER E 105 29.40 -12.74 -20.16
N PRO E 106 29.67 -11.44 -20.04
CA PRO E 106 28.71 -10.47 -20.59
C PRO E 106 28.58 -10.54 -22.10
N THR E 107 29.68 -10.80 -22.80
CA THR E 107 29.62 -10.92 -24.25
C THR E 107 28.76 -12.10 -24.68
N VAL E 108 28.95 -13.25 -24.04
CA VAL E 108 28.16 -14.43 -24.37
C VAL E 108 26.70 -14.20 -24.02
N SER E 109 26.43 -13.61 -22.85
CA SER E 109 25.06 -13.28 -22.47
C SER E 109 24.42 -12.36 -23.48
N ALA E 110 25.19 -11.41 -24.02
CA ALA E 110 24.65 -10.50 -25.03
C ALA E 110 24.31 -11.24 -26.32
N ARG E 111 25.18 -12.18 -26.74
CA ARG E 111 24.89 -12.96 -27.93
C ARG E 111 23.64 -13.81 -27.73
N MET E 112 23.45 -14.36 -26.54
CA MET E 112 22.23 -15.10 -26.24
C MET E 112 21.01 -14.20 -26.35
N ALA E 113 21.09 -13.01 -25.77
CA ALA E 113 19.97 -12.07 -25.86
C ALA E 113 19.67 -11.70 -27.31
N ALA E 114 20.71 -11.45 -28.10
CA ALA E 114 20.50 -11.08 -29.50
C ALA E 114 19.82 -12.22 -30.26
N THR E 115 20.31 -13.45 -30.08
CA THR E 115 19.74 -14.58 -30.81
C THR E 115 18.28 -14.81 -30.43
N LEU E 116 17.97 -14.78 -29.14
CA LEU E 116 16.58 -15.00 -28.71
C LEU E 116 15.70 -13.83 -29.11
N ASP E 117 16.23 -12.60 -29.06
CA ASP E 117 15.45 -11.44 -29.52
C ASP E 117 15.21 -11.50 -31.02
N ARG E 118 16.20 -11.98 -31.78
CA ARG E 118 16.05 -12.09 -33.23
C ARG E 118 15.07 -13.20 -33.61
N LEU E 119 15.20 -14.38 -32.99
CA LEU E 119 14.28 -15.46 -33.28
C LEU E 119 12.85 -15.11 -32.87
N SER E 120 12.69 -14.36 -31.79
CA SER E 120 11.35 -13.98 -31.33
C SER E 120 10.82 -12.74 -32.03
N ASN E 121 11.64 -12.08 -32.84
CA ASN E 121 11.25 -10.83 -33.52
C ASN E 121 10.87 -9.75 -32.53
N GLY E 122 11.77 -9.49 -31.57
CA GLY E 122 11.60 -8.37 -30.66
C GLY E 122 10.71 -8.62 -29.47
N ARG E 123 10.58 -9.88 -29.02
CA ARG E 123 9.71 -10.23 -27.90
C ARG E 123 10.48 -10.58 -26.64
N LEU E 124 11.76 -10.21 -26.56
CA LEU E 124 12.60 -10.58 -25.42
C LEU E 124 12.66 -9.43 -24.43
N LEU E 125 12.46 -9.76 -23.15
CA LEU E 125 12.62 -8.83 -22.04
C LEU E 125 13.59 -9.44 -21.04
N ILE E 126 14.46 -8.59 -20.48
CA ILE E 126 15.55 -9.04 -19.63
C ILE E 126 15.29 -8.65 -18.18
N ASN E 127 15.39 -9.62 -17.28
CA ASN E 127 15.27 -9.41 -15.84
C ASN E 127 16.67 -9.57 -15.25
N VAL E 128 17.24 -8.49 -14.74
CA VAL E 128 18.58 -8.53 -14.16
C VAL E 128 18.48 -9.06 -12.75
N VAL E 129 19.17 -10.17 -12.47
CA VAL E 129 19.09 -10.85 -11.19
C VAL E 129 20.50 -10.95 -10.62
N THR E 130 20.68 -10.46 -9.40
CA THR E 130 21.98 -10.51 -8.74
C THR E 130 22.13 -11.73 -7.83
N GLY E 131 21.02 -12.28 -7.33
CA GLY E 131 21.09 -13.46 -6.50
C GLY E 131 21.32 -13.14 -5.05
N GLY E 132 20.29 -13.32 -4.22
CA GLY E 132 20.36 -12.96 -2.82
C GLY E 132 20.68 -14.08 -1.86
N ASP E 133 20.93 -15.28 -2.37
CA ASP E 133 21.28 -16.41 -1.52
C ASP E 133 22.77 -16.66 -1.64
N PRO E 134 23.57 -16.40 -0.61
CA PRO E 134 25.02 -16.66 -0.72
C PRO E 134 25.35 -18.12 -0.93
N ASP E 135 24.55 -19.04 -0.38
CA ASP E 135 24.79 -20.47 -0.61
C ASP E 135 24.61 -20.83 -2.07
N GLU E 136 23.56 -20.32 -2.70
CA GLU E 136 23.35 -20.58 -4.12
C GLU E 136 24.45 -19.94 -4.97
N ASN E 137 24.91 -18.75 -4.57
CA ASN E 137 25.97 -18.09 -5.31
C ASN E 137 27.28 -18.87 -5.21
N ARG E 138 27.60 -19.39 -4.01
CA ARG E 138 28.79 -20.21 -3.88
C ARG E 138 28.66 -21.52 -4.65
N GLY E 139 27.45 -22.06 -4.77
CA GLY E 139 27.26 -23.25 -5.57
C GLY E 139 27.52 -23.03 -7.04
N ASP E 140 27.32 -21.80 -7.52
CA ASP E 140 27.60 -21.44 -8.90
C ASP E 140 29.03 -20.94 -9.10
N GLY E 141 29.80 -20.84 -8.02
CA GLY E 141 31.17 -20.39 -8.11
C GLY E 141 31.42 -18.94 -7.77
N SER E 142 30.43 -18.25 -7.21
CA SER E 142 30.54 -16.82 -6.89
C SER E 142 30.70 -16.66 -5.38
N PHE E 143 31.84 -16.11 -4.97
CA PHE E 143 32.13 -15.83 -3.57
C PHE E 143 32.29 -14.32 -3.40
N LEU E 144 31.18 -13.59 -3.48
CA LEU E 144 31.20 -12.15 -3.45
C LEU E 144 30.27 -11.63 -2.36
N SER E 145 30.65 -10.50 -1.78
CA SER E 145 29.80 -9.84 -0.81
C SER E 145 28.63 -9.16 -1.53
N HIS E 146 27.71 -8.61 -0.74
CA HIS E 146 26.53 -7.96 -1.32
C HIS E 146 26.95 -6.76 -2.18
N SER E 147 27.87 -5.94 -1.67
CA SER E 147 28.36 -4.80 -2.44
C SER E 147 29.11 -5.26 -3.68
N GLU E 148 29.88 -6.34 -3.56
CA GLU E 148 30.66 -6.83 -4.69
C GLU E 148 29.75 -7.40 -5.78
N ARG E 149 28.66 -8.06 -5.39
CA ARG E 149 27.75 -8.61 -6.39
C ARG E 149 27.17 -7.52 -7.26
N TYR E 150 26.81 -6.38 -6.65
CA TYR E 150 26.29 -5.26 -7.44
C TYR E 150 27.38 -4.53 -8.20
N GLU E 151 28.64 -4.63 -7.76
CA GLU E 151 29.73 -4.08 -8.55
C GLU E 151 29.94 -4.88 -9.82
N VAL E 152 29.86 -6.21 -9.72
CA VAL E 152 29.94 -7.05 -10.91
C VAL E 152 28.76 -6.76 -11.83
N THR E 153 27.56 -6.66 -11.27
CA THR E 153 26.37 -6.36 -12.07
C THR E 153 26.50 -5.01 -12.76
N ASP E 154 27.07 -4.02 -12.06
CA ASP E 154 27.27 -2.70 -12.68
C ASP E 154 28.20 -2.80 -13.88
N GLU E 155 29.35 -3.46 -13.72
CA GLU E 155 30.26 -3.64 -14.84
C GLU E 155 29.69 -4.56 -15.90
N PHE E 156 28.91 -5.57 -15.49
CA PHE E 156 28.28 -6.47 -16.44
C PHE E 156 27.35 -5.74 -17.39
N LEU E 157 26.43 -4.95 -16.84
CA LEU E 157 25.43 -4.28 -17.68
C LEU E 157 26.05 -3.25 -18.62
N LYS E 158 27.12 -2.57 -18.20
CA LYS E 158 27.77 -1.61 -19.09
C LYS E 158 28.31 -2.28 -20.34
N ILE E 159 28.95 -3.44 -20.18
CA ILE E 159 29.44 -4.18 -21.34
C ILE E 159 28.28 -4.74 -22.14
N TRP E 160 27.28 -5.31 -21.46
CA TRP E 160 26.15 -5.95 -22.14
C TRP E 160 25.39 -4.96 -23.02
N ARG E 161 25.11 -3.77 -22.49
CA ARG E 161 24.33 -2.78 -23.23
C ARG E 161 25.11 -2.22 -24.41
N ARG E 162 26.41 -2.00 -24.24
CA ARG E 162 27.21 -1.38 -25.29
C ARG E 162 27.53 -2.37 -26.40
N VAL E 163 27.78 -3.63 -26.04
CA VAL E 163 28.08 -4.66 -27.03
C VAL E 163 26.88 -4.88 -27.96
N LEU E 164 25.66 -4.82 -27.42
CA LEU E 164 24.45 -5.00 -28.21
C LEU E 164 24.16 -3.83 -29.13
N GLN E 165 24.84 -2.69 -28.93
CA GLN E 165 24.70 -1.50 -29.76
C GLN E 165 25.71 -1.43 -30.89
N GLY E 166 26.37 -2.54 -31.22
CA GLY E 166 27.29 -2.59 -32.33
C GLY E 166 28.70 -2.18 -31.99
N GLU E 167 28.94 -1.76 -30.76
CA GLU E 167 30.25 -1.25 -30.37
C GLU E 167 31.19 -2.39 -30.02
N ALA E 168 32.44 -2.27 -30.46
CA ALA E 168 33.50 -3.16 -30.01
C ALA E 168 34.02 -2.62 -28.68
N VAL E 169 33.69 -3.31 -27.60
CA VAL E 169 33.85 -2.75 -26.25
C VAL E 169 35.21 -3.17 -25.69
N ASP E 170 35.96 -2.18 -25.20
CA ASP E 170 37.12 -2.40 -24.35
C ASP E 170 36.76 -1.92 -22.96
N PHE E 171 36.88 -2.81 -21.97
CA PHE E 171 36.45 -2.51 -20.61
C PHE E 171 37.39 -3.25 -19.67
N GLU E 172 37.91 -2.53 -18.67
CA GLU E 172 38.76 -3.15 -17.65
C GLU E 172 38.39 -2.55 -16.31
N GLY E 173 37.54 -3.26 -15.56
CA GLY E 173 37.12 -2.85 -14.24
C GLY E 173 37.73 -3.70 -13.14
N LYS E 174 37.19 -3.53 -11.94
CA LYS E 174 37.68 -4.29 -10.80
C LYS E 174 37.32 -5.77 -10.92
N HIS E 175 36.24 -6.10 -11.62
CA HIS E 175 35.77 -7.47 -11.71
C HIS E 175 35.83 -8.03 -13.11
N LEU E 176 35.34 -7.31 -14.11
CA LEU E 176 35.27 -7.82 -15.47
C LEU E 176 36.26 -7.09 -16.37
N LYS E 177 36.73 -7.81 -17.39
CA LYS E 177 37.69 -7.27 -18.35
C LYS E 177 37.48 -7.94 -19.68
N VAL E 178 37.17 -7.16 -20.71
CA VAL E 178 37.00 -7.66 -22.07
C VAL E 178 37.82 -6.79 -23.02
N GLN E 179 38.23 -7.40 -24.13
CA GLN E 179 39.03 -6.71 -25.14
C GLN E 179 38.47 -7.09 -26.50
N ASN E 180 37.94 -6.11 -27.23
CA ASN E 180 37.33 -6.34 -28.54
C ASN E 180 36.10 -7.25 -28.43
N ALA E 181 35.24 -6.94 -27.46
CA ALA E 181 34.00 -7.69 -27.25
C ALA E 181 32.97 -7.26 -28.27
N LYS E 182 32.52 -8.21 -29.10
CA LYS E 182 31.57 -7.92 -30.17
C LYS E 182 30.45 -8.94 -30.17
N ALA E 183 29.23 -8.45 -30.40
CA ALA E 183 28.06 -9.28 -30.69
C ALA E 183 27.71 -8.98 -32.15
N LEU E 184 28.05 -9.91 -33.04
CA LEU E 184 27.96 -9.64 -34.47
C LEU E 184 26.52 -9.55 -34.98
N TYR E 185 25.56 -10.06 -34.22
CA TYR E 185 24.17 -10.03 -34.67
C TYR E 185 23.40 -9.01 -33.85
N PRO E 186 22.94 -7.90 -34.43
CA PRO E 186 22.29 -6.87 -33.64
C PRO E 186 20.90 -7.30 -33.23
N PRO E 187 20.42 -6.86 -32.06
CA PRO E 187 19.07 -7.25 -31.63
C PRO E 187 18.01 -6.52 -32.42
N VAL E 188 16.77 -6.96 -32.24
CA VAL E 188 15.66 -6.34 -32.95
C VAL E 188 15.19 -5.08 -32.22
N GLN E 189 15.06 -5.15 -30.91
CA GLN E 189 14.69 -3.99 -30.12
C GLN E 189 15.90 -3.10 -29.91
N LYS E 190 15.73 -1.79 -30.11
CA LYS E 190 16.83 -0.86 -29.99
C LYS E 190 16.68 0.00 -28.75
N PRO E 191 17.77 0.32 -28.04
CA PRO E 191 19.15 -0.06 -28.36
C PRO E 191 19.46 -1.50 -27.94
N TYR E 192 18.63 -2.05 -27.06
CA TYR E 192 18.78 -3.40 -26.56
C TYR E 192 17.46 -3.83 -25.95
N PRO E 193 17.25 -5.13 -25.74
CA PRO E 193 16.03 -5.59 -25.07
C PRO E 193 15.85 -4.89 -23.74
N PRO E 194 14.64 -4.43 -23.43
CA PRO E 194 14.42 -3.63 -22.21
C PRO E 194 14.91 -4.37 -20.97
N LEU E 195 15.50 -3.59 -20.04
CA LEU E 195 16.10 -4.14 -18.83
C LEU E 195 15.13 -3.96 -17.67
N TYR E 196 14.65 -5.08 -17.12
CA TYR E 196 13.87 -5.10 -15.91
C TYR E 196 14.78 -5.52 -14.75
N PHE E 197 14.53 -4.97 -13.57
CA PHE E 197 15.40 -5.21 -12.43
C PHE E 197 14.62 -5.07 -11.13
N GLY E 198 14.91 -5.94 -10.18
CA GLY E 198 14.29 -5.87 -8.87
C GLY E 198 15.32 -5.91 -7.77
N GLY E 199 15.08 -5.12 -6.73
CA GLY E 199 15.99 -5.02 -5.61
C GLY E 199 15.61 -3.92 -4.64
N SER E 200 15.95 -4.07 -3.36
CA SER E 200 15.57 -3.11 -2.34
C SER E 200 16.73 -2.45 -1.63
N SER E 201 17.95 -2.95 -1.78
CA SER E 201 19.11 -2.36 -1.12
C SER E 201 19.51 -1.04 -1.79
N ASP E 202 20.40 -0.32 -1.12
CA ASP E 202 20.92 0.93 -1.69
C ASP E 202 21.73 0.67 -2.95
N ALA E 203 22.50 -0.43 -2.96
CA ALA E 203 23.22 -0.79 -4.18
C ALA E 203 22.27 -1.14 -5.31
N ALA E 204 21.12 -1.76 -4.97
CA ALA E 204 20.14 -2.08 -6.00
C ALA E 204 19.46 -0.83 -6.55
N HIS E 205 19.07 0.10 -5.65
CA HIS E 205 18.42 1.32 -6.10
C HIS E 205 19.37 2.21 -6.91
N ASP E 206 20.66 2.23 -6.56
CA ASP E 206 21.60 2.99 -7.36
C ASP E 206 21.77 2.38 -8.75
N LEU E 207 21.93 1.05 -8.81
CA LEU E 207 22.06 0.39 -10.11
C LEU E 207 20.81 0.57 -10.95
N ALA E 208 19.63 0.43 -10.34
CA ALA E 208 18.38 0.57 -11.08
C ALA E 208 18.24 1.97 -11.65
N ALA E 209 18.55 2.99 -10.85
CA ALA E 209 18.39 4.37 -11.30
C ALA E 209 19.36 4.74 -12.41
N GLU E 210 20.48 4.03 -12.53
CA GLU E 210 21.51 4.42 -13.49
C GLU E 210 21.40 3.68 -14.82
N GLN E 211 20.99 2.42 -14.83
CA GLN E 211 21.13 1.59 -16.02
C GLN E 211 19.83 0.97 -16.51
N VAL E 212 18.95 0.54 -15.60
CA VAL E 212 17.80 -0.27 -16.00
C VAL E 212 16.68 0.60 -16.56
N ASP E 213 15.70 -0.04 -17.20
CA ASP E 213 14.56 0.65 -17.77
C ASP E 213 13.30 0.53 -16.92
N VAL E 214 13.13 -0.60 -16.23
CA VAL E 214 11.98 -0.83 -15.37
C VAL E 214 12.46 -1.33 -14.02
N TYR E 215 11.95 -0.74 -12.95
CA TYR E 215 12.24 -1.17 -11.60
C TYR E 215 11.09 -2.03 -11.10
N LEU E 216 11.42 -3.22 -10.60
CA LEU E 216 10.42 -4.16 -10.14
C LEU E 216 10.50 -4.31 -8.62
N THR E 217 9.33 -4.44 -7.99
CA THR E 217 9.24 -4.68 -6.56
C THR E 217 8.20 -5.78 -6.33
N TRP E 218 8.35 -6.49 -5.22
CA TRP E 218 7.36 -7.48 -4.86
C TRP E 218 6.14 -6.80 -4.21
N GLY E 219 5.10 -7.59 -3.96
CA GLY E 219 3.84 -7.05 -3.50
C GLY E 219 3.80 -6.66 -2.04
N GLU E 220 4.52 -5.60 -1.67
CA GLU E 220 4.43 -5.06 -0.33
C GLU E 220 3.20 -4.17 -0.25
N PRO E 221 2.78 -3.79 0.96
CA PRO E 221 1.63 -2.90 1.07
C PRO E 221 1.90 -1.60 0.34
N PRO E 222 0.84 -0.93 -0.15
CA PRO E 222 1.04 0.23 -1.03
C PRO E 222 1.90 1.35 -0.44
N ALA E 223 1.86 1.53 0.88
CA ALA E 223 2.67 2.58 1.47
C ALA E 223 4.16 2.29 1.32
N ALA E 224 4.56 1.03 1.46
CA ALA E 224 5.97 0.69 1.34
C ALA E 224 6.45 0.79 -0.11
N VAL E 225 5.59 0.44 -1.06
CA VAL E 225 5.96 0.54 -2.47
C VAL E 225 6.15 2.00 -2.88
N ALA E 226 5.30 2.90 -2.36
CA ALA E 226 5.40 4.30 -2.73
C ALA E 226 6.75 4.88 -2.30
N GLU E 227 7.27 4.45 -1.15
CA GLU E 227 8.55 4.95 -0.69
C GLU E 227 9.70 4.39 -1.52
N LYS E 228 9.61 3.12 -1.92
CA LYS E 228 10.62 2.53 -2.77
C LYS E 228 10.61 3.17 -4.16
N LEU E 229 9.42 3.41 -4.70
CA LEU E 229 9.32 4.05 -6.01
C LEU E 229 9.84 5.48 -5.97
N ALA E 230 9.50 6.23 -4.90
CA ALA E 230 9.97 7.60 -4.78
C ALA E 230 11.49 7.67 -4.64
N ASP E 231 12.09 6.69 -3.96
CA ASP E 231 13.53 6.67 -3.81
C ASP E 231 14.22 6.46 -5.16
N VAL E 232 13.75 5.49 -5.95
CA VAL E 232 14.39 5.19 -7.22
C VAL E 232 14.22 6.35 -8.20
N ARG E 233 13.04 6.96 -8.25
CA ARG E 233 12.84 8.08 -9.17
C ARG E 233 13.70 9.27 -8.79
N GLU E 234 13.95 9.47 -7.49
CA GLU E 234 14.82 10.56 -7.06
C GLU E 234 16.26 10.31 -7.49
N ARG E 235 16.77 9.08 -7.26
CA ARG E 235 18.12 8.76 -7.70
C ARG E 235 18.23 8.79 -9.22
N ALA E 236 17.18 8.35 -9.91
CA ALA E 236 17.19 8.41 -11.37
C ALA E 236 17.18 9.84 -11.87
N ALA E 237 16.51 10.73 -11.15
CA ALA E 237 16.49 12.13 -11.55
C ALA E 237 17.87 12.77 -11.42
N ARG E 238 18.63 12.39 -10.39
CA ARG E 238 19.98 12.94 -10.25
C ARG E 238 20.88 12.50 -11.40
N HIS E 239 20.55 11.40 -12.07
CA HIS E 239 21.24 10.95 -13.27
C HIS E 239 20.52 11.36 -14.54
N GLY E 240 19.51 12.22 -14.44
CA GLY E 240 18.79 12.67 -15.61
C GLY E 240 18.00 11.61 -16.34
N ARG E 241 17.49 10.61 -15.61
CA ARG E 241 16.76 9.51 -16.20
C ARG E 241 15.42 9.34 -15.51
N LYS E 242 14.53 8.62 -16.17
CA LYS E 242 13.25 8.22 -15.59
C LYS E 242 13.06 6.74 -15.87
N VAL E 243 12.75 5.97 -14.84
CA VAL E 243 12.53 4.53 -14.95
C VAL E 243 11.05 4.27 -14.74
N LYS E 244 10.53 3.28 -15.46
CA LYS E 244 9.16 2.81 -15.22
C LYS E 244 9.17 1.76 -14.13
N PHE E 245 7.99 1.49 -13.58
CA PHE E 245 7.88 0.65 -12.41
C PHE E 245 6.90 -0.49 -12.64
N GLY E 246 7.18 -1.62 -11.99
CA GLY E 246 6.31 -2.77 -12.07
C GLY E 246 6.30 -3.52 -10.75
N ILE E 247 5.23 -4.27 -10.52
CA ILE E 247 5.05 -4.99 -9.27
C ILE E 247 4.72 -6.46 -9.56
N ARG E 248 5.20 -7.33 -8.69
CA ARG E 248 5.02 -8.77 -8.81
C ARG E 248 4.13 -9.24 -7.66
N LEU E 249 3.05 -9.93 -8.00
CA LEU E 249 2.04 -10.33 -7.02
C LEU E 249 1.45 -11.67 -7.40
N HIS E 250 1.10 -12.45 -6.40
CA HIS E 250 0.20 -13.57 -6.63
C HIS E 250 -1.25 -13.06 -6.63
N VAL E 251 -2.17 -13.89 -7.10
CA VAL E 251 -3.57 -13.48 -7.17
C VAL E 251 -4.46 -14.71 -6.97
N ILE E 252 -5.41 -14.60 -6.05
CA ILE E 252 -6.43 -15.62 -5.83
C ILE E 252 -7.77 -14.89 -5.95
N VAL E 253 -8.29 -14.78 -7.16
CA VAL E 253 -9.53 -14.06 -7.44
C VAL E 253 -10.62 -15.07 -7.77
N ARG E 254 -11.76 -14.92 -7.11
CA ARG E 254 -12.95 -15.72 -7.38
C ARG E 254 -14.12 -14.77 -7.61
N GLU E 255 -15.30 -15.34 -7.90
CA GLU E 255 -16.45 -14.49 -8.18
C GLU E 255 -16.93 -13.74 -6.94
N THR E 256 -16.82 -14.35 -5.76
CA THR E 256 -17.21 -13.71 -4.51
C THR E 256 -16.02 -13.73 -3.54
N ALA E 257 -16.07 -12.80 -2.58
CA ALA E 257 -14.99 -12.73 -1.60
C ALA E 257 -14.93 -13.97 -0.72
N GLU E 258 -16.07 -14.62 -0.48
CA GLU E 258 -16.06 -15.82 0.33
C GLU E 258 -15.36 -16.96 -0.39
N GLU E 259 -15.59 -17.10 -1.69
CA GLU E 259 -14.93 -18.15 -2.46
C GLU E 259 -13.43 -17.89 -2.54
N ALA E 260 -13.02 -16.62 -2.66
CA ALA E 260 -11.60 -16.30 -2.76
C ALA E 260 -10.86 -16.63 -1.46
N TRP E 261 -11.38 -16.19 -0.32
CA TRP E 261 -10.72 -16.46 0.94
C TRP E 261 -10.79 -17.95 1.30
N LYS E 262 -11.82 -18.66 0.84
CA LYS E 262 -11.87 -20.09 1.05
C LYS E 262 -10.77 -20.80 0.27
N ALA E 263 -10.46 -20.32 -0.94
CA ALA E 263 -9.38 -20.89 -1.71
C ALA E 263 -8.01 -20.53 -1.13
N ALA E 264 -7.88 -19.34 -0.55
CA ALA E 264 -6.60 -18.95 0.05
C ALA E 264 -6.26 -19.82 1.25
N ASP E 265 -7.24 -20.09 2.13
CA ASP E 265 -6.99 -21.00 3.24
C ASP E 265 -6.71 -22.42 2.74
N LYS E 266 -7.39 -22.83 1.68
CA LYS E 266 -7.20 -24.18 1.16
C LYS E 266 -5.83 -24.34 0.50
N LEU E 267 -5.24 -23.23 0.02
CA LEU E 267 -3.96 -23.32 -0.66
C LEU E 267 -2.84 -23.75 0.29
N ILE E 268 -2.96 -23.42 1.58
CA ILE E 268 -1.90 -23.69 2.53
C ILE E 268 -2.37 -24.62 3.66
N GLU E 269 -3.48 -25.34 3.46
CA GLU E 269 -4.01 -26.18 4.54
C GLU E 269 -3.13 -27.40 4.81
N HIS E 270 -2.31 -27.81 3.85
CA HIS E 270 -1.45 -28.98 4.02
C HIS E 270 -0.02 -28.60 4.35
N ILE E 271 0.23 -27.37 4.78
CA ILE E 271 1.56 -26.92 5.15
C ILE E 271 1.77 -27.16 6.64
N SER E 272 2.70 -28.04 6.97
CA SER E 272 3.04 -28.29 8.36
C SER E 272 3.88 -27.15 8.91
N ASP E 273 3.82 -26.98 10.23
CA ASP E 273 4.72 -26.04 10.89
C ASP E 273 6.18 -26.40 10.69
N GLU E 274 6.49 -27.68 10.43
CA GLU E 274 7.86 -28.07 10.13
C GLU E 274 8.34 -27.42 8.85
N THR E 275 7.52 -27.46 7.80
CA THR E 275 7.89 -26.81 6.54
C THR E 275 7.98 -25.31 6.68
N ILE E 276 7.18 -24.72 7.57
CA ILE E 276 7.28 -23.29 7.85
C ILE E 276 8.67 -22.95 8.36
N GLU E 277 9.15 -23.71 9.35
CA GLU E 277 10.45 -23.43 9.93
C GLU E 277 11.60 -23.79 9.00
N ALA E 278 11.35 -24.64 7.99
CA ALA E 278 12.39 -24.92 7.01
C ALA E 278 12.55 -23.78 6.02
N ALA E 279 11.44 -23.13 5.66
CA ALA E 279 11.51 -22.00 4.73
C ALA E 279 12.05 -20.76 5.42
N GLN E 280 11.55 -20.45 6.62
CA GLN E 280 11.97 -19.25 7.31
C GLN E 280 13.41 -19.33 7.79
N LYS E 281 13.91 -20.55 8.04
CA LYS E 281 15.33 -20.70 8.38
C LYS E 281 16.21 -20.46 7.17
N SER E 282 15.74 -20.87 5.98
CA SER E 282 16.51 -20.65 4.76
C SER E 282 16.46 -19.18 4.35
N PHE E 283 15.33 -18.51 4.59
CA PHE E 283 15.22 -17.10 4.24
C PHE E 283 16.15 -16.25 5.10
N SER E 284 16.49 -16.71 6.29
CA SER E 284 17.41 -15.97 7.14
C SER E 284 18.85 -16.04 6.63
N ARG E 285 19.19 -17.08 5.87
CA ARG E 285 20.52 -17.19 5.28
C ARG E 285 20.72 -16.20 4.15
N PHE E 286 19.64 -15.72 3.54
CA PHE E 286 19.74 -14.87 2.37
C PHE E 286 20.38 -13.53 2.72
N ASP E 287 20.89 -12.86 1.69
CA ASP E 287 21.53 -11.56 1.81
C ASP E 287 20.76 -10.49 1.03
N SER E 288 19.45 -10.68 0.89
CA SER E 288 18.61 -9.85 0.05
C SER E 288 17.73 -8.95 0.92
N GLU E 289 17.81 -7.64 0.68
CA GLU E 289 16.91 -6.72 1.37
C GLU E 289 15.47 -6.89 0.90
N GLY E 290 15.27 -7.17 -0.39
CA GLY E 290 13.93 -7.41 -0.88
C GLY E 290 13.30 -8.65 -0.26
N GLN E 291 14.10 -9.71 -0.10
CA GLN E 291 13.59 -10.92 0.55
C GLN E 291 13.37 -10.69 2.04
N ARG E 292 14.24 -9.91 2.68
CA ARG E 292 14.09 -9.64 4.11
C ARG E 292 12.82 -8.86 4.37
N ARG E 293 12.55 -7.83 3.55
CA ARG E 293 11.30 -7.07 3.70
C ARG E 293 10.10 -7.95 3.46
N MET E 294 10.19 -8.89 2.50
CA MET E 294 9.07 -9.76 2.19
C MET E 294 8.80 -10.73 3.34
N ALA E 295 9.85 -11.38 3.85
CA ALA E 295 9.67 -12.32 4.95
C ALA E 295 9.28 -11.63 6.25
N ALA E 296 9.57 -10.33 6.39
CA ALA E 296 9.23 -9.59 7.59
C ALA E 296 7.75 -9.23 7.66
N LEU E 297 6.95 -9.63 6.69
CA LEU E 297 5.52 -9.31 6.68
C LEU E 297 4.68 -10.32 7.45
N HIS E 298 5.14 -11.56 7.57
CA HIS E 298 4.38 -12.61 8.22
C HIS E 298 5.06 -13.17 9.46
N ASP E 299 6.38 -13.28 9.45
CA ASP E 299 7.15 -13.80 10.60
C ASP E 299 6.72 -15.23 10.98
N GLY E 300 6.33 -16.02 9.99
CA GLY E 300 5.97 -17.40 10.23
C GLY E 300 4.63 -17.64 10.90
N ARG E 301 3.86 -16.59 11.14
CA ARG E 301 2.55 -16.76 11.77
C ARG E 301 1.50 -17.10 10.73
N ARG E 302 0.35 -17.61 11.22
CA ARG E 302 -0.77 -17.96 10.36
C ARG E 302 -2.09 -17.31 10.75
N ASP E 303 -2.14 -16.55 11.84
CA ASP E 303 -3.39 -16.00 12.37
C ASP E 303 -3.83 -14.71 11.67
N ASN E 304 -2.91 -13.77 11.46
CA ASN E 304 -3.22 -12.49 10.82
C ASN E 304 -2.35 -12.36 9.56
N LEU E 305 -2.69 -13.12 8.53
CA LEU E 305 -1.92 -13.09 7.29
C LEU E 305 -2.33 -11.97 6.36
N GLU E 306 -3.51 -11.40 6.54
CA GLU E 306 -3.97 -10.29 5.69
C GLU E 306 -3.28 -9.03 6.20
N ILE E 307 -2.11 -8.73 5.63
CA ILE E 307 -1.32 -7.58 6.07
C ILE E 307 -1.85 -6.25 5.55
N ALA E 308 -2.86 -6.29 4.70
CA ALA E 308 -3.45 -5.09 4.11
C ALA E 308 -4.76 -5.51 3.45
N PRO E 309 -5.68 -4.57 3.23
CA PRO E 309 -6.97 -4.93 2.58
C PRO E 309 -6.78 -5.73 1.30
N ASN E 310 -7.18 -7.00 1.35
CA ASN E 310 -7.08 -7.94 0.24
C ASN E 310 -5.64 -8.28 -0.14
N LEU E 311 -4.69 -8.06 0.77
CA LEU E 311 -3.30 -8.41 0.54
C LEU E 311 -2.95 -9.50 1.56
N TRP E 312 -2.79 -10.72 1.09
CA TRP E 312 -2.64 -11.90 1.93
C TRP E 312 -1.23 -12.45 1.81
N ALA E 313 -0.56 -12.62 2.95
CA ALA E 313 0.84 -13.02 2.99
C ALA E 313 1.01 -14.52 3.25
N GLY E 314 0.03 -15.34 2.85
CA GLY E 314 0.14 -16.76 3.08
C GLY E 314 1.09 -17.46 2.13
N VAL E 315 1.31 -16.88 0.94
CA VAL E 315 2.22 -17.50 -0.01
C VAL E 315 3.66 -17.42 0.48
N GLY E 316 4.00 -16.38 1.24
CA GLY E 316 5.33 -16.22 1.76
C GLY E 316 5.71 -17.15 2.88
N LEU E 317 4.77 -17.99 3.35
CA LEU E 317 5.09 -18.92 4.42
C LEU E 317 6.06 -20.00 3.97
N VAL E 318 6.00 -20.39 2.69
CA VAL E 318 6.89 -21.43 2.18
C VAL E 318 7.62 -20.97 0.93
N ARG E 319 6.95 -20.19 0.08
CA ARG E 319 7.51 -19.83 -1.21
C ARG E 319 8.42 -18.62 -1.08
N GLY E 320 9.57 -18.69 -1.75
CA GLY E 320 10.48 -17.57 -1.86
C GLY E 320 10.00 -16.57 -2.90
N GLY E 321 10.88 -15.61 -3.20
CA GLY E 321 10.54 -14.52 -4.08
C GLY E 321 9.40 -13.68 -3.56
N SER E 322 8.29 -13.61 -4.28
CA SER E 322 7.14 -12.91 -3.74
C SER E 322 6.55 -13.71 -2.58
N GLY E 323 5.66 -13.07 -1.84
CA GLY E 323 5.11 -13.67 -0.63
C GLY E 323 3.68 -13.29 -0.34
N THR E 324 3.14 -12.36 -1.13
CA THR E 324 1.80 -11.86 -0.93
C THR E 324 0.95 -12.07 -2.18
N ALA E 325 -0.36 -12.03 -1.98
CA ALA E 325 -1.32 -12.30 -3.03
C ALA E 325 -2.53 -11.40 -2.84
N LEU E 326 -3.13 -11.02 -3.96
CA LEU E 326 -4.39 -10.28 -3.95
C LEU E 326 -5.53 -11.29 -3.90
N VAL E 327 -6.30 -11.26 -2.82
CA VAL E 327 -7.39 -12.22 -2.57
C VAL E 327 -8.68 -11.43 -2.46
N GLY E 328 -9.66 -11.79 -3.28
CA GLY E 328 -10.95 -11.14 -3.23
C GLY E 328 -11.72 -11.35 -4.53
N ASP E 329 -12.84 -10.66 -4.62
CA ASP E 329 -13.68 -10.68 -5.80
C ASP E 329 -13.07 -9.81 -6.89
N PRO E 330 -13.60 -9.85 -8.12
CA PRO E 330 -12.98 -9.05 -9.19
C PRO E 330 -12.92 -7.56 -8.92
N GLN E 331 -13.91 -6.98 -8.23
CA GLN E 331 -13.85 -5.54 -7.94
C GLN E 331 -12.80 -5.22 -6.89
N GLN E 332 -12.67 -6.06 -5.86
CA GLN E 332 -11.64 -5.83 -4.85
C GLN E 332 -10.25 -6.00 -5.41
N VAL E 333 -10.04 -7.02 -6.25
CA VAL E 333 -8.73 -7.25 -6.85
C VAL E 333 -8.37 -6.12 -7.82
N ALA E 334 -9.33 -5.71 -8.66
CA ALA E 334 -9.08 -4.62 -9.59
C ALA E 334 -8.84 -3.30 -8.86
N ALA E 335 -9.44 -3.13 -7.67
CA ALA E 335 -9.22 -1.92 -6.90
C ALA E 335 -7.78 -1.82 -6.39
N ARG E 336 -7.25 -2.94 -5.88
CA ARG E 336 -5.86 -2.95 -5.45
C ARG E 336 -4.91 -2.72 -6.63
N ILE E 337 -5.30 -3.20 -7.82
CA ILE E 337 -4.49 -2.96 -9.01
C ILE E 337 -4.51 -1.48 -9.36
N LYS E 338 -5.67 -0.83 -9.27
CA LYS E 338 -5.73 0.61 -9.55
C LYS E 338 -4.92 1.40 -8.53
N GLU E 339 -4.85 0.94 -7.28
CA GLU E 339 -4.13 1.68 -6.27
C GLU E 339 -2.63 1.70 -6.54
N TYR E 340 -2.05 0.53 -6.89
CA TYR E 340 -0.64 0.49 -7.24
C TYR E 340 -0.37 1.32 -8.49
N ALA E 341 -1.30 1.31 -9.45
CA ALA E 341 -1.13 2.08 -10.67
C ALA E 341 -1.14 3.58 -10.39
N ASP E 342 -1.91 4.02 -9.38
CA ASP E 342 -1.94 5.44 -9.05
C ASP E 342 -0.60 5.93 -8.51
N LEU E 343 0.24 5.02 -8.02
CA LEU E 343 1.58 5.38 -7.58
C LEU E 343 2.57 5.47 -8.73
N GLY E 344 2.18 5.06 -9.93
CA GLY E 344 3.06 5.04 -11.09
C GLY E 344 3.43 3.67 -11.59
N ILE E 345 2.86 2.61 -11.02
CA ILE E 345 3.18 1.25 -11.44
C ILE E 345 2.41 0.93 -12.72
N GLU E 346 3.14 0.55 -13.77
CA GLU E 346 2.55 0.24 -15.06
C GLU E 346 2.63 -1.23 -15.43
N SER E 347 3.54 -2.00 -14.84
CA SER E 347 3.67 -3.42 -15.12
C SER E 347 3.20 -4.22 -13.91
N PHE E 348 2.44 -5.29 -14.18
CA PHE E 348 1.91 -6.17 -13.14
C PHE E 348 2.20 -7.60 -13.54
N ILE E 349 2.97 -8.31 -12.71
CA ILE E 349 3.35 -9.69 -12.98
C ILE E 349 2.63 -10.58 -11.98
N PHE E 350 1.61 -11.30 -12.45
CA PHE E 350 0.77 -12.13 -11.59
C PHE E 350 1.08 -13.62 -11.73
N SER E 351 0.57 -14.39 -10.77
CA SER E 351 0.69 -15.84 -10.78
C SER E 351 -0.41 -16.43 -9.92
N GLY E 352 -0.69 -17.71 -10.12
CA GLY E 352 -1.72 -18.40 -9.37
C GLY E 352 -1.44 -19.89 -9.34
N TYR E 353 -2.20 -20.59 -8.50
CA TYR E 353 -2.04 -22.03 -8.32
C TYR E 353 -3.34 -22.75 -8.63
N PRO E 354 -3.36 -23.67 -9.61
CA PRO E 354 -2.23 -23.90 -10.51
C PRO E 354 -2.18 -22.83 -11.60
N HIS E 355 -1.03 -22.72 -12.28
CA HIS E 355 -0.80 -21.57 -13.16
C HIS E 355 -1.67 -21.59 -14.41
N LEU E 356 -2.01 -22.78 -14.91
CA LEU E 356 -2.85 -22.85 -16.11
C LEU E 356 -4.27 -22.41 -15.82
N GLU E 357 -4.92 -23.04 -14.84
CA GLU E 357 -6.31 -22.70 -14.53
C GLU E 357 -6.45 -21.25 -14.08
N GLU E 358 -5.51 -20.77 -13.25
CA GLU E 358 -5.62 -19.41 -12.73
C GLU E 358 -5.28 -18.35 -13.76
N ALA E 359 -4.53 -18.70 -14.81
CA ALA E 359 -4.32 -17.75 -15.90
C ALA E 359 -5.63 -17.42 -16.60
N TYR E 360 -6.49 -18.42 -16.79
CA TYR E 360 -7.81 -18.15 -17.37
C TYR E 360 -8.69 -17.40 -16.39
N ARG E 361 -8.62 -17.74 -15.09
CA ARG E 361 -9.52 -17.14 -14.12
C ARG E 361 -9.27 -15.65 -13.98
N PHE E 362 -8.00 -15.24 -13.95
CA PHE E 362 -7.66 -13.82 -13.87
C PHE E 362 -8.08 -13.09 -15.13
N ALA E 363 -7.84 -13.72 -16.29
CA ALA E 363 -8.15 -13.08 -17.57
C ALA E 363 -9.64 -12.95 -17.81
N GLU E 364 -10.47 -13.78 -17.18
CA GLU E 364 -11.91 -13.73 -17.37
C GLU E 364 -12.63 -12.93 -16.30
N LEU E 365 -12.04 -12.77 -15.11
CA LEU E 365 -12.66 -12.02 -14.03
C LEU E 365 -12.13 -10.61 -13.86
N VAL E 366 -10.87 -10.37 -14.20
CA VAL E 366 -10.21 -9.10 -13.92
C VAL E 366 -9.99 -8.27 -15.18
N PHE E 367 -9.68 -8.91 -16.31
CA PHE E 367 -9.43 -8.19 -17.55
C PHE E 367 -10.53 -7.20 -17.93
N PRO E 368 -11.82 -7.53 -17.87
CA PRO E 368 -12.84 -6.53 -18.21
C PRO E 368 -12.87 -5.33 -17.28
N LEU E 369 -12.31 -5.44 -16.09
CA LEU E 369 -12.27 -4.33 -15.14
C LEU E 369 -10.99 -3.51 -15.25
N LEU E 370 -10.08 -3.89 -16.13
CA LEU E 370 -8.81 -3.23 -16.34
C LEU E 370 -8.90 -2.31 -17.54
N PRO E 371 -7.95 -1.38 -17.69
CA PRO E 371 -7.92 -0.51 -18.88
C PRO E 371 -7.70 -1.31 -20.15
N GLU E 372 -7.81 -0.60 -21.28
CA GLU E 372 -7.56 -1.21 -22.57
C GLU E 372 -6.07 -1.56 -22.68
N PRO E 373 -5.73 -2.58 -23.50
CA PRO E 373 -6.61 -3.39 -24.34
C PRO E 373 -7.23 -4.58 -23.60
N TYR E 374 -6.98 -4.67 -22.30
CA TYR E 374 -7.45 -5.83 -21.54
C TYR E 374 -8.98 -5.81 -21.36
N ALA E 375 -9.59 -4.64 -21.41
CA ALA E 375 -11.04 -4.54 -21.26
C ALA E 375 -11.78 -5.13 -22.46
N SER E 376 -11.21 -5.02 -23.66
CA SER E 376 -11.87 -5.47 -24.88
C SER E 376 -11.47 -6.89 -25.29
N LEU E 377 -10.54 -7.52 -24.58
CA LEU E 377 -10.15 -8.88 -24.94
C LEU E 377 -11.17 -9.92 -24.50
N ALA E 378 -11.95 -9.63 -23.47
CA ALA E 378 -12.96 -10.56 -22.96
C ALA E 378 -14.13 -10.77 -23.93
N SER F 23 27.39 -50.77 -35.44
CA SER F 23 26.78 -49.55 -34.95
C SER F 23 27.34 -48.32 -35.66
N MET F 24 26.46 -47.39 -36.01
CA MET F 24 26.89 -46.17 -36.70
C MET F 24 25.84 -45.09 -36.51
N ASP F 25 26.29 -43.88 -36.18
CA ASP F 25 25.41 -42.72 -36.03
C ASP F 25 25.82 -41.67 -37.06
N VAL F 26 24.88 -41.29 -37.93
CA VAL F 26 25.11 -40.32 -38.99
C VAL F 26 24.44 -39.01 -38.58
N PHE F 27 25.23 -37.95 -38.48
CA PHE F 27 24.75 -36.63 -38.10
C PHE F 27 24.73 -35.73 -39.33
N TRP F 28 23.93 -34.68 -39.25
CA TRP F 28 23.98 -33.57 -40.20
C TRP F 28 24.46 -32.32 -39.47
N PHE F 29 24.34 -31.17 -40.12
CA PHE F 29 24.96 -29.94 -39.62
C PHE F 29 23.99 -28.78 -39.79
N LEU F 30 23.85 -27.97 -38.73
CA LEU F 30 23.05 -26.75 -38.80
C LEU F 30 23.97 -25.58 -39.11
N PRO F 31 23.81 -24.89 -40.24
CA PRO F 31 24.72 -23.77 -40.58
C PRO F 31 24.33 -22.48 -39.87
N THR F 32 24.57 -22.44 -38.56
CA THR F 32 24.21 -21.25 -37.80
C THR F 32 25.15 -20.08 -38.05
N HIS F 33 26.27 -20.29 -38.73
CA HIS F 33 27.09 -19.18 -39.21
C HIS F 33 26.59 -18.61 -40.53
N GLY F 34 25.75 -19.34 -41.26
CA GLY F 34 25.33 -18.96 -42.59
C GLY F 34 25.43 -20.10 -43.59
N ASP F 35 24.66 -20.00 -44.67
CA ASP F 35 24.58 -21.06 -45.67
C ASP F 35 24.55 -20.44 -47.06
N GLY F 36 24.73 -21.29 -48.07
CA GLY F 36 24.70 -20.83 -49.44
C GLY F 36 25.11 -21.92 -50.40
N HIS F 37 25.19 -21.55 -51.68
CA HIS F 37 25.62 -22.46 -52.73
C HIS F 37 27.11 -22.38 -53.02
N TYR F 38 27.77 -21.28 -52.68
CA TYR F 38 29.17 -21.08 -53.01
C TYR F 38 29.93 -20.57 -51.79
N LEU F 39 31.21 -20.92 -51.74
CA LEU F 39 32.11 -20.49 -50.68
C LEU F 39 32.89 -19.25 -51.13
N GLY F 40 33.29 -18.45 -50.15
CA GLY F 40 34.07 -17.25 -50.44
C GLY F 40 33.28 -16.04 -50.90
N THR F 41 32.37 -16.22 -51.84
CA THR F 41 31.57 -15.12 -52.36
C THR F 41 30.25 -15.02 -51.60
N THR F 42 29.62 -13.84 -51.71
CA THR F 42 28.29 -13.63 -51.17
C THR F 42 27.18 -14.00 -52.15
N GLN F 43 27.53 -14.45 -53.34
CA GLN F 43 26.52 -14.86 -54.32
C GLN F 43 25.84 -16.14 -53.86
N GLY F 44 24.51 -16.14 -53.88
CA GLY F 44 23.76 -17.30 -53.46
C GLY F 44 23.78 -17.60 -51.99
N ALA F 45 24.14 -16.61 -51.16
CA ALA F 45 24.16 -16.84 -49.72
C ALA F 45 22.73 -16.95 -49.19
N ARG F 46 22.61 -17.59 -48.03
CA ARG F 46 21.31 -17.84 -47.42
C ARG F 46 21.37 -17.40 -45.97
N PRO F 47 20.56 -16.42 -45.55
CA PRO F 47 20.65 -15.91 -44.18
C PRO F 47 20.09 -16.89 -43.16
N VAL F 48 20.69 -16.87 -41.97
CA VAL F 48 20.30 -17.78 -40.89
C VAL F 48 19.11 -17.17 -40.16
N THR F 49 17.93 -17.74 -40.41
CA THR F 49 16.70 -17.34 -39.75
C THR F 49 16.13 -18.52 -38.98
N LEU F 50 15.13 -18.23 -38.13
CA LEU F 50 14.42 -19.31 -37.46
C LEU F 50 13.79 -20.26 -38.46
N ASN F 51 13.22 -19.72 -39.53
CA ASN F 51 12.52 -20.56 -40.51
C ASN F 51 13.48 -21.49 -41.24
N TYR F 52 14.66 -20.99 -41.63
CA TYR F 52 15.58 -21.86 -42.38
C TYR F 52 16.21 -22.91 -41.49
N LEU F 53 16.54 -22.56 -40.25
CA LEU F 53 17.05 -23.56 -39.32
C LEU F 53 15.99 -24.62 -39.02
N LYS F 54 14.73 -24.20 -38.89
CA LYS F 54 13.63 -25.15 -38.77
C LYS F 54 13.59 -26.09 -39.96
N GLN F 55 13.81 -25.55 -41.17
CA GLN F 55 13.79 -26.37 -42.37
C GLN F 55 14.85 -27.45 -42.32
N VAL F 56 16.08 -27.08 -41.95
CA VAL F 56 17.17 -28.05 -41.93
C VAL F 56 16.98 -29.07 -40.82
N ALA F 57 16.58 -28.59 -39.62
CA ALA F 57 16.39 -29.50 -38.50
C ALA F 57 15.25 -30.47 -38.75
N GLN F 58 14.11 -29.97 -39.22
CA GLN F 58 12.99 -30.85 -39.52
C GLN F 58 13.30 -31.79 -40.69
N ALA F 59 14.21 -31.38 -41.58
CA ALA F 59 14.65 -32.27 -42.65
C ALA F 59 15.44 -33.44 -42.09
N ALA F 60 16.47 -33.16 -41.28
CA ALA F 60 17.25 -34.21 -40.66
C ALA F 60 16.39 -35.07 -39.74
N ASP F 61 15.39 -34.48 -39.10
CA ASP F 61 14.51 -35.24 -38.23
C ASP F 61 13.70 -36.27 -39.02
N SER F 62 13.08 -35.84 -40.12
CA SER F 62 12.23 -36.74 -40.89
C SER F 62 13.02 -37.69 -41.77
N LEU F 63 14.20 -37.29 -42.24
CA LEU F 63 15.01 -38.18 -43.06
C LEU F 63 15.63 -39.31 -42.25
N GLY F 64 15.73 -39.16 -40.93
CA GLY F 64 16.22 -40.21 -40.08
C GLY F 64 17.64 -40.04 -39.56
N TYR F 65 18.23 -38.86 -39.69
CA TYR F 65 19.56 -38.63 -39.14
C TYR F 65 19.54 -38.80 -37.63
N HIS F 66 20.67 -39.25 -37.08
CA HIS F 66 20.77 -39.44 -35.64
C HIS F 66 20.71 -38.11 -34.91
N GLY F 67 21.38 -37.09 -35.45
CA GLY F 67 21.34 -35.78 -34.86
C GLY F 67 21.95 -34.75 -35.79
N VAL F 68 22.10 -33.54 -35.26
CA VAL F 68 22.79 -32.46 -35.97
C VAL F 68 23.81 -31.84 -35.03
N LEU F 69 24.98 -31.53 -35.57
CA LEU F 69 25.98 -30.76 -34.85
C LEU F 69 25.69 -29.28 -35.05
N ILE F 70 25.75 -28.52 -33.97
CA ILE F 70 25.51 -27.07 -34.00
C ILE F 70 26.82 -26.38 -33.65
N PRO F 71 27.42 -25.63 -34.57
CA PRO F 71 28.70 -24.98 -34.26
C PRO F 71 28.50 -23.83 -33.29
N THR F 72 29.61 -23.40 -32.70
CA THR F 72 29.60 -22.31 -31.74
C THR F 72 30.71 -21.32 -32.08
N GLY F 73 30.61 -20.13 -31.51
CA GLY F 73 31.61 -19.11 -31.74
C GLY F 73 31.03 -17.73 -31.97
N ARG F 74 31.90 -16.76 -32.19
CA ARG F 74 31.45 -15.38 -32.38
C ARG F 74 30.72 -15.21 -33.69
N SER F 75 31.02 -16.04 -34.69
CA SER F 75 30.40 -15.96 -36.00
C SER F 75 29.07 -16.71 -36.09
N CYS F 76 28.58 -17.22 -34.97
CA CYS F 76 27.34 -17.98 -34.95
C CYS F 76 26.34 -17.32 -34.01
N GLU F 77 25.06 -17.61 -34.24
CA GLU F 77 24.07 -17.40 -33.21
C GLU F 77 24.29 -18.39 -32.07
N ASP F 78 23.75 -18.06 -30.90
CA ASP F 78 23.98 -18.90 -29.72
C ASP F 78 23.39 -20.28 -29.94
N SER F 79 24.20 -21.31 -29.64
CA SER F 79 23.79 -22.69 -29.91
C SER F 79 22.67 -23.14 -29.00
N TRP F 80 22.67 -22.68 -27.75
CA TRP F 80 21.65 -23.16 -26.80
C TRP F 80 20.28 -22.59 -27.12
N VAL F 81 20.22 -21.34 -27.58
CA VAL F 81 18.94 -20.77 -27.98
C VAL F 81 18.40 -21.49 -29.20
N ILE F 82 19.28 -21.80 -30.16
CA ILE F 82 18.85 -22.48 -31.39
C ILE F 82 18.36 -23.89 -31.07
N ALA F 83 19.16 -24.65 -30.31
CA ALA F 83 18.80 -26.02 -30.00
C ALA F 83 17.53 -26.09 -29.17
N SER F 84 17.39 -25.21 -28.18
CA SER F 84 16.18 -25.22 -27.35
C SER F 84 14.95 -24.87 -28.19
N ALA F 85 15.11 -23.97 -29.16
CA ALA F 85 13.98 -23.58 -30.00
C ALA F 85 13.54 -24.70 -30.93
N LEU F 86 14.48 -25.54 -31.37
CA LEU F 86 14.18 -26.61 -32.31
C LEU F 86 13.77 -27.91 -31.64
N VAL F 87 14.01 -28.06 -30.33
CA VAL F 87 13.63 -29.29 -29.65
C VAL F 87 12.12 -29.57 -29.72
N PRO F 88 11.23 -28.64 -29.36
CA PRO F 88 9.79 -28.93 -29.47
C PRO F 88 9.29 -29.07 -30.90
N LEU F 89 10.10 -28.73 -31.91
CA LEU F 89 9.69 -28.82 -33.30
C LEU F 89 10.19 -30.08 -33.99
N THR F 90 10.79 -31.01 -33.26
CA THR F 90 11.31 -32.24 -33.81
C THR F 90 10.99 -33.39 -32.86
N GLU F 91 10.96 -34.60 -33.41
CA GLU F 91 10.53 -35.78 -32.65
C GLU F 91 11.70 -36.66 -32.22
N ARG F 92 12.54 -37.08 -33.16
CA ARG F 92 13.62 -38.01 -32.87
C ARG F 92 15.01 -37.41 -32.98
N LEU F 93 15.18 -36.30 -33.70
CA LEU F 93 16.50 -35.74 -33.94
C LEU F 93 17.15 -35.32 -32.62
N ARG F 94 18.43 -35.65 -32.50
CA ARG F 94 19.25 -35.27 -31.35
C ARG F 94 20.06 -34.03 -31.69
N TYR F 95 20.51 -33.31 -30.66
CA TYR F 95 21.21 -32.05 -30.84
C TYR F 95 22.55 -32.09 -30.13
N LEU F 96 23.63 -31.96 -30.89
CA LEU F 96 24.99 -31.92 -30.35
C LEU F 96 25.35 -30.46 -30.10
N VAL F 97 25.06 -29.99 -28.90
CA VAL F 97 25.24 -28.59 -28.50
C VAL F 97 26.58 -28.44 -27.79
N ALA F 98 27.25 -27.31 -28.02
CA ALA F 98 28.57 -27.05 -27.49
C ALA F 98 28.50 -26.27 -26.18
N ILE F 99 29.29 -26.71 -25.20
CA ILE F 99 29.53 -25.96 -23.97
C ILE F 99 30.98 -25.48 -23.98
N ARG F 100 31.20 -24.25 -23.53
CA ARG F 100 32.53 -23.65 -23.57
C ARG F 100 32.99 -23.31 -22.16
N PRO F 101 33.79 -24.16 -21.53
CA PRO F 101 34.31 -23.83 -20.20
C PRO F 101 35.17 -22.58 -20.23
N GLY F 102 35.14 -21.84 -19.12
CA GLY F 102 35.89 -20.62 -18.98
C GLY F 102 35.08 -19.36 -19.16
N ILE F 103 33.91 -19.45 -19.81
CA ILE F 103 33.03 -18.31 -20.02
C ILE F 103 31.68 -18.47 -19.33
N ILE F 104 31.44 -19.60 -18.67
CA ILE F 104 30.19 -19.82 -17.96
C ILE F 104 30.47 -20.70 -16.73
N SER F 105 29.67 -20.50 -15.69
CA SER F 105 29.80 -21.31 -14.48
C SER F 105 29.51 -22.77 -14.81
N PRO F 106 30.26 -23.71 -14.24
CA PRO F 106 29.96 -25.13 -14.49
C PRO F 106 28.63 -25.58 -13.93
N THR F 107 28.23 -25.06 -12.76
CA THR F 107 26.94 -25.42 -12.19
C THR F 107 25.80 -24.96 -13.09
N VAL F 108 25.88 -23.72 -13.58
CA VAL F 108 24.84 -23.19 -14.45
C VAL F 108 24.78 -23.96 -15.76
N SER F 109 25.95 -24.30 -16.31
CA SER F 109 25.98 -25.11 -17.52
C SER F 109 25.30 -26.45 -17.30
N ALA F 110 25.44 -27.04 -16.11
CA ALA F 110 24.79 -28.30 -15.82
C ALA F 110 23.27 -28.16 -15.79
N ARG F 111 22.77 -27.07 -15.19
CA ARG F 111 21.32 -26.85 -15.16
C ARG F 111 20.76 -26.65 -16.55
N MET F 112 21.49 -25.94 -17.42
CA MET F 112 21.07 -25.75 -18.80
C MET F 112 20.99 -27.10 -19.52
N ALA F 113 22.02 -27.92 -19.37
CA ALA F 113 22.02 -29.23 -20.02
C ALA F 113 20.87 -30.10 -19.52
N ALA F 114 20.62 -30.10 -18.20
CA ALA F 114 19.54 -30.90 -17.66
C ALA F 114 18.19 -30.45 -18.19
N THR F 115 17.95 -29.13 -18.22
CA THR F 115 16.67 -28.62 -18.67
C THR F 115 16.41 -28.98 -20.13
N LEU F 116 17.40 -28.79 -20.99
CA LEU F 116 17.22 -29.13 -22.40
C LEU F 116 17.12 -30.63 -22.61
N ASP F 117 17.86 -31.41 -21.82
CA ASP F 117 17.74 -32.86 -21.90
C ASP F 117 16.38 -33.35 -21.43
N ARG F 118 15.80 -32.67 -20.43
CA ARG F 118 14.48 -33.04 -19.95
C ARG F 118 13.39 -32.67 -20.96
N LEU F 119 13.47 -31.46 -21.53
CA LEU F 119 12.47 -31.05 -22.51
C LEU F 119 12.51 -31.92 -23.76
N SER F 120 13.71 -32.37 -24.14
CA SER F 120 13.87 -33.18 -25.34
C SER F 120 13.68 -34.68 -25.09
N ASN F 121 13.54 -35.10 -23.83
CA ASN F 121 13.43 -36.52 -23.49
C ASN F 121 14.66 -37.30 -23.97
N GLY F 122 15.84 -36.81 -23.58
CA GLY F 122 17.07 -37.54 -23.83
C GLY F 122 17.66 -37.34 -25.21
N ARG F 123 17.42 -36.20 -25.85
CA ARG F 123 17.95 -35.93 -27.18
C ARG F 123 19.08 -34.93 -27.19
N LEU F 124 19.68 -34.66 -26.04
CA LEU F 124 20.75 -33.67 -25.93
C LEU F 124 22.10 -34.37 -25.94
N LEU F 125 23.01 -33.87 -26.78
CA LEU F 125 24.40 -34.33 -26.82
C LEU F 125 25.30 -33.12 -26.63
N ILE F 126 26.37 -33.29 -25.87
CA ILE F 126 27.22 -32.19 -25.45
C ILE F 126 28.56 -32.28 -26.18
N ASN F 127 28.96 -31.18 -26.81
CA ASN F 127 30.24 -31.05 -27.49
C ASN F 127 31.13 -30.12 -26.66
N VAL F 128 32.21 -30.65 -26.10
CA VAL F 128 33.10 -29.86 -25.27
C VAL F 128 34.05 -29.06 -26.17
N VAL F 129 34.00 -27.74 -26.05
CA VAL F 129 34.78 -26.82 -26.88
C VAL F 129 35.60 -25.93 -25.96
N THR F 130 36.91 -25.89 -26.20
CA THR F 130 37.81 -25.07 -25.38
C THR F 130 38.01 -23.68 -25.95
N GLY F 131 37.87 -23.51 -27.27
CA GLY F 131 38.02 -22.21 -27.89
C GLY F 131 39.45 -21.89 -28.25
N GLY F 132 39.77 -21.93 -29.54
CA GLY F 132 41.12 -21.75 -30.02
C GLY F 132 41.49 -20.39 -30.57
N ASP F 133 40.58 -19.41 -30.55
CA ASP F 133 40.87 -18.10 -31.09
C ASP F 133 41.15 -17.15 -29.93
N PRO F 134 42.39 -16.70 -29.73
CA PRO F 134 42.67 -15.79 -28.61
C PRO F 134 41.97 -14.44 -28.71
N ASP F 135 41.76 -13.94 -29.93
CA ASP F 135 41.04 -12.67 -30.06
C ASP F 135 39.60 -12.79 -29.58
N GLU F 136 38.93 -13.87 -29.96
CA GLU F 136 37.55 -14.09 -29.50
C GLU F 136 37.51 -14.36 -28.00
N ASN F 137 38.48 -15.10 -27.48
CA ASN F 137 38.48 -15.40 -26.04
C ASN F 137 38.65 -14.15 -25.19
N ARG F 138 39.53 -13.24 -25.62
CA ARG F 138 39.64 -11.97 -24.91
C ARG F 138 38.37 -11.15 -25.02
N GLY F 139 37.66 -11.27 -26.14
CA GLY F 139 36.38 -10.60 -26.28
C GLY F 139 35.33 -11.12 -25.33
N ASP F 140 35.43 -12.38 -24.92
CA ASP F 140 34.51 -12.95 -23.95
C ASP F 140 34.97 -12.77 -22.51
N GLY F 141 36.17 -12.25 -22.29
CA GLY F 141 36.66 -12.00 -20.95
C GLY F 141 37.57 -13.08 -20.39
N SER F 142 37.98 -14.05 -21.21
CA SER F 142 38.81 -15.17 -20.76
C SER F 142 40.23 -14.94 -21.25
N PHE F 143 41.16 -14.83 -20.31
CA PHE F 143 42.57 -14.58 -20.60
C PHE F 143 43.40 -15.75 -20.10
N LEU F 144 43.35 -16.87 -20.83
CA LEU F 144 44.00 -18.10 -20.41
C LEU F 144 44.93 -18.60 -21.51
N SER F 145 46.05 -19.19 -21.11
CA SER F 145 46.98 -19.80 -22.05
C SER F 145 46.44 -21.15 -22.51
N HIS F 146 47.17 -21.76 -23.46
CA HIS F 146 46.75 -23.06 -24.00
C HIS F 146 46.73 -24.13 -22.90
N SER F 147 47.79 -24.20 -22.09
CA SER F 147 47.82 -25.16 -21.00
C SER F 147 46.75 -24.86 -19.96
N GLU F 148 46.52 -23.57 -19.69
CA GLU F 148 45.53 -23.20 -18.68
C GLU F 148 44.11 -23.51 -19.14
N ARG F 149 43.83 -23.32 -20.44
CA ARG F 149 42.49 -23.56 -20.96
C ARG F 149 42.06 -25.00 -20.74
N TYR F 150 42.97 -25.96 -20.95
CA TYR F 150 42.63 -27.36 -20.69
C TYR F 150 42.56 -27.66 -19.21
N GLU F 151 43.18 -26.83 -18.36
CA GLU F 151 43.03 -27.00 -16.92
C GLU F 151 41.63 -26.62 -16.46
N VAL F 152 41.10 -25.50 -16.96
CA VAL F 152 39.72 -25.13 -16.62
C VAL F 152 38.74 -26.17 -17.14
N THR F 153 38.92 -26.62 -18.39
CA THR F 153 38.02 -27.64 -18.94
C THR F 153 38.07 -28.91 -18.10
N ASP F 154 39.26 -29.27 -17.62
CA ASP F 154 39.39 -30.44 -16.74
C ASP F 154 38.60 -30.25 -15.46
N GLU F 155 38.81 -29.10 -14.79
CA GLU F 155 38.06 -28.83 -13.56
C GLU F 155 36.60 -28.58 -13.84
N PHE F 156 36.27 -27.96 -15.00
CA PHE F 156 34.89 -27.74 -15.37
C PHE F 156 34.14 -29.06 -15.50
N LEU F 157 34.69 -29.99 -16.27
CA LEU F 157 34.03 -31.27 -16.52
C LEU F 157 33.88 -32.10 -15.25
N LYS F 158 34.84 -32.02 -14.34
CA LYS F 158 34.72 -32.77 -13.08
C LYS F 158 33.51 -32.28 -12.29
N ILE F 159 33.33 -30.96 -12.20
CA ILE F 159 32.17 -30.41 -11.52
C ILE F 159 30.90 -30.70 -12.31
N TRP F 160 30.96 -30.51 -13.63
CA TRP F 160 29.77 -30.66 -14.47
C TRP F 160 29.21 -32.09 -14.39
N ARG F 161 30.08 -33.10 -14.51
CA ARG F 161 29.62 -34.48 -14.50
C ARG F 161 29.07 -34.89 -13.15
N ARG F 162 29.68 -34.41 -12.07
CA ARG F 162 29.28 -34.85 -10.74
C ARG F 162 27.99 -34.18 -10.28
N VAL F 163 27.81 -32.91 -10.64
CA VAL F 163 26.59 -32.19 -10.27
C VAL F 163 25.38 -32.80 -10.94
N LEU F 164 25.53 -33.27 -12.19
CA LEU F 164 24.43 -33.89 -12.91
C LEU F 164 24.07 -35.28 -12.39
N GLN F 165 24.92 -35.89 -11.56
CA GLN F 165 24.61 -37.19 -10.98
C GLN F 165 23.96 -37.08 -9.60
N GLY F 166 23.48 -35.89 -9.23
CA GLY F 166 22.77 -35.70 -7.99
C GLY F 166 23.64 -35.37 -6.79
N GLU F 167 24.94 -35.25 -6.96
CA GLU F 167 25.86 -35.03 -5.85
C GLU F 167 26.02 -33.54 -5.57
N ALA F 168 25.98 -33.19 -4.29
CA ALA F 168 26.31 -31.83 -3.86
C ALA F 168 27.83 -31.70 -3.83
N VAL F 169 28.39 -31.00 -4.81
CA VAL F 169 29.82 -31.03 -5.09
C VAL F 169 30.52 -29.87 -4.39
N ASP F 170 31.60 -30.20 -3.67
CA ASP F 170 32.56 -29.21 -3.19
C ASP F 170 33.86 -29.43 -3.95
N PHE F 171 34.34 -28.38 -4.61
CA PHE F 171 35.51 -28.47 -5.47
C PHE F 171 36.29 -27.18 -5.40
N GLU F 172 37.59 -27.28 -5.21
CA GLU F 172 38.48 -26.12 -5.19
C GLU F 172 39.74 -26.48 -5.97
N GLY F 173 39.79 -26.06 -7.24
CA GLY F 173 40.92 -26.31 -8.09
C GLY F 173 41.75 -25.06 -8.34
N LYS F 174 42.64 -25.18 -9.33
CA LYS F 174 43.51 -24.05 -9.67
C LYS F 174 42.71 -22.90 -10.28
N HIS F 175 41.61 -23.19 -10.95
CA HIS F 175 40.83 -22.17 -11.64
C HIS F 175 39.41 -22.03 -11.12
N LEU F 176 38.69 -23.13 -10.91
CA LEU F 176 37.29 -23.10 -10.53
C LEU F 176 37.12 -23.53 -9.09
N LYS F 177 36.07 -23.02 -8.46
CA LYS F 177 35.78 -23.30 -7.05
C LYS F 177 34.28 -23.21 -6.82
N VAL F 178 33.68 -24.30 -6.37
CA VAL F 178 32.25 -24.33 -6.04
C VAL F 178 32.08 -24.93 -4.65
N GLN F 179 30.99 -24.51 -3.99
CA GLN F 179 30.67 -24.98 -2.64
C GLN F 179 29.17 -25.24 -2.58
N ASN F 180 28.81 -26.51 -2.34
CA ASN F 180 27.40 -26.93 -2.29
C ASN F 180 26.73 -26.72 -3.66
N ALA F 181 27.40 -27.16 -4.70
CA ALA F 181 26.88 -27.08 -6.06
C ALA F 181 25.90 -28.22 -6.29
N LYS F 182 24.64 -27.88 -6.58
CA LYS F 182 23.59 -28.86 -6.76
C LYS F 182 22.79 -28.56 -8.02
N ALA F 183 22.42 -29.61 -8.76
CA ALA F 183 21.46 -29.52 -9.85
C ALA F 183 20.22 -30.27 -9.40
N LEU F 184 19.19 -29.52 -9.00
CA LEU F 184 18.02 -30.13 -8.36
C LEU F 184 17.16 -30.91 -9.34
N TYR F 185 17.29 -30.67 -10.64
CA TYR F 185 16.50 -31.40 -11.64
C TYR F 185 17.39 -32.37 -12.39
N PRO F 186 17.22 -33.68 -12.19
CA PRO F 186 18.14 -34.63 -12.78
C PRO F 186 17.89 -34.78 -14.27
N PRO F 187 18.93 -35.08 -15.05
CA PRO F 187 18.74 -35.22 -16.50
C PRO F 187 18.04 -36.52 -16.85
N VAL F 188 17.67 -36.64 -18.12
CA VAL F 188 17.01 -37.85 -18.61
C VAL F 188 18.04 -38.93 -18.93
N GLN F 189 19.11 -38.56 -19.63
CA GLN F 189 20.17 -39.52 -19.95
C GLN F 189 21.07 -39.72 -18.74
N LYS F 190 21.39 -40.97 -18.44
CA LYS F 190 22.22 -41.31 -17.31
C LYS F 190 23.59 -41.79 -17.78
N PRO F 191 24.67 -41.40 -17.09
CA PRO F 191 24.67 -40.55 -15.90
C PRO F 191 24.50 -39.07 -16.24
N TYR F 192 24.79 -38.72 -17.49
CA TYR F 192 24.68 -37.35 -17.99
C TYR F 192 24.69 -37.41 -19.50
N PRO F 193 24.26 -36.33 -20.17
CA PRO F 193 24.31 -36.30 -21.64
C PRO F 193 25.71 -36.62 -22.14
N PRO F 194 25.83 -37.48 -23.15
CA PRO F 194 27.15 -37.92 -23.61
C PRO F 194 28.05 -36.75 -23.99
N LEU F 195 29.33 -36.88 -23.66
CA LEU F 195 30.32 -35.83 -23.88
C LEU F 195 31.11 -36.14 -25.15
N TYR F 196 30.96 -35.30 -26.16
CA TYR F 196 31.79 -35.35 -27.36
C TYR F 196 32.89 -34.31 -27.27
N PHE F 197 34.05 -34.63 -27.83
CA PHE F 197 35.21 -33.76 -27.71
C PHE F 197 36.16 -33.96 -28.88
N GLY F 198 36.73 -32.86 -29.35
CA GLY F 198 37.71 -32.90 -30.41
C GLY F 198 38.96 -32.14 -30.02
N GLY F 199 40.11 -32.65 -30.46
CA GLY F 199 41.38 -32.04 -30.12
C GLY F 199 42.58 -32.84 -30.56
N SER F 200 43.71 -32.18 -30.81
CA SER F 200 44.90 -32.83 -31.31
C SER F 200 46.12 -32.74 -30.39
N SER F 201 46.12 -31.85 -29.41
CA SER F 201 47.26 -31.72 -28.51
C SER F 201 47.30 -32.89 -27.53
N ASP F 202 48.43 -33.00 -26.82
CA ASP F 202 48.55 -34.04 -25.80
C ASP F 202 47.59 -33.77 -24.65
N ALA F 203 47.39 -32.50 -24.29
CA ALA F 203 46.41 -32.16 -23.26
C ALA F 203 45.00 -32.52 -23.70
N ALA F 204 44.71 -32.39 -25.00
CA ALA F 204 43.38 -32.76 -25.50
C ALA F 204 43.17 -34.28 -25.44
N HIS F 205 44.18 -35.05 -25.87
CA HIS F 205 44.05 -36.50 -25.82
C HIS F 205 43.96 -37.02 -24.39
N ASP F 206 44.66 -36.36 -23.46
CA ASP F 206 44.55 -36.75 -22.05
C ASP F 206 43.15 -36.44 -21.52
N LEU F 207 42.64 -35.24 -21.81
CA LEU F 207 41.30 -34.86 -21.36
C LEU F 207 40.25 -35.78 -21.97
N ALA F 208 40.38 -36.09 -23.26
CA ALA F 208 39.42 -36.98 -23.92
C ALA F 208 39.44 -38.36 -23.30
N ALA F 209 40.64 -38.91 -23.08
CA ALA F 209 40.77 -40.26 -22.54
C ALA F 209 40.25 -40.38 -21.11
N GLU F 210 40.19 -39.27 -20.36
CA GLU F 210 39.80 -39.35 -18.96
C GLU F 210 38.32 -39.09 -18.72
N GLN F 211 37.69 -38.21 -19.48
CA GLN F 211 36.35 -37.76 -19.13
C GLN F 211 35.30 -37.95 -20.22
N VAL F 212 35.66 -37.77 -21.50
CA VAL F 212 34.65 -37.72 -22.55
C VAL F 212 34.17 -39.10 -22.95
N ASP F 213 33.07 -39.15 -23.69
CA ASP F 213 32.50 -40.40 -24.17
C ASP F 213 32.78 -40.68 -25.63
N VAL F 214 32.86 -39.65 -26.47
CA VAL F 214 33.15 -39.81 -27.89
C VAL F 214 34.24 -38.82 -28.26
N TYR F 215 35.28 -39.30 -28.93
CA TYR F 215 36.37 -38.46 -29.41
C TYR F 215 36.15 -38.17 -30.90
N LEU F 216 36.24 -36.90 -31.27
CA LEU F 216 36.00 -36.47 -32.64
C LEU F 216 37.31 -36.06 -33.29
N THR F 217 37.45 -36.38 -34.57
CA THR F 217 38.63 -36.05 -35.35
C THR F 217 38.20 -35.48 -36.70
N TRP F 218 39.10 -34.73 -37.32
CA TRP F 218 38.82 -34.18 -38.64
C TRP F 218 39.03 -35.27 -39.71
N GLY F 219 38.61 -34.95 -40.94
CA GLY F 219 38.63 -35.91 -42.02
C GLY F 219 39.99 -36.10 -42.66
N GLU F 220 40.93 -36.70 -41.94
CA GLU F 220 42.24 -37.01 -42.49
C GLU F 220 42.21 -38.33 -43.24
N PRO F 221 43.23 -38.62 -44.04
CA PRO F 221 43.27 -39.92 -44.74
C PRO F 221 43.25 -41.05 -43.74
N PRO F 222 42.77 -42.23 -44.14
CA PRO F 222 42.54 -43.31 -43.18
C PRO F 222 43.76 -43.70 -42.36
N ALA F 223 44.96 -43.60 -42.92
CA ALA F 223 46.15 -43.95 -42.15
C ALA F 223 46.36 -42.97 -40.99
N ALA F 224 46.08 -41.69 -41.21
CA ALA F 224 46.27 -40.70 -40.16
C ALA F 224 45.23 -40.83 -39.06
N VAL F 225 43.99 -41.17 -39.41
CA VAL F 225 42.96 -41.35 -38.39
C VAL F 225 43.27 -42.57 -37.52
N ALA F 226 43.76 -43.64 -38.13
CA ALA F 226 44.06 -44.85 -37.37
C ALA F 226 45.11 -44.61 -36.30
N GLU F 227 46.08 -43.73 -36.57
CA GLU F 227 47.11 -43.44 -35.57
C GLU F 227 46.57 -42.60 -34.42
N LYS F 228 45.70 -41.62 -34.73
CA LYS F 228 45.10 -40.84 -33.66
C LYS F 228 44.16 -41.67 -32.80
N LEU F 229 43.36 -42.54 -33.43
CA LEU F 229 42.46 -43.40 -32.68
C LEU F 229 43.24 -44.38 -31.80
N ALA F 230 44.34 -44.93 -32.33
CA ALA F 230 45.15 -45.86 -31.54
C ALA F 230 45.78 -45.15 -30.34
N ASP F 231 46.16 -43.89 -30.50
CA ASP F 231 46.73 -43.14 -29.38
C ASP F 231 45.70 -42.92 -28.28
N VAL F 232 44.49 -42.50 -28.67
CA VAL F 232 43.44 -42.25 -27.69
C VAL F 232 43.01 -43.55 -27.02
N ARG F 233 42.95 -44.65 -27.79
CA ARG F 233 42.59 -45.94 -27.21
C ARG F 233 43.64 -46.39 -26.19
N GLU F 234 44.92 -46.06 -26.43
CA GLU F 234 45.97 -46.42 -25.49
C GLU F 234 45.85 -45.59 -24.21
N ARG F 235 45.67 -44.27 -24.34
CA ARG F 235 45.52 -43.42 -23.17
C ARG F 235 44.24 -43.75 -22.40
N ALA F 236 43.17 -44.11 -23.09
CA ALA F 236 41.92 -44.45 -22.42
C ALA F 236 42.05 -45.72 -21.59
N ALA F 237 42.86 -46.69 -22.04
CA ALA F 237 43.05 -47.91 -21.28
C ALA F 237 43.78 -47.64 -19.96
N ARG F 238 44.74 -46.71 -19.98
CA ARG F 238 45.47 -46.36 -18.77
C ARG F 238 44.57 -45.74 -17.70
N HIS F 239 43.42 -45.19 -18.10
CA HIS F 239 42.41 -44.72 -17.15
C HIS F 239 41.30 -45.73 -16.94
N GLY F 240 41.45 -46.96 -17.46
CA GLY F 240 40.43 -47.97 -17.31
C GLY F 240 39.14 -47.66 -18.02
N ARG F 241 39.20 -46.93 -19.13
CA ARG F 241 38.02 -46.52 -19.87
C ARG F 241 38.18 -46.88 -21.34
N LYS F 242 37.05 -46.87 -22.05
CA LYS F 242 37.01 -47.06 -23.49
C LYS F 242 36.15 -45.96 -24.10
N VAL F 243 36.68 -45.28 -25.11
CA VAL F 243 35.99 -44.16 -25.74
C VAL F 243 35.54 -44.58 -27.14
N LYS F 244 34.38 -44.10 -27.55
CA LYS F 244 33.92 -44.26 -28.92
C LYS F 244 34.46 -43.12 -29.77
N PHE F 245 34.41 -43.30 -31.08
CA PHE F 245 35.07 -42.38 -31.99
C PHE F 245 34.11 -41.88 -33.06
N GLY F 246 34.34 -40.65 -33.50
CA GLY F 246 33.55 -40.06 -34.56
C GLY F 246 34.43 -39.17 -35.42
N ILE F 247 33.99 -38.96 -36.66
CA ILE F 247 34.74 -38.19 -37.62
C ILE F 247 33.84 -37.11 -38.20
N ARG F 248 34.43 -35.95 -38.50
CA ARG F 248 33.71 -34.81 -39.05
C ARG F 248 34.16 -34.62 -40.48
N LEU F 249 33.19 -34.62 -41.40
CA LEU F 249 33.50 -34.59 -42.82
C LEU F 249 32.42 -33.82 -43.56
N HIS F 250 32.83 -33.14 -44.62
CA HIS F 250 31.90 -32.61 -45.61
C HIS F 250 31.66 -33.69 -46.67
N VAL F 251 30.51 -33.60 -47.34
CA VAL F 251 30.16 -34.60 -48.34
C VAL F 251 29.53 -33.91 -49.55
N ILE F 252 30.06 -34.22 -50.73
CA ILE F 252 29.50 -33.75 -52.00
C ILE F 252 29.29 -35.01 -52.84
N VAL F 253 28.13 -35.64 -52.69
CA VAL F 253 27.82 -36.89 -53.36
C VAL F 253 26.78 -36.64 -54.44
N ARG F 254 27.04 -37.14 -55.65
CA ARG F 254 26.10 -37.08 -56.76
C ARG F 254 25.93 -38.50 -57.31
N GLU F 255 25.05 -38.63 -58.30
CA GLU F 255 24.77 -39.96 -58.86
C GLU F 255 25.95 -40.51 -59.64
N THR F 256 26.74 -39.66 -60.29
CA THR F 256 27.94 -40.07 -61.01
C THR F 256 29.15 -39.32 -60.47
N ALA F 257 30.33 -39.92 -60.67
CA ALA F 257 31.56 -39.30 -60.17
C ALA F 257 31.86 -37.98 -60.88
N GLU F 258 31.46 -37.85 -62.15
CA GLU F 258 31.72 -36.61 -62.88
C GLU F 258 30.88 -35.47 -62.35
N GLU F 259 29.61 -35.73 -62.01
CA GLU F 259 28.75 -34.69 -61.46
C GLU F 259 29.26 -34.23 -60.10
N ALA F 260 29.81 -35.15 -59.30
CA ALA F 260 30.29 -34.80 -57.98
C ALA F 260 31.49 -33.86 -58.05
N TRP F 261 32.48 -34.20 -58.88
CA TRP F 261 33.64 -33.34 -59.03
C TRP F 261 33.31 -32.03 -59.73
N LYS F 262 32.28 -32.03 -60.60
CA LYS F 262 31.84 -30.79 -61.21
C LYS F 262 31.22 -29.84 -60.19
N ALA F 263 30.48 -30.38 -59.22
CA ALA F 263 29.90 -29.55 -58.18
C ALA F 263 30.96 -29.03 -57.22
N ALA F 264 32.00 -29.82 -56.96
CA ALA F 264 33.07 -29.37 -56.08
C ALA F 264 33.83 -28.20 -56.71
N ASP F 265 34.13 -28.29 -58.01
CA ASP F 265 34.75 -27.18 -58.71
C ASP F 265 33.84 -25.96 -58.73
N LYS F 266 32.53 -26.18 -58.87
CA LYS F 266 31.58 -25.08 -58.88
C LYS F 266 31.46 -24.45 -57.49
N LEU F 267 31.72 -25.22 -56.43
CA LEU F 267 31.57 -24.71 -55.08
C LEU F 267 32.60 -23.64 -54.73
N ILE F 268 33.79 -23.69 -55.33
CA ILE F 268 34.87 -22.77 -54.99
C ILE F 268 35.33 -21.94 -56.20
N GLU F 269 34.48 -21.82 -57.22
CA GLU F 269 34.87 -21.10 -58.42
C GLU F 269 35.04 -19.60 -58.20
N HIS F 270 34.46 -19.05 -57.14
CA HIS F 270 34.54 -17.62 -56.86
C HIS F 270 35.58 -17.31 -55.79
N ILE F 271 36.79 -17.86 -55.93
CA ILE F 271 37.87 -17.60 -55.00
C ILE F 271 39.10 -17.07 -55.72
N LEU F 305 44.46 -30.94 -55.22
CA LEU F 305 43.75 -30.70 -53.96
C LEU F 305 43.23 -32.00 -53.36
N GLU F 306 43.18 -33.05 -54.17
CA GLU F 306 42.74 -34.38 -53.73
C GLU F 306 43.89 -35.03 -52.97
N ILE F 307 43.91 -34.84 -51.65
CA ILE F 307 45.00 -35.35 -50.82
C ILE F 307 44.92 -36.85 -50.57
N ALA F 308 43.84 -37.50 -50.99
CA ALA F 308 43.64 -38.92 -50.75
C ALA F 308 42.49 -39.38 -51.65
N PRO F 309 42.39 -40.70 -51.92
CA PRO F 309 41.29 -41.20 -52.76
C PRO F 309 39.92 -40.71 -52.29
N ASN F 310 39.29 -39.86 -53.09
CA ASN F 310 37.99 -39.28 -52.81
C ASN F 310 37.98 -38.35 -51.60
N LEU F 311 39.14 -37.82 -51.21
CA LEU F 311 39.24 -36.89 -50.10
C LEU F 311 39.71 -35.54 -50.66
N TRP F 312 38.81 -34.57 -50.71
CA TRP F 312 39.05 -33.29 -51.35
C TRP F 312 39.11 -32.20 -50.28
N ALA F 313 40.19 -31.42 -50.29
CA ALA F 313 40.44 -30.40 -49.27
C ALA F 313 40.06 -29.00 -49.72
N GLY F 314 39.09 -28.89 -50.63
CA GLY F 314 38.71 -27.57 -51.12
C GLY F 314 37.87 -26.78 -50.13
N VAL F 315 37.17 -27.46 -49.23
CA VAL F 315 36.35 -26.76 -48.25
C VAL F 315 37.21 -26.01 -47.25
N GLY F 316 38.44 -26.48 -47.02
CA GLY F 316 39.36 -25.84 -46.09
C GLY F 316 39.93 -24.52 -46.54
N LEU F 317 39.57 -24.03 -47.74
CA LEU F 317 40.10 -22.75 -48.19
C LEU F 317 39.59 -21.60 -47.34
N VAL F 318 38.38 -21.71 -46.80
CA VAL F 318 37.79 -20.67 -45.97
C VAL F 318 37.36 -21.28 -44.64
N ARG F 319 37.12 -20.42 -43.66
CA ARG F 319 36.82 -20.86 -42.31
C ARG F 319 35.33 -21.19 -42.16
N SER F 322 34.84 -27.35 -41.37
CA SER F 322 35.47 -28.53 -41.94
C SER F 322 36.62 -28.14 -42.87
N GLY F 323 37.39 -29.13 -43.32
CA GLY F 323 38.53 -28.86 -44.16
C GLY F 323 38.74 -29.92 -45.22
N THR F 324 38.04 -31.04 -45.10
CA THR F 324 38.09 -32.12 -46.07
C THR F 324 36.67 -32.52 -46.45
N ALA F 325 36.52 -33.17 -47.60
CA ALA F 325 35.21 -33.56 -48.08
C ALA F 325 35.30 -34.88 -48.83
N LEU F 326 34.25 -35.70 -48.70
CA LEU F 326 34.11 -36.91 -49.49
C LEU F 326 33.40 -36.58 -50.78
N VAL F 327 34.08 -36.77 -51.91
CA VAL F 327 33.54 -36.45 -53.22
C VAL F 327 33.52 -37.72 -54.07
N GLY F 328 32.35 -38.04 -54.61
CA GLY F 328 32.23 -39.20 -55.46
C GLY F 328 30.78 -39.66 -55.59
N ASP F 329 30.63 -40.80 -56.25
CA ASP F 329 29.33 -41.43 -56.43
C ASP F 329 28.92 -42.14 -55.13
N PRO F 330 27.67 -42.63 -55.05
CA PRO F 330 27.23 -43.27 -53.79
C PRO F 330 28.10 -44.44 -53.36
N GLN F 331 28.64 -45.22 -54.30
CA GLN F 331 29.47 -46.36 -53.91
C GLN F 331 30.82 -45.90 -53.37
N GLN F 332 31.41 -44.86 -53.97
CA GLN F 332 32.69 -44.36 -53.48
C GLN F 332 32.55 -43.76 -52.10
N VAL F 333 31.49 -43.00 -51.85
CA VAL F 333 31.29 -42.40 -50.53
C VAL F 333 31.02 -43.47 -49.49
N ALA F 334 30.15 -44.43 -49.79
CA ALA F 334 29.86 -45.49 -48.85
C ALA F 334 31.08 -46.36 -48.58
N ALA F 335 31.98 -46.47 -49.55
CA ALA F 335 33.21 -47.24 -49.33
C ALA F 335 34.14 -46.53 -48.35
N ARG F 336 34.31 -45.21 -48.51
CA ARG F 336 35.12 -44.45 -47.57
C ARG F 336 34.51 -44.44 -46.17
N ILE F 337 33.18 -44.44 -46.08
CA ILE F 337 32.54 -44.50 -44.76
C ILE F 337 32.81 -45.83 -44.09
N LYS F 338 32.69 -46.94 -44.84
CA LYS F 338 33.02 -48.24 -44.28
C LYS F 338 34.52 -48.34 -43.98
N GLU F 339 35.33 -47.60 -44.75
CA GLU F 339 36.77 -47.58 -44.50
C GLU F 339 37.08 -46.94 -43.15
N TYR F 340 36.41 -45.82 -42.84
CA TYR F 340 36.58 -45.20 -41.54
C TYR F 340 35.91 -46.02 -40.43
N ALA F 341 34.79 -46.66 -40.74
CA ALA F 341 34.08 -47.45 -39.72
C ALA F 341 34.90 -48.66 -39.29
N ASP F 342 35.67 -49.25 -40.21
CA ASP F 342 36.52 -50.38 -39.85
C ASP F 342 37.64 -49.98 -38.89
N LEU F 343 38.01 -48.70 -38.87
CA LEU F 343 39.03 -48.21 -37.95
C LEU F 343 38.48 -47.93 -36.56
N GLY F 344 37.17 -48.02 -36.36
CA GLY F 344 36.56 -47.74 -35.08
C GLY F 344 35.67 -46.51 -35.05
N ILE F 345 35.46 -45.86 -36.19
CA ILE F 345 34.61 -44.67 -36.22
C ILE F 345 33.16 -45.11 -36.26
N GLU F 346 32.38 -44.65 -35.27
CA GLU F 346 30.97 -44.98 -35.20
C GLU F 346 30.06 -43.79 -35.42
N SER F 347 30.56 -42.57 -35.22
CA SER F 347 29.79 -41.36 -35.45
C SER F 347 30.31 -40.66 -36.69
N PHE F 348 29.40 -40.21 -37.53
CA PHE F 348 29.75 -39.51 -38.76
C PHE F 348 28.93 -38.23 -38.83
N ILE F 349 29.62 -37.09 -38.86
CA ILE F 349 28.98 -35.77 -38.87
C ILE F 349 29.21 -35.19 -40.26
N PHE F 350 28.17 -35.17 -41.07
CA PHE F 350 28.27 -34.72 -42.45
C PHE F 350 27.68 -33.32 -42.61
N SER F 351 28.02 -32.69 -43.72
CA SER F 351 27.49 -31.38 -44.07
C SER F 351 27.61 -31.18 -45.57
N GLY F 352 26.81 -30.26 -46.10
CA GLY F 352 26.83 -29.95 -47.51
C GLY F 352 26.31 -28.56 -47.76
N TYR F 353 26.51 -28.08 -48.99
CA TYR F 353 26.09 -26.75 -49.39
C TYR F 353 25.13 -26.84 -50.57
N PRO F 354 23.90 -26.33 -50.46
CA PRO F 354 23.35 -25.81 -49.19
C PRO F 354 22.88 -26.95 -48.28
N HIS F 355 22.73 -26.65 -46.98
CA HIS F 355 22.54 -27.73 -46.01
C HIS F 355 21.17 -28.39 -46.12
N LEU F 356 20.15 -27.65 -46.53
CA LEU F 356 18.82 -28.25 -46.67
C LEU F 356 18.78 -29.24 -47.83
N GLU F 357 19.16 -28.77 -49.02
CA GLU F 357 19.13 -29.64 -50.19
C GLU F 357 20.06 -30.84 -50.04
N GLU F 358 21.26 -30.61 -49.50
CA GLU F 358 22.24 -31.69 -49.41
C GLU F 358 21.91 -32.70 -48.32
N ALA F 359 21.12 -32.33 -47.32
CA ALA F 359 20.64 -33.31 -46.35
C ALA F 359 19.76 -34.35 -47.03
N TYR F 360 18.93 -33.92 -47.99
CA TYR F 360 18.11 -34.86 -48.75
C TYR F 360 18.97 -35.69 -49.69
N ARG F 361 19.96 -35.08 -50.33
CA ARG F 361 20.77 -35.79 -51.32
C ARG F 361 21.58 -36.91 -50.69
N PHE F 362 22.17 -36.65 -49.52
CA PHE F 362 22.95 -37.70 -48.84
C PHE F 362 22.04 -38.80 -48.35
N ALA F 363 20.88 -38.44 -47.78
CA ALA F 363 19.96 -39.42 -47.23
C ALA F 363 19.30 -40.29 -48.29
N GLU F 364 19.22 -39.81 -49.53
CA GLU F 364 18.58 -40.58 -50.59
C GLU F 364 19.56 -41.37 -51.45
N LEU F 365 20.83 -40.98 -51.47
CA LEU F 365 21.83 -41.68 -52.26
C LEU F 365 22.72 -42.61 -51.44
N VAL F 366 22.97 -42.30 -50.17
CA VAL F 366 23.95 -43.01 -49.37
C VAL F 366 23.29 -43.89 -48.30
N PHE F 367 22.19 -43.43 -47.71
CA PHE F 367 21.52 -44.19 -46.65
C PHE F 367 21.23 -45.65 -47.00
N PRO F 368 20.70 -45.99 -48.18
CA PRO F 368 20.48 -47.41 -48.48
C PRO F 368 21.75 -48.24 -48.54
N LEU F 369 22.92 -47.61 -48.69
CA LEU F 369 24.18 -48.32 -48.74
C LEU F 369 24.86 -48.44 -47.38
N LEU F 370 24.28 -47.85 -46.34
CA LEU F 370 24.83 -47.85 -45.00
C LEU F 370 24.18 -48.94 -44.16
N PRO F 371 24.78 -49.30 -43.02
CA PRO F 371 24.14 -50.28 -42.13
C PRO F 371 22.80 -49.79 -41.62
N GLU F 372 22.10 -50.70 -40.93
CA GLU F 372 20.82 -50.36 -40.34
C GLU F 372 21.02 -49.37 -39.20
N PRO F 373 20.01 -48.52 -38.92
CA PRO F 373 18.69 -48.46 -39.56
C PRO F 373 18.66 -47.63 -40.84
N TYR F 374 19.83 -47.12 -41.27
CA TYR F 374 19.86 -46.22 -42.40
C TYR F 374 19.55 -46.93 -43.72
N ALA F 375 19.81 -48.24 -43.79
CA ALA F 375 19.49 -48.98 -45.00
C ALA F 375 17.98 -49.09 -45.21
N SER F 376 17.22 -49.17 -44.12
CA SER F 376 15.77 -49.29 -44.19
C SER F 376 15.05 -47.96 -44.10
N LEU F 377 15.78 -46.86 -43.88
CA LEU F 377 15.14 -45.55 -43.81
C LEU F 377 14.78 -45.02 -45.20
N ALA F 378 15.51 -45.44 -46.23
CA ALA F 378 15.24 -45.00 -47.59
C ALA F 378 13.91 -45.55 -48.10
N SER G 23 0.19 -5.61 -59.67
CA SER G 23 -0.18 -6.70 -58.76
C SER G 23 0.17 -8.05 -59.37
N MET G 24 0.71 -8.96 -58.56
CA MET G 24 1.08 -10.28 -59.03
C MET G 24 1.13 -11.22 -57.83
N ASP G 25 0.54 -12.40 -57.99
CA ASP G 25 0.54 -13.44 -56.96
C ASP G 25 1.25 -14.66 -57.51
N VAL G 26 2.32 -15.08 -56.84
CA VAL G 26 3.10 -16.25 -57.25
C VAL G 26 2.80 -17.38 -56.28
N PHE G 27 2.28 -18.48 -56.80
CA PHE G 27 1.94 -19.65 -56.00
C PHE G 27 2.96 -20.76 -56.25
N TRP G 28 3.05 -21.67 -55.28
CA TRP G 28 3.75 -22.93 -55.48
C TRP G 28 2.74 -24.07 -55.45
N PHE G 29 3.24 -25.30 -55.34
CA PHE G 29 2.41 -26.49 -55.50
C PHE G 29 2.78 -27.51 -54.45
N LEU G 30 1.77 -28.10 -53.82
CA LEU G 30 2.01 -29.20 -52.88
C LEU G 30 1.88 -30.51 -53.63
N PRO G 31 2.94 -31.31 -53.73
CA PRO G 31 2.87 -32.54 -54.56
C PRO G 31 2.16 -33.69 -53.86
N THR G 32 0.85 -33.56 -53.71
CA THR G 32 0.07 -34.62 -53.08
C THR G 32 -0.14 -35.82 -53.99
N HIS G 33 0.27 -35.75 -55.25
CA HIS G 33 0.28 -36.92 -56.12
C HIS G 33 1.50 -37.79 -55.86
N GLY G 34 2.56 -37.22 -55.28
CA GLY G 34 3.84 -37.90 -55.17
C GLY G 34 4.92 -36.98 -55.70
N ASP G 35 6.17 -37.20 -55.29
CA ASP G 35 7.26 -36.34 -55.72
C ASP G 35 8.48 -37.19 -56.02
N GLY G 36 9.46 -36.56 -56.68
CA GLY G 36 10.68 -37.25 -57.01
C GLY G 36 11.54 -36.41 -57.93
N HIS G 37 12.64 -37.01 -58.37
CA HIS G 37 13.55 -36.36 -59.30
C HIS G 37 13.23 -36.66 -60.76
N TYR G 38 12.49 -37.74 -61.02
CA TYR G 38 12.19 -38.17 -62.38
C TYR G 38 10.70 -38.48 -62.50
N LEU G 39 10.18 -38.32 -63.71
CA LEU G 39 8.78 -38.63 -64.01
C LEU G 39 8.66 -40.03 -64.56
N GLY G 40 7.50 -40.63 -64.34
CA GLY G 40 7.22 -41.97 -64.87
C GLY G 40 7.78 -43.13 -64.08
N THR G 41 9.06 -43.06 -63.71
CA THR G 41 9.72 -44.14 -62.99
C THR G 41 9.65 -43.90 -61.48
N THR G 42 9.89 -44.98 -60.74
CA THR G 42 10.03 -44.91 -59.29
C THR G 42 11.45 -44.61 -58.87
N GLN G 43 12.36 -44.46 -59.83
CA GLN G 43 13.76 -44.15 -59.53
C GLN G 43 13.84 -42.71 -59.02
N GLY G 44 14.52 -42.53 -57.88
CA GLY G 44 14.63 -41.21 -57.30
C GLY G 44 13.35 -40.64 -56.76
N ALA G 45 12.35 -41.48 -56.51
CA ALA G 45 11.07 -41.01 -56.00
C ALA G 45 11.19 -40.58 -54.54
N ARG G 46 10.24 -39.77 -54.11
CA ARG G 46 10.21 -39.23 -52.75
C ARG G 46 8.80 -39.44 -52.19
N PRO G 47 8.65 -40.20 -51.11
CA PRO G 47 7.30 -40.46 -50.59
C PRO G 47 6.72 -39.22 -49.92
N VAL G 48 5.41 -39.03 -50.12
CA VAL G 48 4.70 -37.87 -49.57
C VAL G 48 4.21 -38.21 -48.17
N THR G 49 4.86 -37.64 -47.16
CA THR G 49 4.48 -37.82 -45.76
C THR G 49 4.07 -36.48 -45.19
N LEU G 50 3.50 -36.52 -43.98
CA LEU G 50 3.18 -35.29 -43.27
C LEU G 50 4.41 -34.42 -43.11
N ASN G 51 5.57 -35.03 -42.81
CA ASN G 51 6.79 -34.27 -42.59
C ASN G 51 7.25 -33.59 -43.88
N TYR G 52 7.15 -34.27 -45.01
CA TYR G 52 7.60 -33.66 -46.27
C TYR G 52 6.64 -32.57 -46.72
N LEU G 53 5.34 -32.77 -46.52
CA LEU G 53 4.38 -31.71 -46.82
C LEU G 53 4.59 -30.50 -45.92
N LYS G 54 4.91 -30.73 -44.64
CA LYS G 54 5.31 -29.62 -43.77
C LYS G 54 6.52 -28.89 -44.34
N GLN G 55 7.48 -29.66 -44.86
CA GLN G 55 8.70 -29.05 -45.41
C GLN G 55 8.37 -28.11 -46.58
N VAL G 56 7.53 -28.58 -47.51
CA VAL G 56 7.23 -27.80 -48.69
C VAL G 56 6.39 -26.58 -48.34
N ALA G 57 5.38 -26.76 -47.49
CA ALA G 57 4.52 -25.64 -47.11
C ALA G 57 5.29 -24.58 -46.33
N GLN G 58 6.07 -25.01 -45.34
CA GLN G 58 6.85 -24.06 -44.56
C GLN G 58 7.95 -23.41 -45.40
N ALA G 59 8.41 -24.10 -46.45
CA ALA G 59 9.37 -23.47 -47.36
C ALA G 59 8.71 -22.34 -48.14
N ALA G 60 7.57 -22.63 -48.78
CA ALA G 60 6.86 -21.59 -49.53
C ALA G 60 6.40 -20.47 -48.62
N ASP G 61 6.07 -20.78 -47.35
CA ASP G 61 5.64 -19.74 -46.43
C ASP G 61 6.75 -18.76 -46.12
N SER G 62 7.94 -19.26 -45.78
CA SER G 62 9.04 -18.38 -45.40
C SER G 62 9.70 -17.73 -46.60
N LEU G 63 9.69 -18.39 -47.75
CA LEU G 63 10.28 -17.80 -48.95
C LEU G 63 9.45 -16.63 -49.48
N GLY G 64 8.18 -16.55 -49.10
CA GLY G 64 7.35 -15.44 -49.48
C GLY G 64 6.35 -15.70 -50.58
N TYR G 65 6.12 -16.96 -50.95
CA TYR G 65 5.12 -17.26 -51.96
C TYR G 65 3.74 -16.82 -51.47
N HIS G 66 2.89 -16.41 -52.40
CA HIS G 66 1.55 -15.96 -52.02
C HIS G 66 0.73 -17.12 -51.47
N GLY G 67 0.84 -18.29 -52.09
CA GLY G 67 0.12 -19.45 -51.61
C GLY G 67 0.62 -20.71 -52.27
N VAL G 68 -0.08 -21.81 -51.99
CA VAL G 68 0.19 -23.10 -52.62
C VAL G 68 -1.12 -23.67 -53.15
N LEU G 69 -1.06 -24.26 -54.34
CA LEU G 69 -2.19 -24.98 -54.92
C LEU G 69 -2.18 -26.42 -54.45
N ILE G 70 -3.35 -26.92 -54.04
CA ILE G 70 -3.48 -28.31 -53.60
C ILE G 70 -4.42 -29.05 -54.53
N PRO G 71 -3.92 -30.03 -55.29
CA PRO G 71 -4.79 -30.76 -56.22
C PRO G 71 -5.74 -31.70 -55.51
N THR G 72 -6.75 -32.15 -56.25
CA THR G 72 -7.73 -33.10 -55.77
C THR G 72 -7.91 -34.21 -56.79
N GLY G 73 -8.48 -35.33 -56.34
CA GLY G 73 -8.71 -36.45 -57.23
C GLY G 73 -8.36 -37.80 -56.63
N ARG G 74 -8.54 -38.86 -57.41
CA ARG G 74 -8.26 -40.21 -56.92
C ARG G 74 -6.76 -40.43 -56.73
N SER G 75 -5.92 -39.72 -57.47
CA SER G 75 -4.47 -39.87 -57.38
C SER G 75 -3.85 -39.02 -56.29
N CYS G 76 -4.65 -38.33 -55.48
CA CYS G 76 -4.16 -37.45 -54.44
C CYS G 76 -4.70 -37.88 -53.09
N GLU G 77 -3.98 -37.48 -52.04
CA GLU G 77 -4.58 -37.44 -50.73
C GLU G 77 -5.63 -36.34 -50.70
N ASP G 78 -6.55 -36.43 -49.74
CA ASP G 78 -7.65 -35.47 -49.70
C ASP G 78 -7.10 -34.06 -49.48
N SER G 79 -7.58 -33.12 -50.30
CA SER G 79 -7.03 -31.76 -50.25
C SER G 79 -7.40 -31.06 -48.96
N TRP G 80 -8.60 -31.32 -48.42
CA TRP G 80 -9.04 -30.62 -47.22
C TRP G 80 -8.29 -31.08 -45.98
N VAL G 81 -7.99 -32.37 -45.90
CA VAL G 81 -7.21 -32.87 -44.77
C VAL G 81 -5.79 -32.32 -44.82
N ILE G 82 -5.19 -32.27 -46.00
CA ILE G 82 -3.82 -31.78 -46.13
C ILE G 82 -3.75 -30.29 -45.79
N ALA G 83 -4.65 -29.49 -46.36
CA ALA G 83 -4.63 -28.05 -46.13
C ALA G 83 -4.91 -27.71 -44.66
N SER G 84 -5.90 -28.37 -44.06
CA SER G 84 -6.23 -28.08 -42.67
C SER G 84 -5.08 -28.43 -41.73
N ALA G 85 -4.34 -29.49 -42.04
CA ALA G 85 -3.22 -29.88 -41.18
C ALA G 85 -2.07 -28.88 -41.27
N LEU G 86 -1.89 -28.24 -42.42
CA LEU G 86 -0.77 -27.32 -42.63
C LEU G 86 -1.10 -25.89 -42.24
N VAL G 87 -2.37 -25.54 -42.06
CA VAL G 87 -2.73 -24.17 -41.69
C VAL G 87 -2.10 -23.73 -40.38
N PRO G 88 -2.20 -24.47 -39.27
CA PRO G 88 -1.58 -24.00 -38.02
C PRO G 88 -0.06 -24.00 -38.05
N LEU G 89 0.58 -24.58 -39.07
CA LEU G 89 2.03 -24.66 -39.15
C LEU G 89 2.63 -23.58 -40.04
N THR G 90 1.82 -22.63 -40.51
CA THR G 90 2.29 -21.55 -41.36
C THR G 90 1.63 -20.25 -40.94
N GLU G 91 2.27 -19.14 -41.29
CA GLU G 91 1.87 -17.81 -40.86
C GLU G 91 1.19 -17.00 -41.95
N ARG G 92 1.82 -16.88 -43.12
CA ARG G 92 1.32 -16.02 -44.19
C ARG G 92 0.79 -16.79 -45.40
N LEU G 93 1.24 -18.02 -45.61
CA LEU G 93 0.90 -18.76 -46.82
C LEU G 93 -0.60 -19.04 -46.90
N ARG G 94 -1.15 -18.86 -48.09
CA ARG G 94 -2.54 -19.19 -48.38
C ARG G 94 -2.62 -20.54 -49.06
N TYR G 95 -3.80 -21.16 -48.98
CA TYR G 95 -4.00 -22.51 -49.47
C TYR G 95 -5.17 -22.53 -50.45
N LEU G 96 -4.88 -22.87 -51.70
CA LEU G 96 -5.88 -22.97 -52.76
C LEU G 96 -6.35 -24.42 -52.80
N VAL G 97 -7.42 -24.70 -52.08
CA VAL G 97 -7.95 -26.05 -51.92
C VAL G 97 -9.05 -26.25 -52.95
N ALA G 98 -9.13 -27.45 -53.50
CA ALA G 98 -10.08 -27.77 -54.55
C ALA G 98 -11.33 -28.41 -53.94
N ILE G 99 -12.49 -27.94 -54.38
CA ILE G 99 -13.76 -28.58 -54.06
C ILE G 99 -14.33 -29.19 -55.33
N ARG G 100 -15.14 -30.24 -55.16
CA ARG G 100 -15.75 -30.96 -56.27
C ARG G 100 -17.26 -31.00 -56.07
N PRO G 101 -18.01 -30.16 -56.78
CA PRO G 101 -19.48 -30.25 -56.71
C PRO G 101 -19.97 -31.58 -57.26
N GLY G 102 -21.07 -32.06 -56.69
CA GLY G 102 -21.68 -33.31 -57.10
C GLY G 102 -21.37 -34.48 -56.19
N ILE G 103 -20.30 -34.39 -55.39
CA ILE G 103 -19.91 -35.46 -54.47
C ILE G 103 -20.02 -35.04 -53.02
N ILE G 104 -20.40 -33.80 -52.73
CA ILE G 104 -20.58 -33.32 -51.36
C ILE G 104 -21.69 -32.28 -51.37
N SER G 105 -22.42 -32.19 -50.27
CA SER G 105 -23.48 -31.21 -50.16
C SER G 105 -22.91 -29.81 -50.23
N PRO G 106 -23.58 -28.87 -50.92
CA PRO G 106 -23.07 -27.49 -50.94
C PRO G 106 -23.11 -26.84 -49.57
N THR G 107 -24.13 -27.16 -48.77
CA THR G 107 -24.21 -26.60 -47.42
C THR G 107 -23.05 -27.10 -46.56
N VAL G 108 -22.76 -28.40 -46.62
CA VAL G 108 -21.66 -28.96 -45.84
C VAL G 108 -20.32 -28.42 -46.35
N SER G 109 -20.17 -28.33 -47.67
CA SER G 109 -18.93 -27.79 -48.23
C SER G 109 -18.70 -26.35 -47.78
N ALA G 110 -19.77 -25.57 -47.66
CA ALA G 110 -19.63 -24.19 -47.18
C ALA G 110 -19.19 -24.15 -45.73
N ARG G 111 -19.74 -25.03 -44.89
CA ARG G 111 -19.30 -25.07 -43.50
C ARG G 111 -17.83 -25.47 -43.39
N MET G 112 -17.39 -26.40 -44.24
CA MET G 112 -15.97 -26.76 -44.27
C MET G 112 -15.14 -25.56 -44.71
N ALA G 113 -15.58 -24.86 -45.77
CA ALA G 113 -14.88 -23.68 -46.22
C ALA G 113 -14.85 -22.60 -45.14
N ALA G 114 -15.98 -22.40 -44.46
CA ALA G 114 -16.04 -21.41 -43.40
C ALA G 114 -15.09 -21.76 -42.26
N THR G 115 -15.08 -23.02 -41.84
CA THR G 115 -14.23 -23.43 -40.71
C THR G 115 -12.75 -23.24 -41.03
N LEU G 116 -12.32 -23.67 -42.23
CA LEU G 116 -10.91 -23.55 -42.58
C LEU G 116 -10.51 -22.09 -42.80
N ASP G 117 -11.43 -21.28 -43.35
CA ASP G 117 -11.13 -19.86 -43.50
C ASP G 117 -11.04 -19.16 -42.16
N ARG G 118 -11.85 -19.58 -41.19
CA ARG G 118 -11.80 -18.97 -39.86
C ARG G 118 -10.55 -19.39 -39.11
N LEU G 119 -10.20 -20.68 -39.15
CA LEU G 119 -8.99 -21.15 -38.47
C LEU G 119 -7.74 -20.54 -39.09
N SER G 120 -7.73 -20.30 -40.39
CA SER G 120 -6.57 -19.72 -41.06
C SER G 120 -6.56 -18.20 -40.99
N ASN G 121 -7.61 -17.58 -40.48
CA ASN G 121 -7.73 -16.12 -40.42
C ASN G 121 -7.63 -15.52 -41.82
N GLY G 122 -8.47 -16.03 -42.73
CA GLY G 122 -8.62 -15.44 -44.04
C GLY G 122 -7.58 -15.86 -45.07
N ARG G 123 -7.00 -17.06 -44.95
CA ARG G 123 -5.97 -17.53 -45.85
C ARG G 123 -6.45 -18.65 -46.79
N LEU G 124 -7.77 -18.83 -46.92
CA LEU G 124 -8.33 -19.91 -47.71
C LEU G 124 -8.73 -19.41 -49.09
N LEU G 125 -8.34 -20.16 -50.12
CA LEU G 125 -8.76 -19.91 -51.49
C LEU G 125 -9.37 -21.20 -52.04
N ILE G 126 -10.46 -21.06 -52.80
CA ILE G 126 -11.25 -22.19 -53.27
C ILE G 126 -11.04 -22.38 -54.76
N ASN G 127 -10.69 -23.61 -55.15
CA ASN G 127 -10.52 -24.00 -56.54
C ASN G 127 -11.68 -24.91 -56.94
N VAL G 128 -12.51 -24.44 -57.86
CA VAL G 128 -13.68 -25.21 -58.30
C VAL G 128 -13.24 -26.22 -59.36
N VAL G 129 -13.49 -27.50 -59.08
CA VAL G 129 -13.09 -28.61 -59.95
C VAL G 129 -14.33 -29.42 -60.30
N THR G 130 -14.58 -29.60 -61.58
CA THR G 130 -15.74 -30.36 -62.03
C THR G 130 -15.44 -31.84 -62.30
N GLY G 131 -14.20 -32.18 -62.64
CA GLY G 131 -13.83 -33.57 -62.85
C GLY G 131 -14.09 -34.07 -64.26
N GLY G 132 -13.02 -34.29 -65.03
CA GLY G 132 -13.12 -34.69 -66.41
C GLY G 132 -12.92 -36.16 -66.70
N ASP G 133 -12.71 -37.00 -65.69
CA ASP G 133 -12.50 -38.42 -65.91
C ASP G 133 -13.77 -39.18 -65.59
N PRO G 134 -14.46 -39.76 -66.56
CA PRO G 134 -15.71 -40.48 -66.25
C PRO G 134 -15.51 -41.71 -65.38
N ASP G 135 -14.38 -42.40 -65.48
CA ASP G 135 -14.15 -43.57 -64.65
C ASP G 135 -14.05 -43.19 -63.18
N GLU G 136 -13.30 -42.13 -62.85
CA GLU G 136 -13.23 -41.70 -61.46
C GLU G 136 -14.55 -41.14 -60.96
N ASN G 137 -15.30 -40.47 -61.83
CA ASN G 137 -16.61 -39.94 -61.43
C ASN G 137 -17.57 -41.07 -61.09
N ARG G 138 -17.56 -42.15 -61.88
CA ARG G 138 -18.38 -43.31 -61.54
C ARG G 138 -17.90 -43.97 -60.25
N GLY G 139 -16.59 -43.93 -59.98
CA GLY G 139 -16.09 -44.44 -58.72
C GLY G 139 -16.55 -43.64 -57.53
N ASP G 140 -16.82 -42.36 -57.71
CA ASP G 140 -17.34 -41.50 -56.66
C ASP G 140 -18.85 -41.51 -56.57
N GLY G 141 -19.54 -42.20 -57.48
CA GLY G 141 -20.98 -42.30 -57.47
C GLY G 141 -21.71 -41.35 -58.39
N SER G 142 -21.00 -40.65 -59.27
CA SER G 142 -21.60 -39.68 -60.17
C SER G 142 -21.64 -40.26 -61.58
N PHE G 143 -22.84 -40.41 -62.12
CA PHE G 143 -23.05 -40.92 -63.49
C PHE G 143 -23.70 -39.82 -64.32
N LEU G 144 -22.92 -38.80 -64.64
CA LEU G 144 -23.42 -37.63 -65.35
C LEU G 144 -22.55 -37.36 -66.57
N SER G 145 -23.17 -36.83 -67.62
CA SER G 145 -22.46 -36.44 -68.82
C SER G 145 -21.70 -35.14 -68.57
N HIS G 146 -20.92 -34.74 -69.59
CA HIS G 146 -20.11 -33.53 -69.47
C HIS G 146 -20.99 -32.30 -69.26
N SER G 147 -22.07 -32.18 -70.03
CA SER G 147 -22.99 -31.05 -69.86
C SER G 147 -23.65 -31.06 -68.50
N GLU G 148 -23.99 -32.26 -67.99
CA GLU G 148 -24.66 -32.35 -66.70
C GLU G 148 -23.73 -31.98 -65.54
N ARG G 149 -22.44 -32.30 -65.65
CA ARG G 149 -21.51 -31.99 -64.57
C ARG G 149 -21.44 -30.49 -64.30
N TYR G 150 -21.43 -29.67 -65.36
CA TYR G 150 -21.41 -28.23 -65.16
C TYR G 150 -22.76 -27.68 -64.70
N GLU G 151 -23.85 -28.41 -64.93
CA GLU G 151 -25.15 -27.97 -64.42
C GLU G 151 -25.21 -28.09 -62.89
N VAL G 152 -24.72 -29.19 -62.33
CA VAL G 152 -24.67 -29.32 -60.87
C VAL G 152 -23.75 -28.25 -60.28
N THR G 153 -22.60 -28.02 -60.93
CA THR G 153 -21.67 -26.99 -60.44
C THR G 153 -22.31 -25.62 -60.44
N ASP G 154 -23.13 -25.31 -61.45
CA ASP G 154 -23.82 -24.02 -61.47
C ASP G 154 -24.76 -23.88 -60.28
N GLU G 155 -25.59 -24.89 -60.04
CA GLU G 155 -26.49 -24.86 -58.89
C GLU G 155 -25.71 -24.95 -57.58
N PHE G 156 -24.60 -25.68 -57.57
CA PHE G 156 -23.77 -25.80 -56.38
C PHE G 156 -23.25 -24.44 -55.93
N LEU G 157 -22.64 -23.70 -56.85
CA LEU G 157 -22.04 -22.41 -56.49
C LEU G 157 -23.10 -21.40 -56.05
N LYS G 158 -24.30 -21.45 -56.64
CA LYS G 158 -25.35 -20.53 -56.21
C LYS G 158 -25.72 -20.77 -54.76
N ILE G 159 -25.85 -22.03 -54.36
CA ILE G 159 -26.11 -22.34 -52.96
C ILE G 159 -24.89 -22.01 -52.10
N TRP G 160 -23.71 -22.40 -52.57
CA TRP G 160 -22.48 -22.22 -51.80
C TRP G 160 -22.22 -20.75 -51.51
N ARG G 161 -22.35 -19.88 -52.52
CA ARG G 161 -22.09 -18.47 -52.32
C ARG G 161 -23.11 -17.81 -51.40
N ARG G 162 -24.38 -18.22 -51.51
CA ARG G 162 -25.43 -17.55 -50.75
C ARG G 162 -25.45 -17.96 -49.28
N VAL G 163 -25.18 -19.23 -48.97
CA VAL G 163 -25.20 -19.67 -47.58
C VAL G 163 -24.07 -19.00 -46.79
N LEU G 164 -22.92 -18.78 -47.43
CA LEU G 164 -21.79 -18.17 -46.73
C LEU G 164 -22.00 -16.68 -46.45
N GLN G 165 -23.01 -16.06 -47.06
CA GLN G 165 -23.33 -14.66 -46.79
C GLN G 165 -24.41 -14.50 -45.72
N GLY G 166 -24.67 -15.55 -44.95
CA GLY G 166 -25.60 -15.49 -43.85
C GLY G 166 -27.05 -15.79 -44.20
N GLU G 167 -27.33 -16.12 -45.45
CA GLU G 167 -28.70 -16.32 -45.90
C GLU G 167 -29.17 -17.74 -45.61
N ALA G 168 -30.45 -17.87 -45.29
CA ALA G 168 -31.12 -19.17 -45.21
C ALA G 168 -31.68 -19.47 -46.60
N VAL G 169 -31.05 -20.39 -47.31
CA VAL G 169 -31.28 -20.57 -48.74
C VAL G 169 -32.33 -21.65 -48.96
N ASP G 170 -33.34 -21.31 -49.76
CA ASP G 170 -34.27 -22.29 -50.31
C ASP G 170 -34.01 -22.35 -51.81
N PHE G 171 -33.72 -23.54 -52.32
CA PHE G 171 -33.33 -23.70 -53.71
C PHE G 171 -33.83 -25.04 -54.22
N GLU G 172 -34.44 -25.04 -55.41
CA GLU G 172 -34.91 -26.26 -56.05
C GLU G 172 -34.55 -26.15 -57.53
N GLY G 173 -33.44 -26.77 -57.92
CA GLY G 173 -32.99 -26.78 -59.29
C GLY G 173 -33.17 -28.14 -59.95
N LYS G 174 -32.54 -28.28 -61.12
CA LYS G 174 -32.63 -29.53 -61.86
C LYS G 174 -31.92 -30.66 -61.14
N HIS G 175 -30.88 -30.34 -60.36
CA HIS G 175 -30.06 -31.36 -59.70
C HIS G 175 -30.08 -31.25 -58.18
N LEU G 176 -29.90 -30.06 -57.63
CA LEU G 176 -29.77 -29.88 -56.19
C LEU G 176 -31.01 -29.22 -55.60
N LYS G 177 -31.28 -29.54 -54.33
CA LYS G 177 -32.44 -29.00 -53.64
C LYS G 177 -32.12 -28.96 -52.15
N VAL G 178 -32.19 -27.77 -51.56
CA VAL G 178 -31.98 -27.59 -50.12
C VAL G 178 -33.10 -26.72 -49.57
N GLN G 179 -33.39 -26.91 -48.28
CA GLN G 179 -34.46 -26.17 -47.61
C GLN G 179 -33.97 -25.75 -46.24
N ASN G 180 -33.89 -24.43 -46.02
CA ASN G 180 -33.38 -23.86 -44.77
C ASN G 180 -31.89 -24.19 -44.56
N ALA G 181 -31.11 -24.01 -45.62
CA ALA G 181 -29.67 -24.23 -45.57
C ALA G 181 -28.98 -23.00 -44.97
N LYS G 182 -28.32 -23.18 -43.83
CA LYS G 182 -27.64 -22.10 -43.14
C LYS G 182 -26.25 -22.53 -42.73
N ALA G 183 -25.29 -21.61 -42.86
CA ALA G 183 -23.94 -21.79 -42.33
C ALA G 183 -23.80 -20.82 -41.16
N LEU G 184 -23.86 -21.35 -39.94
CA LEU G 184 -23.97 -20.51 -38.76
C LEU G 184 -22.68 -19.76 -38.43
N TYR G 185 -21.55 -20.18 -38.98
CA TYR G 185 -20.29 -19.50 -38.70
C TYR G 185 -19.85 -18.71 -39.92
N PRO G 186 -19.87 -17.39 -39.88
CA PRO G 186 -19.56 -16.61 -41.08
C PRO G 186 -18.07 -16.66 -41.38
N PRO G 187 -17.70 -16.59 -42.65
CA PRO G 187 -16.28 -16.65 -43.00
C PRO G 187 -15.57 -15.35 -42.66
N VAL G 188 -14.23 -15.41 -42.76
CA VAL G 188 -13.43 -14.23 -42.48
C VAL G 188 -13.36 -13.32 -43.71
N GLN G 189 -13.11 -13.91 -44.88
CA GLN G 189 -13.09 -13.14 -46.12
C GLN G 189 -14.51 -12.92 -46.62
N LYS G 190 -14.80 -11.68 -47.04
CA LYS G 190 -16.11 -11.31 -47.54
C LYS G 190 -16.05 -11.05 -49.04
N PRO G 191 -17.09 -11.45 -49.80
CA PRO G 191 -18.30 -12.11 -49.32
C PRO G 191 -18.08 -13.60 -49.04
N TYR G 192 -17.02 -14.14 -49.64
CA TYR G 192 -16.65 -15.54 -49.48
C TYR G 192 -15.21 -15.69 -49.94
N PRO G 193 -14.54 -16.79 -49.55
CA PRO G 193 -13.18 -17.04 -50.05
C PRO G 193 -13.15 -17.02 -51.56
N PRO G 194 -12.15 -16.35 -52.15
CA PRO G 194 -12.13 -16.19 -53.61
C PRO G 194 -12.22 -17.51 -54.36
N LEU G 195 -12.95 -17.50 -55.46
CA LEU G 195 -13.21 -18.69 -56.26
C LEU G 195 -12.28 -18.69 -57.47
N TYR G 196 -11.37 -19.66 -57.52
CA TYR G 196 -10.54 -19.91 -58.68
C TYR G 196 -11.13 -21.07 -59.46
N PHE G 197 -11.01 -21.03 -60.79
CA PHE G 197 -11.66 -22.03 -61.62
C PHE G 197 -10.89 -22.21 -62.92
N GLY G 198 -10.80 -23.45 -63.37
CA GLY G 198 -10.16 -23.76 -64.64
C GLY G 198 -11.06 -24.62 -65.50
N GLY G 199 -11.01 -24.36 -66.80
CA GLY G 199 -11.84 -25.07 -67.76
C GLY G 199 -11.74 -24.47 -69.13
N SER G 200 -11.93 -25.28 -70.18
CA SER G 200 -11.77 -24.82 -71.55
C SER G 200 -13.02 -24.91 -72.40
N SER G 201 -14.04 -25.65 -71.98
CA SER G 201 -15.26 -25.78 -72.77
C SER G 201 -16.09 -24.49 -72.68
N ASP G 202 -17.10 -24.41 -73.55
CA ASP G 202 -18.00 -23.26 -73.52
C ASP G 202 -18.81 -23.22 -72.24
N ALA G 203 -19.22 -24.39 -71.73
CA ALA G 203 -19.92 -24.43 -70.46
C ALA G 203 -19.02 -23.97 -69.31
N ALA G 204 -17.73 -24.29 -69.39
CA ALA G 204 -16.79 -23.83 -68.37
C ALA G 204 -16.58 -22.33 -68.44
N HIS G 205 -16.40 -21.80 -69.66
CA HIS G 205 -16.19 -20.36 -69.82
C HIS G 205 -17.44 -19.56 -69.44
N ASP G 206 -18.63 -20.11 -69.70
CA ASP G 206 -19.86 -19.44 -69.28
C ASP G 206 -19.99 -19.42 -67.77
N LEU G 207 -19.75 -20.56 -67.11
CA LEU G 207 -19.84 -20.62 -65.66
C LEU G 207 -18.83 -19.71 -64.99
N ALA G 208 -17.61 -19.65 -65.52
CA ALA G 208 -16.58 -18.79 -64.95
C ALA G 208 -16.99 -17.32 -65.02
N ALA G 209 -17.53 -16.89 -66.16
CA ALA G 209 -17.90 -15.49 -66.33
C ALA G 209 -19.04 -15.07 -65.40
N GLU G 210 -19.85 -16.00 -64.92
CA GLU G 210 -21.02 -15.66 -64.13
C GLU G 210 -20.74 -15.70 -62.62
N GLN G 211 -19.91 -16.61 -62.15
CA GLN G 211 -19.84 -16.85 -60.72
C GLN G 211 -18.44 -16.71 -60.12
N VAL G 212 -17.40 -17.15 -60.84
CA VAL G 212 -16.08 -17.27 -60.24
C VAL G 212 -15.40 -15.91 -60.19
N ASP G 213 -14.30 -15.83 -59.42
CA ASP G 213 -13.52 -14.60 -59.28
C ASP G 213 -12.24 -14.60 -60.09
N VAL G 214 -11.60 -15.76 -60.24
CA VAL G 214 -10.36 -15.88 -61.00
C VAL G 214 -10.48 -17.06 -61.95
N TYR G 215 -10.15 -16.84 -63.22
CA TYR G 215 -10.14 -17.89 -64.24
C TYR G 215 -8.72 -18.38 -64.43
N LEU G 216 -8.54 -19.70 -64.39
CA LEU G 216 -7.22 -20.32 -64.50
C LEU G 216 -7.10 -21.06 -65.82
N THR G 217 -5.91 -21.00 -66.41
CA THR G 217 -5.61 -21.72 -67.64
C THR G 217 -4.25 -22.37 -67.52
N TRP G 218 -4.06 -23.45 -68.29
CA TRP G 218 -2.76 -24.11 -68.33
C TRP G 218 -1.80 -23.35 -69.25
N GLY G 219 -0.55 -23.78 -69.25
CA GLY G 219 0.51 -23.06 -69.94
C GLY G 219 0.53 -23.25 -71.44
N GLU G 220 -0.45 -22.70 -72.13
CA GLU G 220 -0.45 -22.71 -73.59
C GLU G 220 0.42 -21.57 -74.10
N PRO G 221 0.78 -21.59 -75.39
CA PRO G 221 1.55 -20.48 -75.95
C PRO G 221 0.78 -19.17 -75.81
N PRO G 222 1.49 -18.04 -75.76
CA PRO G 222 0.82 -16.77 -75.43
C PRO G 222 -0.35 -16.42 -76.35
N ALA G 223 -0.30 -16.81 -77.62
CA ALA G 223 -1.39 -16.49 -78.54
C ALA G 223 -2.68 -17.20 -78.12
N ALA G 224 -2.57 -18.46 -77.67
CA ALA G 224 -3.77 -19.20 -77.28
C ALA G 224 -4.34 -18.65 -75.97
N VAL G 225 -3.47 -18.23 -75.04
CA VAL G 225 -3.95 -17.66 -73.80
C VAL G 225 -4.65 -16.32 -74.04
N ALA G 226 -4.10 -15.51 -74.95
CA ALA G 226 -4.69 -14.19 -75.20
C ALA G 226 -6.11 -14.32 -75.74
N GLU G 227 -6.36 -15.31 -76.61
CA GLU G 227 -7.70 -15.51 -77.12
C GLU G 227 -8.60 -16.16 -76.08
N LYS G 228 -8.05 -17.08 -75.29
CA LYS G 228 -8.84 -17.70 -74.22
C LYS G 228 -9.20 -16.66 -73.15
N LEU G 229 -8.25 -15.79 -72.80
CA LEU G 229 -8.54 -14.73 -71.84
C LEU G 229 -9.55 -13.74 -72.41
N ALA G 230 -9.41 -13.38 -73.69
CA ALA G 230 -10.35 -12.46 -74.31
C ALA G 230 -11.75 -13.04 -74.38
N ASP G 231 -11.86 -14.36 -74.59
CA ASP G 231 -13.17 -14.99 -74.64
C ASP G 231 -13.88 -14.92 -73.29
N VAL G 232 -13.16 -15.24 -72.21
CA VAL G 232 -13.75 -15.19 -70.88
C VAL G 232 -14.07 -13.75 -70.49
N ARG G 233 -13.17 -12.81 -70.83
CA ARG G 233 -13.40 -11.41 -70.52
C ARG G 233 -14.60 -10.84 -71.27
N GLU G 234 -14.85 -11.32 -72.49
CA GLU G 234 -16.02 -10.85 -73.24
C GLU G 234 -17.31 -11.36 -72.62
N ARG G 235 -17.35 -12.65 -72.25
CA ARG G 235 -18.55 -13.22 -71.62
C ARG G 235 -18.84 -12.56 -70.27
N ALA G 236 -17.78 -12.22 -69.52
CA ALA G 236 -17.97 -11.59 -68.21
C ALA G 236 -18.56 -10.19 -68.33
N ALA G 237 -18.21 -9.46 -69.39
CA ALA G 237 -18.75 -8.11 -69.56
C ALA G 237 -20.26 -8.16 -69.80
N ARG G 238 -20.74 -9.18 -70.52
CA ARG G 238 -22.17 -9.32 -70.75
C ARG G 238 -22.94 -9.58 -69.46
N HIS G 239 -22.27 -10.06 -68.41
CA HIS G 239 -22.87 -10.21 -67.09
C HIS G 239 -22.51 -9.06 -66.16
N GLY G 240 -21.89 -8.00 -66.68
CA GLY G 240 -21.53 -6.85 -65.88
C GLY G 240 -20.47 -7.12 -64.82
N ARG G 241 -19.57 -8.05 -65.06
CA ARG G 241 -18.53 -8.42 -64.11
C ARG G 241 -17.16 -8.40 -64.78
N LYS G 242 -16.12 -8.40 -63.97
CA LYS G 242 -14.75 -8.51 -64.44
C LYS G 242 -14.02 -9.57 -63.63
N VAL G 243 -13.38 -10.50 -64.31
CA VAL G 243 -12.66 -11.61 -63.68
C VAL G 243 -11.17 -11.42 -63.88
N LYS G 244 -10.39 -11.79 -62.86
CA LYS G 244 -8.94 -11.84 -62.98
C LYS G 244 -8.51 -13.21 -63.48
N PHE G 245 -7.27 -13.29 -63.95
CA PHE G 245 -6.77 -14.47 -64.64
C PHE G 245 -5.47 -14.96 -64.03
N GLY G 246 -5.26 -16.27 -64.09
CA GLY G 246 -4.03 -16.87 -63.63
C GLY G 246 -3.65 -18.05 -64.52
N ILE G 247 -2.36 -18.36 -64.53
CA ILE G 247 -1.84 -19.41 -65.40
C ILE G 247 -1.01 -20.38 -64.58
N ARG G 248 -1.05 -21.65 -64.97
CA ARG G 248 -0.37 -22.74 -64.27
C ARG G 248 0.77 -23.28 -65.13
N LEU G 249 1.97 -23.33 -64.56
CA LEU G 249 3.17 -23.73 -65.28
C LEU G 249 4.09 -24.52 -64.36
N HIS G 250 4.73 -25.55 -64.90
CA HIS G 250 5.94 -26.05 -64.29
C HIS G 250 7.10 -25.11 -64.64
N VAL G 251 8.21 -25.26 -63.93
CA VAL G 251 9.36 -24.36 -64.16
C VAL G 251 10.64 -25.12 -63.88
N ILE G 252 11.57 -25.05 -64.84
CA ILE G 252 12.91 -25.61 -64.71
C ILE G 252 13.87 -24.46 -64.98
N VAL G 253 14.19 -23.70 -63.93
CA VAL G 253 15.06 -22.53 -64.04
C VAL G 253 16.40 -22.87 -63.40
N ARG G 254 17.49 -22.60 -64.12
CA ARG G 254 18.85 -22.74 -63.62
C ARG G 254 19.58 -21.43 -63.86
N GLU G 255 20.85 -21.38 -63.44
CA GLU G 255 21.62 -20.14 -63.58
C GLU G 255 21.89 -19.80 -65.04
N THR G 256 22.08 -20.81 -65.89
CA THR G 256 22.31 -20.60 -67.31
C THR G 256 21.28 -21.38 -68.11
N ALA G 257 21.06 -20.91 -69.34
CA ALA G 257 20.11 -21.59 -70.22
C ALA G 257 20.59 -22.99 -70.57
N GLU G 258 21.90 -23.21 -70.59
CA GLU G 258 22.44 -24.52 -70.90
C GLU G 258 22.15 -25.52 -69.79
N GLU G 259 22.26 -25.09 -68.53
CA GLU G 259 21.95 -25.99 -67.42
C GLU G 259 20.47 -26.31 -67.37
N ALA G 260 19.61 -25.33 -67.71
CA ALA G 260 18.16 -25.55 -67.65
C ALA G 260 17.71 -26.60 -68.66
N TRP G 261 18.14 -26.46 -69.92
CA TRP G 261 17.73 -27.43 -70.93
C TRP G 261 18.36 -28.81 -70.70
N LYS G 262 19.54 -28.86 -70.09
CA LYS G 262 20.11 -30.16 -69.74
C LYS G 262 19.30 -30.84 -68.64
N ALA G 263 18.80 -30.07 -67.68
CA ALA G 263 17.98 -30.64 -66.62
C ALA G 263 16.62 -31.09 -67.12
N ALA G 264 16.07 -30.40 -68.13
CA ALA G 264 14.79 -30.79 -68.70
C ALA G 264 14.88 -32.16 -69.36
N ASP G 265 15.98 -32.41 -70.09
CA ASP G 265 16.19 -33.73 -70.70
C ASP G 265 16.30 -34.82 -69.63
N LYS G 266 16.96 -34.52 -68.51
CA LYS G 266 17.14 -35.51 -67.46
C LYS G 266 15.85 -35.84 -66.73
N LEU G 267 14.87 -34.93 -66.73
CA LEU G 267 13.62 -35.17 -66.01
C LEU G 267 12.84 -36.33 -66.62
N ILE G 268 13.04 -36.59 -67.90
CA ILE G 268 12.28 -37.59 -68.65
C ILE G 268 13.19 -38.69 -69.21
N GLU G 269 14.38 -38.88 -68.62
CA GLU G 269 15.33 -39.85 -69.13
C GLU G 269 14.85 -41.28 -69.00
N HIS G 270 13.91 -41.56 -68.11
CA HIS G 270 13.36 -42.90 -67.95
C HIS G 270 12.02 -43.01 -68.68
N ILE G 271 12.08 -42.70 -69.98
CA ILE G 271 10.88 -42.71 -70.82
C ILE G 271 10.48 -44.14 -71.10
N SER G 272 9.21 -44.46 -70.84
CA SER G 272 8.65 -45.80 -71.08
C SER G 272 7.39 -45.63 -71.92
N ASP G 273 7.50 -45.95 -73.21
CA ASP G 273 6.36 -45.86 -74.12
C ASP G 273 5.39 -47.03 -73.90
N ASN G 304 10.65 -32.76 -81.30
CA ASN G 304 10.37 -31.37 -80.99
C ASN G 304 9.33 -31.25 -79.88
N LEU G 305 9.75 -30.74 -78.72
CA LEU G 305 8.87 -30.56 -77.58
C LEU G 305 8.72 -29.11 -77.14
N GLU G 306 9.61 -28.22 -77.57
CA GLU G 306 9.54 -26.80 -77.22
C GLU G 306 8.47 -26.15 -78.10
N ILE G 307 7.25 -26.10 -77.58
CA ILE G 307 6.11 -25.59 -78.35
C ILE G 307 6.07 -24.08 -78.44
N ALA G 308 6.97 -23.38 -77.76
CA ALA G 308 7.02 -21.92 -77.74
C ALA G 308 8.35 -21.50 -77.14
N PRO G 309 8.79 -20.25 -77.40
CA PRO G 309 10.07 -19.79 -76.82
C PRO G 309 10.16 -20.02 -75.31
N ASN G 310 11.03 -20.94 -74.91
CA ASN G 310 11.24 -21.31 -73.51
C ASN G 310 10.03 -21.97 -72.87
N LEU G 311 9.12 -22.52 -73.68
CA LEU G 311 7.96 -23.25 -73.20
C LEU G 311 8.07 -24.69 -73.66
N TRP G 312 8.32 -25.60 -72.72
CA TRP G 312 8.62 -27.00 -73.00
C TRP G 312 7.45 -27.84 -72.55
N ALA G 313 6.93 -28.67 -73.47
CA ALA G 313 5.73 -29.47 -73.22
C ALA G 313 6.05 -30.92 -72.87
N GLY G 314 7.20 -31.16 -72.25
CA GLY G 314 7.60 -32.51 -71.90
C GLY G 314 6.89 -33.10 -70.69
N VAL G 315 6.38 -32.26 -69.79
CA VAL G 315 5.73 -32.75 -68.59
C VAL G 315 4.41 -33.46 -68.92
N GLY G 316 3.75 -33.07 -70.01
CA GLY G 316 2.50 -33.71 -70.36
C GLY G 316 2.60 -35.13 -70.89
N LEU G 317 3.82 -35.66 -71.02
CA LEU G 317 3.99 -37.01 -71.54
C LEU G 317 3.47 -38.07 -70.56
N VAL G 318 3.56 -37.80 -69.26
CA VAL G 318 3.16 -38.79 -68.26
C VAL G 318 2.14 -38.20 -67.29
N ARG G 319 2.36 -36.96 -66.85
CA ARG G 319 1.55 -36.37 -65.80
C ARG G 319 0.27 -35.77 -66.38
N GLY G 320 -0.81 -35.88 -65.62
CA GLY G 320 -2.05 -35.21 -65.97
C GLY G 320 -2.07 -33.77 -65.48
N GLY G 321 -3.05 -33.03 -65.98
CA GLY G 321 -3.14 -31.62 -65.62
C GLY G 321 -2.12 -30.81 -66.40
N SER G 322 -1.28 -30.06 -65.68
CA SER G 322 -0.27 -29.25 -66.34
C SER G 322 0.65 -30.13 -67.16
N GLY G 323 1.17 -29.57 -68.25
CA GLY G 323 1.93 -30.34 -69.21
C GLY G 323 3.07 -29.54 -69.82
N THR G 324 3.13 -28.25 -69.49
CA THR G 324 4.15 -27.37 -70.04
C THR G 324 4.96 -26.76 -68.91
N ALA G 325 6.17 -26.31 -69.26
CA ALA G 325 7.11 -25.78 -68.28
C ALA G 325 7.92 -24.67 -68.93
N LEU G 326 8.26 -23.66 -68.13
CA LEU G 326 9.17 -22.60 -68.55
C LEU G 326 10.59 -23.05 -68.26
N VAL G 327 11.39 -23.21 -69.32
CA VAL G 327 12.75 -23.70 -69.22
C VAL G 327 13.70 -22.65 -69.76
N GLY G 328 14.68 -22.27 -68.94
CA GLY G 328 15.67 -21.30 -69.36
C GLY G 328 16.37 -20.70 -68.15
N ASP G 329 17.18 -19.69 -68.42
CA ASP G 329 17.89 -18.95 -67.37
C ASP G 329 16.90 -18.01 -66.69
N PRO G 330 17.30 -17.38 -65.58
CA PRO G 330 16.34 -16.50 -64.88
C PRO G 330 15.80 -15.37 -65.74
N GLN G 331 16.60 -14.85 -66.66
CA GLN G 331 16.13 -13.76 -67.52
C GLN G 331 15.12 -14.27 -68.54
N GLN G 332 15.35 -15.46 -69.11
CA GLN G 332 14.39 -16.02 -70.05
C GLN G 332 13.08 -16.38 -69.36
N VAL G 333 13.16 -16.97 -68.16
CA VAL G 333 11.95 -17.35 -67.44
C VAL G 333 11.17 -16.11 -67.02
N ALA G 334 11.86 -15.10 -66.48
CA ALA G 334 11.19 -13.86 -66.10
C ALA G 334 10.60 -13.15 -67.31
N ALA G 335 11.22 -13.31 -68.48
CA ALA G 335 10.67 -12.70 -69.69
C ALA G 335 9.37 -13.37 -70.10
N ARG G 336 9.33 -14.71 -70.05
CA ARG G 336 8.09 -15.41 -70.35
C ARG G 336 7.01 -15.10 -69.32
N ILE G 337 7.40 -14.89 -68.06
CA ILE G 337 6.43 -14.50 -67.04
C ILE G 337 5.87 -13.13 -67.34
N LYS G 338 6.72 -12.18 -67.72
CA LYS G 338 6.24 -10.86 -68.10
C LYS G 338 5.36 -10.92 -69.34
N GLU G 339 5.67 -11.83 -70.26
CA GLU G 339 4.86 -11.97 -71.47
C GLU G 339 3.44 -12.43 -71.12
N TYR G 340 3.31 -13.34 -70.16
CA TYR G 340 1.98 -13.75 -69.71
C TYR G 340 1.31 -12.65 -68.88
N ALA G 341 2.09 -11.92 -68.09
CA ALA G 341 1.52 -10.84 -67.29
C ALA G 341 0.99 -9.71 -68.16
N ASP G 342 1.63 -9.44 -69.30
CA ASP G 342 1.15 -8.40 -70.20
C ASP G 342 -0.18 -8.75 -70.85
N LEU G 343 -0.53 -10.03 -70.91
CA LEU G 343 -1.82 -10.46 -71.44
C LEU G 343 -2.95 -10.34 -70.43
N GLY G 344 -2.64 -10.03 -69.17
CA GLY G 344 -3.64 -9.94 -68.12
C GLY G 344 -3.53 -10.98 -67.03
N ILE G 345 -2.49 -11.82 -67.05
CA ILE G 345 -2.32 -12.85 -66.03
C ILE G 345 -1.73 -12.20 -64.78
N GLU G 346 -2.42 -12.38 -63.65
CA GLU G 346 -1.96 -11.84 -62.38
C GLU G 346 -1.52 -12.91 -61.39
N SER G 347 -2.01 -14.14 -61.54
CA SER G 347 -1.65 -15.25 -60.68
C SER G 347 -0.79 -16.25 -61.46
N PHE G 348 0.27 -16.73 -60.81
CA PHE G 348 1.17 -17.70 -61.42
C PHE G 348 1.37 -18.84 -60.43
N ILE G 349 0.98 -20.04 -60.83
CA ILE G 349 1.09 -21.23 -59.99
C ILE G 349 2.18 -22.12 -60.58
N PHE G 350 3.34 -22.13 -59.93
CA PHE G 350 4.50 -22.86 -60.42
C PHE G 350 4.72 -24.15 -59.64
N SER G 351 5.54 -25.02 -60.21
CA SER G 351 5.92 -26.28 -59.58
C SER G 351 7.22 -26.77 -60.20
N GLY G 352 7.90 -27.65 -59.48
CA GLY G 352 9.17 -28.21 -59.94
C GLY G 352 9.42 -29.56 -59.32
N TYR G 353 10.42 -30.25 -59.86
CA TYR G 353 10.78 -31.59 -59.40
C TYR G 353 12.22 -31.60 -58.92
N PRO G 354 12.49 -31.93 -57.65
CA PRO G 354 11.44 -32.13 -56.65
C PRO G 354 10.91 -30.79 -56.12
N HIS G 355 9.74 -30.81 -55.47
CA HIS G 355 9.05 -29.56 -55.17
C HIS G 355 9.75 -28.73 -54.11
N LEU G 356 10.42 -29.37 -53.15
CA LEU G 356 11.11 -28.61 -52.11
C LEU G 356 12.31 -27.85 -52.67
N GLU G 357 13.22 -28.56 -53.33
CA GLU G 357 14.42 -27.92 -53.86
C GLU G 357 14.10 -26.85 -54.88
N GLU G 358 13.14 -27.11 -55.77
CA GLU G 358 12.81 -26.14 -56.80
C GLU G 358 12.03 -24.95 -56.28
N ALA G 359 11.33 -25.09 -55.15
CA ALA G 359 10.71 -23.92 -54.53
C ALA G 359 11.76 -22.92 -54.10
N TYR G 360 12.89 -23.40 -53.59
CA TYR G 360 13.99 -22.51 -53.25
C TYR G 360 14.66 -21.97 -54.52
N ARG G 361 14.82 -22.83 -55.53
CA ARG G 361 15.54 -22.41 -56.73
C ARG G 361 14.78 -21.32 -57.49
N PHE G 362 13.46 -21.47 -57.60
CA PHE G 362 12.67 -20.44 -58.28
C PHE G 362 12.66 -19.15 -57.46
N ALA G 363 12.53 -19.27 -56.14
CA ALA G 363 12.47 -18.11 -55.27
C ALA G 363 13.79 -17.37 -55.19
N GLU G 364 14.91 -18.05 -55.46
CA GLU G 364 16.21 -17.42 -55.40
C GLU G 364 16.71 -16.94 -56.76
N LEU G 365 16.22 -17.51 -57.86
CA LEU G 365 16.63 -17.11 -59.19
C LEU G 365 15.67 -16.17 -59.89
N VAL G 366 14.37 -16.27 -59.60
CA VAL G 366 13.35 -15.54 -60.34
C VAL G 366 12.74 -14.40 -59.52
N PHE G 367 12.56 -14.60 -58.22
CA PHE G 367 11.96 -13.57 -57.36
C PHE G 367 12.61 -12.20 -57.50
N PRO G 368 13.94 -12.06 -57.48
CA PRO G 368 14.53 -10.71 -57.65
C PRO G 368 14.24 -10.08 -59.00
N LEU G 369 13.86 -10.86 -60.01
CA LEU G 369 13.53 -10.33 -61.33
C LEU G 369 12.05 -10.04 -61.51
N LEU G 370 11.23 -10.31 -60.50
CA LEU G 370 9.79 -10.09 -60.56
C LEU G 370 9.44 -8.76 -59.91
N PRO G 371 8.23 -8.24 -60.15
CA PRO G 371 7.82 -7.01 -59.47
C PRO G 371 7.74 -7.20 -57.96
N GLU G 372 7.51 -6.09 -57.26
CA GLU G 372 7.35 -6.14 -55.82
C GLU G 372 6.08 -6.90 -55.45
N PRO G 373 6.04 -7.54 -54.27
CA PRO G 373 7.08 -7.56 -53.24
C PRO G 373 8.14 -8.66 -53.45
N TYR G 374 8.05 -9.39 -54.56
CA TYR G 374 8.95 -10.52 -54.77
C TYR G 374 10.38 -10.08 -55.03
N ALA G 375 10.58 -8.86 -55.54
CA ALA G 375 11.93 -8.37 -55.76
C ALA G 375 12.66 -8.08 -54.46
N SER G 376 11.93 -7.68 -53.42
CA SER G 376 12.51 -7.31 -52.13
C SER G 376 12.53 -8.44 -51.13
N LEU G 377 12.00 -9.63 -51.49
CA LEU G 377 12.00 -10.74 -50.55
C LEU G 377 13.38 -11.36 -50.38
N ALA G 378 14.25 -11.24 -51.38
CA ALA G 378 15.58 -11.81 -51.31
C ALA G 378 16.46 -11.08 -50.28
N SER H 23 -9.56 -54.07 -20.04
CA SER H 23 -9.35 -53.03 -21.04
C SER H 23 -10.35 -51.89 -20.90
N MET H 24 -9.87 -50.66 -21.04
CA MET H 24 -10.73 -49.49 -20.94
C MET H 24 -10.08 -48.33 -21.67
N ASP H 25 -10.88 -47.61 -22.44
CA ASP H 25 -10.44 -46.42 -23.17
C ASP H 25 -11.22 -45.23 -22.66
N VAL H 26 -10.52 -44.23 -22.15
CA VAL H 26 -11.13 -43.01 -21.61
C VAL H 26 -10.91 -41.89 -22.62
N PHE H 27 -12.01 -41.32 -23.11
CA PHE H 27 -11.99 -40.23 -24.08
C PHE H 27 -12.36 -38.92 -23.41
N TRP H 28 -11.94 -37.82 -24.03
CA TRP H 28 -12.41 -36.49 -23.68
C TRP H 28 -13.23 -35.92 -24.84
N PHE H 29 -13.52 -34.62 -24.77
CA PHE H 29 -14.46 -33.99 -25.70
C PHE H 29 -13.93 -32.64 -26.13
N LEU H 30 -13.99 -32.37 -27.44
CA LEU H 30 -13.65 -31.06 -27.98
C LEU H 30 -14.93 -30.24 -28.14
N PRO H 31 -15.06 -29.12 -27.45
CA PRO H 31 -16.33 -28.36 -27.48
C PRO H 31 -16.49 -27.50 -28.72
N THR H 32 -16.70 -28.13 -29.87
CA THR H 32 -16.88 -27.37 -31.10
C THR H 32 -18.24 -26.68 -31.19
N HIS H 33 -19.16 -26.95 -30.25
CA HIS H 33 -20.38 -26.18 -30.16
C HIS H 33 -20.17 -24.84 -29.46
N GLY H 34 -19.10 -24.73 -28.68
CA GLY H 34 -18.91 -23.59 -27.79
C GLY H 34 -18.62 -24.10 -26.40
N ASP H 35 -17.99 -23.29 -25.56
CA ASP H 35 -17.64 -23.72 -24.21
C ASP H 35 -17.91 -22.58 -23.24
N GLY H 36 -17.88 -22.92 -21.95
CA GLY H 36 -18.10 -21.92 -20.93
C GLY H 36 -18.21 -22.57 -19.57
N HIS H 37 -18.50 -21.73 -18.57
CA HIS H 37 -18.66 -22.21 -17.21
C HIS H 37 -20.11 -22.53 -16.85
N TYR H 38 -21.08 -21.95 -17.57
CA TYR H 38 -22.48 -22.10 -17.22
C TYR H 38 -23.29 -22.42 -18.47
N LEU H 39 -24.40 -23.12 -18.26
CA LEU H 39 -25.30 -23.46 -19.34
C LEU H 39 -26.43 -22.43 -19.44
N GLY H 40 -26.96 -22.28 -20.65
CA GLY H 40 -28.06 -21.36 -20.90
C GLY H 40 -27.66 -19.91 -21.09
N THR H 41 -26.83 -19.38 -20.20
CA THR H 41 -26.42 -17.98 -20.29
C THR H 41 -25.10 -17.86 -21.04
N THR H 42 -24.83 -16.65 -21.53
CA THR H 42 -23.54 -16.33 -22.13
C THR H 42 -22.53 -15.83 -21.11
N GLN H 43 -22.90 -15.76 -19.83
CA GLN H 43 -21.97 -15.35 -18.79
C GLN H 43 -20.91 -16.42 -18.60
N GLY H 44 -19.64 -16.00 -18.60
CA GLY H 44 -18.56 -16.95 -18.47
C GLY H 44 -18.37 -17.84 -19.68
N ALA H 45 -18.93 -17.46 -20.82
CA ALA H 45 -18.77 -18.24 -22.03
C ALA H 45 -17.34 -18.08 -22.56
N ARG H 46 -16.93 -19.04 -23.37
CA ARG H 46 -15.57 -19.07 -23.90
C ARG H 46 -15.67 -19.30 -25.41
N PRO H 47 -15.19 -18.37 -26.23
CA PRO H 47 -15.34 -18.53 -27.69
C PRO H 47 -14.42 -19.63 -28.20
N VAL H 48 -14.92 -20.37 -29.20
CA VAL H 48 -14.18 -21.48 -29.78
C VAL H 48 -13.27 -20.96 -30.88
N THR H 49 -11.97 -20.90 -30.59
CA THR H 49 -10.96 -20.48 -31.54
C THR H 49 -10.00 -21.63 -31.78
N LEU H 50 -9.16 -21.47 -32.80
CA LEU H 50 -8.10 -22.44 -33.05
C LEU H 50 -7.21 -22.59 -31.83
N ASN H 51 -6.90 -21.49 -31.15
CA ASN H 51 -6.01 -21.53 -30.00
C ASN H 51 -6.62 -22.32 -28.85
N TYR H 52 -7.92 -22.14 -28.59
CA TYR H 52 -8.54 -22.85 -27.47
C TYR H 52 -8.74 -24.33 -27.78
N LEU H 53 -9.09 -24.67 -29.01
CA LEU H 53 -9.16 -26.07 -29.40
C LEU H 53 -7.79 -26.72 -29.32
N LYS H 54 -6.76 -25.98 -29.73
CA LYS H 54 -5.38 -26.43 -29.52
C LYS H 54 -5.11 -26.68 -28.04
N GLN H 55 -5.62 -25.81 -27.17
CA GLN H 55 -5.42 -25.96 -25.73
C GLN H 55 -6.04 -27.25 -25.21
N VAL H 56 -7.28 -27.53 -25.59
CA VAL H 56 -7.99 -28.69 -25.07
C VAL H 56 -7.41 -29.98 -25.64
N ALA H 57 -7.12 -30.00 -26.94
CA ALA H 57 -6.58 -31.21 -27.56
C ALA H 57 -5.21 -31.55 -27.00
N GLN H 58 -4.33 -30.56 -26.89
CA GLN H 58 -3.01 -30.79 -26.32
C GLN H 58 -3.08 -31.13 -24.84
N ALA H 59 -4.13 -30.70 -24.15
CA ALA H 59 -4.30 -31.10 -22.75
C ALA H 59 -4.60 -32.59 -22.65
N ALA H 60 -5.60 -33.07 -23.40
CA ALA H 60 -5.92 -34.49 -23.40
C ALA H 60 -4.74 -35.32 -23.91
N ASP H 61 -3.94 -34.78 -24.83
CA ASP H 61 -2.78 -35.50 -25.33
C ASP H 61 -1.76 -35.74 -24.23
N SER H 62 -1.41 -34.70 -23.49
CA SER H 62 -0.38 -34.81 -22.47
C SER H 62 -0.90 -35.49 -21.21
N LEU H 63 -2.18 -35.34 -20.89
CA LEU H 63 -2.75 -35.99 -19.73
C LEU H 63 -2.87 -37.49 -19.89
N GLY H 64 -2.87 -37.99 -21.12
CA GLY H 64 -2.91 -39.41 -21.36
C GLY H 64 -4.24 -39.98 -21.80
N TYR H 65 -5.20 -39.13 -22.17
CA TYR H 65 -6.47 -39.63 -22.67
C TYR H 65 -6.26 -40.44 -23.96
N HIS H 66 -7.11 -41.44 -24.16
CA HIS H 66 -7.01 -42.26 -25.36
C HIS H 66 -7.34 -41.44 -26.60
N GLY H 67 -8.35 -40.59 -26.51
CA GLY H 67 -8.70 -39.74 -27.63
C GLY H 67 -9.70 -38.69 -27.21
N VAL H 68 -10.19 -37.95 -28.20
CA VAL H 68 -11.24 -36.96 -28.01
C VAL H 68 -12.34 -37.20 -29.04
N LEU H 69 -13.58 -37.07 -28.61
CA LEU H 69 -14.72 -37.09 -29.52
C LEU H 69 -14.96 -35.68 -30.03
N ILE H 70 -15.17 -35.57 -31.33
CA ILE H 70 -15.43 -34.28 -31.97
C ILE H 70 -16.86 -34.32 -32.51
N PRO H 71 -17.76 -33.49 -31.98
CA PRO H 71 -19.15 -33.53 -32.45
C PRO H 71 -19.27 -32.93 -33.85
N THR H 72 -20.41 -33.22 -34.47
CA THR H 72 -20.72 -32.72 -35.81
C THR H 72 -22.13 -32.16 -35.82
N GLY H 73 -22.41 -31.37 -36.86
CA GLY H 73 -23.73 -30.78 -37.00
C GLY H 73 -23.71 -29.32 -37.42
N ARG H 74 -24.90 -28.74 -37.56
CA ARG H 74 -25.00 -27.35 -37.99
C ARG H 74 -24.49 -26.39 -36.92
N SER H 75 -24.56 -26.78 -35.65
CA SER H 75 -24.12 -25.95 -34.55
C SER H 75 -22.63 -26.06 -34.26
N CYS H 76 -21.89 -26.79 -35.09
CA CYS H 76 -20.47 -27.03 -34.87
C CYS H 76 -19.67 -26.54 -36.07
N GLU H 77 -18.39 -26.27 -35.83
CA GLU H 77 -17.44 -26.22 -36.93
C GLU H 77 -17.24 -27.62 -37.49
N ASP H 78 -16.76 -27.68 -38.74
CA ASP H 78 -16.63 -28.97 -39.40
C ASP H 78 -15.62 -29.84 -38.66
N SER H 79 -16.00 -31.10 -38.43
CA SER H 79 -15.16 -31.98 -37.63
C SER H 79 -13.86 -32.35 -38.35
N TRP H 80 -13.91 -32.48 -39.67
CA TRP H 80 -12.73 -32.91 -40.42
C TRP H 80 -11.69 -31.81 -40.50
N VAL H 81 -12.12 -30.55 -40.61
CA VAL H 81 -11.16 -29.45 -40.60
C VAL H 81 -10.48 -29.34 -39.25
N ILE H 82 -11.25 -29.48 -38.16
CA ILE H 82 -10.70 -29.35 -36.82
C ILE H 82 -9.73 -30.49 -36.52
N ALA H 83 -10.15 -31.72 -36.80
CA ALA H 83 -9.32 -32.89 -36.49
C ALA H 83 -8.01 -32.86 -37.29
N SER H 84 -8.09 -32.51 -38.57
CA SER H 84 -6.88 -32.47 -39.39
C SER H 84 -5.91 -31.42 -38.90
N ALA H 85 -6.42 -30.28 -38.41
CA ALA H 85 -5.55 -29.22 -37.94
C ALA H 85 -4.84 -29.58 -36.64
N LEU H 86 -5.48 -30.38 -35.78
CA LEU H 86 -4.90 -30.72 -34.48
C LEU H 86 -4.03 -31.96 -34.52
N VAL H 87 -4.11 -32.76 -35.59
CA VAL H 87 -3.29 -33.97 -35.68
C VAL H 87 -1.79 -33.68 -35.61
N PRO H 88 -1.23 -32.76 -36.40
CA PRO H 88 0.21 -32.48 -36.29
C PRO H 88 0.63 -31.83 -34.98
N LEU H 89 -0.31 -31.41 -34.15
CA LEU H 89 0.00 -30.75 -32.88
C LEU H 89 -0.08 -31.70 -31.68
N THR H 90 -0.26 -32.99 -31.92
CA THR H 90 -0.36 -33.98 -30.85
C THR H 90 0.40 -35.23 -31.26
N GLU H 91 0.80 -36.01 -30.26
CA GLU H 91 1.62 -37.20 -30.49
C GLU H 91 0.83 -38.50 -30.36
N ARG H 92 0.10 -38.69 -29.25
CA ARG H 92 -0.60 -39.93 -28.99
C ARG H 92 -2.12 -39.82 -29.07
N LEU H 93 -2.68 -38.62 -28.92
CA LEU H 93 -4.12 -38.47 -28.86
C LEU H 93 -4.77 -38.93 -30.15
N ARG H 94 -5.87 -39.67 -30.01
CA ARG H 94 -6.66 -40.15 -31.13
C ARG H 94 -7.88 -39.25 -31.32
N TYR H 95 -8.43 -39.27 -32.53
CA TYR H 95 -9.52 -38.37 -32.88
C TYR H 95 -10.71 -39.18 -33.40
N LEU H 96 -11.83 -39.11 -32.68
CA LEU H 96 -13.06 -39.77 -33.08
C LEU H 96 -13.86 -38.78 -33.92
N VAL H 97 -13.64 -38.82 -35.23
CA VAL H 97 -14.24 -37.89 -36.17
C VAL H 97 -15.50 -38.51 -36.76
N ALA H 98 -16.52 -37.68 -36.98
CA ALA H 98 -17.81 -38.16 -37.45
C ALA H 98 -17.91 -38.04 -38.97
N ILE H 99 -18.38 -39.10 -39.62
CA ILE H 99 -18.79 -39.06 -41.01
C ILE H 99 -20.30 -39.22 -41.06
N ARG H 100 -20.92 -38.55 -42.02
CA ARG H 100 -22.39 -38.53 -42.14
C ARG H 100 -22.79 -39.04 -43.52
N PRO H 101 -23.27 -40.27 -43.62
CA PRO H 101 -23.77 -40.77 -44.92
C PRO H 101 -24.97 -39.97 -45.37
N GLY H 102 -25.10 -39.81 -46.69
CA GLY H 102 -26.19 -39.09 -47.29
C GLY H 102 -25.83 -37.68 -47.74
N ILE H 103 -24.76 -37.10 -47.18
CA ILE H 103 -24.31 -35.77 -47.55
C ILE H 103 -22.93 -35.75 -48.18
N ILE H 104 -22.26 -36.90 -48.29
CA ILE H 104 -20.95 -36.97 -48.92
C ILE H 104 -20.81 -38.34 -49.58
N SER H 105 -20.04 -38.38 -50.67
CA SER H 105 -19.79 -39.62 -51.37
C SER H 105 -19.03 -40.59 -50.46
N PRO H 106 -19.38 -41.89 -50.49
CA PRO H 106 -18.62 -42.84 -49.67
C PRO H 106 -17.19 -43.02 -50.13
N THR H 107 -16.93 -42.97 -51.44
CA THR H 107 -15.57 -43.09 -51.94
C THR H 107 -14.72 -41.92 -51.47
N VAL H 108 -15.25 -40.71 -51.54
CA VAL H 108 -14.51 -39.53 -51.08
C VAL H 108 -14.29 -39.58 -49.58
N SER H 109 -15.32 -40.00 -48.83
CA SER H 109 -15.19 -40.13 -47.38
C SER H 109 -14.07 -41.11 -47.02
N ALA H 110 -13.93 -42.18 -47.80
CA ALA H 110 -12.86 -43.14 -47.55
C ALA H 110 -11.49 -42.51 -47.78
N ARG H 111 -11.36 -41.71 -48.84
CA ARG H 111 -10.10 -41.02 -49.10
C ARG H 111 -9.76 -40.04 -48.00
N MET H 112 -10.76 -39.31 -47.49
CA MET H 112 -10.52 -38.41 -46.36
C MET H 112 -10.07 -39.20 -45.14
N ALA H 113 -10.77 -40.30 -44.84
CA ALA H 113 -10.38 -41.14 -43.72
C ALA H 113 -8.98 -41.70 -43.91
N ALA H 114 -8.66 -42.16 -45.12
CA ALA H 114 -7.34 -42.71 -45.38
C ALA H 114 -6.26 -41.64 -45.19
N THR H 115 -6.49 -40.44 -45.74
CA THR H 115 -5.49 -39.38 -45.65
C THR H 115 -5.23 -38.97 -44.21
N LEU H 116 -6.30 -38.77 -43.42
CA LEU H 116 -6.11 -38.35 -42.04
C LEU H 116 -5.52 -39.48 -41.21
N ASP H 117 -5.88 -40.73 -41.50
CA ASP H 117 -5.30 -41.86 -40.80
C ASP H 117 -3.82 -41.99 -41.13
N ARG H 118 -3.44 -41.70 -42.38
CA ARG H 118 -2.04 -41.77 -42.76
C ARG H 118 -1.24 -40.61 -42.15
N LEU H 119 -1.78 -39.40 -42.19
CA LEU H 119 -1.08 -38.25 -41.61
C LEU H 119 -0.93 -38.42 -40.10
N SER H 120 -1.93 -39.01 -39.44
CA SER H 120 -1.90 -39.19 -38.00
C SER H 120 -1.17 -40.46 -37.56
N ASN H 121 -0.77 -41.31 -38.50
CA ASN H 121 -0.13 -42.59 -38.19
C ASN H 121 -1.03 -43.47 -37.33
N GLY H 122 -2.26 -43.67 -37.80
CA GLY H 122 -3.17 -44.62 -37.17
C GLY H 122 -3.93 -44.10 -35.97
N ARG H 123 -4.17 -42.80 -35.89
CA ARG H 123 -4.86 -42.19 -34.75
C ARG H 123 -6.28 -41.73 -35.08
N LEU H 124 -6.85 -42.20 -36.19
CA LEU H 124 -8.18 -41.79 -36.61
C LEU H 124 -9.22 -42.80 -36.17
N LEU H 125 -10.31 -42.30 -35.59
CA LEU H 125 -11.47 -43.12 -35.25
C LEU H 125 -12.69 -42.50 -35.89
N ILE H 126 -13.59 -43.35 -36.41
CA ILE H 126 -14.73 -42.90 -37.20
C ILE H 126 -16.00 -43.10 -36.38
N ASN H 127 -16.79 -42.03 -36.27
CA ASN H 127 -18.10 -42.06 -35.62
C ASN H 127 -19.16 -41.92 -36.70
N VAL H 128 -19.95 -42.97 -36.90
CA VAL H 128 -20.99 -42.96 -37.93
C VAL H 128 -22.22 -42.25 -37.40
N VAL H 129 -22.62 -41.17 -38.07
CA VAL H 129 -23.73 -40.32 -37.65
C VAL H 129 -24.74 -40.24 -38.79
N THR H 130 -26.00 -40.56 -38.50
CA THR H 130 -27.03 -40.53 -39.52
C THR H 130 -27.78 -39.21 -39.59
N GLY H 131 -27.82 -38.46 -38.48
CA GLY H 131 -28.49 -37.16 -38.48
C GLY H 131 -29.97 -37.27 -38.19
N GLY H 132 -30.37 -36.85 -36.99
CA GLY H 132 -31.74 -36.97 -36.53
C GLY H 132 -32.60 -35.74 -36.64
N ASP H 133 -32.10 -34.64 -37.20
CA ASP H 133 -32.88 -33.42 -37.31
C ASP H 133 -33.38 -33.30 -38.75
N PRO H 134 -34.67 -33.45 -39.00
CA PRO H 134 -35.16 -33.32 -40.38
C PRO H 134 -34.98 -31.93 -40.95
N ASP H 135 -35.07 -30.90 -40.10
CA ASP H 135 -34.82 -29.53 -40.58
C ASP H 135 -33.37 -29.37 -41.03
N GLU H 136 -32.43 -29.89 -40.24
CA GLU H 136 -31.02 -29.82 -40.62
C GLU H 136 -30.71 -30.69 -41.82
N ASN H 137 -31.34 -31.87 -41.90
CA ASN H 137 -31.09 -32.75 -43.03
C ASN H 137 -31.59 -32.15 -44.34
N ARG H 138 -32.76 -31.51 -44.30
CA ARG H 138 -33.25 -30.81 -45.49
C ARG H 138 -32.36 -29.63 -45.84
N GLY H 139 -31.74 -29.00 -44.84
CA GLY H 139 -30.78 -27.94 -45.11
C GLY H 139 -29.53 -28.44 -45.82
N ASP H 140 -29.17 -29.70 -45.60
CA ASP H 140 -28.04 -30.31 -46.28
C ASP H 140 -28.40 -30.96 -47.60
N GLY H 141 -29.68 -30.97 -47.96
CA GLY H 141 -30.11 -31.53 -49.23
C GLY H 141 -30.64 -32.95 -49.17
N SER H 142 -30.86 -33.50 -47.98
CA SER H 142 -31.30 -34.88 -47.80
C SER H 142 -32.77 -34.86 -47.41
N PHE H 143 -33.62 -35.44 -48.26
CA PHE H 143 -35.06 -35.53 -48.03
C PHE H 143 -35.44 -37.00 -47.90
N LEU H 144 -35.05 -37.62 -46.80
CA LEU H 144 -35.25 -39.04 -46.58
C LEU H 144 -35.96 -39.28 -45.25
N SER H 145 -36.78 -40.32 -45.22
CA SER H 145 -37.43 -40.70 -43.98
C SER H 145 -36.44 -41.41 -43.06
N HIS H 146 -36.90 -41.71 -41.84
CA HIS H 146 -36.04 -42.38 -40.87
C HIS H 146 -35.59 -43.75 -41.37
N SER H 147 -36.53 -44.52 -41.92
CA SER H 147 -36.18 -45.83 -42.46
C SER H 147 -35.22 -45.70 -43.64
N GLU H 148 -35.41 -44.66 -44.46
CA GLU H 148 -34.56 -44.47 -45.63
C GLU H 148 -33.14 -44.05 -45.22
N ARG H 149 -33.01 -43.22 -44.18
CA ARG H 149 -31.70 -42.74 -43.76
C ARG H 149 -30.78 -43.88 -43.35
N TYR H 150 -31.30 -44.87 -42.63
CA TYR H 150 -30.47 -46.01 -42.23
C TYR H 150 -30.16 -46.92 -43.40
N GLU H 151 -30.94 -46.86 -44.48
CA GLU H 151 -30.60 -47.62 -45.68
C GLU H 151 -29.37 -47.05 -46.37
N VAL H 152 -29.27 -45.72 -46.45
CA VAL H 152 -28.06 -45.11 -47.01
C VAL H 152 -26.84 -45.43 -46.16
N THR H 153 -26.99 -45.35 -44.83
CA THR H 153 -25.88 -45.66 -43.94
C THR H 153 -25.41 -47.10 -44.14
N ASP H 154 -26.34 -48.03 -44.35
CA ASP H 154 -25.98 -49.42 -44.61
C ASP H 154 -25.16 -49.53 -45.89
N GLU H 155 -25.66 -48.94 -46.98
CA GLU H 155 -24.94 -48.99 -48.25
C GLU H 155 -23.66 -48.16 -48.22
N PHE H 156 -23.67 -47.05 -47.48
CA PHE H 156 -22.48 -46.21 -47.37
C PHE H 156 -21.32 -46.98 -46.76
N LEU H 157 -21.55 -47.60 -45.59
CA LEU H 157 -20.48 -48.30 -44.89
C LEU H 157 -20.01 -49.53 -45.67
N LYS H 158 -20.91 -50.20 -46.39
CA LYS H 158 -20.51 -51.37 -47.17
C LYS H 158 -19.49 -50.99 -48.24
N ILE H 159 -19.74 -49.88 -48.95
CA ILE H 159 -18.75 -49.40 -49.91
C ILE H 159 -17.53 -48.85 -49.20
N TRP H 160 -17.75 -48.07 -48.14
CA TRP H 160 -16.65 -47.42 -47.43
C TRP H 160 -15.66 -48.43 -46.87
N ARG H 161 -16.16 -49.49 -46.24
CA ARG H 161 -15.26 -50.49 -45.65
C ARG H 161 -14.50 -51.26 -46.73
N ARG H 162 -15.15 -51.54 -47.86
CA ARG H 162 -14.52 -52.36 -48.89
C ARG H 162 -13.50 -51.55 -49.68
N VAL H 163 -13.79 -50.27 -49.93
CA VAL H 163 -12.84 -49.43 -50.66
C VAL H 163 -11.55 -49.26 -49.87
N LEU H 164 -11.66 -49.15 -48.54
CA LEU H 164 -10.49 -48.98 -47.69
C LEU H 164 -9.64 -50.25 -47.56
N GLN H 165 -10.15 -51.41 -47.96
CA GLN H 165 -9.35 -52.62 -47.92
C GLN H 165 -8.64 -52.91 -49.25
N GLY H 166 -8.56 -51.91 -50.13
CA GLY H 166 -7.85 -52.05 -51.38
C GLY H 166 -8.65 -52.61 -52.53
N GLU H 167 -9.98 -52.66 -52.40
CA GLU H 167 -10.84 -53.33 -53.36
C GLU H 167 -11.51 -52.30 -54.27
N ALA H 168 -11.38 -52.50 -55.58
CA ALA H 168 -12.15 -51.72 -56.54
C ALA H 168 -13.60 -52.17 -56.48
N VAL H 169 -14.46 -51.33 -55.91
CA VAL H 169 -15.80 -51.75 -55.52
C VAL H 169 -16.79 -51.43 -56.63
N ASP H 170 -17.60 -52.41 -57.00
CA ASP H 170 -18.79 -52.23 -57.83
C ASP H 170 -20.00 -52.46 -56.93
N PHE H 171 -20.89 -51.45 -56.85
CA PHE H 171 -22.02 -51.52 -55.95
C PHE H 171 -23.19 -50.77 -56.57
N GLU H 172 -24.36 -51.40 -56.55
CA GLU H 172 -25.60 -50.78 -57.05
C GLU H 172 -26.75 -51.15 -56.12
N GLY H 173 -27.09 -50.25 -55.19
CA GLY H 173 -28.19 -50.44 -54.29
C GLY H 173 -29.37 -49.54 -54.61
N LYS H 174 -30.33 -49.53 -53.68
CA LYS H 174 -31.52 -48.70 -53.87
C LYS H 174 -31.20 -47.21 -53.76
N HIS H 175 -30.14 -46.84 -53.04
CA HIS H 175 -29.77 -45.44 -52.85
C HIS H 175 -28.43 -45.08 -53.48
N LEU H 176 -27.40 -45.88 -53.27
CA LEU H 176 -26.06 -45.56 -53.73
C LEU H 176 -25.62 -46.50 -54.85
N LYS H 177 -24.78 -45.97 -55.74
CA LYS H 177 -24.28 -46.74 -56.88
C LYS H 177 -22.91 -46.22 -57.27
N VAL H 178 -21.90 -47.09 -57.26
CA VAL H 178 -20.54 -46.74 -57.66
C VAL H 178 -20.00 -47.79 -58.63
N GLN H 179 -19.06 -47.36 -59.47
CA GLN H 179 -18.42 -48.24 -60.45
C GLN H 179 -16.92 -47.97 -60.46
N ASN H 180 -16.13 -48.99 -60.11
CA ASN H 180 -14.67 -48.89 -60.05
C ASN H 180 -14.23 -47.89 -58.98
N ALA H 181 -14.84 -47.99 -57.80
CA ALA H 181 -14.49 -47.14 -56.67
C ALA H 181 -13.25 -47.72 -55.99
N LYS H 182 -12.14 -46.99 -56.05
CA LYS H 182 -10.90 -47.42 -55.43
C LYS H 182 -10.26 -46.25 -54.69
N ALA H 183 -9.68 -46.55 -53.53
CA ALA H 183 -8.88 -45.59 -52.77
C ALA H 183 -7.42 -46.01 -52.89
N LEU H 184 -6.65 -45.25 -53.68
CA LEU H 184 -5.30 -45.67 -54.02
C LEU H 184 -4.34 -45.56 -52.85
N TYR H 185 -4.70 -44.83 -51.79
CA TYR H 185 -3.84 -44.70 -50.62
C TYR H 185 -4.42 -45.50 -49.46
N PRO H 186 -3.80 -46.60 -49.06
CA PRO H 186 -4.39 -47.45 -48.02
C PRO H 186 -4.23 -46.83 -46.65
N PRO H 187 -5.16 -47.08 -45.73
CA PRO H 187 -5.06 -46.50 -44.39
C PRO H 187 -3.97 -47.19 -43.58
N VAL H 188 -3.67 -46.60 -42.43
CA VAL H 188 -2.66 -47.17 -41.53
C VAL H 188 -3.26 -48.28 -40.68
N GLN H 189 -4.44 -48.04 -40.11
CA GLN H 189 -5.12 -49.06 -39.32
C GLN H 189 -5.83 -50.03 -40.25
N LYS H 190 -5.68 -51.32 -39.98
CA LYS H 190 -6.27 -52.37 -40.80
C LYS H 190 -7.40 -53.07 -40.05
N PRO H 191 -8.50 -53.43 -40.73
CA PRO H 191 -8.72 -53.24 -42.18
C PRO H 191 -9.11 -51.81 -42.52
N TYR H 192 -9.58 -51.07 -41.52
CA TYR H 192 -9.99 -49.69 -41.69
C TYR H 192 -10.06 -49.04 -40.31
N PRO H 193 -10.07 -47.71 -40.23
CA PRO H 193 -10.23 -47.05 -38.94
C PRO H 193 -11.47 -47.56 -38.23
N PRO H 194 -11.36 -47.85 -36.93
CA PRO H 194 -12.49 -48.46 -36.20
C PRO H 194 -13.76 -47.62 -36.32
N LEU H 195 -14.89 -48.32 -36.43
CA LEU H 195 -16.19 -47.69 -36.63
C LEU H 195 -16.93 -47.63 -35.30
N TYR H 196 -17.16 -46.42 -34.81
CA TYR H 196 -18.02 -46.18 -33.66
C TYR H 196 -19.38 -45.71 -34.16
N PHE H 197 -20.44 -46.10 -33.46
CA PHE H 197 -21.79 -45.81 -33.92
C PHE H 197 -22.74 -45.74 -32.74
N GLY H 198 -23.67 -44.80 -32.80
CA GLY H 198 -24.69 -44.68 -31.77
C GLY H 198 -26.08 -44.65 -32.38
N GLY H 199 -27.03 -45.26 -31.66
CA GLY H 199 -28.40 -45.34 -32.12
C GLY H 199 -29.25 -46.22 -31.24
N SER H 200 -30.55 -45.94 -31.17
CA SER H 200 -31.45 -46.67 -30.30
C SER H 200 -32.58 -47.40 -31.02
N SER H 201 -32.83 -47.11 -32.29
CA SER H 201 -33.90 -47.78 -33.01
C SER H 201 -33.49 -49.21 -33.35
N ASP H 202 -34.48 -50.00 -33.80
CA ASP H 202 -34.20 -51.37 -34.22
C ASP H 202 -33.33 -51.39 -35.46
N ALA H 203 -33.54 -50.44 -36.39
CA ALA H 203 -32.69 -50.36 -37.57
C ALA H 203 -31.26 -50.00 -37.20
N ALA H 204 -31.08 -49.17 -36.17
CA ALA H 204 -29.74 -48.81 -35.73
C ALA H 204 -29.03 -50.01 -35.09
N HIS H 205 -29.75 -50.75 -34.24
CA HIS H 205 -29.14 -51.91 -33.60
C HIS H 205 -28.81 -53.00 -34.61
N ASP H 206 -29.62 -53.14 -35.66
CA ASP H 206 -29.30 -54.08 -36.72
C ASP H 206 -28.07 -53.64 -37.50
N LEU H 207 -28.03 -52.36 -37.89
CA LEU H 207 -26.88 -51.84 -38.62
C LEU H 207 -25.61 -51.91 -37.77
N ALA H 208 -25.71 -51.54 -36.50
CA ALA H 208 -24.54 -51.59 -35.61
C ALA H 208 -24.02 -53.01 -35.46
N ALA H 209 -24.93 -53.98 -35.27
CA ALA H 209 -24.52 -55.36 -35.05
C ALA H 209 -23.84 -55.98 -36.26
N GLU H 210 -24.07 -55.46 -37.46
CA GLU H 210 -23.54 -56.07 -38.67
C GLU H 210 -22.20 -55.48 -39.11
N GLN H 211 -22.00 -54.18 -38.93
CA GLN H 211 -20.88 -53.52 -39.59
C GLN H 211 -19.94 -52.80 -38.64
N VAL H 212 -20.46 -52.17 -37.59
CA VAL H 212 -19.63 -51.26 -36.79
C VAL H 212 -18.76 -52.07 -35.83
N ASP H 213 -17.76 -51.41 -35.24
CA ASP H 213 -16.86 -52.06 -34.30
C ASP H 213 -17.17 -51.73 -32.85
N VAL H 214 -17.65 -50.52 -32.56
CA VAL H 214 -18.01 -50.12 -31.21
C VAL H 214 -19.40 -49.48 -31.25
N TYR H 215 -20.28 -49.93 -30.36
CA TYR H 215 -21.62 -49.36 -30.22
C TYR H 215 -21.64 -48.40 -29.04
N LEU H 216 -22.16 -47.20 -29.27
CA LEU H 216 -22.19 -46.15 -28.27
C LEU H 216 -23.61 -45.88 -27.81
N THR H 217 -23.77 -45.64 -26.52
CA THR H 217 -25.06 -45.28 -25.93
C THR H 217 -24.84 -44.13 -24.96
N TRP H 218 -25.90 -43.36 -24.73
CA TRP H 218 -25.81 -42.28 -23.77
C TRP H 218 -25.92 -42.79 -22.33
N GLY H 219 -25.70 -41.88 -21.39
CA GLY H 219 -25.58 -42.24 -19.99
C GLY H 219 -26.89 -42.51 -19.28
N GLU H 220 -27.54 -43.60 -19.62
CA GLU H 220 -28.74 -44.05 -18.93
C GLU H 220 -28.36 -44.80 -17.66
N PRO H 221 -29.31 -45.03 -16.76
CA PRO H 221 -29.00 -45.83 -15.57
C PRO H 221 -28.52 -47.21 -15.97
N PRO H 222 -27.72 -47.85 -15.10
CA PRO H 222 -27.08 -49.12 -15.50
C PRO H 222 -28.05 -50.20 -15.97
N ALA H 223 -29.26 -50.26 -15.40
CA ALA H 223 -30.21 -51.27 -15.83
C ALA H 223 -30.69 -51.02 -17.25
N ALA H 224 -30.90 -49.75 -17.61
CA ALA H 224 -31.39 -49.42 -18.95
C ALA H 224 -30.31 -49.64 -20.01
N VAL H 225 -29.05 -49.36 -19.67
CA VAL H 225 -27.96 -49.58 -20.61
C VAL H 225 -27.78 -51.06 -20.90
N ALA H 226 -27.93 -51.90 -19.88
CA ALA H 226 -27.76 -53.34 -20.06
C ALA H 226 -28.73 -53.93 -21.07
N GLU H 227 -29.96 -53.39 -21.13
CA GLU H 227 -30.94 -53.91 -22.07
C GLU H 227 -30.58 -53.55 -23.50
N LYS H 228 -30.06 -52.35 -23.73
CA LYS H 228 -29.61 -51.98 -25.08
C LYS H 228 -28.39 -52.80 -25.49
N LEU H 229 -27.44 -52.99 -24.58
CA LEU H 229 -26.26 -53.80 -24.89
C LEU H 229 -26.64 -55.25 -25.19
N ALA H 230 -27.57 -55.80 -24.42
CA ALA H 230 -28.00 -57.19 -24.65
C ALA H 230 -28.70 -57.33 -26.00
N ASP H 231 -29.45 -56.31 -26.42
CA ASP H 231 -30.11 -56.36 -27.71
C ASP H 231 -29.10 -56.33 -28.85
N VAL H 232 -28.12 -55.41 -28.76
CA VAL H 232 -27.11 -55.32 -29.81
C VAL H 232 -26.23 -56.57 -29.82
N ARG H 233 -25.91 -57.10 -28.63
CA ARG H 233 -25.09 -58.30 -28.56
C ARG H 233 -25.81 -59.50 -29.16
N GLU H 234 -27.14 -59.56 -29.03
CA GLU H 234 -27.90 -60.65 -29.65
C GLU H 234 -27.89 -60.53 -31.17
N ARG H 235 -28.15 -59.32 -31.68
CA ARG H 235 -28.15 -59.12 -33.13
C ARG H 235 -26.75 -59.35 -33.70
N ALA H 236 -25.71 -58.99 -32.94
CA ALA H 236 -24.34 -59.23 -33.40
C ALA H 236 -24.04 -60.72 -33.47
N ALA H 237 -24.64 -61.51 -32.57
CA ALA H 237 -24.43 -62.95 -32.59
C ALA H 237 -24.98 -63.58 -33.85
N ARG H 238 -26.11 -63.07 -34.37
CA ARG H 238 -26.66 -63.60 -35.60
C ARG H 238 -25.72 -63.40 -36.78
N HIS H 239 -24.81 -62.43 -36.72
CA HIS H 239 -23.79 -62.24 -37.73
C HIS H 239 -22.45 -62.86 -37.36
N GLY H 240 -22.41 -63.64 -36.27
CA GLY H 240 -21.17 -64.27 -35.86
C GLY H 240 -20.10 -63.29 -35.43
N ARG H 241 -20.49 -62.14 -34.90
CA ARG H 241 -19.53 -61.12 -34.50
C ARG H 241 -19.81 -60.69 -33.06
N LYS H 242 -18.83 -60.01 -32.48
CA LYS H 242 -18.95 -59.41 -31.16
C LYS H 242 -18.48 -57.98 -31.25
N VAL H 243 -19.30 -57.05 -30.75
CA VAL H 243 -19.02 -55.62 -30.81
C VAL H 243 -18.65 -55.16 -29.41
N LYS H 244 -17.72 -54.21 -29.35
CA LYS H 244 -17.38 -53.58 -28.09
C LYS H 244 -18.34 -52.40 -27.85
N PHE H 245 -18.40 -51.95 -26.61
CA PHE H 245 -19.40 -50.99 -26.20
C PHE H 245 -18.76 -49.79 -25.51
N GLY H 246 -19.41 -48.64 -25.68
CA GLY H 246 -18.95 -47.42 -25.04
C GLY H 246 -20.13 -46.56 -24.62
N ILE H 247 -19.88 -45.71 -23.63
CA ILE H 247 -20.92 -44.84 -23.06
C ILE H 247 -20.42 -43.41 -23.04
N ARG H 248 -21.35 -42.48 -23.24
CA ARG H 248 -21.07 -41.05 -23.30
C ARG H 248 -21.68 -40.39 -22.06
N LEU H 249 -20.85 -39.67 -21.30
CA LEU H 249 -21.28 -39.11 -20.03
C LEU H 249 -20.57 -37.79 -19.79
N HIS H 250 -21.31 -36.81 -19.28
CA HIS H 250 -20.66 -35.68 -18.64
C HIS H 250 -20.15 -36.09 -17.26
N VAL H 251 -19.27 -35.28 -16.69
CA VAL H 251 -18.71 -35.60 -15.38
C VAL H 251 -18.44 -34.32 -14.61
N ILE H 252 -18.93 -34.26 -13.38
CA ILE H 252 -18.67 -33.15 -12.46
C ILE H 252 -18.09 -33.79 -11.21
N VAL H 253 -16.77 -33.98 -11.20
CA VAL H 253 -16.07 -34.64 -10.09
C VAL H 253 -15.27 -33.59 -9.34
N ARG H 254 -15.43 -33.57 -8.02
CA ARG H 254 -14.63 -32.72 -7.14
C ARG H 254 -14.04 -33.59 -6.04
N GLU H 255 -13.23 -32.97 -5.17
CA GLU H 255 -12.59 -33.72 -4.10
C GLU H 255 -13.60 -34.21 -3.07
N THR H 256 -14.66 -33.44 -2.83
CA THR H 256 -15.72 -33.84 -1.91
C THR H 256 -17.05 -33.84 -2.65
N ALA H 257 -17.99 -34.62 -2.12
CA ALA H 257 -19.31 -34.70 -2.74
C ALA H 257 -20.05 -33.37 -2.64
N GLU H 258 -19.79 -32.58 -1.61
CA GLU H 258 -20.48 -31.31 -1.44
C GLU H 258 -20.07 -30.30 -2.51
N GLU H 259 -18.77 -30.26 -2.85
CA GLU H 259 -18.33 -29.35 -3.90
C GLU H 259 -18.89 -29.75 -5.25
N ALA H 260 -19.00 -31.05 -5.52
CA ALA H 260 -19.50 -31.50 -6.81
C ALA H 260 -20.95 -31.09 -7.02
N TRP H 261 -21.81 -31.36 -6.03
CA TRP H 261 -23.21 -30.96 -6.14
C TRP H 261 -23.38 -29.45 -6.10
N LYS H 262 -22.46 -28.75 -5.42
CA LYS H 262 -22.47 -27.29 -5.46
C LYS H 262 -22.16 -26.79 -6.86
N ALA H 263 -21.23 -27.44 -7.55
CA ALA H 263 -20.92 -27.06 -8.93
C ALA H 263 -22.04 -27.44 -9.89
N ALA H 264 -22.73 -28.55 -9.63
CA ALA H 264 -23.85 -28.94 -10.49
C ALA H 264 -24.99 -27.95 -10.38
N ASP H 265 -25.32 -27.51 -9.15
CA ASP H 265 -26.32 -26.46 -8.99
C ASP H 265 -25.85 -25.15 -9.61
N LYS H 266 -24.55 -24.87 -9.51
CA LYS H 266 -23.99 -23.65 -10.07
C LYS H 266 -23.98 -23.69 -11.60
N LEU H 267 -23.91 -24.88 -12.18
CA LEU H 267 -23.86 -25.00 -13.63
C LEU H 267 -25.17 -24.60 -14.29
N ILE H 268 -26.29 -24.74 -13.58
CA ILE H 268 -27.61 -24.49 -14.16
C ILE H 268 -28.35 -23.38 -13.41
N GLU H 269 -27.64 -22.53 -12.68
CA GLU H 269 -28.29 -21.50 -11.90
C GLU H 269 -28.96 -20.43 -12.77
N HIS H 270 -28.53 -20.28 -14.02
CA HIS H 270 -29.09 -19.29 -14.93
C HIS H 270 -30.09 -19.91 -15.91
N ILE H 271 -30.88 -20.87 -15.45
CA ILE H 271 -31.87 -21.57 -16.28
C ILE H 271 -33.24 -21.35 -15.68
N SER H 272 -34.23 -21.11 -16.55
CA SER H 272 -35.59 -20.82 -16.09
C SER H 272 -36.20 -22.04 -15.42
N ASP H 273 -37.07 -21.78 -14.45
CA ASP H 273 -37.72 -22.83 -13.68
C ASP H 273 -39.06 -23.20 -14.31
N ASN H 304 -35.28 -33.22 -7.78
CA ASN H 304 -35.37 -34.63 -8.18
C ASN H 304 -34.69 -34.89 -9.52
N LEU H 305 -33.62 -34.13 -9.80
CA LEU H 305 -32.87 -34.33 -11.04
C LEU H 305 -31.93 -35.52 -10.97
N GLU H 306 -31.63 -36.01 -9.76
CA GLU H 306 -30.75 -37.17 -9.59
C GLU H 306 -31.59 -38.42 -9.86
N ILE H 307 -31.58 -38.86 -11.12
CA ILE H 307 -32.40 -40.01 -11.53
C ILE H 307 -31.83 -41.35 -11.09
N ALA H 308 -30.63 -41.35 -10.51
CA ALA H 308 -29.95 -42.56 -10.07
C ALA H 308 -28.79 -42.14 -9.19
N PRO H 309 -28.28 -43.05 -8.33
CA PRO H 309 -27.13 -42.70 -7.49
C PRO H 309 -25.97 -42.08 -8.25
N ASN H 310 -25.74 -40.79 -8.03
CA ASN H 310 -24.68 -40.02 -8.67
C ASN H 310 -24.89 -39.81 -10.16
N LEU H 311 -26.13 -39.96 -10.65
CA LEU H 311 -26.45 -39.74 -12.05
C LEU H 311 -27.40 -38.55 -12.13
N TRP H 312 -26.89 -37.42 -12.62
CA TRP H 312 -27.61 -36.15 -12.60
C TRP H 312 -27.97 -35.76 -14.03
N ALA H 313 -29.26 -35.51 -14.27
CA ALA H 313 -29.78 -35.23 -15.61
C ALA H 313 -30.00 -33.74 -15.86
N GLY H 314 -29.23 -32.88 -15.19
CA GLY H 314 -29.42 -31.44 -15.36
C GLY H 314 -28.86 -30.87 -16.64
N VAL H 315 -27.84 -31.52 -17.21
CA VAL H 315 -27.22 -30.99 -18.44
C VAL H 315 -28.17 -31.08 -19.63
N GLY H 316 -29.07 -32.06 -19.64
CA GLY H 316 -30.01 -32.23 -20.74
C GLY H 316 -31.13 -31.22 -20.80
N LEU H 317 -31.18 -30.27 -19.86
CA LEU H 317 -32.27 -29.29 -19.85
C LEU H 317 -32.20 -28.33 -21.03
N VAL H 318 -30.99 -28.02 -21.53
CA VAL H 318 -30.83 -27.07 -22.62
C VAL H 318 -30.05 -27.69 -23.77
N ARG H 319 -28.91 -28.28 -23.46
CA ARG H 319 -28.01 -28.77 -24.50
C ARG H 319 -28.42 -30.16 -24.96
N GLY H 320 -28.25 -30.42 -26.26
CA GLY H 320 -28.49 -31.73 -26.82
C GLY H 320 -27.32 -32.66 -26.56
N GLY H 321 -27.23 -33.70 -27.39
CA GLY H 321 -26.17 -34.68 -27.22
C GLY H 321 -26.33 -35.47 -25.94
N SER H 322 -25.39 -35.33 -25.02
CA SER H 322 -25.52 -36.01 -23.74
C SER H 322 -26.57 -35.31 -22.89
N GLY H 323 -26.97 -35.98 -21.80
CA GLY H 323 -28.03 -35.47 -20.97
C GLY H 323 -27.84 -35.80 -19.50
N THR H 324 -26.88 -36.67 -19.19
CA THR H 324 -26.61 -37.09 -17.84
C THR H 324 -25.15 -36.87 -17.50
N ALA H 325 -24.85 -36.80 -16.20
CA ALA H 325 -23.51 -36.53 -15.73
C ALA H 325 -23.26 -37.31 -14.46
N LEU H 326 -22.02 -37.77 -14.28
CA LEU H 326 -21.59 -38.39 -13.03
C LEU H 326 -21.09 -37.29 -12.10
N VAL H 327 -21.78 -37.10 -10.98
CA VAL H 327 -21.47 -36.03 -10.02
C VAL H 327 -21.15 -36.68 -8.69
N GLY H 328 -19.99 -36.36 -8.14
CA GLY H 328 -19.59 -36.89 -6.85
C GLY H 328 -18.10 -36.78 -6.65
N ASP H 329 -17.64 -37.39 -5.55
CA ASP H 329 -16.23 -37.44 -5.22
C ASP H 329 -15.55 -38.50 -6.09
N PRO H 330 -14.22 -38.58 -6.08
CA PRO H 330 -13.54 -39.54 -6.97
C PRO H 330 -13.96 -40.99 -6.75
N GLN H 331 -14.26 -41.39 -5.51
CA GLN H 331 -14.64 -42.78 -5.27
C GLN H 331 -16.03 -43.09 -5.82
N GLN H 332 -16.98 -42.15 -5.68
CA GLN H 332 -18.30 -42.37 -6.24
C GLN H 332 -18.25 -42.40 -7.77
N VAL H 333 -17.46 -41.51 -8.37
CA VAL H 333 -17.36 -41.48 -9.82
C VAL H 333 -16.70 -42.76 -10.33
N ALA H 334 -15.63 -43.19 -9.68
CA ALA H 334 -14.98 -44.44 -10.08
C ALA H 334 -15.90 -45.63 -9.85
N ALA H 335 -16.80 -45.55 -8.87
CA ALA H 335 -17.74 -46.64 -8.62
C ALA H 335 -18.75 -46.77 -9.74
N ARG H 336 -19.31 -45.63 -10.20
CA ARG H 336 -20.24 -45.68 -11.33
C ARG H 336 -19.55 -46.14 -12.61
N ILE H 337 -18.29 -45.78 -12.80
CA ILE H 337 -17.55 -46.24 -13.97
C ILE H 337 -17.38 -47.75 -13.93
N LYS H 338 -17.04 -48.30 -12.77
CA LYS H 338 -16.90 -49.75 -12.64
C LYS H 338 -18.23 -50.46 -12.87
N GLU H 339 -19.35 -49.81 -12.54
CA GLU H 339 -20.66 -50.40 -12.82
C GLU H 339 -20.87 -50.57 -14.31
N TYR H 340 -20.63 -49.51 -15.08
CA TYR H 340 -20.80 -49.58 -16.53
C TYR H 340 -19.80 -50.55 -17.14
N ALA H 341 -18.58 -50.61 -16.60
CA ALA H 341 -17.57 -51.51 -17.12
C ALA H 341 -17.96 -52.97 -16.90
N ASP H 342 -18.65 -53.27 -15.80
CA ASP H 342 -19.09 -54.63 -15.53
C ASP H 342 -20.15 -55.12 -16.52
N LEU H 343 -20.85 -54.20 -17.17
CA LEU H 343 -21.82 -54.57 -18.19
C LEU H 343 -21.20 -54.87 -19.54
N GLY H 344 -19.90 -54.59 -19.70
CA GLY H 344 -19.22 -54.79 -20.97
C GLY H 344 -18.76 -53.51 -21.65
N ILE H 345 -18.93 -52.36 -21.01
CA ILE H 345 -18.53 -51.08 -21.59
C ILE H 345 -17.03 -50.91 -21.42
N GLU H 346 -16.32 -50.72 -22.52
CA GLU H 346 -14.87 -50.53 -22.50
C GLU H 346 -14.44 -49.13 -22.87
N SER H 347 -15.26 -48.36 -23.57
CA SER H 347 -14.95 -46.99 -23.95
C SER H 347 -15.81 -46.03 -23.15
N PHE H 348 -15.18 -44.96 -22.66
CA PHE H 348 -15.87 -43.93 -21.88
C PHE H 348 -15.49 -42.56 -22.44
N ILE H 349 -16.48 -41.82 -22.90
CA ILE H 349 -16.29 -40.50 -23.50
C ILE H 349 -16.85 -39.47 -22.54
N PHE H 350 -15.96 -38.75 -21.86
CA PHE H 350 -16.33 -37.79 -20.83
C PHE H 350 -16.22 -36.36 -21.34
N SER H 351 -16.83 -35.45 -20.59
CA SER H 351 -16.76 -34.03 -20.86
C SER H 351 -17.08 -33.26 -19.57
N GLY H 352 -16.66 -32.00 -19.55
CA GLY H 352 -16.91 -31.15 -18.40
C GLY H 352 -16.89 -29.69 -18.82
N TYR H 353 -17.34 -28.83 -17.90
CA TYR H 353 -17.41 -27.40 -18.15
C TYR H 353 -16.56 -26.65 -17.15
N PRO H 354 -15.56 -25.88 -17.58
CA PRO H 354 -15.13 -25.82 -18.98
C PRO H 354 -14.25 -27.01 -19.35
N HIS H 355 -14.09 -27.29 -20.64
CA HIS H 355 -13.48 -28.55 -21.06
C HIS H 355 -11.99 -28.59 -20.75
N LEU H 356 -11.30 -27.45 -20.79
CA LEU H 356 -9.88 -27.44 -20.49
C LEU H 356 -9.61 -27.72 -19.02
N GLU H 357 -10.22 -26.91 -18.13
CA GLU H 357 -10.00 -27.09 -16.69
C GLU H 357 -10.46 -28.47 -16.22
N GLU H 358 -11.61 -28.93 -16.70
CA GLU H 358 -12.14 -30.20 -16.22
C GLU H 358 -11.40 -31.40 -16.78
N ALA H 359 -10.72 -31.25 -17.92
CA ALA H 359 -9.88 -32.33 -18.42
C ALA H 359 -8.74 -32.64 -17.45
N TYR H 360 -8.17 -31.59 -16.86
CA TYR H 360 -7.16 -31.79 -15.83
C TYR H 360 -7.79 -32.35 -14.55
N ARG H 361 -8.97 -31.86 -14.19
CA ARG H 361 -9.58 -32.28 -12.92
C ARG H 361 -9.95 -33.77 -12.95
N PHE H 362 -10.51 -34.25 -14.06
CA PHE H 362 -10.85 -35.66 -14.15
C PHE H 362 -9.59 -36.53 -14.20
N ALA H 363 -8.59 -36.11 -14.95
CA ALA H 363 -7.37 -36.90 -15.09
C ALA H 363 -6.56 -36.97 -13.80
N GLU H 364 -6.72 -35.99 -12.91
CA GLU H 364 -5.96 -35.97 -11.66
C GLU H 364 -6.71 -36.56 -10.48
N LEU H 365 -8.04 -36.60 -10.53
CA LEU H 365 -8.84 -37.13 -9.44
C LEU H 365 -9.34 -38.55 -9.68
N VAL H 366 -9.58 -38.94 -10.92
CA VAL H 366 -10.25 -40.20 -11.25
C VAL H 366 -9.28 -41.22 -11.84
N PHE H 367 -8.30 -40.76 -12.63
CA PHE H 367 -7.35 -41.68 -13.25
C PHE H 367 -6.67 -42.64 -12.27
N PRO H 368 -6.18 -42.21 -11.10
CA PRO H 368 -5.56 -43.19 -10.18
C PRO H 368 -6.52 -44.27 -9.69
N LEU H 369 -7.83 -44.05 -9.79
CA LEU H 369 -8.82 -45.05 -9.39
C LEU H 369 -9.26 -45.93 -10.55
N LEU H 370 -8.77 -45.69 -11.75
CA LEU H 370 -9.14 -46.44 -12.93
C LEU H 370 -8.10 -47.50 -13.25
N PRO H 371 -8.46 -48.50 -14.07
CA PRO H 371 -7.48 -49.51 -14.48
C PRO H 371 -6.34 -48.91 -15.29
N GLU H 372 -5.36 -49.75 -15.56
CA GLU H 372 -4.22 -49.36 -16.38
C GLU H 372 -4.67 -49.13 -17.82
N PRO H 373 -3.96 -48.27 -18.57
CA PRO H 373 -2.74 -47.56 -18.18
C PRO H 373 -3.03 -46.26 -17.43
N TYR H 374 -4.31 -46.00 -17.15
CA TYR H 374 -4.70 -44.75 -16.53
C TYR H 374 -4.23 -44.65 -15.08
N ALA H 375 -4.01 -45.79 -14.41
CA ALA H 375 -3.51 -45.74 -13.04
C ALA H 375 -2.08 -45.23 -13.01
N SER H 376 -1.27 -45.57 -14.02
CA SER H 376 0.11 -45.10 -14.08
C SER H 376 0.26 -43.86 -14.93
N LEU H 377 -0.78 -43.46 -15.66
CA LEU H 377 -0.77 -42.22 -16.42
C LEU H 377 -1.07 -41.01 -15.52
N ALA H 378 -1.76 -41.25 -14.40
CA ALA H 378 -2.09 -40.17 -13.49
C ALA H 378 -0.83 -39.63 -12.82
N GLY H 379 -0.83 -38.33 -12.53
CA GLY H 379 0.32 -37.68 -11.94
C GLY H 379 1.55 -37.76 -12.82
N ARG H 380 2.51 -38.58 -12.42
CA ARG H 380 3.76 -38.76 -13.18
CA ARG H 380 3.75 -38.75 -13.18
C ARG H 380 3.57 -39.77 -14.31
N GLY H 381 2.60 -39.48 -15.18
CA GLY H 381 2.31 -40.30 -16.33
C GLY H 381 2.63 -39.55 -17.62
N VAL H 382 2.95 -40.30 -18.67
CA VAL H 382 3.47 -39.76 -19.93
C VAL H 382 4.85 -39.16 -19.72
N THR H 383 5.00 -38.31 -18.72
CA THR H 383 6.30 -37.76 -18.37
C THR H 383 7.19 -38.84 -17.77
N ASN H 384 8.47 -38.80 -18.12
CA ASN H 384 9.45 -39.74 -17.62
C ASN H 384 10.47 -39.11 -16.68
N LEU H 385 10.51 -37.78 -16.61
CA LEU H 385 11.47 -37.09 -15.76
C LEU H 385 11.03 -37.11 -14.30
N THR H 386 12.00 -37.13 -13.40
CA THR H 386 11.80 -37.18 -11.97
C THR H 386 12.15 -35.81 -11.36
N GLY H 387 12.67 -35.82 -10.14
CA GLY H 387 13.07 -34.60 -9.48
C GLY H 387 11.98 -34.01 -8.61
N PRO H 388 11.98 -32.68 -8.47
CA PRO H 388 10.97 -32.03 -7.64
C PRO H 388 9.57 -32.21 -8.20
N PHE H 389 8.60 -32.25 -7.29
CA PHE H 389 7.18 -32.41 -7.64
C PHE H 389 6.42 -31.39 -6.81
N GLY H 390 5.81 -30.41 -7.48
CA GLY H 390 5.24 -29.26 -6.80
C GLY H 390 6.23 -28.13 -6.64
N GLU H 391 5.70 -26.95 -6.33
CA GLU H 391 6.55 -25.77 -6.24
C GLU H 391 7.50 -25.88 -5.05
N MET H 392 8.75 -25.51 -5.28
CA MET H 392 9.80 -25.70 -4.29
C MET H 392 9.68 -24.68 -3.15
N ILE H 393 9.93 -25.16 -1.94
CA ILE H 393 9.96 -24.30 -0.76
C ILE H 393 11.29 -23.56 -0.74
N ALA H 394 11.23 -22.24 -0.54
CA ALA H 394 12.42 -21.39 -0.61
C ALA H 394 13.15 -21.59 -1.92
N ASN H 395 14.39 -22.08 -1.86
CA ASN H 395 15.13 -22.41 -3.08
C ASN H 395 15.94 -23.69 -2.95
N ASP H 396 15.76 -24.48 -1.90
CA ASP H 396 16.47 -25.75 -1.78
C ASP H 396 15.73 -26.78 -0.93
N VAL H 397 14.43 -26.59 -0.67
CA VAL H 397 13.63 -27.51 0.10
C VAL H 397 12.57 -28.09 -0.82
N LEU H 398 12.66 -29.39 -1.09
CA LEU H 398 11.73 -30.06 -1.98
C LEU H 398 10.39 -30.29 -1.27
N PRO H 399 9.30 -30.29 -2.02
CA PRO H 399 7.98 -30.56 -1.41
C PRO H 399 7.87 -32.03 -0.98
N ALA H 400 6.94 -32.27 -0.07
CA ALA H 400 6.69 -33.61 0.43
C ALA H 400 5.21 -33.83 0.76
N1 FMN I . 11.88 19.53 57.78
C2 FMN I . 11.12 20.59 57.53
O2 FMN I . 10.89 21.38 58.43
N3 FMN I . 10.56 20.85 56.34
C4 FMN I . 10.76 20.02 55.28
O4 FMN I . 10.25 20.25 54.20
C4A FMN I . 11.61 18.84 55.50
N5 FMN I . 11.90 18.00 54.54
C5A FMN I . 12.70 16.95 54.76
C6 FMN I . 13.01 16.09 53.69
C7 FMN I . 13.86 15.04 53.89
C7M FMN I . 14.21 14.14 52.74
C8 FMN I . 14.40 14.80 55.15
C8M FMN I . 15.34 13.63 55.35
C9 FMN I . 14.11 15.63 56.21
C9A FMN I . 13.26 16.72 56.04
N10 FMN I . 12.98 17.58 57.09
C10 FMN I . 12.17 18.65 56.85
C1' FMN I . 13.54 17.37 58.43
C2' FMN I . 12.74 16.34 59.23
O2' FMN I . 11.44 16.20 58.68
C3' FMN I . 12.62 16.77 60.71
O3' FMN I . 11.99 18.04 60.76
C4' FMN I . 14.00 16.84 61.37
O4' FMN I . 14.90 15.90 60.78
C5' FMN I . 13.86 16.50 62.86
O5' FMN I . 13.97 15.09 63.05
P FMN I . 15.17 14.40 63.88
O1P FMN I . 15.49 15.23 65.05
O2P FMN I . 14.69 12.94 64.36
O3P FMN I . 16.47 14.25 62.94
C1 SIN J . 15.42 19.57 51.77
O1 SIN J . 16.36 20.37 51.62
O2 SIN J . 15.65 18.35 51.78
C2 SIN J . 14.00 20.08 51.94
C3 SIN J . 13.78 20.51 53.38
C4 SIN J . 13.98 22.01 53.52
O3 SIN J . 15.02 22.55 53.12
O4 SIN J . 13.09 22.71 54.06
P PO4 K . -23.43 31.91 65.32
O1 PO4 K . -22.17 31.72 64.51
O2 PO4 K . -24.63 31.76 64.43
O3 PO4 K . -23.43 33.28 65.95
O4 PO4 K . -23.48 30.87 66.41
N1 FMN L . -20.32 22.46 3.96
C2 FMN L . -19.65 23.55 4.35
O2 FMN L . -19.51 24.45 3.55
N3 FMN L . -19.11 23.70 5.57
C4 FMN L . -19.23 22.73 6.52
O4 FMN L . -18.73 22.86 7.62
C4A FMN L . -19.98 21.52 6.15
N5 FMN L . -20.20 20.56 7.00
C5A FMN L . -20.93 19.49 6.65
C6 FMN L . -21.20 18.51 7.62
C7 FMN L . -21.99 17.45 7.32
C7M FMN L . -22.30 16.42 8.38
C8 FMN L . -22.52 17.31 6.05
C8M FMN L . -23.42 16.13 5.75
C9 FMN L . -22.27 18.25 5.07
C9A FMN L . -21.47 19.36 5.36
N10 FMN L . -21.27 20.36 4.42
C10 FMN L . -20.53 21.45 4.78
C1' FMN L . -21.83 20.33 3.07
C2' FMN L . -21.02 19.51 2.06
O2' FMN L . -19.82 19.07 2.69
C3' FMN L . -20.61 20.28 0.77
O3' FMN L . -19.61 21.24 1.10
C4' FMN L . -21.73 20.97 -0.05
O4' FMN L . -23.05 20.82 0.49
C5' FMN L . -21.73 20.42 -1.49
O5' FMN L . -21.98 19.01 -1.48
P FMN L . -23.18 18.29 -2.27
O1P FMN L . -22.73 16.94 -2.67
O2P FMN L . -23.56 19.13 -3.59
O3P FMN L . -24.47 18.15 -1.32
C1 SIN M . -22.55 24.67 8.35
O1 SIN M . -21.98 24.31 7.30
O2 SIN M . -22.97 25.85 8.45
C2 SIN M . -22.74 23.70 9.49
C3 SIN M . -23.43 22.44 8.98
C4 SIN M . -23.36 21.37 10.04
O3 SIN M . -22.27 21.06 10.56
O4 SIN M . -24.40 20.77 10.41
N1 FMN N . 11.74 32.32 4.74
C2 FMN N . 11.08 31.18 4.98
O2 FMN N . 10.94 30.40 4.06
N3 FMN N . 10.57 30.84 6.17
C4 FMN N . 10.68 31.65 7.25
O4 FMN N . 10.22 31.34 8.33
C4A FMN N . 11.40 32.93 7.05
N5 FMN N . 11.59 33.78 8.02
C5A FMN N . 12.28 34.92 7.82
C6 FMN N . 12.49 35.79 8.90
C7 FMN N . 13.21 36.94 8.72
C7M FMN N . 13.44 37.85 9.89
C8 FMN N . 13.72 37.25 7.47
C8M FMN N . 14.50 38.53 7.28
C9 FMN N . 13.52 36.42 6.39
C9A FMN N . 12.80 35.23 6.54
N10 FMN N . 12.62 34.37 5.48
C10 FMN N . 11.93 33.21 5.70
C1' FMN N . 13.16 34.67 4.15
C2' FMN N . 12.17 35.51 3.32
O2' FMN N . 10.83 35.17 3.68
C3' FMN N . 12.38 35.24 1.82
O3' FMN N . 11.97 33.91 1.51
C4' FMN N . 13.85 35.45 1.44
O4' FMN N . 14.33 36.70 1.94
C5' FMN N . 13.97 35.44 -0.10
O5' FMN N . 13.60 36.72 -0.61
P FMN N . 14.66 37.73 -1.31
O1P FMN N . 14.01 39.04 -1.54
O2P FMN N . 15.13 37.11 -2.72
O3P FMN N . 15.94 37.92 -0.35
N1 FMN O . 16.07 -13.52 -7.79
C2 FMN O . 16.37 -14.67 -8.37
O2 FMN O . 17.31 -15.32 -7.91
N3 FMN O . 15.72 -15.17 -9.42
C4 FMN O . 14.67 -14.52 -9.97
O4 FMN O . 14.09 -14.97 -10.94
C4A FMN O . 14.28 -13.23 -9.36
N5 FMN O . 13.27 -12.53 -9.79
C5A FMN O . 12.92 -11.39 -9.19
C6 FMN O . 11.78 -10.69 -9.64
C7 FMN O . 11.39 -9.56 -9.02
C7M FMN O . 10.15 -8.85 -9.50
C8 FMN O . 12.10 -9.05 -7.94
C8M FMN O . 11.64 -7.79 -7.25
C9 FMN O . 13.23 -9.71 -7.49
C9A FMN O . 13.65 -10.88 -8.09
N10 FMN O . 14.74 -11.59 -7.61
C10 FMN O . 15.08 -12.77 -8.21
C1' FMN O . 15.53 -11.11 -6.46
C2' FMN O . 16.56 -10.07 -6.89
O2' FMN O . 16.83 -10.22 -8.29
C3' FMN O . 17.87 -10.22 -6.10
O3' FMN O . 18.41 -11.52 -6.33
C4' FMN O . 17.64 -10.00 -4.60
O4' FMN O . 16.56 -9.10 -4.36
C5' FMN O . 18.91 -9.40 -3.97
O5' FMN O . 18.89 -7.98 -4.07
P FMN O . 18.52 -6.97 -2.88
O1P FMN O . 19.37 -7.27 -1.69
O2P FMN O . 18.81 -5.47 -3.36
O3P FMN O . 16.97 -7.12 -2.49
C1 SIN P . 8.98 -14.14 -8.22
O1 SIN P . 8.10 -14.20 -9.12
O2 SIN P . 8.63 -14.24 -7.02
C2 SIN P . 10.43 -13.96 -8.59
C3 SIN P . 10.97 -15.27 -9.18
C4 SIN P . 11.25 -16.25 -8.07
O3 SIN P . 12.42 -16.48 -7.71
O4 SIN P . 10.31 -16.84 -7.49
NA NA Q . 21.51 -19.45 -18.39
C1 GOL R . 33.07 -13.91 -15.26
O1 GOL R . 31.85 -13.27 -15.01
C2 GOL R . 32.74 -15.30 -15.89
O2 GOL R . 33.55 -15.59 -16.97
C3 GOL R . 32.92 -16.32 -14.73
O3 GOL R . 33.00 -17.58 -15.31
P PO4 S . 43.80 -28.09 -30.01
O1 PO4 S . 45.29 -27.81 -30.07
O2 PO4 S . 43.31 -28.43 -31.39
O3 PO4 S . 43.55 -29.24 -29.07
O4 PO4 S . 43.09 -26.85 -29.52
C1 GOL T . 27.63 -22.98 -23.25
O1 GOL T . 27.52 -23.38 -21.92
C2 GOL T . 27.75 -21.43 -23.27
O2 GOL T . 28.59 -21.00 -24.30
C3 GOL T . 26.30 -20.91 -23.48
O3 GOL T . 26.23 -20.36 -24.76
N1 FMN U . -8.96 -31.08 -62.13
C2 FMN U . -8.88 -31.96 -61.13
O2 FMN U . -9.56 -32.96 -61.20
N3 FMN U . -8.11 -31.80 -60.05
C4 FMN U . -7.33 -30.71 -59.90
O4 FMN U . -6.62 -30.56 -58.92
C4A FMN U . -7.37 -29.69 -60.97
N5 FMN U . -6.65 -28.61 -60.93
C5A FMN U . -6.69 -27.72 -61.93
C6 FMN U . -5.87 -26.56 -61.88
C7 FMN U . -5.89 -25.67 -62.90
C7M FMN U . -5.01 -24.45 -62.83
C8 FMN U . -6.71 -25.88 -64.01
C8M FMN U . -6.70 -24.88 -65.14
C9 FMN U . -7.52 -26.99 -64.09
C9A FMN U . -7.51 -27.92 -63.06
N10 FMN U . -8.31 -29.05 -63.14
C10 FMN U . -8.25 -29.95 -62.13
C1' FMN U . -9.16 -29.28 -64.31
C2' FMN U . -10.60 -28.83 -64.06
O2' FMN U . -11.27 -29.74 -63.18
C3' FMN U . -11.36 -28.74 -65.39
O3' FMN U . -12.45 -27.83 -65.25
C4' FMN U . -11.91 -30.12 -65.79
O4' FMN U . -10.86 -30.94 -66.30
C5' FMN U . -12.96 -29.92 -66.88
O5' FMN U . -12.52 -28.91 -67.79
P FMN U . -13.08 -28.78 -69.29
O1P FMN U . -13.81 -30.00 -69.67
O2P FMN U . -14.07 -27.50 -69.38
O3P FMN U . -11.84 -28.55 -70.30
CL CL V . -2.57 -29.47 -61.55
N1 FMN W . -26.00 -36.98 -33.91
C2 FMN W . -25.60 -35.90 -34.57
O2 FMN W . -26.39 -35.37 -35.33
N3 FMN W . -24.37 -35.36 -34.45
C4 FMN W . -23.45 -35.89 -33.64
O4 FMN W . -22.33 -35.41 -33.53
C4A FMN W . -23.83 -37.10 -32.87
N5 FMN W . -23.01 -37.69 -32.03
C5A FMN W . -23.41 -38.77 -31.34
C6 FMN W . -22.53 -39.36 -30.41
C7 FMN W . -22.94 -40.44 -29.68
C7M FMN W . -21.99 -41.04 -28.68
C8 FMN W . -24.20 -40.97 -29.85
C8M FMN W . -24.63 -42.15 -29.02
C9 FMN W . -25.09 -40.41 -30.74
C9A FMN W . -24.71 -39.31 -31.50
N10 FMN W . -25.60 -38.72 -32.38
C10 FMN W . -25.20 -37.62 -33.07
C1' FMN W . -26.96 -39.24 -32.54
C2' FMN W . -27.02 -40.30 -33.65
O2' FMN W . -26.16 -39.94 -34.73
C3' FMN W . -28.45 -40.40 -34.17
O3' FMN W . -28.77 -39.23 -34.92
C4' FMN W . -29.44 -40.55 -33.01
O4' FMN W . -29.05 -41.65 -32.18
C5' FMN W . -30.84 -40.80 -33.55
O5' FMN W . -30.90 -42.11 -34.11
P FMN W . -31.84 -43.28 -33.52
O1P FMN W . -33.24 -42.79 -33.43
O2P FMN W . -31.79 -44.56 -34.49
O3P FMN W . -31.31 -43.68 -32.05
#